data_6BWI
#
_entry.id   6BWI
#
_cell.length_a   1.0
_cell.length_b   1.0
_cell.length_c   1.0
_cell.angle_alpha   90.00
_cell.angle_beta   90.00
_cell.angle_gamma   90.00
#
_symmetry.space_group_name_H-M   'P 1'
#
loop_
_entity.id
_entity.type
_entity.pdbx_description
1 polymer 'Transient receptor potential cation channel subfamily M member 4'
2 non-polymer 'SODIUM ION'
3 non-polymer 'CHOLESTEROL HEMISUCCINATE'
4 non-polymer 2-acetamido-2-deoxy-beta-D-glucopyranose
#
_entity_poly.entity_id   1
_entity_poly.type   'polypeptide(L)'
_entity_poly.pdbx_seq_one_letter_code
;(UNK)(UNK)(UNK)(UNK)(UNK)(UNK)(UNK)(UNK)(UNK)(UNK)(UNK)(UNK)(UNK)(UNK)(UNK)(UNK)
(UNK)(UNK)(UNK)(UNK)(UNK)(UNK)(UNK)(UNK)(UNK)(UNK)(UNK)(UNK)(UNK)(UNK)(UNK)(UNK)
(UNK)(UNK)(UNK)(UNK)(UNK)(UNK)(UNK)(UNK)(UNK)(UNK)(UNK)(UNK)(UNK)(UNK)(UNK)(UNK)
(UNK)(UNK)(UNK)(UNK)(UNK)(UNK)(UNK)(UNK)(UNK)(UNK)(UNK)(UNK)(UNK)(UNK)(UNK)(UNK)
(UNK)(UNK)(UNK)(UNK)(UNK)(UNK)(UNK)(UNK)(UNK)(UNK)(UNK)(UNK)(UNK)(UNK)(UNK)(UNK)
(UNK)(UNK)(UNK)(UNK)(UNK)(UNK)(UNK)(UNK)(UNK)(UNK)(UNK)(UNK)(UNK)(UNK)(UNK)(UNK)
(UNK)(UNK)(UNK)(UNK)(UNK)(UNK)(UNK)(UNK)(UNK)(UNK)(UNK)(UNK)(UNK)(UNK)(UNK)(UNK)
(UNK)(UNK)(UNK)(UNK)(UNK)(UNK)(UNK)(UNK)(UNK)(UNK)(UNK)(UNK)(UNK)(UNK)(UNK)(UNK)
(UNK)(UNK)(UNK)(UNK)(UNK)(UNK)(UNK)(UNK)(UNK)(UNK)(UNK)(UNK)(UNK)(UNK)(UNK)(UNK)
(UNK)(UNK)(UNK)(UNK)(UNK)(UNK)(UNK)(UNK)(UNK)(UNK)(UNK)(UNK)(UNK)(UNK)(UNK)(UNK)
(UNK)(UNK)(UNK)(UNK)(UNK)(UNK)(UNK)(UNK)(UNK)(UNK)(UNK)(UNK)(UNK)(UNK)(UNK)(UNK)
(UNK)(UNK)(UNK)(UNK)(UNK)(UNK)(UNK)(UNK)(UNK)(UNK)(UNK)(UNK)(UNK)(UNK)(UNK)(UNK)
(UNK)(UNK)(UNK)DELRLAVAWNRVDIAQSELFRGDIQWRSFHLEASLMDALLNDRPEFVRLLISHGLSLGHFLTPMR
LAQLYSAAPSNSLIRNLLDQASHSAGTKAPALKGGAAELRPPDVGHVLRMLLGKMCAPRYPSGGAWDPHPGQGFGESMYL
LSDKATSPLSLDAGLGQAPWSDLLLWALLLNRAQMAMYFWEMGSNAVSSALGACLLLRVMARLEPDAEEAARRKDLAFKF
EGMGVDLFGECYRSSEVRAARLLLRRCPLWGDATCLQLAMQADARAFFAQDGVQSLLTQKWWGDMASTTPIWALVLAFFC
PPLIYTRLITFRKSEEEPTREELEFDMDSVINGEGPVGTADPAEKTPLGVPRQSGRPGCCGGRCGGRRCLRRWFHFWGAP
VTIFMGNVVSYLLFLLLFSRVLLVDFQPAPPGSLELLLYFWAFTLLCEELRQGLSGGGGSLASGGPGPGHASLSQRLRLY
LADSWNQCDLVALTCFLLGVGCRLTPGLYHLGRTVLCIDFMVFTVRLLHIFTVNKQLGPKIVIVSKMMKDVFFFLFFLGV
WLVAYGVATEGLLRPRDSDFPSILRRVFYRPYLQIFGQIPQEDMDVALMEHSNCSSEPGFWAHPPGAQAGTCVSQYANWL
VVLLLVIFLLVANILLVNLLIAMFSYTFGKVQGNSDLYWKAQRYRLIREFHSRPALAPPFIVISHLRLLLRQLCRRPRSP
QPSSPALEHFRVYLSKEAERKLLTWESVHKENFLLARARDKRESDSERLKRTSQKVDLALKQLGHIREYEQRLKVLE
;
_entity_poly.pdbx_strand_id   A,B,C,D
#
loop_
_chem_comp.id
_chem_comp.type
_chem_comp.name
_chem_comp.formula
NA non-polymer 'SODIUM ION' 'Na 1'
NAG D-saccharide, beta linking 2-acetamido-2-deoxy-beta-D-glucopyranose 'C8 H15 N O6'
Y01 non-polymer 'CHOLESTEROL HEMISUCCINATE' 'C31 H50 O4'
#
# COMPACT_ATOMS: atom_id res chain seq x y z
N UNK A 1 -6.72 -83.12 -3.83
CA UNK A 1 -5.38 -82.95 -4.38
C UNK A 1 -4.80 -81.61 -3.95
N UNK A 2 -3.52 -81.62 -3.57
CA UNK A 2 -2.88 -80.41 -3.10
C UNK A 2 -2.51 -79.47 -4.24
N UNK A 3 -1.75 -79.93 -5.23
CA UNK A 3 -1.26 -79.09 -6.32
C UNK A 3 -2.11 -79.23 -7.57
N UNK A 4 -3.42 -79.40 -7.42
CA UNK A 4 -4.30 -79.52 -8.58
C UNK A 4 -4.43 -78.19 -9.30
N UNK A 5 -4.61 -77.10 -8.55
CA UNK A 5 -4.69 -75.78 -9.15
C UNK A 5 -3.32 -75.14 -9.31
N UNK A 6 -2.41 -75.37 -8.36
CA UNK A 6 -1.08 -74.78 -8.40
C UNK A 6 -0.20 -75.34 -9.51
N UNK A 7 -0.60 -76.44 -10.16
CA UNK A 7 0.08 -76.90 -11.36
C UNK A 7 -0.29 -76.09 -12.59
N UNK A 8 -1.31 -75.25 -12.50
CA UNK A 8 -1.78 -74.42 -13.61
C UNK A 8 -1.16 -73.03 -13.58
N UNK A 9 0.07 -72.93 -13.06
CA UNK A 9 0.78 -71.66 -12.94
C UNK A 9 1.62 -71.45 -14.18
N UNK A 10 0.96 -71.10 -15.29
CA UNK A 10 1.65 -70.66 -16.50
C UNK A 10 2.18 -69.25 -16.25
N UNK A 11 3.35 -69.16 -15.59
CA UNK A 11 3.82 -67.92 -14.99
C UNK A 11 4.38 -66.98 -16.04
N UNK A 12 3.48 -66.16 -16.58
CA UNK A 12 3.84 -64.94 -17.30
C UNK A 12 3.27 -63.70 -16.64
N UNK A 13 1.97 -63.70 -16.35
CA UNK A 13 1.37 -62.76 -15.41
C UNK A 13 1.55 -63.18 -13.97
N UNK A 14 1.49 -64.49 -13.70
CA UNK A 14 1.77 -65.00 -12.38
C UNK A 14 3.25 -64.87 -12.02
N UNK A 15 4.13 -64.88 -13.02
CA UNK A 15 5.53 -64.54 -12.77
C UNK A 15 5.66 -63.08 -12.34
N UNK A 16 4.84 -62.21 -12.92
CA UNK A 16 4.78 -60.84 -12.43
C UNK A 16 4.07 -60.76 -11.08
N UNK A 17 3.23 -61.74 -10.76
CA UNK A 17 2.59 -61.76 -9.45
C UNK A 17 3.59 -62.12 -8.36
N UNK A 18 4.41 -63.14 -8.58
CA UNK A 18 5.46 -63.46 -7.62
C UNK A 18 6.56 -62.40 -7.64
N UNK A 19 6.75 -61.74 -8.78
CA UNK A 19 7.64 -60.59 -8.82
C UNK A 19 7.11 -59.48 -7.94
N UNK A 20 5.79 -59.29 -7.91
CA UNK A 20 5.20 -58.36 -6.97
C UNK A 20 5.19 -58.90 -5.55
N UNK A 21 5.33 -60.21 -5.36
CA UNK A 21 5.44 -60.75 -4.03
C UNK A 21 6.80 -60.43 -3.44
N UNK A 22 7.86 -60.63 -4.23
CA UNK A 22 9.21 -60.32 -3.76
C UNK A 22 9.43 -58.81 -3.65
N UNK A 23 9.02 -58.06 -4.66
CA UNK A 23 9.24 -56.62 -4.66
C UNK A 23 8.32 -55.92 -3.68
N UNK A 24 7.08 -56.40 -3.53
CA UNK A 24 6.20 -55.85 -2.51
C UNK A 24 6.63 -56.29 -1.11
N UNK A 25 7.34 -57.42 -1.02
CA UNK A 25 7.81 -57.90 0.28
C UNK A 25 9.15 -57.29 0.64
N UNK A 26 10.06 -57.17 -0.33
CA UNK A 26 11.36 -56.57 -0.09
C UNK A 26 11.73 -55.59 -1.19
N UNK A 27 -6.48 -68.91 1.53
CA UNK A 27 -7.43 -70.02 1.47
C UNK A 27 -7.33 -70.75 0.14
N UNK A 28 -7.96 -71.93 0.07
CA UNK A 28 -7.97 -72.68 -1.18
C UNK A 28 -8.80 -72.00 -2.26
N UNK A 29 -9.89 -71.32 -1.86
CA UNK A 29 -10.69 -70.58 -2.82
C UNK A 29 -9.96 -69.35 -3.33
N UNK A 30 -8.99 -68.84 -2.55
CA UNK A 30 -8.13 -67.77 -3.06
C UNK A 30 -7.18 -68.29 -4.13
N UNK A 31 -6.69 -69.53 -3.97
CA UNK A 31 -5.83 -70.12 -5.00
C UNK A 31 -6.64 -70.46 -6.24
N UNK A 32 -7.90 -70.88 -6.06
CA UNK A 32 -8.77 -71.09 -7.21
C UNK A 32 -9.15 -69.77 -7.88
N UNK A 33 -9.21 -68.69 -7.10
CA UNK A 33 -9.50 -67.38 -7.68
C UNK A 33 -8.32 -66.84 -8.45
N UNK A 34 -7.10 -67.02 -7.94
CA UNK A 34 -5.92 -66.60 -8.67
C UNK A 34 -5.67 -67.48 -9.87
N UNK A 35 -6.05 -68.76 -9.80
CA UNK A 35 -5.88 -69.64 -10.96
C UNK A 35 -6.91 -69.34 -12.04
N UNK A 36 -8.17 -69.11 -11.65
CA UNK A 36 -9.20 -68.75 -12.62
C UNK A 36 -8.98 -67.37 -13.19
N UNK A 37 -8.36 -66.47 -12.42
CA UNK A 37 -8.06 -65.14 -12.92
C UNK A 37 -6.84 -65.17 -13.84
N UNK A 38 -5.81 -65.92 -13.47
CA UNK A 38 -4.60 -65.98 -14.27
C UNK A 38 -4.77 -66.91 -15.47
N UNK A 39 -5.87 -67.66 -15.51
CA UNK A 39 -6.22 -68.39 -16.72
C UNK A 39 -6.53 -67.43 -17.87
N UNK A 40 -7.16 -66.31 -17.56
CA UNK A 40 -7.27 -65.20 -18.49
C UNK A 40 -6.13 -64.21 -18.24
N UNK A 41 -6.05 -63.19 -19.07
CA UNK A 41 -5.04 -62.15 -18.86
C UNK A 41 -5.51 -61.19 -17.79
N UNK A 42 -4.93 -61.30 -16.59
CA UNK A 42 -5.34 -60.47 -15.48
C UNK A 42 -4.21 -59.70 -14.81
N UNK A 43 -2.95 -60.10 -15.01
CA UNK A 43 -1.75 -59.39 -14.52
C UNK A 43 -1.78 -59.20 -13.00
N UNK A 44 -1.82 -60.31 -12.27
CA UNK A 44 -2.04 -60.25 -10.82
C UNK A 44 -0.77 -59.87 -10.07
N UNK A 45 -0.92 -59.72 -8.76
CA UNK A 45 0.18 -59.48 -7.83
C UNK A 45 0.11 -60.54 -6.73
N UNK A 46 1.07 -60.48 -5.81
CA UNK A 46 1.07 -61.37 -4.65
C UNK A 46 1.83 -60.75 -3.49
N UNK A 47 1.91 -61.49 -2.40
CA UNK A 47 2.54 -61.04 -1.15
C UNK A 47 2.93 -62.26 -0.33
N UNK A 48 3.20 -62.02 0.95
CA UNK A 48 3.49 -63.12 1.88
C UNK A 48 2.26 -63.42 2.72
N UNK A 49 1.55 -64.50 2.39
CA UNK A 49 0.33 -64.86 3.09
C UNK A 49 0.09 -66.36 2.96
N UNK A 50 -1.12 -66.78 3.32
CA UNK A 50 -1.44 -68.20 3.35
C UNK A 50 -1.52 -68.79 1.95
N UNK A 51 -2.44 -68.29 1.14
CA UNK A 51 -2.53 -68.72 -0.26
C UNK A 51 -1.51 -68.05 -1.15
N UNK A 52 -0.79 -67.04 -0.64
CA UNK A 52 0.07 -66.22 -1.49
C UNK A 52 1.50 -66.75 -1.49
N UNK A 53 2.08 -66.97 -0.32
CA UNK A 53 3.46 -67.43 -0.24
C UNK A 53 3.64 -68.87 -0.71
N UNK A 54 2.59 -69.68 -0.68
CA UNK A 54 2.66 -70.98 -1.33
C UNK A 54 2.70 -70.84 -2.84
N UNK A 55 2.07 -69.78 -3.37
CA UNK A 55 2.23 -69.48 -4.79
C UNK A 55 3.59 -68.86 -5.07
N UNK A 56 4.18 -68.19 -4.09
CA UNK A 56 5.54 -67.70 -4.24
C UNK A 56 6.55 -68.85 -4.25
N UNK A 57 6.26 -69.92 -3.51
CA UNK A 57 7.06 -71.12 -3.64
C UNK A 57 6.74 -71.86 -4.94
N UNK A 58 5.55 -71.65 -5.50
CA UNK A 58 5.17 -72.26 -6.76
C UNK A 58 5.77 -71.54 -7.98
N UNK A 59 6.40 -70.38 -7.77
CA UNK A 59 7.16 -69.72 -8.82
C UNK A 59 8.63 -69.62 -8.45
N UNK A 60 8.94 -69.11 -7.26
CA UNK A 60 10.32 -69.04 -6.80
C UNK A 60 10.62 -70.20 -5.84
N UNK A 61 -13.61 -64.47 -6.98
CA UNK A 61 -14.82 -64.61 -6.19
C UNK A 61 -16.02 -64.86 -7.09
N UNK A 62 -16.94 -63.89 -7.14
CA UNK A 62 -18.11 -64.01 -7.97
C UNK A 62 -17.73 -63.89 -9.44
N UNK A 63 -18.67 -64.30 -10.31
CA UNK A 63 -18.44 -64.17 -11.74
C UNK A 63 -18.47 -62.72 -12.18
N UNK A 64 -19.22 -61.87 -11.47
CA UNK A 64 -19.21 -60.44 -11.74
C UNK A 64 -17.90 -59.78 -11.34
N UNK A 65 -17.12 -60.40 -10.45
CA UNK A 65 -15.82 -59.84 -10.10
C UNK A 65 -14.81 -60.04 -11.21
N UNK A 66 -14.69 -61.27 -11.71
CA UNK A 66 -13.77 -61.55 -12.80
C UNK A 66 -14.28 -61.02 -14.13
N UNK A 67 -15.59 -60.89 -14.29
CA UNK A 67 -16.12 -60.31 -15.52
C UNK A 67 -16.02 -58.79 -15.50
N UNK A 68 -16.18 -58.18 -14.33
CA UNK A 68 -16.00 -56.74 -14.22
C UNK A 68 -14.53 -56.35 -14.31
N UNK A 69 -13.65 -57.19 -13.77
CA UNK A 69 -12.23 -56.95 -13.93
C UNK A 69 -11.76 -57.23 -15.35
N UNK A 70 -12.39 -58.19 -16.04
CA UNK A 70 -12.01 -58.47 -17.41
C UNK A 70 -12.49 -57.38 -18.35
N UNK A 71 -13.76 -56.99 -18.24
CA UNK A 71 -14.29 -55.95 -19.11
C UNK A 71 -13.74 -54.58 -18.75
N UNK A 72 -13.37 -54.37 -17.48
CA UNK A 72 -12.66 -53.15 -17.12
C UNK A 72 -11.21 -53.19 -17.57
N UNK A 73 -10.64 -54.37 -17.74
CA UNK A 73 -9.28 -54.50 -18.25
C UNK A 73 -9.22 -54.52 -19.77
N UNK A 74 -10.36 -54.59 -20.45
CA UNK A 74 -10.35 -54.57 -21.91
C UNK A 74 -10.70 -53.21 -22.50
N UNK A 75 -10.95 -52.21 -21.67
CA UNK A 75 -11.49 -50.95 -22.17
C UNK A 75 -10.38 -49.94 -22.46
N UNK A 76 -10.81 -48.71 -22.76
CA UNK A 76 -9.90 -47.64 -23.13
C UNK A 76 -9.36 -46.93 -21.89
N UNK A 77 -8.30 -46.14 -22.08
CA UNK A 77 -7.68 -45.46 -20.95
C UNK A 77 -8.24 -44.06 -20.77
N UNK A 78 -8.22 -43.25 -21.82
CA UNK A 78 -8.63 -41.86 -21.69
C UNK A 78 -9.13 -41.30 -23.01
N UNK A 79 -10.20 -40.50 -22.92
CA UNK A 79 -10.72 -39.67 -24.01
C UNK A 79 -11.13 -40.46 -25.25
N UNK A 80 -11.51 -41.73 -25.04
CA UNK A 80 -11.86 -42.70 -26.10
C UNK A 80 -10.75 -42.85 -27.14
N UNK A 81 -9.52 -42.64 -26.71
CA UNK A 81 -8.35 -42.62 -27.57
C UNK A 81 -7.33 -43.66 -27.15
N UNK A 82 -7.77 -44.91 -26.99
CA UNK A 82 -7.44 -45.87 -25.92
C UNK A 82 -5.97 -45.81 -25.53
N UNK A 83 -5.03 -46.11 -26.43
CA UNK A 83 -3.58 -45.95 -26.29
C UNK A 83 -2.94 -46.83 -25.21
N UNK A 84 -3.75 -47.50 -24.40
CA UNK A 84 -3.33 -48.36 -23.29
C UNK A 84 -4.57 -49.05 -22.76
N UNK A 85 -4.46 -50.33 -22.47
CA UNK A 85 -5.48 -51.03 -21.72
C UNK A 85 -5.34 -50.63 -20.25
N UNK A 86 -6.48 -50.40 -19.60
CA UNK A 86 -6.49 -50.02 -18.20
C UNK A 86 -5.88 -51.13 -17.35
N UNK A 87 -4.71 -50.86 -16.79
CA UNK A 87 -3.84 -51.88 -16.24
C UNK A 87 -4.41 -52.42 -14.93
N UNK A 88 -5.34 -53.36 -15.02
CA UNK A 88 -5.94 -53.98 -13.85
C UNK A 88 -4.96 -54.97 -13.24
N UNK A 89 -4.71 -54.83 -11.94
CA UNK A 89 -3.85 -55.75 -11.20
C UNK A 89 -4.57 -56.14 -9.92
N UNK A 90 -4.21 -57.31 -9.39
CA UNK A 90 -4.88 -57.85 -8.21
C UNK A 90 -3.84 -58.17 -7.15
N UNK A 91 -3.80 -57.37 -6.08
CA UNK A 91 -2.87 -57.57 -4.97
C UNK A 91 -3.47 -58.61 -4.04
N UNK A 92 -2.87 -59.79 -3.98
CA UNK A 92 -3.35 -60.88 -3.14
C UNK A 92 -2.60 -60.89 -1.80
N UNK A 93 -2.98 -59.95 -0.93
CA UNK A 93 -2.34 -59.86 0.37
C UNK A 93 -3.19 -60.52 1.45
N UNK A 94 -4.49 -60.23 1.46
CA UNK A 94 -5.37 -60.78 2.49
C UNK A 94 -6.34 -61.81 1.92
N UNK A 95 -7.21 -61.42 0.98
CA UNK A 95 -7.82 -62.43 0.12
C UNK A 95 -7.51 -62.12 -1.34
N UNK A 96 -8.05 -61.00 -1.82
CA UNK A 96 -7.75 -60.45 -3.14
C UNK A 96 -8.25 -59.01 -3.15
N UNK A 97 -7.34 -58.06 -3.26
CA UNK A 97 -7.70 -56.64 -3.40
C UNK A 97 -7.31 -56.24 -4.81
N UNK A 98 -8.26 -56.30 -5.74
CA UNK A 98 -7.99 -55.93 -7.11
C UNK A 98 -7.85 -54.42 -7.22
N UNK A 99 -6.82 -53.97 -7.94
CA UNK A 99 -6.51 -52.55 -8.08
C UNK A 99 -6.44 -52.22 -9.57
N UNK A 100 -7.51 -51.65 -10.11
CA UNK A 100 -7.49 -51.14 -11.46
C UNK A 100 -6.75 -49.80 -11.50
N UNK A 101 -6.06 -49.55 -12.61
CA UNK A 101 -5.07 -48.48 -12.62
C UNK A 101 -5.71 -47.10 -12.73
N UNK A 102 -6.38 -46.80 -13.84
CA UNK A 102 -6.93 -45.48 -14.09
C UNK A 102 -8.44 -45.45 -14.09
N UNK A 103 -9.07 -46.23 -14.97
CA UNK A 103 -10.47 -46.65 -14.95
C UNK A 103 -11.49 -45.56 -15.25
N UNK A 104 -11.05 -44.30 -15.33
CA UNK A 104 -11.89 -43.14 -15.68
C UNK A 104 -13.14 -43.03 -14.80
N UNK A 105 -13.00 -43.36 -13.53
CA UNK A 105 -14.13 -43.66 -12.66
C UNK A 105 -14.83 -42.41 -12.13
N UNK A 106 -14.50 -41.23 -12.65
CA UNK A 106 -15.00 -39.98 -12.10
C UNK A 106 -16.45 -39.73 -12.56
N UNK A 107 -17.35 -40.57 -12.06
CA UNK A 107 -18.77 -40.44 -12.37
C UNK A 107 -19.57 -41.16 -11.29
N UNK A 108 -20.90 -41.01 -11.39
CA UNK A 108 -21.85 -41.68 -10.52
C UNK A 108 -22.84 -42.54 -11.30
N UNK A 109 -23.28 -42.07 -12.47
CA UNK A 109 -24.18 -42.81 -13.33
C UNK A 109 -23.75 -42.88 -14.78
N UNK A 110 -22.98 -41.91 -15.27
CA UNK A 110 -22.65 -41.83 -16.68
C UNK A 110 -21.45 -42.69 -17.07
N UNK A 111 -20.55 -42.96 -16.11
CA UNK A 111 -19.43 -43.86 -16.34
C UNK A 111 -19.15 -44.78 -15.16
N UNK A 112 -19.99 -44.75 -14.13
CA UNK A 112 -19.91 -45.73 -13.06
C UNK A 112 -20.85 -46.90 -13.32
N UNK A 113 -22.14 -46.61 -13.46
CA UNK A 113 -23.10 -47.65 -13.81
C UNK A 113 -22.96 -48.09 -15.26
N UNK A 114 -22.57 -47.17 -16.15
CA UNK A 114 -22.46 -47.50 -17.57
C UNK A 114 -21.25 -48.38 -17.83
N UNK A 115 -20.16 -48.16 -17.10
CA UNK A 115 -19.04 -49.08 -17.20
C UNK A 115 -19.31 -50.38 -16.46
N UNK A 116 -20.25 -50.37 -15.53
CA UNK A 116 -20.70 -51.59 -14.86
C UNK A 116 -21.77 -52.32 -15.65
N UNK A 117 -22.15 -51.81 -16.81
CA UNK A 117 -23.18 -52.43 -17.64
C UNK A 117 -22.63 -53.54 -18.52
N UNK A 118 -21.46 -54.07 -18.22
CA UNK A 118 -20.93 -55.24 -18.89
C UNK A 118 -21.09 -56.51 -18.06
N UNK A 119 -22.05 -56.52 -17.12
CA UNK A 119 -22.24 -57.66 -16.23
C UNK A 119 -23.55 -58.37 -16.54
N UNK A 120 -23.65 -59.62 -16.08
CA UNK A 120 -24.79 -60.46 -16.38
C UNK A 120 -25.35 -61.24 -15.19
N UNK A 121 -24.63 -61.33 -14.08
CA UNK A 121 -25.12 -62.11 -12.95
C UNK A 121 -26.13 -61.31 -12.13
N UNK A 122 -25.73 -60.11 -11.68
CA UNK A 122 -26.59 -59.11 -11.03
C UNK A 122 -27.21 -59.63 -9.73
N UNK A 123 -26.55 -60.58 -9.08
CA UNK A 123 -27.04 -61.15 -7.83
C UNK A 123 -26.08 -60.91 -6.67
N UNK A 124 -25.20 -59.92 -6.79
CA UNK A 124 -24.22 -59.60 -5.77
C UNK A 124 -24.46 -58.26 -5.09
N UNK A 125 -24.82 -57.23 -5.86
CA UNK A 125 -25.12 -55.93 -5.30
C UNK A 125 -26.05 -55.21 -6.26
N UNK A 126 -26.67 -54.13 -5.77
CA UNK A 126 -27.64 -53.38 -6.56
C UNK A 126 -27.25 -51.92 -6.76
N UNK A 127 -26.83 -51.22 -5.70
CA UNK A 127 -26.71 -49.77 -5.76
C UNK A 127 -25.49 -49.34 -6.57
N UNK A 128 -25.51 -48.10 -7.04
CA UNK A 128 -24.43 -47.55 -7.85
C UNK A 128 -23.91 -46.22 -7.32
N UNK A 129 -24.03 -45.97 -6.01
CA UNK A 129 -23.52 -44.78 -5.37
C UNK A 129 -23.34 -45.04 -3.89
N UNK A 130 -23.01 -43.97 -3.17
CA UNK A 130 -22.84 -44.04 -1.72
C UNK A 130 -23.14 -42.69 -1.08
N UNK A 131 -6.55 -46.81 -9.65
CA UNK A 131 -7.44 -45.99 -8.84
C UNK A 131 -8.78 -46.68 -8.65
N UNK A 132 -8.74 -47.86 -8.03
CA UNK A 132 -9.94 -48.63 -7.73
C UNK A 132 -9.64 -49.57 -6.57
N UNK A 133 -10.59 -50.44 -6.26
CA UNK A 133 -10.45 -51.40 -5.19
C UNK A 133 -11.44 -52.54 -5.42
N UNK A 134 -11.52 -53.45 -4.44
CA UNK A 134 -12.52 -54.50 -4.39
C UNK A 134 -12.63 -54.96 -2.95
N UNK A 135 -13.85 -54.95 -2.42
CA UNK A 135 -14.02 -55.14 -0.98
C UNK A 135 -15.42 -55.64 -0.68
N UNK A 136 -15.77 -55.57 0.60
CA UNK A 136 -17.03 -56.06 1.13
C UNK A 136 -17.55 -55.07 2.18
N UNK A 137 -18.46 -55.55 3.02
CA UNK A 137 -19.12 -54.65 3.97
C UNK A 137 -18.18 -54.25 5.11
N UNK A 138 -17.88 -55.18 6.01
CA UNK A 138 -17.05 -54.89 7.16
C UNK A 138 -16.07 -56.01 7.48
N UNK A 139 -15.71 -56.84 6.51
CA UNK A 139 -14.83 -57.96 6.77
C UNK A 139 -13.38 -57.49 6.96
N UNK A 140 -12.49 -58.46 7.18
CA UNK A 140 -11.12 -58.14 7.57
C UNK A 140 -10.32 -57.56 6.41
N UNK A 141 -10.38 -58.22 5.24
CA UNK A 141 -9.72 -57.70 4.05
C UNK A 141 -10.31 -56.37 3.61
N UNK A 142 -11.62 -56.20 3.77
CA UNK A 142 -12.24 -54.91 3.50
C UNK A 142 -11.92 -53.87 4.56
N UNK A 143 -11.51 -54.28 5.76
CA UNK A 143 -11.09 -53.29 6.76
C UNK A 143 -9.65 -52.84 6.50
N UNK A 144 -8.76 -53.80 6.23
CA UNK A 144 -7.39 -53.45 5.86
C UNK A 144 -7.34 -52.68 4.55
N UNK A 145 -8.27 -52.95 3.63
CA UNK A 145 -8.47 -52.06 2.50
C UNK A 145 -9.18 -50.79 2.91
N UNK A 146 -9.91 -50.82 4.03
CA UNK A 146 -10.56 -49.63 4.56
C UNK A 146 -9.68 -48.89 5.55
N UNK A 147 -8.37 -49.06 5.46
CA UNK A 147 -7.42 -48.09 5.99
C UNK A 147 -7.27 -46.87 5.10
N UNK A 148 -8.04 -46.78 4.02
CA UNK A 148 -8.07 -45.60 3.16
C UNK A 148 -8.56 -44.36 3.90
N UNK A 149 -9.37 -44.52 4.94
CA UNK A 149 -9.70 -43.39 5.80
C UNK A 149 -8.47 -42.87 6.52
N UNK A 150 -7.58 -43.77 6.95
CA UNK A 150 -6.31 -43.36 7.51
C UNK A 150 -5.36 -42.83 6.45
N UNK A 151 -5.58 -43.20 5.19
CA UNK A 151 -4.83 -42.57 4.10
C UNK A 151 -5.39 -41.21 3.74
N UNK A 152 -6.71 -41.04 3.83
CA UNK A 152 -7.36 -39.76 3.51
C UNK A 152 -7.61 -38.92 4.75
N UNK A 153 -6.86 -39.14 5.83
CA UNK A 153 -6.97 -38.28 7.00
C UNK A 153 -5.91 -37.20 7.03
N UNK A 154 -5.20 -36.99 5.93
CA UNK A 154 -4.15 -35.97 5.88
C UNK A 154 -4.01 -35.41 4.46
N UNK A 155 0.27 -55.81 11.35
CA UNK A 155 1.53 -56.33 10.88
C UNK A 155 2.24 -55.30 10.00
N UNK A 156 3.07 -55.80 9.08
CA UNK A 156 3.65 -54.94 8.05
C UNK A 156 2.67 -54.64 6.92
N UNK A 157 1.52 -55.31 6.89
CA UNK A 157 0.55 -55.08 5.83
C UNK A 157 -0.23 -53.80 6.04
N UNK A 158 -0.11 -53.17 7.21
CA UNK A 158 -0.71 -51.85 7.41
C UNK A 158 0.04 -50.79 6.62
N UNK A 159 1.36 -50.96 6.45
CA UNK A 159 2.14 -50.02 5.66
C UNK A 159 1.88 -50.19 4.18
N UNK A 160 1.86 -51.43 3.69
CA UNK A 160 1.56 -51.68 2.29
C UNK A 160 0.11 -51.41 1.95
N UNK A 161 -0.79 -51.51 2.92
CA UNK A 161 -2.17 -51.13 2.66
C UNK A 161 -2.38 -49.63 2.84
N UNK A 162 -1.45 -48.95 3.51
CA UNK A 162 -1.44 -47.50 3.52
C UNK A 162 -0.47 -46.94 2.48
N UNK A 163 0.05 -47.78 1.59
CA UNK A 163 0.84 -47.34 0.46
C UNK A 163 0.28 -47.85 -0.86
N UNK A 164 -0.71 -48.75 -0.81
CA UNK A 164 -1.52 -49.01 -1.99
C UNK A 164 -2.78 -48.16 -1.96
N UNK A 165 -2.83 -47.20 -1.03
CA UNK A 165 -3.82 -46.14 -1.09
C UNK A 165 -3.15 -44.78 -1.20
N UNK A 166 -1.83 -44.73 -1.09
CA UNK A 166 -1.11 -43.52 -1.44
C UNK A 166 -0.76 -43.50 -2.93
N UNK A 167 -0.48 -44.68 -3.49
CA UNK A 167 -0.32 -44.84 -4.92
C UNK A 167 -1.62 -45.17 -5.62
N UNK A 168 -2.76 -44.84 -5.01
CA UNK A 168 -4.05 -44.87 -5.67
C UNK A 168 -4.62 -43.47 -5.86
N UNK A 169 -4.46 -42.59 -4.88
CA UNK A 169 -4.83 -41.20 -5.07
C UNK A 169 -3.89 -40.51 -6.04
N UNK A 170 -2.67 -40.99 -6.17
CA UNK A 170 -1.73 -40.43 -7.12
C UNK A 170 -1.95 -40.99 -8.53
N UNK A 171 -2.74 -42.04 -8.66
CA UNK A 171 -2.99 -42.63 -9.97
C UNK A 171 -4.42 -43.13 -10.08
N UNK A 172 -19.14 -53.04 -4.73
CA UNK A 172 -18.14 -53.86 -4.06
C UNK A 172 -16.76 -53.21 -4.13
N UNK A 173 -16.71 -51.95 -4.56
CA UNK A 173 -15.46 -51.24 -4.76
C UNK A 173 -15.56 -49.84 -4.19
N UNK A 174 -14.40 -49.18 -4.04
CA UNK A 174 -14.34 -47.83 -3.51
C UNK A 174 -13.03 -47.18 -3.92
N UNK A 175 -13.13 -46.03 -4.57
CA UNK A 175 -11.96 -45.25 -4.98
C UNK A 175 -11.70 -44.14 -3.98
N UNK A 176 -10.43 -43.97 -3.63
CA UNK A 176 -10.06 -42.98 -2.62
C UNK A 176 -10.22 -41.57 -3.18
N UNK A 177 -10.67 -40.65 -2.34
CA UNK A 177 -10.92 -39.28 -2.77
C UNK A 177 -9.76 -38.36 -2.42
N UNK A 178 10.49 -46.97 0.45
CA UNK A 178 10.04 -48.22 1.04
C UNK A 178 8.96 -48.86 0.18
N UNK A 179 7.72 -48.78 0.66
CA UNK A 179 6.59 -49.33 -0.09
C UNK A 179 6.07 -48.37 -1.14
N UNK A 180 6.58 -47.14 -1.20
CA UNK A 180 6.18 -46.20 -2.24
C UNK A 180 6.79 -46.59 -3.58
N UNK A 181 8.12 -46.72 -3.61
CA UNK A 181 8.80 -47.14 -4.84
C UNK A 181 8.46 -48.58 -5.20
N UNK A 182 8.18 -49.41 -4.21
CA UNK A 182 7.68 -50.75 -4.51
C UNK A 182 6.27 -50.69 -5.09
N UNK A 183 5.43 -49.77 -4.61
CA UNK A 183 4.06 -49.71 -5.07
C UNK A 183 3.98 -49.20 -6.51
N UNK A 184 4.51 -48.01 -6.76
CA UNK A 184 4.45 -47.46 -8.10
C UNK A 184 5.45 -48.13 -9.04
N UNK A 185 6.70 -48.28 -8.59
CA UNK A 185 7.73 -48.84 -9.46
C UNK A 185 7.54 -50.34 -9.65
N UNK A 186 7.17 -51.06 -8.59
CA UNK A 186 6.93 -52.49 -8.77
C UNK A 186 5.58 -52.77 -9.41
N UNK A 187 4.62 -51.85 -9.26
CA UNK A 187 3.39 -51.97 -10.03
C UNK A 187 3.67 -51.78 -11.52
N UNK A 188 4.57 -50.85 -11.85
CA UNK A 188 5.00 -50.71 -13.24
C UNK A 188 5.84 -51.90 -13.68
N UNK A 189 6.51 -52.56 -12.74
CA UNK A 189 7.25 -53.77 -13.08
C UNK A 189 6.32 -54.92 -13.36
N UNK A 190 5.20 -55.01 -12.65
CA UNK A 190 4.23 -56.06 -12.89
C UNK A 190 3.47 -55.82 -14.19
N UNK A 191 3.04 -54.58 -14.42
CA UNK A 191 2.37 -54.28 -15.69
C UNK A 191 3.34 -54.25 -16.87
N UNK A 192 4.64 -54.15 -16.62
CA UNK A 192 5.64 -54.20 -17.68
C UNK A 192 6.07 -55.62 -18.01
N UNK A 193 6.16 -56.48 -16.99
CA UNK A 193 6.58 -57.86 -17.23
C UNK A 193 5.52 -58.64 -17.99
N UNK A 194 4.25 -58.37 -17.71
CA UNK A 194 3.17 -58.97 -18.46
C UNK A 194 3.10 -58.37 -19.86
N UNK A 195 3.07 -59.23 -20.86
CA UNK A 195 3.06 -58.80 -22.25
C UNK A 195 1.71 -58.17 -22.61
N ASP A 196 5.29 -49.68 -24.15
CA ASP A 196 4.21 -49.66 -23.16
C ASP A 196 4.72 -49.27 -21.78
N GLU A 197 5.67 -48.35 -21.74
CA GLU A 197 6.25 -47.94 -20.46
C GLU A 197 5.96 -46.47 -20.16
N LEU A 198 6.34 -45.57 -21.07
CA LEU A 198 6.07 -44.15 -20.88
C LEU A 198 4.58 -43.86 -21.02
N ARG A 199 3.92 -44.57 -21.94
CA ARG A 199 2.49 -44.44 -22.15
C ARG A 199 1.70 -44.72 -20.89
N LEU A 200 2.11 -45.76 -20.17
CA LEU A 200 1.47 -46.12 -18.91
C LEU A 200 1.73 -45.07 -17.83
N ALA A 201 2.81 -44.28 -17.96
CA ALA A 201 3.04 -43.20 -17.03
C ALA A 201 2.26 -41.95 -17.41
N VAL A 202 2.01 -41.74 -18.70
CA VAL A 202 1.22 -40.60 -19.13
C VAL A 202 -0.24 -40.80 -18.76
N ALA A 203 -0.76 -42.01 -18.94
CA ALA A 203 -2.15 -42.29 -18.58
C ALA A 203 -2.39 -42.20 -17.07
N TRP A 204 -1.37 -42.38 -16.25
CA TRP A 204 -1.50 -42.24 -14.81
C TRP A 204 -1.44 -40.79 -14.33
N ASN A 205 -1.00 -39.87 -15.19
CA ASN A 205 -0.64 -38.50 -14.82
C ASN A 205 0.37 -38.51 -13.68
N ARG A 206 1.43 -39.28 -13.86
CA ARG A 206 2.46 -39.51 -12.86
C ARG A 206 3.79 -39.21 -13.54
N VAL A 207 4.37 -38.05 -13.23
CA VAL A 207 5.48 -37.56 -14.04
C VAL A 207 6.83 -37.97 -13.47
N ASP A 208 6.88 -38.44 -12.22
CA ASP A 208 8.15 -38.89 -11.65
C ASP A 208 8.62 -40.19 -12.28
N ILE A 209 7.66 -41.09 -12.58
CA ILE A 209 8.01 -42.34 -13.24
C ILE A 209 8.39 -42.07 -14.70
N ALA A 210 7.77 -41.05 -15.31
CA ALA A 210 8.20 -40.63 -16.63
C ALA A 210 9.58 -39.98 -16.58
N GLN A 211 9.96 -39.39 -15.45
CA GLN A 211 11.30 -38.85 -15.32
C GLN A 211 12.33 -39.97 -15.21
N SER A 212 12.13 -40.89 -14.27
CA SER A 212 13.13 -41.95 -14.05
C SER A 212 13.05 -43.05 -15.11
N GLU A 213 12.04 -43.05 -15.96
CA GLU A 213 11.88 -44.12 -16.94
C GLU A 213 12.60 -43.85 -18.25
N LEU A 214 13.49 -42.86 -18.30
CA LEU A 214 14.24 -42.56 -19.51
C LEU A 214 15.74 -42.67 -19.30
N PHE A 215 16.20 -43.73 -18.66
CA PHE A 215 17.63 -43.98 -18.51
C PHE A 215 18.03 -45.37 -18.98
N ARG A 216 17.09 -46.14 -19.50
CA ARG A 216 17.38 -47.44 -20.12
C ARG A 216 17.78 -47.20 -21.56
N GLY A 217 18.89 -47.80 -21.97
CA GLY A 217 19.35 -47.70 -23.35
C GLY A 217 18.41 -48.41 -24.31
N ASP A 218 17.67 -47.63 -25.09
CA ASP A 218 16.70 -48.21 -26.01
C ASP A 218 16.54 -47.23 -27.17
N ILE A 219 15.87 -47.69 -28.23
CA ILE A 219 15.57 -46.82 -29.36
C ILE A 219 14.58 -45.75 -28.95
N GLN A 220 13.56 -46.14 -28.17
CA GLN A 220 12.58 -45.24 -27.53
C GLN A 220 11.80 -44.42 -28.54
N TRP A 221 11.64 -44.96 -29.76
CA TRP A 221 10.93 -44.28 -30.82
C TRP A 221 9.42 -44.26 -30.63
N ARG A 222 8.91 -44.94 -29.60
CA ARG A 222 7.51 -44.87 -29.22
C ARG A 222 7.13 -43.56 -28.56
N SER A 223 8.11 -42.73 -28.20
CA SER A 223 7.85 -41.38 -27.70
C SER A 223 7.06 -40.57 -28.71
N PHE A 224 7.38 -40.74 -30.01
CA PHE A 224 6.64 -40.10 -31.08
C PHE A 224 5.18 -40.53 -31.15
N HIS A 225 4.83 -41.64 -30.51
CA HIS A 225 3.43 -41.96 -30.28
C HIS A 225 2.99 -41.55 -28.88
N LEU A 226 3.88 -41.72 -27.88
CA LEU A 226 3.47 -41.56 -26.49
C LEU A 226 3.20 -40.11 -26.15
N GLU A 227 3.96 -39.19 -26.77
CA GLU A 227 3.68 -37.76 -26.63
C GLU A 227 2.30 -37.41 -27.17
N ALA A 228 1.82 -38.14 -28.18
CA ALA A 228 0.47 -37.92 -28.69
C ALA A 228 -0.59 -38.33 -27.69
N SER A 229 -0.23 -39.12 -26.67
CA SER A 229 -1.14 -39.35 -25.56
C SER A 229 -1.28 -38.14 -24.66
N LEU A 230 -0.24 -37.31 -24.56
CA LEU A 230 -0.28 -36.18 -23.64
C LEU A 230 -1.12 -35.04 -24.19
N MET A 231 -1.12 -34.83 -25.51
CA MET A 231 -2.03 -33.85 -26.09
C MET A 231 -3.47 -34.33 -26.01
N ASP A 232 -3.71 -35.60 -26.35
CA ASP A 232 -5.07 -36.11 -26.43
C ASP A 232 -5.73 -36.20 -25.07
N ALA A 233 -5.00 -36.64 -24.05
CA ALA A 233 -5.60 -36.75 -22.73
C ALA A 233 -5.64 -35.43 -21.97
N LEU A 234 -5.25 -34.32 -22.61
CA LEU A 234 -5.16 -32.99 -22.00
C LEU A 234 -4.27 -33.00 -20.77
N LEU A 235 -3.06 -33.55 -20.93
CA LEU A 235 -2.12 -33.64 -19.82
C LEU A 235 -1.70 -32.27 -19.35
N ASN A 236 -1.48 -31.34 -20.28
CA ASN A 236 -1.13 -29.93 -20.04
C ASN A 236 0.10 -29.84 -19.14
N ASP A 237 1.02 -30.74 -19.38
CA ASP A 237 1.84 -31.25 -18.30
C ASP A 237 3.29 -30.90 -18.53
N ARG A 238 4.18 -31.19 -17.58
CA ARG A 238 5.58 -31.38 -17.95
C ARG A 238 5.85 -32.58 -18.83
N PRO A 239 4.86 -33.39 -19.18
CA PRO A 239 5.01 -34.45 -20.16
C PRO A 239 5.37 -33.94 -21.55
N GLU A 240 5.19 -32.65 -21.82
CA GLU A 240 5.72 -32.03 -23.02
C GLU A 240 6.89 -31.11 -22.71
N PHE A 241 7.37 -31.13 -21.48
CA PHE A 241 8.75 -30.77 -21.20
C PHE A 241 9.64 -32.01 -21.20
N VAL A 242 9.07 -33.19 -21.41
CA VAL A 242 9.83 -34.42 -21.55
C VAL A 242 9.56 -34.85 -23.00
N ARG A 243 9.44 -33.87 -23.88
CA ARG A 243 9.63 -34.08 -25.31
C ARG A 243 11.02 -33.66 -25.75
N LEU A 244 11.92 -33.44 -24.79
CA LEU A 244 13.32 -33.22 -25.12
C LEU A 244 13.90 -34.51 -25.71
N LEU A 245 14.66 -34.33 -26.79
CA LEU A 245 15.10 -35.40 -27.69
C LEU A 245 13.92 -36.20 -28.23
N ILE A 246 13.03 -35.51 -28.94
CA ILE A 246 12.00 -36.15 -29.76
C ILE A 246 12.31 -35.82 -31.21
N SER A 247 12.31 -36.84 -32.06
CA SER A 247 12.62 -36.66 -33.48
C SER A 247 11.44 -35.94 -34.14
N HIS A 248 11.47 -34.61 -34.03
CA HIS A 248 10.33 -33.80 -34.39
C HIS A 248 10.69 -32.72 -35.41
N LEU A 252 9.18 -37.98 -39.60
CA LEU A 252 9.42 -38.25 -38.19
C LEU A 252 8.71 -37.22 -37.32
N GLY A 253 8.83 -35.96 -37.70
CA GLY A 253 8.07 -34.92 -37.02
C GLY A 253 6.60 -35.09 -37.30
N HIS A 254 5.86 -35.48 -36.27
CA HIS A 254 4.51 -36.02 -36.47
C HIS A 254 3.54 -34.88 -36.75
N PHE A 255 3.32 -34.63 -38.03
CA PHE A 255 2.20 -33.82 -38.48
C PHE A 255 1.04 -34.69 -38.94
N LEU A 256 1.27 -35.47 -40.01
CA LEU A 256 0.31 -36.43 -40.57
C LEU A 256 -1.08 -35.84 -40.75
N THR A 257 -1.18 -34.88 -41.68
CA THR A 257 -2.31 -33.99 -41.90
C THR A 257 -3.62 -34.74 -42.07
N PRO A 258 -3.60 -35.93 -42.64
CA PRO A 258 -4.81 -36.76 -42.63
C PRO A 258 -4.99 -37.46 -41.30
N MET A 259 -3.91 -37.83 -40.63
CA MET A 259 -3.98 -38.80 -39.54
C MET A 259 -3.99 -38.18 -38.16
N ARG A 260 -2.94 -37.45 -37.77
CA ARG A 260 -2.81 -37.03 -36.37
C ARG A 260 -3.73 -35.89 -36.00
N LEU A 261 -3.79 -34.84 -36.81
CA LEU A 261 -4.54 -33.64 -36.45
C LEU A 261 -6.04 -33.87 -36.41
N ALA A 262 -6.57 -34.74 -37.28
CA ALA A 262 -7.98 -35.11 -37.16
C ALA A 262 -8.22 -35.88 -35.87
N GLN A 263 -7.27 -36.74 -35.50
CA GLN A 263 -7.31 -37.36 -34.18
C GLN A 263 -7.03 -36.34 -33.08
N LEU A 264 -6.31 -35.27 -33.41
CA LEU A 264 -5.95 -34.30 -32.39
C LEU A 264 -7.06 -33.27 -32.18
N TYR A 265 -7.63 -32.75 -33.26
CA TYR A 265 -8.83 -31.93 -33.15
C TYR A 265 -10.07 -32.74 -32.82
N SER A 266 -10.01 -34.07 -32.89
CA SER A 266 -11.14 -34.86 -32.44
C SER A 266 -11.19 -35.03 -30.94
N ALA A 267 -10.28 -34.41 -30.20
CA ALA A 267 -10.26 -34.49 -28.74
C ALA A 267 -11.13 -33.43 -28.10
N ALA A 268 -12.12 -32.92 -28.81
CA ALA A 268 -13.01 -31.92 -28.25
C ALA A 268 -13.95 -32.57 -27.24
N PRO A 269 -14.28 -31.89 -26.15
CA PRO A 269 -15.19 -32.45 -25.15
C PRO A 269 -16.67 -32.26 -25.48
N SER A 270 -16.97 -32.06 -26.78
CA SER A 270 -18.27 -31.56 -27.26
C SER A 270 -18.59 -30.22 -26.60
N ASN A 271 -17.58 -29.35 -26.56
CA ASN A 271 -17.72 -28.02 -25.99
C ASN A 271 -18.25 -27.06 -27.03
N SER A 272 -18.76 -25.93 -26.54
CA SER A 272 -19.44 -24.98 -27.41
C SER A 272 -18.46 -24.13 -28.20
N LEU A 273 -17.18 -24.18 -27.86
CA LEU A 273 -16.22 -23.30 -28.51
C LEU A 273 -15.89 -23.78 -29.92
N ILE A 274 -15.47 -25.03 -30.05
CA ILE A 274 -14.91 -25.51 -31.30
C ILE A 274 -15.71 -26.65 -31.91
N ARG A 275 -16.26 -27.57 -31.11
CA ARG A 275 -16.99 -28.72 -31.64
C ARG A 275 -18.25 -28.29 -32.39
N ASN A 276 -18.89 -27.21 -31.94
CA ASN A 276 -19.96 -26.64 -32.73
C ASN A 276 -19.44 -25.97 -33.99
N LEU A 277 -18.32 -25.24 -33.89
CA LEU A 277 -17.78 -24.59 -35.08
C LEU A 277 -17.14 -25.60 -36.02
N LEU A 278 -16.69 -26.74 -35.49
CA LEU A 278 -16.26 -27.80 -36.37
C LEU A 278 -17.44 -28.54 -36.98
N ASP A 279 -18.59 -28.52 -36.30
CA ASP A 279 -19.84 -29.01 -36.89
C ASP A 279 -20.55 -27.95 -37.71
N GLN A 280 -20.13 -26.69 -37.61
CA GLN A 280 -20.61 -25.63 -38.50
C GLN A 280 -19.73 -25.51 -39.74
N ALA A 281 -18.76 -26.41 -39.90
CA ALA A 281 -17.99 -26.48 -41.12
C ALA A 281 -18.72 -27.19 -42.24
N SER A 282 -19.77 -27.96 -41.93
CA SER A 282 -20.53 -28.65 -42.94
C SER A 282 -21.53 -27.71 -43.62
N GLY A 333 -9.21 -37.79 -43.13
CA GLY A 333 -9.08 -36.59 -42.34
C GLY A 333 -9.90 -35.43 -42.87
N PHE A 334 -10.95 -35.07 -42.14
CA PHE A 334 -11.83 -33.97 -42.51
C PHE A 334 -11.58 -32.70 -41.72
N GLY A 335 -11.48 -32.80 -40.40
CA GLY A 335 -11.37 -31.64 -39.53
C GLY A 335 -10.06 -30.90 -39.63
N GLU A 336 -9.06 -31.48 -40.31
CA GLU A 336 -7.75 -30.82 -40.44
C GLU A 336 -7.86 -29.56 -41.27
N SER A 337 -8.27 -29.69 -42.53
CA SER A 337 -8.49 -28.54 -43.40
C SER A 337 -9.84 -27.87 -43.16
N MET A 338 -10.66 -28.43 -42.29
CA MET A 338 -11.86 -27.75 -41.83
C MET A 338 -11.58 -26.75 -40.73
N TYR A 339 -10.35 -26.72 -40.20
CA TYR A 339 -9.99 -25.73 -39.20
C TYR A 339 -9.86 -24.34 -39.82
N LEU A 340 -9.33 -24.26 -41.05
CA LEU A 340 -9.14 -22.96 -41.68
C LEU A 340 -10.47 -22.33 -42.09
N LEU A 341 -11.50 -23.15 -42.35
CA LEU A 341 -12.83 -22.61 -42.56
C LEU A 341 -13.40 -22.07 -41.25
N SER A 342 -12.94 -22.59 -40.12
CA SER A 342 -13.37 -22.04 -38.84
C SER A 342 -12.48 -20.89 -38.39
N ASP A 343 -11.32 -20.71 -39.01
CA ASP A 343 -10.50 -19.53 -38.72
C ASP A 343 -10.94 -18.35 -39.57
N LYS A 344 -11.26 -18.59 -40.84
CA LYS A 344 -11.78 -17.53 -41.69
C LYS A 344 -13.17 -17.08 -41.26
N ALA A 345 -13.91 -17.93 -40.55
CA ALA A 345 -15.18 -17.52 -39.96
C ALA A 345 -14.97 -16.77 -38.65
N THR A 346 -13.75 -16.76 -38.12
CA THR A 346 -13.43 -16.01 -36.91
C THR A 346 -12.29 -15.02 -37.12
N SER A 347 -12.06 -14.57 -38.34
CA SER A 347 -11.05 -13.55 -38.61
C SER A 347 -11.39 -12.78 -39.88
N TRP A 360 5.56 -25.84 -33.01
CA TRP A 360 4.87 -25.25 -34.14
C TRP A 360 3.86 -24.22 -33.73
N SER A 361 3.54 -23.34 -34.68
CA SER A 361 2.35 -22.52 -34.56
C SER A 361 1.12 -23.21 -35.12
N ASP A 362 1.29 -24.39 -35.72
CA ASP A 362 0.13 -25.20 -36.07
C ASP A 362 -0.50 -25.83 -34.84
N LEU A 363 0.26 -25.95 -33.75
CA LEU A 363 -0.26 -26.38 -32.47
C LEU A 363 -0.74 -25.22 -31.61
N LEU A 364 -0.26 -24.00 -31.83
CA LEU A 364 -0.82 -22.84 -31.13
C LEU A 364 -2.28 -22.63 -31.46
N LEU A 365 -2.66 -22.81 -32.72
CA LEU A 365 -4.07 -22.69 -33.06
C LEU A 365 -4.88 -23.82 -32.46
N TRP A 366 -4.32 -25.03 -32.45
CA TRP A 366 -4.94 -26.15 -31.75
C TRP A 366 -5.02 -25.91 -30.25
N ALA A 367 -4.08 -25.14 -29.69
CA ALA A 367 -4.10 -24.95 -28.25
C ALA A 367 -4.93 -23.76 -27.82
N LEU A 368 -5.18 -22.82 -28.73
CA LEU A 368 -6.02 -21.69 -28.39
C LEU A 368 -7.48 -21.95 -28.74
N LEU A 369 -7.71 -22.79 -29.74
CA LEU A 369 -8.94 -23.57 -29.71
C LEU A 369 -8.80 -24.59 -28.59
N LEU A 370 -9.93 -25.03 -28.04
CA LEU A 370 -10.08 -25.96 -26.90
C LEU A 370 -9.64 -25.36 -25.57
N ASN A 371 -9.04 -24.15 -25.55
CA ASN A 371 -8.78 -23.36 -24.35
C ASN A 371 -7.88 -24.05 -23.34
N ARG A 372 -6.86 -24.77 -23.81
CA ARG A 372 -5.84 -25.32 -22.93
C ARG A 372 -4.83 -24.22 -22.62
N ALA A 373 -4.58 -23.99 -21.33
CA ALA A 373 -3.76 -22.86 -20.94
C ALA A 373 -2.27 -23.17 -21.06
N GLN A 374 -1.78 -24.13 -20.30
CA GLN A 374 -0.36 -24.46 -20.27
C GLN A 374 0.13 -25.02 -21.59
N MET A 375 -0.74 -25.67 -22.34
CA MET A 375 -0.40 -26.11 -23.69
C MET A 375 -0.14 -24.91 -24.59
N ALA A 376 -0.93 -23.85 -24.44
CA ALA A 376 -0.74 -22.69 -25.29
C ALA A 376 0.48 -21.89 -24.87
N MET A 377 0.75 -21.83 -23.58
CA MET A 377 1.95 -21.13 -23.12
C MET A 377 3.21 -21.85 -23.56
N TYR A 378 3.24 -23.17 -23.42
CA TYR A 378 4.42 -23.91 -23.86
C TYR A 378 4.55 -23.88 -25.38
N PHE A 379 3.45 -24.00 -26.10
CA PHE A 379 3.50 -23.91 -27.55
C PHE A 379 3.79 -22.51 -28.04
N TRP A 380 3.73 -21.50 -27.18
CA TRP A 380 4.27 -20.20 -27.53
C TRP A 380 5.74 -20.05 -27.16
N GLU A 381 6.21 -20.72 -26.11
CA GLU A 381 7.60 -20.59 -25.67
C GLU A 381 8.58 -21.10 -26.71
N MET A 382 8.47 -22.36 -27.13
CA MET A 382 9.00 -22.70 -28.43
C MET A 382 8.08 -22.12 -29.50
N GLY A 383 8.65 -21.73 -30.62
CA GLY A 383 7.83 -21.17 -31.66
C GLY A 383 8.56 -20.09 -32.43
N SER A 384 7.80 -19.24 -33.10
CA SER A 384 8.42 -18.25 -33.95
C SER A 384 8.54 -16.78 -33.56
N ASN A 385 7.45 -16.17 -33.11
CA ASN A 385 7.53 -14.74 -32.81
C ASN A 385 6.45 -14.17 -31.90
N ALA A 386 6.69 -12.97 -31.38
CA ALA A 386 5.71 -12.26 -30.56
C ALA A 386 4.45 -11.92 -31.33
N VAL A 387 4.51 -11.93 -32.65
CA VAL A 387 3.33 -11.66 -33.47
C VAL A 387 2.32 -12.78 -33.28
N SER A 388 2.82 -14.00 -33.05
CA SER A 388 1.94 -15.09 -32.65
C SER A 388 1.35 -14.88 -31.27
N SER A 389 2.03 -14.15 -30.40
CA SER A 389 1.41 -13.82 -29.12
C SER A 389 0.36 -12.75 -29.30
N ALA A 390 0.46 -11.94 -30.35
CA ALA A 390 -0.57 -10.94 -30.56
C ALA A 390 -1.77 -11.49 -31.33
N LEU A 391 -1.56 -12.36 -32.33
CA LEU A 391 -2.72 -12.94 -33.00
C LEU A 391 -3.36 -14.00 -32.12
N GLY A 392 -2.53 -14.80 -31.46
CA GLY A 392 -3.07 -15.72 -30.49
C GLY A 392 -3.53 -15.06 -29.23
N ALA A 393 -3.12 -13.82 -28.99
CA ALA A 393 -3.59 -13.08 -27.82
C ALA A 393 -5.07 -12.76 -27.94
N CYS A 394 -5.43 -12.07 -28.96
CA CYS A 394 -6.73 -11.46 -28.94
C CYS A 394 -7.54 -11.73 -30.19
N LEU A 395 -6.88 -11.95 -31.33
CA LEU A 395 -7.65 -12.15 -32.55
C LEU A 395 -8.27 -13.54 -32.58
N LEU A 396 -7.81 -14.45 -31.73
CA LEU A 396 -8.43 -15.76 -31.67
C LEU A 396 -9.02 -16.06 -30.30
N LEU A 397 -8.62 -15.35 -29.26
CA LEU A 397 -9.18 -15.60 -27.93
C LEU A 397 -10.31 -14.67 -27.53
N ARG A 398 -10.29 -13.40 -27.94
CA ARG A 398 -11.45 -12.56 -27.72
C ARG A 398 -12.61 -13.02 -28.58
N VAL A 399 -12.32 -13.43 -29.81
CA VAL A 399 -13.36 -13.83 -30.75
C VAL A 399 -13.96 -15.17 -30.33
N MET A 400 -13.14 -16.06 -29.77
CA MET A 400 -13.69 -17.29 -29.21
C MET A 400 -14.44 -17.00 -27.90
N ALA A 401 -14.09 -15.92 -27.22
CA ALA A 401 -14.80 -15.55 -26.00
C ALA A 401 -16.17 -14.96 -26.27
N ARG A 402 -16.32 -14.13 -27.30
CA ARG A 402 -17.60 -13.54 -27.61
C ARG A 402 -18.60 -14.54 -28.17
N LEU A 403 -18.13 -15.66 -28.70
CA LEU A 403 -19.01 -16.70 -29.21
C LEU A 403 -19.25 -17.80 -28.19
N GLU A 404 -19.23 -17.48 -26.90
CA GLU A 404 -19.56 -18.46 -25.88
C GLU A 404 -20.99 -18.25 -25.38
N PRO A 405 -21.74 -19.32 -25.15
CA PRO A 405 -23.09 -19.19 -24.60
C PRO A 405 -23.14 -19.07 -23.08
N ASP A 406 -22.00 -19.19 -22.40
CA ASP A 406 -21.95 -19.16 -20.95
C ASP A 406 -20.76 -18.34 -20.49
N ALA A 407 -20.93 -17.67 -19.35
CA ALA A 407 -19.90 -16.77 -18.85
C ALA A 407 -18.69 -17.53 -18.32
N GLU A 408 -18.91 -18.70 -17.70
CA GLU A 408 -17.82 -19.62 -17.45
C GLU A 408 -17.42 -20.26 -18.77
N GLU A 409 -16.12 -20.53 -18.93
CA GLU A 409 -15.43 -20.84 -20.20
C GLU A 409 -15.54 -19.70 -21.20
N ALA A 410 -15.83 -18.50 -20.74
CA ALA A 410 -15.58 -17.27 -21.48
C ALA A 410 -14.76 -16.30 -20.66
N ALA A 411 -14.35 -16.70 -19.46
CA ALA A 411 -13.43 -15.92 -18.64
C ALA A 411 -12.02 -16.47 -18.63
N ARG A 412 -11.87 -17.80 -18.68
CA ARG A 412 -10.54 -18.36 -18.86
C ARG A 412 -10.04 -18.13 -20.29
N ARG A 413 -10.97 -18.06 -21.25
CA ARG A 413 -10.65 -17.68 -22.62
C ARG A 413 -10.52 -16.17 -22.80
N LYS A 414 -10.45 -15.43 -21.71
CA LYS A 414 -10.03 -14.05 -21.67
C LYS A 414 -8.88 -13.84 -20.70
N ASP A 415 -8.77 -14.68 -19.67
CA ASP A 415 -7.58 -14.67 -18.83
C ASP A 415 -6.36 -15.15 -19.59
N LEU A 416 -6.54 -16.08 -20.53
CA LEU A 416 -5.45 -16.39 -21.47
C LEU A 416 -5.11 -15.20 -22.35
N ALA A 417 -6.11 -14.39 -22.71
CA ALA A 417 -5.81 -13.20 -23.50
C ALA A 417 -4.98 -12.20 -22.71
N PHE A 418 -5.28 -12.04 -21.42
CA PHE A 418 -4.45 -11.16 -20.60
C PHE A 418 -3.07 -11.75 -20.35
N LYS A 419 -2.96 -13.08 -20.27
CA LYS A 419 -1.65 -13.70 -20.15
C LYS A 419 -0.81 -13.45 -21.39
N PHE A 420 -1.41 -13.56 -22.56
CA PHE A 420 -0.68 -13.30 -23.79
C PHE A 420 -0.41 -11.83 -24.04
N GLU A 421 -1.21 -10.93 -23.48
CA GLU A 421 -0.83 -9.53 -23.54
C GLU A 421 0.33 -9.25 -22.60
N GLY A 422 0.38 -9.94 -21.46
CA GLY A 422 1.55 -9.82 -20.60
C GLY A 422 2.81 -10.35 -21.26
N MET A 423 2.69 -11.48 -21.98
CA MET A 423 3.86 -12.07 -22.62
C MET A 423 4.29 -11.26 -23.83
N GLY A 424 3.34 -10.79 -24.64
CA GLY A 424 3.70 -10.01 -25.81
C GLY A 424 4.23 -8.64 -25.45
N VAL A 425 3.60 -7.98 -24.47
CA VAL A 425 4.05 -6.68 -24.01
C VAL A 425 5.42 -6.76 -23.36
N ASP A 426 5.63 -7.75 -22.49
CA ASP A 426 6.92 -7.85 -21.83
C ASP A 426 8.01 -8.30 -22.80
N LEU A 427 7.63 -9.10 -23.80
CA LEU A 427 8.61 -9.55 -24.79
C LEU A 427 9.04 -8.42 -25.69
N PHE A 428 8.10 -7.58 -26.15
CA PHE A 428 8.50 -6.43 -26.94
C PHE A 428 9.22 -5.41 -26.10
N GLY A 429 8.93 -5.37 -24.79
CA GLY A 429 9.67 -4.50 -23.91
C GLY A 429 11.10 -4.96 -23.70
N GLU A 430 11.33 -6.26 -23.83
CA GLU A 430 12.69 -6.75 -23.83
C GLU A 430 13.37 -6.59 -25.18
N CYS A 431 12.63 -6.69 -26.27
CA CYS A 431 13.20 -6.54 -27.60
C CYS A 431 13.35 -5.08 -28.03
N TYR A 432 12.87 -4.14 -27.23
CA TYR A 432 13.00 -2.73 -27.58
C TYR A 432 14.22 -2.08 -26.98
N ARG A 433 14.64 -2.55 -25.81
CA ARG A 433 15.84 -2.03 -25.18
C ARG A 433 17.10 -2.38 -25.98
N SER A 434 17.15 -3.58 -26.55
CA SER A 434 18.32 -4.03 -27.30
C SER A 434 18.66 -3.20 -28.54
N SER A 435 17.65 -2.82 -29.31
CA SER A 435 17.86 -1.98 -30.49
C SER A 435 16.50 -1.50 -30.97
N GLU A 436 16.29 -0.18 -30.96
CA GLU A 436 14.98 0.35 -31.30
C GLU A 436 14.64 0.19 -32.78
N VAL A 437 15.65 0.13 -33.64
CA VAL A 437 15.41 0.02 -35.07
C VAL A 437 14.90 -1.36 -35.44
N ARG A 438 15.58 -2.40 -34.95
CA ARG A 438 15.14 -3.76 -35.21
C ARG A 438 13.84 -4.06 -34.48
N ALA A 439 13.60 -3.39 -33.34
CA ALA A 439 12.32 -3.50 -32.68
C ALA A 439 11.22 -2.88 -33.52
N ALA A 440 11.52 -1.80 -34.23
CA ALA A 440 10.57 -1.27 -35.19
C ALA A 440 10.37 -2.23 -36.35
N ARG A 441 11.40 -2.99 -36.71
CA ARG A 441 11.24 -3.96 -37.77
C ARG A 441 10.39 -5.14 -37.34
N LEU A 442 10.44 -5.52 -36.05
CA LEU A 442 9.59 -6.60 -35.56
C LEU A 442 8.12 -6.21 -35.61
N LEU A 443 7.83 -4.95 -35.37
CA LEU A 443 6.45 -4.53 -35.19
C LEU A 443 5.72 -4.39 -36.51
N LEU A 444 6.44 -4.37 -37.63
CA LEU A 444 5.84 -4.23 -38.95
C LEU A 444 6.54 -5.18 -39.91
N ARG A 445 6.09 -6.42 -40.00
CA ARG A 445 6.71 -7.36 -40.93
C ARG A 445 5.77 -8.31 -41.65
N ARG A 446 4.45 -8.21 -41.44
CA ARG A 446 3.43 -8.94 -42.22
C ARG A 446 3.62 -10.46 -42.18
N CYS A 447 3.44 -11.03 -41.00
CA CYS A 447 3.78 -12.43 -40.76
C CYS A 447 2.84 -13.36 -41.53
N PRO A 448 3.33 -14.50 -42.01
CA PRO A 448 2.48 -15.37 -42.84
C PRO A 448 1.46 -16.18 -42.06
N LEU A 449 1.46 -16.12 -40.73
CA LEU A 449 0.47 -16.89 -39.96
C LEU A 449 -0.90 -16.25 -40.09
N TRP A 450 -0.94 -14.93 -40.20
CA TRP A 450 -2.09 -14.20 -40.72
C TRP A 450 -1.52 -12.98 -41.40
N GLY A 451 -1.74 -12.84 -42.70
CA GLY A 451 -0.93 -11.97 -43.54
C GLY A 451 -1.08 -10.48 -43.31
N ASP A 452 -0.77 -10.03 -42.09
CA ASP A 452 -0.99 -8.66 -41.67
C ASP A 452 0.07 -8.28 -40.64
N ALA A 453 0.25 -6.97 -40.46
CA ALA A 453 1.22 -6.47 -39.51
C ALA A 453 0.74 -6.70 -38.09
N THR A 454 1.60 -6.39 -37.12
CA THR A 454 1.25 -6.63 -35.73
C THR A 454 0.25 -5.60 -35.24
N CYS A 455 0.51 -4.33 -35.53
CA CYS A 455 -0.42 -3.27 -35.15
C CYS A 455 -1.73 -3.38 -35.93
N LEU A 456 -1.69 -3.95 -37.12
CA LEU A 456 -2.91 -4.14 -37.91
C LEU A 456 -3.81 -5.20 -37.29
N GLN A 457 -3.26 -6.05 -36.42
CA GLN A 457 -4.10 -6.99 -35.68
C GLN A 457 -4.88 -6.27 -34.60
N LEU A 458 -4.33 -5.19 -34.05
CA LEU A 458 -4.95 -4.57 -32.91
C LEU A 458 -5.89 -3.44 -33.30
N ALA A 459 -5.81 -2.96 -34.53
CA ALA A 459 -6.87 -2.17 -35.12
C ALA A 459 -7.88 -3.03 -35.88
N MET A 460 -7.77 -4.35 -35.76
CA MET A 460 -8.74 -5.30 -36.30
C MET A 460 -9.78 -5.60 -35.21
N GLN A 461 -10.49 -6.73 -35.33
CA GLN A 461 -11.48 -7.10 -34.31
C GLN A 461 -10.81 -7.44 -32.98
N ALA A 462 -9.49 -7.68 -32.98
CA ALA A 462 -8.72 -7.77 -31.75
C ALA A 462 -8.39 -6.39 -31.24
N ASP A 463 -8.51 -6.20 -29.93
CA ASP A 463 -8.26 -4.93 -29.29
C ASP A 463 -7.35 -5.16 -28.09
N ALA A 464 -6.18 -4.54 -28.09
CA ALA A 464 -5.21 -4.69 -27.02
C ALA A 464 -4.84 -3.30 -26.54
N ARG A 465 -5.60 -2.79 -25.57
CA ARG A 465 -5.29 -1.49 -24.99
C ARG A 465 -3.96 -1.49 -24.25
N ALA A 466 -3.57 -2.64 -23.69
CA ALA A 466 -2.33 -2.70 -22.93
C ALA A 466 -1.09 -2.79 -23.81
N PHE A 467 -1.24 -2.98 -25.12
CA PHE A 467 -0.06 -3.06 -25.97
C PHE A 467 0.35 -1.68 -26.46
N PHE A 468 -0.60 -0.82 -26.79
CA PHE A 468 -0.24 0.52 -27.23
C PHE A 468 0.14 1.43 -26.08
N ALA A 469 -0.13 1.03 -24.86
CA ALA A 469 0.19 1.83 -23.70
C ALA A 469 1.64 1.82 -23.34
N GLN A 470 2.50 1.14 -24.09
CA GLN A 470 3.92 1.16 -23.80
C GLN A 470 4.53 2.49 -24.18
N ASP A 471 5.75 2.70 -23.71
CA ASP A 471 6.70 3.58 -24.38
C ASP A 471 7.58 2.66 -25.20
N GLY A 472 7.58 2.83 -26.50
CA GLY A 472 8.28 1.91 -27.37
C GLY A 472 7.40 1.54 -28.53
N VAL A 473 6.10 1.63 -28.33
CA VAL A 473 5.18 1.63 -29.45
C VAL A 473 4.84 3.05 -29.85
N GLN A 474 4.71 3.95 -28.88
CA GLN A 474 4.35 5.32 -29.17
C GLN A 474 5.54 6.22 -29.46
N SER A 475 6.76 5.74 -29.25
CA SER A 475 7.88 6.36 -29.93
C SER A 475 7.88 6.01 -31.41
N LEU A 476 7.29 4.87 -31.77
CA LEU A 476 7.12 4.52 -33.17
C LEU A 476 5.88 5.14 -33.78
N LEU A 477 4.79 5.25 -33.01
CA LEU A 477 3.63 5.95 -33.56
C LEU A 477 3.85 7.45 -33.57
N THR A 478 4.66 7.95 -32.65
CA THR A 478 5.15 9.33 -32.79
C THR A 478 6.09 9.42 -33.97
N GLN A 479 6.94 8.41 -34.14
CA GLN A 479 7.94 8.42 -35.20
C GLN A 479 7.31 8.26 -36.57
N LYS A 480 6.08 7.79 -36.66
CA LYS A 480 5.38 7.67 -37.93
C LYS A 480 4.11 8.49 -38.00
N TRP A 481 3.80 9.26 -36.96
CA TRP A 481 2.94 10.42 -37.16
C TRP A 481 3.68 11.46 -37.97
N TRP A 482 4.97 11.62 -37.70
CA TRP A 482 5.83 12.40 -38.57
C TRP A 482 6.29 11.52 -39.73
N GLY A 483 6.42 12.12 -40.91
CA GLY A 483 6.93 11.38 -42.05
C GLY A 483 8.34 11.76 -42.41
N ASP A 484 9.29 10.90 -42.08
CA ASP A 484 10.75 11.00 -42.23
C ASP A 484 11.38 12.05 -41.32
N MET A 485 10.60 12.85 -40.59
CA MET A 485 11.15 13.46 -39.39
C MET A 485 11.27 12.37 -38.34
N ALA A 486 12.40 12.36 -37.64
CA ALA A 486 12.65 11.31 -36.66
C ALA A 486 11.71 11.50 -35.48
N SER A 487 11.80 12.69 -34.88
CA SER A 487 10.87 13.29 -33.93
C SER A 487 11.39 14.69 -33.66
N THR A 488 10.66 15.42 -32.82
CA THR A 488 11.10 16.66 -32.16
C THR A 488 11.49 17.76 -33.15
N THR A 489 10.97 17.68 -34.36
CA THR A 489 10.97 18.83 -35.24
C THR A 489 9.81 19.71 -34.79
N PRO A 490 10.07 20.81 -34.09
CA PRO A 490 9.00 21.46 -33.31
C PRO A 490 8.03 22.20 -34.21
N ILE A 491 6.89 22.56 -33.62
CA ILE A 491 5.80 23.14 -34.40
C ILE A 491 6.09 24.59 -34.73
N TRP A 492 7.10 25.19 -34.10
CA TRP A 492 7.69 26.42 -34.61
C TRP A 492 8.17 26.22 -36.05
N ALA A 493 9.05 25.24 -36.23
CA ALA A 493 9.55 24.90 -37.55
C ALA A 493 8.46 24.39 -38.48
N LEU A 494 7.58 23.53 -37.99
CA LEU A 494 6.53 22.99 -38.85
C LEU A 494 5.58 24.07 -39.35
N VAL A 495 5.18 24.97 -38.46
CA VAL A 495 4.31 26.06 -38.87
C VAL A 495 5.05 26.99 -39.83
N LEU A 496 6.32 27.26 -39.55
CA LEU A 496 7.12 28.06 -40.49
C LEU A 496 7.48 27.32 -41.77
N ALA A 497 7.13 26.04 -41.90
CA ALA A 497 7.35 25.30 -43.14
C ALA A 497 6.11 25.27 -44.03
N PHE A 498 5.26 26.29 -43.94
CA PHE A 498 4.28 26.51 -44.99
C PHE A 498 4.63 27.68 -45.90
N PHE A 499 5.88 28.14 -45.85
CA PHE A 499 6.46 28.89 -46.97
C PHE A 499 7.22 27.86 -47.77
N CYS A 500 6.46 26.91 -48.36
CA CYS A 500 7.02 25.63 -48.80
C CYS A 500 8.12 25.68 -49.85
N PRO A 501 8.20 26.70 -50.77
CA PRO A 501 9.48 26.92 -51.46
C PRO A 501 10.59 27.24 -50.48
N PRO A 502 11.57 26.33 -50.37
CA PRO A 502 12.85 26.38 -49.68
C PRO A 502 12.74 26.26 -48.17
N LEU A 503 11.54 26.20 -47.58
CA LEU A 503 11.48 26.01 -46.14
C LEU A 503 11.74 24.55 -45.78
N ILE A 504 11.27 23.62 -46.60
CA ILE A 504 11.57 22.21 -46.38
C ILE A 504 13.02 21.91 -46.73
N TYR A 505 13.56 22.60 -47.74
CA TYR A 505 14.93 22.36 -48.16
C TYR A 505 15.95 23.08 -47.30
N THR A 506 15.53 23.97 -46.42
CA THR A 506 16.44 24.52 -45.43
C THR A 506 16.65 23.50 -44.32
N ARG A 507 17.56 23.82 -43.39
CA ARG A 507 17.86 22.92 -42.30
C ARG A 507 16.95 23.11 -41.10
N LEU A 508 15.88 23.90 -41.24
CA LEU A 508 14.97 24.18 -40.13
C LEU A 508 14.27 22.91 -39.68
N ILE A 509 13.47 22.32 -40.56
CA ILE A 509 12.93 20.99 -40.32
C ILE A 509 14.03 20.00 -40.62
N THR A 510 14.79 19.65 -39.58
CA THR A 510 15.90 18.72 -39.75
C THR A 510 15.37 17.30 -39.75
N PHE A 511 15.26 16.69 -40.92
CA PHE A 511 14.73 15.34 -41.01
C PHE A 511 15.65 14.45 -41.81
N ARG A 512 15.55 13.15 -41.53
CA ARG A 512 16.38 12.15 -42.19
C ARG A 512 15.54 11.08 -42.85
N CYS A 569 16.56 13.04 -53.26
CA CYS A 569 16.73 14.46 -53.49
C CYS A 569 15.39 15.19 -53.51
N LEU A 570 14.61 14.97 -54.56
CA LEU A 570 13.29 15.55 -54.70
C LEU A 570 12.30 14.86 -53.76
N ARG A 571 12.64 13.66 -53.29
CA ARG A 571 11.80 12.86 -52.40
C ARG A 571 11.64 13.45 -51.01
N ARG A 572 12.29 14.57 -50.71
CA ARG A 572 11.89 15.36 -49.53
C ARG A 572 10.52 15.97 -49.75
N TRP A 573 10.33 16.65 -50.89
CA TRP A 573 9.08 17.35 -51.14
C TRP A 573 7.95 16.37 -51.43
N PHE A 574 8.29 15.22 -52.00
CA PHE A 574 7.29 14.16 -52.20
C PHE A 574 6.80 13.59 -50.88
N HIS A 575 7.63 13.66 -49.84
CA HIS A 575 7.36 12.98 -48.59
C HIS A 575 7.00 13.95 -47.47
N PHE A 576 7.19 15.25 -47.68
CA PHE A 576 6.75 16.28 -46.74
C PHE A 576 5.32 16.72 -46.99
N TRP A 577 4.98 17.02 -48.24
CA TRP A 577 3.64 17.45 -48.64
C TRP A 577 2.60 16.34 -48.50
N GLY A 578 3.00 15.12 -48.14
CA GLY A 578 2.05 14.05 -47.88
C GLY A 578 2.35 13.26 -46.61
N ALA A 579 3.17 13.82 -45.72
CA ALA A 579 3.43 13.17 -44.45
C ALA A 579 2.21 13.28 -43.54
N PRO A 580 2.02 12.32 -42.63
CA PRO A 580 0.82 12.40 -41.77
C PRO A 580 0.86 13.43 -40.66
N VAL A 581 1.77 14.40 -40.66
CA VAL A 581 1.58 15.64 -39.93
C VAL A 581 1.02 16.73 -40.82
N THR A 582 1.65 16.95 -41.98
CA THR A 582 1.29 18.07 -42.83
C THR A 582 -0.07 17.91 -43.49
N ILE A 583 -0.59 16.69 -43.55
CA ILE A 583 -1.98 16.55 -43.96
C ILE A 583 -2.91 16.92 -42.81
N PHE A 584 -2.51 16.67 -41.57
CA PHE A 584 -3.32 17.11 -40.44
C PHE A 584 -3.30 18.63 -40.31
N MET A 585 -2.13 19.25 -40.44
CA MET A 585 -2.06 20.70 -40.41
C MET A 585 -2.77 21.32 -41.60
N GLY A 586 -2.71 20.66 -42.76
CA GLY A 586 -3.48 21.11 -43.89
C GLY A 586 -4.98 21.03 -43.66
N ASN A 587 -5.42 20.01 -42.94
CA ASN A 587 -6.84 19.91 -42.64
C ASN A 587 -7.26 20.91 -41.58
N VAL A 588 -6.37 21.24 -40.64
CA VAL A 588 -6.70 22.20 -39.60
C VAL A 588 -6.75 23.61 -40.17
N VAL A 589 -5.72 24.00 -40.93
CA VAL A 589 -5.68 25.34 -41.51
C VAL A 589 -6.78 25.51 -42.54
N SER A 590 -7.07 24.45 -43.30
CA SER A 590 -8.19 24.50 -44.24
C SER A 590 -9.51 24.62 -43.49
N TYR A 591 -9.61 23.96 -42.34
CA TYR A 591 -10.87 23.99 -41.62
C TYR A 591 -11.12 25.34 -40.94
N LEU A 592 -10.05 25.94 -40.42
CA LEU A 592 -10.16 27.29 -39.86
C LEU A 592 -10.49 28.31 -40.93
N LEU A 593 -9.93 28.13 -42.12
CA LEU A 593 -10.24 29.05 -43.20
C LEU A 593 -11.71 28.89 -43.50
N PHE A 594 -12.19 27.65 -43.42
CA PHE A 594 -13.59 27.37 -43.70
C PHE A 594 -14.48 28.09 -42.70
N LEU A 595 -14.11 28.08 -41.42
CA LEU A 595 -14.91 28.77 -40.43
C LEU A 595 -14.89 30.28 -40.61
N LEU A 596 -13.75 30.85 -41.04
CA LEU A 596 -13.72 32.25 -41.41
C LEU A 596 -14.62 32.53 -42.61
N LEU A 597 -14.67 31.58 -43.54
CA LEU A 597 -15.53 31.69 -44.71
C LEU A 597 -17.00 31.65 -44.30
N PHE A 598 -17.32 30.75 -43.36
CA PHE A 598 -18.69 30.56 -42.88
C PHE A 598 -19.22 31.76 -42.11
N SER A 599 -18.40 32.32 -41.23
CA SER A 599 -18.77 33.52 -40.51
C SER A 599 -18.81 34.73 -41.42
N ARG A 600 -17.94 34.76 -42.43
CA ARG A 600 -17.96 35.83 -43.42
C ARG A 600 -19.23 35.77 -44.25
N VAL A 601 -19.79 34.58 -44.43
CA VAL A 601 -21.09 34.48 -45.09
C VAL A 601 -22.20 34.98 -44.17
N LEU A 602 -22.24 34.48 -42.93
CA LEU A 602 -23.41 34.73 -42.07
C LEU A 602 -23.49 36.17 -41.61
N LEU A 603 -22.36 36.76 -41.22
CA LEU A 603 -22.42 38.00 -40.46
C LEU A 603 -22.63 39.20 -41.38
N VAL A 604 -21.91 39.26 -42.49
CA VAL A 604 -21.98 40.39 -43.41
C VAL A 604 -22.88 40.11 -44.59
N ASP A 605 -22.68 38.98 -45.25
CA ASP A 605 -23.34 38.62 -46.50
C ASP A 605 -24.72 38.03 -46.21
N PHE A 606 -25.23 37.22 -47.16
CA PHE A 606 -26.31 36.25 -46.97
C PHE A 606 -27.67 36.96 -47.04
N GLN A 607 -27.68 38.22 -47.47
CA GLN A 607 -28.93 38.95 -47.67
C GLN A 607 -29.74 38.30 -48.78
N PRO A 608 -31.11 38.37 -48.71
CA PRO A 608 -31.95 37.60 -49.65
C PRO A 608 -31.81 38.04 -51.09
N ALA A 609 -31.09 37.22 -51.85
CA ALA A 609 -30.54 37.54 -53.16
C ALA A 609 -29.95 36.25 -53.71
N PRO A 610 -29.54 36.18 -54.98
CA PRO A 610 -28.65 35.09 -55.39
C PRO A 610 -27.31 35.18 -54.68
N PRO A 611 -26.58 34.06 -54.56
CA PRO A 611 -25.30 34.08 -53.85
C PRO A 611 -24.24 34.85 -54.62
N GLY A 612 -23.83 35.98 -54.07
CA GLY A 612 -22.91 36.88 -54.75
C GLY A 612 -21.45 36.50 -54.68
N SER A 613 -21.09 35.38 -55.30
CA SER A 613 -19.75 34.90 -55.61
C SER A 613 -18.93 34.51 -54.38
N LEU A 614 -19.45 34.65 -53.17
CA LEU A 614 -18.71 34.26 -51.98
C LEU A 614 -19.45 33.20 -51.18
N GLU A 615 -20.78 33.20 -51.24
CA GLU A 615 -21.57 32.14 -50.63
C GLU A 615 -21.47 30.84 -51.40
N LEU A 616 -21.04 30.88 -52.66
CA LEU A 616 -20.91 29.66 -53.45
C LEU A 616 -19.73 28.81 -53.00
N LEU A 617 -18.73 29.44 -52.38
CA LEU A 617 -17.60 28.68 -51.84
C LEU A 617 -18.02 27.82 -50.68
N LEU A 618 -19.12 28.16 -50.02
CA LEU A 618 -19.72 27.24 -49.05
C LEU A 618 -20.24 25.99 -49.74
N TYR A 619 -20.76 26.13 -50.95
CA TYR A 619 -21.36 24.96 -51.57
C TYR A 619 -20.31 24.07 -52.20
N PHE A 620 -19.31 24.69 -52.84
CA PHE A 620 -18.17 23.94 -53.33
C PHE A 620 -17.39 23.31 -52.19
N TRP A 621 -17.24 24.05 -51.08
CA TRP A 621 -16.50 23.56 -49.93
C TRP A 621 -17.24 22.42 -49.26
N ALA A 622 -18.52 22.61 -48.95
CA ALA A 622 -19.26 21.61 -48.21
C ALA A 622 -19.54 20.39 -49.06
N PHE A 623 -19.61 20.56 -50.39
CA PHE A 623 -19.65 19.38 -51.23
C PHE A 623 -18.33 18.64 -51.20
N THR A 624 -17.21 19.36 -51.06
CA THR A 624 -15.96 18.64 -50.84
C THR A 624 -15.88 18.01 -49.45
N LEU A 625 -16.61 18.51 -48.45
CA LEU A 625 -16.66 17.79 -47.19
C LEU A 625 -17.53 16.55 -47.28
N LEU A 626 -18.55 16.57 -48.13
CA LEU A 626 -19.25 15.33 -48.46
C LEU A 626 -18.35 14.38 -49.20
N CYS A 627 -17.44 14.91 -50.03
CA CYS A 627 -16.44 14.06 -50.66
C CYS A 627 -15.37 13.58 -49.70
N GLU A 628 -15.24 14.19 -48.52
CA GLU A 628 -14.44 13.56 -47.47
C GLU A 628 -15.23 12.45 -46.79
N GLU A 629 -16.47 12.73 -46.42
CA GLU A 629 -17.20 11.81 -45.54
C GLU A 629 -17.65 10.57 -46.29
N LEU A 630 -17.85 10.67 -47.60
CA LEU A 630 -18.15 9.46 -48.33
C LEU A 630 -16.91 8.71 -48.77
N ARG A 631 -15.75 9.36 -48.82
CA ARG A 631 -14.53 8.60 -49.07
C ARG A 631 -14.08 7.88 -47.82
N GLN A 632 -14.27 8.49 -46.66
CA GLN A 632 -13.89 7.84 -45.41
C GLN A 632 -14.89 6.76 -45.03
N GLY A 633 -16.12 6.88 -45.49
CA GLY A 633 -17.16 5.91 -45.19
C GLY A 633 -17.15 4.67 -46.03
N LEU A 634 -16.17 4.49 -46.90
CA LEU A 634 -16.14 3.33 -47.78
C LEU A 634 -14.78 2.64 -47.71
N ALA A 651 -22.00 -5.17 -47.62
CA ALA A 651 -21.07 -6.13 -47.05
C ALA A 651 -19.67 -5.55 -47.03
N SER A 652 -19.27 -4.98 -48.16
CA SER A 652 -18.03 -4.21 -48.24
C SER A 652 -18.28 -2.72 -48.41
N LEU A 653 -19.46 -2.37 -48.92
CA LEU A 653 -19.83 -0.96 -49.08
C LEU A 653 -20.98 -0.64 -48.14
N SER A 654 -21.70 -1.67 -47.69
CA SER A 654 -22.81 -1.47 -46.78
C SER A 654 -22.40 -1.70 -45.34
N GLN A 655 -21.68 -2.78 -45.08
CA GLN A 655 -21.23 -3.08 -43.73
C GLN A 655 -20.27 -2.00 -43.24
N ARG A 656 -19.38 -1.58 -44.11
CA ARG A 656 -18.41 -0.54 -43.79
C ARG A 656 -19.09 0.79 -43.55
N LEU A 657 -20.17 1.05 -44.29
CA LEU A 657 -20.95 2.27 -44.07
C LEU A 657 -21.81 2.15 -42.82
N ARG A 658 -22.06 0.94 -42.34
CA ARG A 658 -22.78 0.79 -41.08
C ARG A 658 -21.84 0.98 -39.89
N LEU A 659 -20.67 0.35 -39.93
CA LEU A 659 -19.68 0.52 -38.87
C LEU A 659 -19.07 1.92 -38.89
N TYR A 660 -19.15 2.61 -40.02
CA TYR A 660 -18.72 4.01 -40.08
C TYR A 660 -19.65 4.89 -39.27
N LEU A 661 -20.95 4.81 -39.52
CA LEU A 661 -21.94 5.62 -38.82
C LEU A 661 -22.37 4.99 -37.49
N ALA A 662 -21.73 3.89 -37.08
CA ALA A 662 -21.98 3.35 -35.75
C ALA A 662 -21.27 4.15 -34.68
N ASP A 663 -20.16 4.82 -35.05
CA ASP A 663 -19.44 5.66 -34.12
C ASP A 663 -20.30 6.86 -33.74
N SER A 664 -20.45 7.07 -32.43
CA SER A 664 -21.36 8.08 -31.92
C SER A 664 -20.92 9.50 -32.23
N TRP A 665 -19.64 9.72 -32.50
CA TRP A 665 -19.26 11.05 -32.93
C TRP A 665 -19.60 11.29 -34.38
N ASN A 666 -19.34 10.32 -35.24
CA ASN A 666 -19.24 10.60 -36.65
C ASN A 666 -20.60 10.70 -37.33
N GLN A 667 -21.68 10.35 -36.63
CA GLN A 667 -23.01 10.59 -37.18
C GLN A 667 -23.42 12.04 -36.99
N CYS A 668 -22.78 12.74 -36.06
CA CYS A 668 -23.06 14.14 -35.83
C CYS A 668 -22.62 15.01 -37.00
N ASP A 669 -21.66 14.53 -37.79
CA ASP A 669 -21.29 15.24 -39.01
C ASP A 669 -22.25 14.95 -40.14
N LEU A 670 -22.94 13.81 -40.09
CA LEU A 670 -24.06 13.60 -40.99
C LEU A 670 -25.23 14.50 -40.60
N VAL A 671 -25.38 14.78 -39.31
CA VAL A 671 -26.33 15.79 -38.87
C VAL A 671 -25.85 17.17 -39.30
N ALA A 672 -24.54 17.39 -39.34
CA ALA A 672 -24.02 18.70 -39.68
C ALA A 672 -24.17 19.00 -41.17
N LEU A 673 -23.85 18.03 -42.02
CA LEU A 673 -23.92 18.28 -43.45
C LEU A 673 -25.33 18.07 -44.00
N THR A 674 -26.03 17.03 -43.51
CA THR A 674 -27.41 16.85 -43.91
C THR A 674 -28.34 17.88 -43.31
N CYS A 675 -27.92 18.52 -42.21
CA CYS A 675 -28.66 19.66 -41.70
C CYS A 675 -28.21 20.95 -42.37
N PHE A 676 -26.97 20.96 -42.89
CA PHE A 676 -26.50 22.06 -43.72
C PHE A 676 -27.33 22.18 -44.98
N LEU A 677 -27.48 21.09 -45.73
CA LEU A 677 -28.25 21.09 -46.96
C LEU A 677 -29.75 21.24 -46.73
N LEU A 678 -30.22 21.13 -45.50
CA LEU A 678 -31.59 21.46 -45.16
C LEU A 678 -31.79 22.94 -44.95
N GLY A 679 -30.77 23.65 -44.47
CA GLY A 679 -30.87 25.08 -44.27
C GLY A 679 -30.58 25.81 -45.57
N VAL A 680 -29.81 25.17 -46.43
CA VAL A 680 -29.55 25.69 -47.77
C VAL A 680 -30.81 25.77 -48.60
N GLY A 681 -31.68 24.75 -48.50
CA GLY A 681 -32.90 24.74 -49.29
C GLY A 681 -33.87 25.84 -48.89
N CYS A 682 -33.75 26.32 -47.65
CA CYS A 682 -34.49 27.51 -47.26
C CYS A 682 -33.93 28.74 -47.96
N ARG A 683 -32.61 28.79 -48.16
CA ARG A 683 -32.00 29.95 -48.78
C ARG A 683 -32.30 30.01 -50.27
N LEU A 684 -32.19 28.86 -50.95
CA LEU A 684 -32.31 28.85 -52.39
C LEU A 684 -33.74 29.12 -52.83
N THR A 685 -34.70 28.72 -52.03
CA THR A 685 -36.06 29.12 -52.35
C THR A 685 -36.33 30.53 -51.84
N PRO A 686 -37.07 31.35 -52.60
CA PRO A 686 -37.47 32.66 -52.09
C PRO A 686 -38.68 32.62 -51.18
N GLY A 687 -39.29 31.44 -51.02
CA GLY A 687 -40.54 31.37 -50.29
C GLY A 687 -40.39 31.62 -48.80
N LEU A 688 -39.28 31.18 -48.21
CA LEU A 688 -39.06 31.35 -46.78
C LEU A 688 -37.58 31.56 -46.50
N TYR A 689 -37.23 32.80 -46.22
CA TYR A 689 -35.99 33.17 -45.57
C TYR A 689 -36.23 33.04 -44.07
N HIS A 690 -35.21 33.31 -43.27
CA HIS A 690 -35.19 33.30 -41.80
C HIS A 690 -35.35 31.90 -41.21
N LEU A 691 -35.56 30.87 -42.01
CA LEU A 691 -35.24 29.51 -41.59
C LEU A 691 -33.92 29.02 -42.12
N GLY A 692 -33.38 29.69 -43.13
CA GLY A 692 -32.04 29.37 -43.57
C GLY A 692 -31.00 29.79 -42.57
N ARG A 693 -31.10 31.02 -42.05
CA ARG A 693 -30.02 31.57 -41.26
C ARG A 693 -29.98 30.95 -39.87
N THR A 694 -31.14 30.58 -39.32
CA THR A 694 -31.16 29.93 -38.01
C THR A 694 -30.52 28.56 -38.07
N VAL A 695 -30.91 27.75 -39.06
CA VAL A 695 -30.37 26.41 -39.22
C VAL A 695 -28.90 26.47 -39.59
N LEU A 696 -28.48 27.47 -40.34
CA LEU A 696 -27.06 27.61 -40.59
C LEU A 696 -26.29 28.11 -39.37
N CYS A 697 -26.93 28.84 -38.45
CA CYS A 697 -26.23 29.23 -37.23
C CYS A 697 -26.00 28.02 -36.33
N ILE A 698 -27.03 27.18 -36.15
CA ILE A 698 -26.85 25.98 -35.36
C ILE A 698 -25.88 25.01 -36.04
N ASP A 699 -25.89 24.97 -37.38
CA ASP A 699 -24.88 24.20 -38.10
C ASP A 699 -23.49 24.78 -37.96
N PHE A 700 -23.37 26.08 -37.75
CA PHE A 700 -22.06 26.64 -37.48
C PHE A 700 -21.55 26.22 -36.12
N MET A 701 -22.47 26.09 -35.15
CA MET A 701 -22.09 25.53 -33.86
C MET A 701 -21.58 24.10 -33.99
N VAL A 702 -22.31 23.26 -34.73
CA VAL A 702 -21.90 21.86 -34.86
C VAL A 702 -20.57 21.75 -35.63
N PHE A 703 -20.49 22.56 -36.63
CA PHE A 703 -19.23 22.63 -37.37
C PHE A 703 -18.05 23.04 -36.49
N THR A 704 -18.12 24.04 -35.56
CA THR A 704 -17.02 24.38 -34.69
C THR A 704 -16.81 23.38 -33.56
N VAL A 705 -17.85 22.65 -33.17
CA VAL A 705 -17.65 21.59 -32.18
C VAL A 705 -16.93 20.41 -32.81
N ARG A 706 -16.96 20.26 -34.15
CA ARG A 706 -16.12 19.23 -34.78
C ARG A 706 -14.62 19.54 -34.65
N LEU A 707 -14.27 20.81 -34.43
CA LEU A 707 -12.87 21.19 -34.33
C LEU A 707 -12.23 20.65 -33.05
N LEU A 708 -13.03 20.29 -32.05
CA LEU A 708 -12.51 19.54 -30.92
C LEU A 708 -12.10 18.14 -31.34
N HIS A 709 -12.93 17.46 -32.11
CA HIS A 709 -12.65 16.09 -32.51
C HIS A 709 -11.49 16.01 -33.49
N ILE A 710 -11.23 17.08 -34.25
CA ILE A 710 -10.03 17.09 -35.07
C ILE A 710 -8.79 17.10 -34.18
N PHE A 711 -8.84 17.81 -33.06
CA PHE A 711 -7.69 17.91 -32.18
C PHE A 711 -7.62 16.82 -31.13
N THR A 712 -8.13 15.62 -31.41
CA THR A 712 -7.92 14.52 -30.49
C THR A 712 -6.55 13.89 -30.64
N VAL A 713 -5.76 14.30 -31.61
CA VAL A 713 -4.45 13.71 -31.88
C VAL A 713 -3.42 14.77 -31.49
N ASN A 714 -3.02 14.75 -30.22
CA ASN A 714 -1.94 15.57 -29.70
C ASN A 714 -1.41 14.90 -28.45
N LYS A 715 -0.14 15.12 -28.17
CA LYS A 715 0.40 14.62 -26.92
C LYS A 715 0.02 15.54 -25.76
N GLN A 716 -0.38 16.78 -26.05
CA GLN A 716 -0.63 17.80 -25.05
C GLN A 716 -2.10 18.16 -24.93
N LEU A 717 -2.77 18.33 -26.06
CA LEU A 717 -4.18 18.73 -26.08
C LEU A 717 -5.00 17.47 -26.37
N GLY A 718 -4.55 16.39 -25.78
CA GLY A 718 -4.89 15.06 -26.21
C GLY A 718 -5.96 14.44 -25.34
N PRO A 719 -5.53 13.72 -24.31
CA PRO A 719 -6.49 12.98 -23.46
C PRO A 719 -7.52 13.84 -22.79
N LYS A 720 -7.27 15.13 -22.63
CA LYS A 720 -8.18 16.03 -21.91
C LYS A 720 -9.52 16.13 -22.62
N ILE A 721 -9.49 16.20 -23.95
CA ILE A 721 -10.71 16.25 -24.75
C ILE A 721 -11.49 14.95 -24.62
N VAL A 722 -10.79 13.83 -24.47
CA VAL A 722 -11.48 12.57 -24.22
C VAL A 722 -12.10 12.56 -22.83
N ILE A 723 -11.42 13.16 -21.85
CA ILE A 723 -11.90 13.12 -20.47
C ILE A 723 -13.12 14.03 -20.28
N VAL A 724 -13.23 15.11 -21.07
CA VAL A 724 -14.40 16.00 -20.97
C VAL A 724 -15.69 15.26 -21.32
N SER A 725 -15.63 14.33 -22.27
CA SER A 725 -16.83 13.59 -22.61
C SER A 725 -17.16 12.51 -21.59
N LYS A 726 -16.19 12.05 -20.82
CA LYS A 726 -16.45 11.03 -19.81
C LYS A 726 -17.07 11.59 -18.54
N MET A 727 -17.16 12.91 -18.42
CA MET A 727 -17.60 13.55 -17.19
C MET A 727 -18.93 14.27 -17.37
N MET A 728 -19.63 14.03 -18.47
CA MET A 728 -20.93 14.67 -18.68
C MET A 728 -22.03 14.03 -17.84
N LYS A 729 -21.81 12.85 -17.28
CA LYS A 729 -22.80 12.20 -16.44
C LYS A 729 -23.07 12.99 -15.16
N ASP A 730 -22.05 13.60 -14.57
CA ASP A 730 -22.25 14.46 -13.42
C ASP A 730 -22.98 15.73 -13.79
N VAL A 731 -22.78 16.21 -15.02
CA VAL A 731 -23.55 17.34 -15.53
C VAL A 731 -25.00 16.96 -15.67
N PHE A 732 -25.29 15.71 -16.02
CA PHE A 732 -26.68 15.31 -16.07
C PHE A 732 -27.30 15.11 -14.70
N PHE A 733 -26.51 14.72 -13.70
CA PHE A 733 -27.08 14.68 -12.36
C PHE A 733 -27.38 16.07 -11.83
N PHE A 734 -26.43 17.00 -11.97
CA PHE A 734 -26.64 18.38 -11.56
C PHE A 734 -27.81 19.00 -12.32
N LEU A 735 -27.91 18.70 -13.60
CA LEU A 735 -29.01 19.20 -14.41
C LEU A 735 -30.34 18.59 -13.99
N PHE A 736 -30.30 17.37 -13.45
CA PHE A 736 -31.51 16.80 -12.85
C PHE A 736 -31.87 17.53 -11.56
N PHE A 737 -30.88 17.87 -10.74
CA PHE A 737 -31.19 18.45 -9.44
C PHE A 737 -31.68 19.88 -9.60
N LEU A 738 -31.18 20.61 -10.60
CA LEU A 738 -31.84 21.85 -10.96
C LEU A 738 -33.17 21.60 -11.65
N GLY A 739 -33.33 20.45 -12.32
CA GLY A 739 -34.61 20.10 -12.88
C GLY A 739 -35.70 19.92 -11.85
N VAL A 740 -35.32 19.60 -10.62
CA VAL A 740 -36.27 19.62 -9.50
C VAL A 740 -36.34 21.00 -8.86
N TRP A 741 -35.19 21.59 -8.56
CA TRP A 741 -35.18 22.73 -7.65
C TRP A 741 -35.57 24.04 -8.33
N LEU A 742 -35.32 24.16 -9.64
CA LEU A 742 -35.84 25.29 -10.40
C LEU A 742 -37.35 25.25 -10.52
N VAL A 743 -37.94 24.06 -10.54
CA VAL A 743 -39.39 23.97 -10.56
C VAL A 743 -39.95 24.31 -9.20
N ALA A 744 -39.25 23.88 -8.14
CA ALA A 744 -39.73 24.14 -6.79
C ALA A 744 -39.70 25.63 -6.46
N TYR A 745 -38.50 26.22 -6.44
CA TYR A 745 -38.40 27.65 -6.21
C TYR A 745 -39.01 28.45 -7.34
N GLY A 746 -39.01 27.90 -8.54
CA GLY A 746 -39.48 28.63 -9.70
C GLY A 746 -40.98 28.84 -9.69
N VAL A 747 -41.74 27.77 -9.51
CA VAL A 747 -43.19 27.94 -9.48
C VAL A 747 -43.63 28.49 -8.13
N ALA A 748 -42.97 28.09 -7.06
CA ALA A 748 -43.37 28.59 -5.75
C ALA A 748 -42.95 30.02 -5.51
N THR A 749 -42.10 30.59 -6.38
CA THR A 749 -41.88 32.03 -6.37
C THR A 749 -43.17 32.76 -6.73
N GLU A 750 -43.85 32.31 -7.78
CA GLU A 750 -45.18 32.83 -8.04
C GLU A 750 -46.17 32.14 -7.13
N GLY A 751 -47.40 32.59 -7.19
CA GLY A 751 -48.32 32.22 -6.14
C GLY A 751 -48.14 33.10 -4.94
N LEU A 752 -46.96 33.07 -4.33
CA LEU A 752 -46.61 34.02 -3.28
C LEU A 752 -46.69 35.46 -3.79
N LEU A 753 -46.04 35.74 -4.91
CA LEU A 753 -46.06 37.11 -5.41
C LEU A 753 -47.17 37.31 -6.44
N ARG A 754 -47.50 36.25 -7.18
CA ARG A 754 -48.66 36.17 -8.08
C ARG A 754 -48.82 37.33 -9.08
N PRO A 755 -48.16 37.22 -10.22
CA PRO A 755 -48.18 38.29 -11.19
C PRO A 755 -49.56 38.57 -11.71
N ARG A 756 -49.71 39.78 -12.24
CA ARG A 756 -50.94 40.26 -12.85
C ARG A 756 -51.09 39.48 -14.12
N ASP A 757 -52.31 39.43 -14.67
CA ASP A 757 -52.49 38.58 -15.82
C ASP A 757 -51.32 38.74 -16.77
N SER A 758 -50.75 37.58 -17.08
CA SER A 758 -49.59 37.44 -17.93
C SER A 758 -49.81 36.22 -18.77
N ASP A 759 -49.12 36.17 -19.90
CA ASP A 759 -49.30 35.06 -20.82
C ASP A 759 -48.54 33.83 -20.32
N PHE A 760 -48.86 32.68 -20.91
CA PHE A 760 -48.15 31.45 -20.60
C PHE A 760 -46.64 31.49 -20.87
N PRO A 761 -46.11 32.11 -21.93
CA PRO A 761 -44.65 32.31 -21.96
C PRO A 761 -44.16 33.29 -20.91
N SER A 762 -44.99 34.23 -20.48
CA SER A 762 -44.56 35.14 -19.43
C SER A 762 -44.56 34.47 -18.07
N ILE A 763 -45.29 33.38 -17.90
CA ILE A 763 -45.18 32.62 -16.67
C ILE A 763 -44.07 31.59 -16.79
N LEU A 764 -43.89 31.02 -17.96
CA LEU A 764 -42.81 30.08 -18.24
C LEU A 764 -41.46 30.79 -18.43
N ARG A 765 -41.45 32.11 -18.33
CA ARG A 765 -40.26 32.94 -18.25
C ARG A 765 -39.92 33.29 -16.81
N ARG A 766 -40.93 33.57 -16.00
CA ARG A 766 -40.70 33.84 -14.60
C ARG A 766 -40.31 32.58 -13.84
N VAL A 767 -40.69 31.42 -14.37
CA VAL A 767 -40.12 30.15 -13.97
C VAL A 767 -39.11 29.81 -15.05
N PHE A 768 -38.08 29.04 -14.69
CA PHE A 768 -37.08 28.40 -15.55
C PHE A 768 -36.07 29.36 -16.15
N TYR A 769 -36.30 30.67 -16.10
CA TYR A 769 -35.33 31.58 -16.69
C TYR A 769 -34.84 32.62 -15.69
N ARG A 770 -35.76 33.31 -15.02
CA ARG A 770 -35.34 34.09 -13.86
C ARG A 770 -34.75 33.25 -12.74
N PRO A 771 -35.27 32.07 -12.37
CA PRO A 771 -34.54 31.28 -11.38
C PRO A 771 -33.31 30.60 -11.93
N TYR A 772 -33.14 30.51 -13.24
CA TYR A 772 -31.90 29.95 -13.76
C TYR A 772 -30.78 30.96 -13.68
N LEU A 773 -31.09 32.23 -13.88
CA LEU A 773 -30.07 33.25 -13.79
C LEU A 773 -29.84 33.74 -12.37
N GLN A 774 -30.56 33.20 -11.38
CA GLN A 774 -30.19 33.50 -10.00
C GLN A 774 -28.88 32.85 -9.63
N ILE A 775 -28.60 31.71 -10.26
CA ILE A 775 -27.44 30.89 -9.96
C ILE A 775 -26.17 31.64 -10.25
N PHE A 776 -26.17 32.37 -11.35
CA PHE A 776 -25.03 33.16 -11.76
C PHE A 776 -25.17 34.49 -11.03
N GLY A 777 -24.42 35.50 -11.45
CA GLY A 777 -24.48 36.77 -10.76
C GLY A 777 -25.67 37.58 -11.20
N GLN A 778 -26.86 37.12 -10.83
CA GLN A 778 -28.07 37.81 -11.24
C GLN A 778 -29.21 37.61 -10.27
N ILE A 779 -29.81 38.71 -9.84
CA ILE A 779 -30.94 38.64 -8.94
C ILE A 779 -31.71 39.91 -9.19
N PRO A 780 -32.69 39.88 -10.06
CA PRO A 780 -33.41 41.12 -10.35
C PRO A 780 -33.86 41.72 -9.03
N GLN A 781 -34.45 40.96 -8.12
CA GLN A 781 -34.80 41.61 -6.87
C GLN A 781 -35.93 42.60 -7.09
N GLU A 782 -35.71 43.51 -8.03
CA GLU A 782 -36.70 44.53 -8.35
C GLU A 782 -37.97 43.86 -8.80
N ASP A 783 -37.84 42.76 -9.53
CA ASP A 783 -39.01 42.04 -10.01
C ASP A 783 -39.84 41.59 -8.82
N MET A 784 -39.16 41.12 -7.77
CA MET A 784 -39.84 40.66 -6.54
C MET A 784 -39.50 41.64 -5.43
N ASP A 785 -39.39 41.13 -4.21
CA ASP A 785 -39.00 41.94 -3.05
C ASP A 785 -39.60 43.35 -3.15
N VAL A 786 -40.93 43.39 -3.01
CA VAL A 786 -41.77 44.57 -3.15
C VAL A 786 -41.30 45.79 -2.36
N ALA A 787 -40.61 45.59 -1.23
CA ALA A 787 -40.08 46.71 -0.45
C ALA A 787 -39.05 47.52 -1.24
N LEU A 788 -38.38 46.89 -2.21
CA LEU A 788 -37.55 47.65 -3.13
C LEU A 788 -38.40 48.32 -4.21
N MET A 789 -39.52 47.71 -4.58
CA MET A 789 -40.33 48.23 -5.66
C MET A 789 -41.15 49.43 -5.20
N GLU A 790 -41.88 50.02 -6.14
CA GLU A 790 -42.80 51.10 -5.82
C GLU A 790 -43.95 50.56 -4.99
N HIS A 791 -44.17 51.13 -3.81
CA HIS A 791 -45.23 50.64 -2.94
C HIS A 791 -46.63 50.97 -3.44
N SER A 792 -46.73 51.90 -4.38
CA SER A 792 -48.04 52.32 -4.85
C SER A 792 -48.78 51.15 -5.47
N ASN A 793 -50.11 51.28 -5.54
CA ASN A 793 -50.93 50.22 -6.09
C ASN A 793 -50.86 50.15 -7.62
N CYS A 794 -51.33 49.03 -8.16
CA CYS A 794 -51.55 48.89 -9.60
C CYS A 794 -53.01 48.69 -9.99
N SER A 795 -53.67 47.67 -9.45
CA SER A 795 -54.96 47.26 -9.96
C SER A 795 -55.97 47.20 -8.82
N SER A 796 -57.14 46.65 -9.14
CA SER A 796 -58.30 46.69 -8.26
C SER A 796 -58.61 45.36 -7.59
N GLU A 797 -57.73 44.37 -7.71
CA GLU A 797 -57.94 43.12 -7.01
C GLU A 797 -57.65 43.31 -5.53
N PRO A 798 -58.28 42.53 -4.64
CA PRO A 798 -58.02 42.70 -3.21
C PRO A 798 -56.62 42.23 -2.81
N GLY A 799 -55.98 43.02 -1.95
CA GLY A 799 -54.61 42.78 -1.55
C GLY A 799 -53.76 44.02 -1.72
N PHE A 800 -52.45 43.89 -1.55
CA PHE A 800 -51.56 45.03 -1.71
C PHE A 800 -50.63 44.75 -2.88
N TRP A 801 -50.70 45.64 -3.87
CA TRP A 801 -50.14 45.38 -5.19
C TRP A 801 -49.09 46.42 -5.49
N ALA A 802 -48.09 46.06 -6.29
CA ALA A 802 -46.87 46.86 -6.29
C ALA A 802 -46.58 47.57 -7.60
N HIS A 803 -46.73 46.90 -8.75
CA HIS A 803 -46.19 47.31 -10.05
C HIS A 803 -44.70 47.61 -9.95
N PRO A 804 -43.85 46.57 -9.91
CA PRO A 804 -42.43 46.80 -9.83
C PRO A 804 -41.90 47.26 -11.20
N PRO A 805 -40.71 47.83 -11.23
CA PRO A 805 -40.12 48.22 -12.52
C PRO A 805 -39.64 47.01 -13.31
N GLY A 806 -39.05 47.30 -14.47
CA GLY A 806 -38.66 46.26 -15.39
C GLY A 806 -39.77 45.92 -16.36
N ALA A 807 -39.40 45.16 -17.39
CA ALA A 807 -40.32 44.76 -18.44
C ALA A 807 -40.35 43.24 -18.54
N GLN A 808 -41.56 42.70 -18.68
CA GLN A 808 -41.87 41.27 -18.80
C GLN A 808 -41.35 40.44 -17.63
N ALA A 809 -41.18 41.05 -16.46
CA ALA A 809 -40.87 40.31 -15.25
C ALA A 809 -41.74 40.76 -14.08
N GLY A 810 -42.32 41.94 -14.16
CA GLY A 810 -43.16 42.45 -13.10
C GLY A 810 -44.61 42.42 -13.49
N THR A 811 -45.12 43.57 -13.95
CA THR A 811 -46.52 43.78 -14.35
C THR A 811 -47.46 43.47 -13.18
N CYS A 812 -47.40 44.34 -12.17
CA CYS A 812 -48.36 44.41 -11.06
C CYS A 812 -48.28 43.18 -10.16
N VAL A 813 -47.08 42.94 -9.65
CA VAL A 813 -46.84 41.91 -8.65
C VAL A 813 -47.55 42.29 -7.35
N SER A 814 -48.25 41.33 -6.75
CA SER A 814 -48.90 41.59 -5.48
C SER A 814 -47.90 41.40 -4.35
N GLN A 815 -48.41 41.47 -3.13
CA GLN A 815 -47.66 41.01 -1.97
C GLN A 815 -48.65 40.62 -0.88
N TYR A 816 -48.47 39.44 -0.31
CA TYR A 816 -49.04 39.12 0.99
C TYR A 816 -47.94 38.81 2.00
N ALA A 817 -47.08 37.87 1.67
CA ALA A 817 -45.90 37.60 2.46
C ALA A 817 -44.70 37.71 1.55
N ASN A 818 -43.81 38.64 1.86
CA ASN A 818 -42.50 38.66 1.23
C ASN A 818 -41.39 38.40 2.23
N TRP A 819 -41.71 37.79 3.37
CA TRP A 819 -40.66 37.02 4.00
C TRP A 819 -40.50 35.68 3.31
N LEU A 820 -41.51 35.24 2.57
CA LEU A 820 -41.38 33.97 1.88
C LEU A 820 -40.73 34.11 0.52
N VAL A 821 -40.91 35.22 -0.18
CA VAL A 821 -40.23 35.34 -1.46
C VAL A 821 -38.77 35.64 -1.25
N VAL A 822 -38.47 36.52 -0.30
CA VAL A 822 -37.08 36.79 0.06
C VAL A 822 -36.45 35.59 0.75
N LEU A 823 -37.21 34.88 1.57
CA LEU A 823 -36.64 33.74 2.28
C LEU A 823 -36.42 32.57 1.35
N LEU A 824 -37.28 32.40 0.35
CA LEU A 824 -37.00 31.38 -0.66
C LEU A 824 -35.93 31.83 -1.64
N LEU A 825 -35.71 33.13 -1.77
CA LEU A 825 -34.55 33.60 -2.52
C LEU A 825 -33.26 33.24 -1.80
N VAL A 826 -33.24 33.39 -0.47
CA VAL A 826 -32.07 33.03 0.32
C VAL A 826 -31.85 31.52 0.29
N ILE A 827 -32.92 30.73 0.41
CA ILE A 827 -32.76 29.28 0.39
C ILE A 827 -32.35 28.79 -1.00
N PHE A 828 -32.87 29.43 -2.06
CA PHE A 828 -32.46 29.05 -3.41
C PHE A 828 -31.00 29.39 -3.65
N LEU A 829 -30.54 30.54 -3.17
CA LEU A 829 -29.14 30.87 -3.40
C LEU A 829 -28.22 30.06 -2.51
N LEU A 830 -28.75 29.47 -1.44
CA LEU A 830 -27.90 28.61 -0.64
C LEU A 830 -27.87 27.19 -1.21
N VAL A 831 -28.92 26.76 -1.88
CA VAL A 831 -28.90 25.39 -2.41
C VAL A 831 -28.23 25.35 -3.77
N ALA A 832 -28.54 26.30 -4.63
CA ALA A 832 -28.06 26.20 -6.00
C ALA A 832 -26.72 26.87 -6.23
N ASN A 833 -26.09 27.45 -5.21
CA ASN A 833 -24.77 28.02 -5.37
C ASN A 833 -23.79 27.58 -4.31
N ILE A 834 -24.24 26.91 -3.27
CA ILE A 834 -23.37 26.48 -2.20
C ILE A 834 -23.47 24.97 -2.05
N LEU A 835 -24.68 24.43 -2.15
CA LEU A 835 -24.84 23.00 -1.95
C LEU A 835 -24.74 22.24 -3.27
N LEU A 836 -24.77 22.92 -4.40
CA LEU A 836 -24.76 22.22 -5.69
C LEU A 836 -23.47 22.37 -6.48
N VAL A 837 -23.08 23.61 -6.79
CA VAL A 837 -21.89 23.83 -7.58
C VAL A 837 -20.66 23.39 -6.82
N ASN A 838 -20.64 23.64 -5.52
CA ASN A 838 -19.56 23.16 -4.67
C ASN A 838 -19.67 21.68 -4.37
N LEU A 839 -20.62 20.99 -4.98
CA LEU A 839 -20.70 19.55 -4.97
C LEU A 839 -20.49 18.94 -6.34
N LEU A 840 -20.79 19.68 -7.41
CA LEU A 840 -20.27 19.30 -8.71
C LEU A 840 -18.76 19.26 -8.73
N ILE A 841 -18.12 20.24 -8.09
CA ILE A 841 -16.66 20.23 -8.10
C ILE A 841 -16.12 19.05 -7.31
N ALA A 842 -16.87 18.57 -6.32
CA ALA A 842 -16.53 17.29 -5.70
C ALA A 842 -16.71 16.14 -6.66
N MET A 843 -17.72 16.19 -7.53
CA MET A 843 -17.95 15.05 -8.43
C MET A 843 -16.95 15.01 -9.58
N PHE A 844 -16.70 16.15 -10.23
CA PHE A 844 -15.66 16.21 -11.24
C PHE A 844 -14.30 15.91 -10.63
N SER A 845 -14.04 16.49 -9.46
CA SER A 845 -12.75 16.29 -8.80
C SER A 845 -12.58 14.88 -8.27
N TYR A 846 -13.65 14.10 -8.20
CA TYR A 846 -13.49 12.68 -7.88
C TYR A 846 -13.35 11.83 -9.13
N THR A 847 -14.20 12.05 -10.13
CA THR A 847 -14.15 11.19 -11.32
C THR A 847 -12.92 11.46 -12.19
N PHE A 848 -12.27 12.61 -12.03
CA PHE A 848 -11.15 12.93 -12.90
C PHE A 848 -9.94 12.05 -12.64
N GLY A 849 -9.80 11.47 -11.45
CA GLY A 849 -8.68 10.59 -11.20
C GLY A 849 -8.79 9.27 -11.92
N LYS A 850 -9.90 8.57 -11.66
CA LYS A 850 -10.14 7.26 -12.24
C LYS A 850 -10.26 7.35 -13.76
N VAL A 851 -11.06 8.31 -14.23
CA VAL A 851 -11.20 8.58 -15.65
C VAL A 851 -9.89 9.03 -16.27
N GLN A 852 -9.04 9.74 -15.49
CA GLN A 852 -7.74 10.19 -15.98
C GLN A 852 -6.85 9.02 -16.35
N GLY A 853 -6.67 8.08 -15.42
CA GLY A 853 -5.88 6.91 -15.73
C GLY A 853 -6.43 6.04 -16.84
N ASN A 854 -7.70 5.63 -16.69
CA ASN A 854 -8.28 4.66 -17.60
C ASN A 854 -8.47 5.24 -19.00
N SER A 855 -8.99 6.45 -19.11
CA SER A 855 -9.20 7.02 -20.43
C SER A 855 -7.96 7.65 -21.01
N ASP A 856 -6.93 7.92 -20.20
CA ASP A 856 -5.62 8.19 -20.76
C ASP A 856 -5.13 6.98 -21.53
N LEU A 857 -5.26 5.79 -20.91
CA LEU A 857 -4.84 4.56 -21.60
C LEU A 857 -5.71 4.27 -22.82
N TYR A 858 -7.02 4.50 -22.73
CA TYR A 858 -7.89 4.22 -23.87
C TYR A 858 -7.67 5.20 -25.02
N TRP A 859 -7.30 6.44 -24.70
CA TRP A 859 -6.85 7.35 -25.76
C TRP A 859 -5.58 6.84 -26.42
N LYS A 860 -4.62 6.39 -25.60
CA LYS A 860 -3.38 5.81 -26.12
C LYS A 860 -3.64 4.64 -27.04
N ALA A 861 -4.71 3.88 -26.81
CA ALA A 861 -5.09 2.83 -27.74
C ALA A 861 -5.75 3.38 -29.00
N GLN A 862 -6.57 4.43 -28.91
CA GLN A 862 -7.22 4.93 -30.13
C GLN A 862 -6.29 5.73 -31.02
N ARG A 863 -5.10 6.06 -30.52
CA ARG A 863 -4.14 6.89 -31.25
C ARG A 863 -3.78 6.30 -32.60
N TYR A 864 -3.47 5.01 -32.65
CA TYR A 864 -2.99 4.39 -33.89
C TYR A 864 -4.05 4.40 -35.00
N ARG A 865 -5.31 4.15 -34.65
CA ARG A 865 -6.41 4.28 -35.60
C ARG A 865 -6.47 5.71 -36.12
N LEU A 866 -6.25 6.69 -35.23
CA LEU A 866 -6.18 8.06 -35.71
C LEU A 866 -4.92 8.34 -36.51
N ILE A 867 -3.88 7.51 -36.40
CA ILE A 867 -2.71 7.73 -37.26
C ILE A 867 -2.97 7.21 -38.65
N ARG A 868 -3.63 6.07 -38.74
CA ARG A 868 -3.97 5.51 -40.03
C ARG A 868 -4.97 6.36 -40.79
N GLU A 869 -5.97 6.92 -40.10
CA GLU A 869 -6.98 7.69 -40.80
C GLU A 869 -6.55 9.10 -41.14
N PHE A 870 -5.34 9.51 -40.74
CA PHE A 870 -4.67 10.66 -41.34
C PHE A 870 -3.51 10.24 -42.22
N HIS A 871 -3.53 9.02 -42.75
CA HIS A 871 -2.57 8.59 -43.74
C HIS A 871 -3.22 8.21 -45.05
N SER A 872 -4.48 7.79 -45.01
CA SER A 872 -5.28 7.55 -46.20
C SER A 872 -5.99 8.82 -46.66
N ARG A 873 -5.74 9.94 -46.01
CA ARG A 873 -6.27 11.21 -46.46
C ARG A 873 -5.61 11.60 -47.78
N PRO A 874 -6.30 12.33 -48.64
CA PRO A 874 -5.81 12.52 -50.01
C PRO A 874 -4.73 13.58 -50.21
N ALA A 875 -3.99 13.95 -49.16
CA ALA A 875 -2.78 14.78 -49.24
C ALA A 875 -3.09 16.18 -49.79
N LEU A 876 -3.74 16.96 -48.92
CA LEU A 876 -4.14 18.35 -49.14
C LEU A 876 -5.16 18.47 -50.27
N ALA A 877 -6.25 17.72 -50.09
CA ALA A 877 -7.48 17.87 -50.85
C ALA A 877 -8.44 18.96 -50.38
N PRO A 878 -8.80 19.13 -49.08
CA PRO A 878 -9.89 20.09 -48.75
C PRO A 878 -9.59 21.57 -48.94
N PRO A 879 -8.31 22.14 -48.72
CA PRO A 879 -8.20 23.61 -48.87
C PRO A 879 -8.44 24.11 -50.29
N PHE A 880 -7.80 23.46 -51.26
CA PHE A 880 -8.10 23.67 -52.65
C PHE A 880 -9.33 22.87 -53.03
N ILE A 881 -9.51 22.71 -54.34
CA ILE A 881 -10.45 21.72 -54.82
C ILE A 881 -10.01 20.33 -54.38
N VAL A 882 -10.96 19.43 -54.20
CA VAL A 882 -10.57 18.04 -54.02
C VAL A 882 -10.45 17.50 -55.43
N ILE A 883 -9.28 17.73 -56.03
CA ILE A 883 -8.95 17.16 -57.33
C ILE A 883 -8.75 15.66 -57.18
N SER A 884 -8.26 15.24 -56.02
CA SER A 884 -7.94 13.84 -55.80
C SER A 884 -9.18 12.98 -55.59
N HIS A 885 -10.36 13.58 -55.47
CA HIS A 885 -11.56 12.78 -55.69
C HIS A 885 -11.70 12.40 -57.16
N LEU A 886 -11.35 13.31 -58.06
CA LEU A 886 -11.39 12.99 -59.48
C LEU A 886 -10.23 12.07 -59.85
N ARG A 887 -9.08 12.24 -59.21
CA ARG A 887 -7.94 11.35 -59.43
C ARG A 887 -8.26 9.95 -58.92
N LEU A 888 -8.78 9.84 -57.71
CA LEU A 888 -9.20 8.56 -57.16
C LEU A 888 -10.57 8.10 -57.67
N LEU A 889 -11.14 8.80 -58.65
CA LEU A 889 -12.22 8.24 -59.45
C LEU A 889 -11.71 7.76 -60.79
N LEU A 890 -10.72 8.45 -61.38
CA LEU A 890 -10.04 7.96 -62.57
C LEU A 890 -9.20 6.72 -62.30
N ARG A 891 -8.85 6.45 -61.03
CA ARG A 891 -8.26 5.15 -60.71
C ARG A 891 -9.31 4.05 -60.62
N GLN A 892 -10.59 4.36 -60.87
CA GLN A 892 -11.66 3.37 -60.92
C GLN A 892 -12.32 3.30 -62.29
N LEU A 893 -11.58 3.55 -63.36
CA LEU A 893 -12.11 3.49 -64.70
C LEU A 893 -11.12 2.83 -65.66
N LYS A 916 13.10 -13.02 -46.77
CA LYS A 916 14.51 -12.70 -46.97
C LYS A 916 15.38 -13.33 -45.90
N GLU A 917 16.70 -13.22 -46.08
CA GLU A 917 17.63 -13.70 -45.07
C GLU A 917 17.62 -12.79 -43.84
N ALA A 918 17.46 -11.49 -44.05
CA ALA A 918 17.40 -10.56 -42.92
C ALA A 918 16.14 -10.75 -42.10
N GLU A 919 15.07 -11.25 -42.71
CA GLU A 919 13.87 -11.58 -41.94
C GLU A 919 14.13 -12.75 -41.01
N ARG A 920 14.86 -13.77 -41.48
CA ARG A 920 15.29 -14.84 -40.60
C ARG A 920 16.28 -14.36 -39.55
N LYS A 921 17.04 -13.31 -39.86
CA LYS A 921 17.89 -12.70 -38.84
C LYS A 921 17.06 -12.02 -37.76
N LEU A 922 15.96 -11.37 -38.16
CA LEU A 922 15.06 -10.80 -37.16
C LEU A 922 14.39 -11.87 -36.33
N LEU A 923 13.99 -12.98 -36.94
CA LEU A 923 13.32 -14.01 -36.18
C LEU A 923 14.27 -14.73 -35.22
N THR A 924 15.52 -14.95 -35.62
CA THR A 924 16.44 -15.56 -34.66
C THR A 924 16.85 -14.57 -33.59
N TRP A 925 16.85 -13.27 -33.90
CA TRP A 925 17.12 -12.27 -32.87
C TRP A 925 15.99 -12.22 -31.85
N GLU A 926 14.76 -12.26 -32.35
CA GLU A 926 13.58 -12.29 -31.49
C GLU A 926 13.54 -13.54 -30.63
N SER A 927 13.98 -14.67 -31.18
CA SER A 927 14.00 -15.89 -30.38
C SER A 927 15.11 -15.85 -29.33
N VAL A 928 16.21 -15.14 -29.62
CA VAL A 928 17.26 -14.98 -28.62
C VAL A 928 16.76 -14.15 -27.45
N HIS A 929 16.13 -13.01 -27.72
CA HIS A 929 15.57 -12.26 -26.60
C HIS A 929 14.36 -12.92 -25.97
N LYS A 930 13.72 -13.86 -26.66
CA LYS A 930 12.64 -14.61 -26.03
C LYS A 930 13.17 -15.63 -25.04
N GLU A 931 14.27 -16.31 -25.40
CA GLU A 931 14.91 -17.23 -24.45
C GLU A 931 15.47 -16.47 -23.26
N ASN A 932 16.19 -15.38 -23.52
CA ASN A 932 16.73 -14.60 -22.42
C ASN A 932 15.67 -13.81 -21.67
N PHE A 933 14.44 -13.73 -22.19
CA PHE A 933 13.34 -13.27 -21.36
C PHE A 933 12.79 -14.39 -20.49
N LEU A 934 12.67 -15.60 -21.03
CA LEU A 934 12.09 -16.68 -20.24
C LEU A 934 12.99 -17.18 -19.14
N LEU A 935 14.30 -16.96 -19.21
CA LEU A 935 15.14 -17.32 -18.07
C LEU A 935 14.93 -16.35 -16.91
N ALA A 936 14.86 -15.05 -17.19
CA ALA A 936 14.52 -14.08 -16.16
C ALA A 936 13.08 -14.24 -15.68
N ARG A 937 12.21 -14.80 -16.51
CA ARG A 937 10.94 -15.32 -16.02
C ARG A 937 11.19 -16.50 -15.07
N ALA A 938 12.24 -17.28 -15.32
CA ALA A 938 12.61 -18.39 -14.45
C ALA A 938 13.67 -17.97 -13.44
N ARG A 939 13.63 -16.70 -13.02
CA ARG A 939 14.04 -16.33 -11.67
C ARG A 939 12.89 -16.44 -10.68
N ASP A 940 11.80 -17.09 -11.09
CA ASP A 940 10.81 -17.65 -10.17
C ASP A 940 11.42 -18.75 -9.33
N LYS A 941 12.46 -19.41 -9.84
CA LYS A 941 13.14 -20.48 -9.11
C LYS A 941 13.88 -19.94 -7.90
N ARG A 942 14.38 -18.71 -7.98
CA ARG A 942 15.05 -18.09 -6.86
C ARG A 942 14.14 -17.18 -6.04
N GLU A 943 12.83 -17.22 -6.30
CA GLU A 943 11.90 -16.41 -5.53
C GLU A 943 11.68 -17.03 -4.16
N SER A 944 11.95 -16.26 -3.11
CA SER A 944 11.84 -16.75 -1.75
C SER A 944 10.45 -17.11 -1.29
N ASP A 945 9.46 -16.61 -1.99
CA ASP A 945 8.09 -16.79 -1.51
C ASP A 945 7.71 -18.25 -1.44
N SER A 946 7.73 -18.93 -2.58
CA SER A 946 7.25 -20.30 -2.62
C SER A 946 8.38 -21.28 -2.95
N GLU A 947 9.09 -21.02 -4.05
CA GLU A 947 9.93 -22.04 -4.66
C GLU A 947 11.12 -22.40 -3.78
N ARG A 948 11.75 -21.41 -3.16
CA ARG A 948 12.89 -21.69 -2.30
C ARG A 948 12.44 -22.35 -1.00
N LEU A 949 11.34 -21.85 -0.45
CA LEU A 949 10.78 -22.39 0.79
C LEU A 949 10.28 -23.82 0.65
N LYS A 950 9.56 -24.12 -0.42
CA LYS A 950 9.08 -25.48 -0.63
C LYS A 950 10.21 -26.39 -1.12
N ARG A 951 11.25 -25.82 -1.72
CA ARG A 951 12.45 -26.60 -1.98
C ARG A 951 13.11 -27.03 -0.67
N THR A 952 13.16 -26.13 0.32
CA THR A 952 13.68 -26.54 1.62
C THR A 952 12.78 -27.56 2.30
N SER A 953 11.47 -27.48 2.09
CA SER A 953 10.57 -28.46 2.69
C SER A 953 10.81 -29.84 2.09
N GLN A 954 10.93 -29.92 0.77
CA GLN A 954 11.11 -31.23 0.13
C GLN A 954 12.49 -31.81 0.41
N LYS A 955 13.52 -30.97 0.52
CA LYS A 955 14.83 -31.51 0.85
C LYS A 955 14.90 -31.93 2.32
N VAL A 956 14.12 -31.29 3.18
CA VAL A 956 13.98 -31.79 4.54
C VAL A 956 13.22 -33.12 4.55
N ASP A 957 12.28 -33.30 3.62
CA ASP A 957 11.58 -34.58 3.52
C ASP A 957 12.52 -35.70 3.08
N LEU A 958 13.44 -35.41 2.16
CA LEU A 958 14.47 -36.40 1.82
C LEU A 958 15.38 -36.65 3.00
N ALA A 959 15.63 -35.63 3.82
CA ALA A 959 16.40 -35.84 5.04
C ALA A 959 15.68 -36.75 6.02
N LEU A 960 14.34 -36.68 6.08
CA LEU A 960 13.59 -37.55 6.99
C LEU A 960 13.52 -38.98 6.48
N LYS A 961 13.39 -39.15 5.17
CA LYS A 961 13.44 -40.49 4.58
C LYS A 961 14.80 -41.14 4.83
N GLN A 962 15.87 -40.37 4.64
CA GLN A 962 17.20 -40.94 4.79
C GLN A 962 17.55 -41.18 6.26
N LEU A 963 17.25 -40.10 7.00
CA LEU A 963 17.37 -40.30 8.43
C LEU A 963 16.67 -41.64 8.75
N GLY A 964 15.28 -42.22 8.24
CA GLY A 964 14.46 -43.42 8.48
C GLY A 964 15.24 -44.64 8.02
N HIS A 965 15.94 -44.53 6.89
CA HIS A 965 16.78 -45.63 6.43
C HIS A 965 17.94 -45.90 7.38
N ILE A 966 18.63 -44.85 7.84
CA ILE A 966 19.77 -45.14 8.70
C ILE A 966 19.32 -45.49 10.11
N ARG A 967 18.11 -45.12 10.50
CA ARG A 967 17.61 -45.54 11.80
C ARG A 967 17.21 -47.02 11.77
N GLU A 968 16.62 -47.47 10.66
CA GLU A 968 16.44 -48.91 10.46
C GLU A 968 17.77 -49.63 10.37
N TYR A 969 18.80 -48.97 9.83
CA TYR A 969 20.13 -49.55 9.80
C TYR A 969 20.76 -49.59 11.19
N GLU A 970 20.62 -48.67 12.23
CA GLU A 970 21.01 -48.81 13.63
C GLU A 970 20.23 -49.93 14.30
N GLN A 971 18.82 -50.21 13.75
CA GLN A 971 17.87 -51.32 14.29
C GLN A 971 18.43 -52.69 13.92
N ARG A 972 18.82 -52.85 12.65
CA ARG A 972 19.36 -54.12 12.18
C ARG A 972 20.73 -54.44 12.75
N LEU A 973 21.50 -53.44 13.18
CA LEU A 973 22.85 -53.66 13.67
C LEU A 973 22.94 -53.55 15.20
N LYS A 974 21.92 -54.00 15.92
CA LYS A 974 21.99 -54.06 17.39
C LYS A 974 22.56 -55.43 17.80
N VAL A 975 23.84 -55.61 17.49
CA VAL A 975 24.51 -56.89 17.69
C VAL A 975 25.62 -56.76 18.74
N UNK B 1 54.30 -55.74 -30.19
CA UNK B 1 54.90 -55.47 -28.89
C UNK B 1 53.88 -54.90 -27.92
N UNK B 2 53.90 -55.39 -26.68
CA UNK B 2 52.93 -54.95 -25.70
C UNK B 2 53.24 -53.57 -25.14
N UNK B 3 54.45 -53.37 -24.59
CA UNK B 3 54.82 -52.11 -23.96
C UNK B 3 55.64 -51.21 -24.87
N UNK B 4 55.33 -51.21 -26.17
CA UNK B 4 56.05 -50.36 -27.11
C UNK B 4 55.70 -48.89 -26.90
N UNK B 5 54.41 -48.60 -26.73
CA UNK B 5 54.00 -47.23 -26.46
C UNK B 5 54.02 -46.91 -24.97
N UNK B 6 53.68 -47.87 -24.11
CA UNK B 6 53.64 -47.65 -22.67
C UNK B 6 55.02 -47.45 -22.05
N UNK B 7 56.10 -47.72 -22.79
CA UNK B 7 57.44 -47.36 -22.33
C UNK B 7 57.74 -45.88 -22.53
N UNK B 8 56.89 -45.16 -23.26
CA UNK B 8 57.08 -43.75 -23.54
C UNK B 8 56.31 -42.88 -22.54
N UNK B 9 56.15 -43.37 -21.31
CA UNK B 9 55.42 -42.66 -20.27
C UNK B 9 56.39 -41.82 -19.47
N UNK B 10 56.82 -40.69 -20.06
CA UNK B 10 57.60 -39.69 -19.34
C UNK B 10 56.63 -38.94 -18.43
N UNK B 11 56.37 -39.52 -17.25
CA UNK B 11 55.24 -39.13 -16.40
C UNK B 11 55.54 -37.83 -15.66
N UNK B 12 55.21 -36.73 -16.32
CA UNK B 12 55.05 -35.44 -15.67
C UNK B 12 53.64 -34.89 -15.83
N UNK B 13 53.11 -34.86 -17.05
CA UNK B 13 51.69 -34.71 -17.31
C UNK B 13 50.93 -36.03 -17.18
N UNK B 14 51.56 -37.13 -17.59
CA UNK B 14 50.99 -38.45 -17.38
C UNK B 14 50.98 -38.85 -15.92
N UNK B 15 51.92 -38.33 -15.12
CA UNK B 15 51.85 -38.49 -13.68
C UNK B 15 50.63 -37.77 -13.12
N UNK B 16 50.31 -36.61 -13.70
CA UNK B 16 49.06 -35.95 -13.34
C UNK B 16 47.86 -36.69 -13.91
N UNK B 17 48.06 -37.47 -14.98
CA UNK B 17 46.97 -38.25 -15.53
C UNK B 17 46.62 -39.42 -14.61
N UNK B 18 47.63 -40.14 -14.12
CA UNK B 18 47.37 -41.19 -13.16
C UNK B 18 46.97 -40.63 -11.80
N UNK B 19 47.42 -39.41 -11.50
CA UNK B 19 46.92 -38.71 -10.32
C UNK B 19 45.44 -38.42 -10.46
N UNK B 20 45.00 -38.09 -11.68
CA UNK B 20 43.58 -37.94 -11.92
C UNK B 20 42.87 -39.28 -12.00
N UNK B 21 43.61 -40.37 -12.24
CA UNK B 21 42.99 -41.69 -12.20
C UNK B 21 42.68 -42.09 -10.77
N UNK B 22 43.63 -41.88 -9.86
CA UNK B 22 43.40 -42.21 -8.46
C UNK B 22 42.41 -41.26 -7.81
N UNK B 23 42.59 -39.95 -8.05
CA UNK B 23 41.71 -38.96 -7.43
C UNK B 23 40.32 -38.96 -8.05
N UNK B 24 40.24 -39.19 -9.37
CA UNK B 24 38.94 -39.35 -10.00
C UNK B 24 38.30 -40.68 -9.63
N UNK B 25 39.10 -41.67 -9.27
CA UNK B 25 38.56 -42.97 -8.89
C UNK B 25 38.22 -43.01 -7.40
N UNK B 26 39.07 -42.42 -6.56
CA UNK B 26 38.81 -42.39 -5.12
C UNK B 26 39.09 -41.00 -4.55
N UNK B 27 41.35 -49.24 -25.62
CA UNK B 27 41.88 -49.83 -26.84
C UNK B 27 43.35 -49.47 -27.03
N UNK B 28 44.01 -50.14 -27.98
CA UNK B 28 45.41 -49.84 -28.26
C UNK B 28 45.57 -48.48 -28.93
N UNK B 29 44.58 -48.08 -29.75
CA UNK B 29 44.63 -46.76 -30.37
C UNK B 29 44.39 -45.66 -29.35
N UNK B 30 43.72 -45.98 -28.24
CA UNK B 30 43.62 -45.03 -27.14
C UNK B 30 44.95 -44.84 -26.43
N UNK B 31 45.73 -45.91 -26.29
CA UNK B 31 47.07 -45.79 -25.71
C UNK B 31 48.01 -45.05 -26.66
N UNK B 32 47.85 -45.26 -27.96
CA UNK B 32 48.62 -44.48 -28.92
C UNK B 32 48.18 -43.02 -28.94
N UNK B 33 46.91 -42.76 -28.65
CA UNK B 33 46.43 -41.38 -28.59
C UNK B 33 46.93 -40.67 -27.35
N UNK B 34 46.95 -41.37 -26.21
CA UNK B 34 47.49 -40.77 -25.00
C UNK B 34 49.01 -40.63 -25.08
N UNK B 35 49.67 -41.53 -25.80
CA UNK B 35 51.12 -41.40 -25.95
C UNK B 35 51.49 -40.28 -26.92
N UNK B 36 50.76 -40.16 -28.03
CA UNK B 36 51.01 -39.08 -28.97
C UNK B 36 50.59 -37.73 -28.40
N UNK B 37 49.59 -37.73 -27.52
CA UNK B 37 49.19 -36.48 -26.87
C UNK B 37 50.16 -36.09 -25.77
N UNK B 38 50.62 -37.06 -24.97
CA UNK B 38 51.52 -36.76 -23.88
C UNK B 38 52.95 -36.59 -24.37
N UNK B 39 53.21 -36.91 -25.64
CA UNK B 39 54.48 -36.55 -26.25
C UNK B 39 54.63 -35.05 -26.33
N UNK B 40 53.54 -34.33 -26.60
CA UNK B 40 53.50 -32.89 -26.45
C UNK B 40 52.96 -32.56 -25.06
N UNK B 41 52.92 -31.27 -24.74
CA UNK B 41 52.35 -30.84 -23.47
C UNK B 41 50.83 -30.80 -23.58
N UNK B 42 50.16 -31.79 -23.00
CA UNK B 42 48.71 -31.88 -23.09
C UNK B 42 48.00 -31.96 -21.75
N UNK B 43 48.68 -32.35 -20.66
CA UNK B 43 48.16 -32.38 -19.29
C UNK B 43 46.91 -33.27 -19.18
N UNK B 44 47.07 -34.55 -19.48
CA UNK B 44 45.93 -35.44 -19.60
C UNK B 44 45.43 -35.89 -18.23
N UNK B 45 44.34 -36.65 -18.26
CA UNK B 45 43.76 -37.30 -17.09
C UNK B 45 43.61 -38.79 -17.40
N UNK B 46 43.12 -39.54 -16.42
CA UNK B 46 42.83 -40.95 -16.59
C UNK B 46 41.77 -41.42 -15.62
N UNK B 47 41.45 -42.71 -15.69
CA UNK B 47 40.40 -43.34 -14.90
C UNK B 47 40.66 -44.84 -14.83
N UNK B 48 39.64 -45.59 -14.43
CA UNK B 48 39.72 -47.05 -14.40
C UNK B 48 39.01 -47.62 -15.63
N UNK B 49 39.78 -48.05 -16.63
CA UNK B 49 39.21 -48.57 -17.87
C UNK B 49 40.20 -49.50 -18.52
N UNK B 50 39.93 -49.84 -19.78
CA UNK B 50 40.74 -50.83 -20.49
C UNK B 50 42.13 -50.29 -20.81
N UNK B 51 42.19 -49.22 -21.60
CA UNK B 51 43.46 -48.57 -21.88
C UNK B 51 43.93 -47.66 -20.76
N UNK B 52 43.07 -47.41 -19.77
CA UNK B 52 43.38 -46.40 -18.76
C UNK B 52 44.05 -47.01 -17.53
N UNK B 53 43.46 -48.08 -16.98
CA UNK B 53 44.01 -48.69 -15.79
C UNK B 53 45.32 -49.42 -16.04
N UNK B 54 45.58 -49.85 -17.28
CA UNK B 54 46.90 -50.36 -17.62
C UNK B 54 47.92 -49.23 -17.62
N UNK B 55 47.50 -48.02 -17.96
CA UNK B 55 48.38 -46.87 -17.80
C UNK B 55 48.51 -46.47 -16.34
N UNK B 56 47.49 -46.75 -15.53
CA UNK B 56 47.60 -46.54 -14.09
C UNK B 56 48.57 -47.52 -13.46
N UNK B 57 48.66 -48.74 -14.00
CA UNK B 57 49.71 -49.65 -13.58
C UNK B 57 51.05 -49.25 -14.16
N UNK B 58 51.05 -48.51 -15.28
CA UNK B 58 52.28 -48.02 -15.88
C UNK B 58 52.85 -46.80 -15.18
N UNK B 59 52.11 -46.22 -14.23
CA UNK B 59 52.64 -45.16 -13.38
C UNK B 59 52.65 -45.59 -11.92
N UNK B 60 51.52 -46.10 -11.41
CA UNK B 60 51.46 -46.60 -10.04
C UNK B 60 51.56 -48.11 -10.03
N UNK B 61 43.11 -39.06 -31.67
CA UNK B 61 42.34 -39.50 -32.82
C UNK B 61 42.88 -38.85 -34.09
N UNK B 62 42.08 -37.97 -34.69
CA UNK B 62 42.50 -37.29 -35.90
C UNK B 62 43.59 -36.27 -35.58
N UNK B 63 44.27 -35.82 -36.64
CA UNK B 63 45.30 -34.80 -36.47
C UNK B 63 44.68 -33.44 -36.12
N UNK B 64 43.44 -33.20 -36.54
CA UNK B 64 42.73 -31.99 -36.14
C UNK B 64 42.33 -32.02 -34.67
N UNK B 65 42.25 -33.19 -34.05
CA UNK B 65 41.92 -33.25 -32.63
C UNK B 65 43.12 -32.83 -31.79
N UNK B 66 44.29 -33.40 -32.05
CA UNK B 66 45.47 -33.01 -31.31
C UNK B 66 46.00 -31.64 -31.72
N UNK B 67 45.73 -31.21 -32.95
CA UNK B 67 46.14 -29.87 -33.37
C UNK B 67 45.18 -28.82 -32.83
N UNK B 68 43.89 -29.15 -32.75
CA UNK B 68 42.94 -28.22 -32.15
C UNK B 68 43.09 -28.14 -30.65
N UNK B 69 43.44 -29.26 -30.01
CA UNK B 69 43.73 -29.22 -28.59
C UNK B 69 45.06 -28.54 -28.30
N UNK B 70 46.03 -28.66 -29.22
CA UNK B 70 47.30 -27.99 -29.01
C UNK B 70 47.19 -26.48 -29.21
N UNK B 71 46.56 -26.06 -30.31
CA UNK B 71 46.42 -24.63 -30.58
C UNK B 71 45.40 -24.01 -29.64
N UNK B 72 44.44 -24.78 -29.15
CA UNK B 72 43.55 -24.27 -28.11
C UNK B 72 44.25 -24.23 -26.76
N UNK B 73 45.26 -25.07 -26.55
CA UNK B 73 46.03 -25.05 -25.32
C UNK B 73 47.17 -24.05 -25.35
N UNK B 74 47.45 -23.44 -26.50
CA UNK B 74 48.51 -22.44 -26.57
C UNK B 74 48.00 -21.01 -26.55
N UNK B 75 46.68 -20.81 -26.46
CA UNK B 75 46.13 -19.48 -26.64
C UNK B 75 45.95 -18.75 -25.32
N UNK B 76 45.29 -17.60 -25.40
CA UNK B 76 45.09 -16.73 -24.23
C UNK B 76 43.86 -17.16 -23.45
N UNK B 77 43.74 -16.65 -22.22
CA UNK B 77 42.61 -17.04 -21.38
C UNK B 77 41.45 -16.05 -21.50
N UNK B 78 41.72 -14.76 -21.32
CA UNK B 78 40.64 -13.79 -21.30
C UNK B 78 41.14 -12.42 -21.69
N UNK B 79 40.32 -11.71 -22.48
CA UNK B 79 40.46 -10.28 -22.81
C UNK B 79 41.78 -9.95 -23.50
N UNK B 80 42.35 -10.93 -24.21
CA UNK B 80 43.66 -10.84 -24.88
C UNK B 80 44.78 -10.44 -23.93
N UNK B 81 44.62 -10.80 -22.65
CA UNK B 81 45.50 -10.40 -21.58
C UNK B 81 46.11 -11.60 -20.88
N UNK B 82 46.68 -12.53 -21.65
CA UNK B 82 46.59 -13.99 -21.54
C UNK B 82 46.60 -14.48 -20.10
N UNK B 83 47.66 -14.24 -19.32
CA UNK B 83 47.80 -14.47 -17.89
C UNK B 83 47.72 -15.94 -17.46
N UNK B 84 47.37 -16.84 -18.39
CA UNK B 84 47.19 -18.26 -18.16
C UNK B 84 46.96 -18.91 -19.52
N UNK B 85 47.59 -20.04 -19.75
CA UNK B 85 47.24 -20.87 -20.89
C UNK B 85 45.95 -21.60 -20.57
N UNK B 86 45.05 -21.68 -21.56
CA UNK B 86 43.78 -22.37 -21.37
C UNK B 86 44.01 -23.83 -21.06
N UNK B 87 43.69 -24.22 -19.82
CA UNK B 87 44.15 -25.48 -19.26
C UNK B 87 43.39 -26.64 -19.88
N UNK B 88 43.84 -27.10 -21.04
CA UNK B 88 43.24 -28.23 -21.72
C UNK B 88 43.65 -29.53 -21.03
N UNK B 89 42.66 -30.34 -20.67
CA UNK B 89 42.91 -31.65 -20.08
C UNK B 89 42.06 -32.67 -20.81
N UNK B 90 42.49 -33.93 -20.77
CA UNK B 90 41.81 -35.00 -21.49
C UNK B 90 41.48 -36.13 -20.53
N UNK B 91 40.21 -36.29 -20.20
CA UNK B 91 39.73 -37.35 -19.31
C UNK B 91 39.56 -38.62 -20.12
N UNK B 92 40.42 -39.60 -19.87
CA UNK B 92 40.38 -40.87 -20.60
C UNK B 92 39.58 -41.91 -19.81
N UNK B 93 38.26 -41.76 -19.86
CA UNK B 93 37.39 -42.69 -19.15
C UNK B 93 36.83 -43.74 -20.09
N UNK B 94 36.32 -43.32 -21.26
CA UNK B 94 35.71 -44.25 -22.20
C UNK B 94 36.56 -44.44 -23.45
N UNK B 95 36.81 -43.38 -24.22
CA UNK B 95 37.94 -43.41 -25.14
C UNK B 95 38.88 -42.26 -24.84
N UNK B 96 38.40 -41.03 -25.05
CA UNK B 96 39.07 -39.80 -24.69
C UNK B 96 38.06 -38.67 -24.77
N UNK B 97 37.74 -38.08 -23.63
CA UNK B 97 36.86 -36.91 -23.58
C UNK B 97 37.73 -35.72 -23.16
N UNK B 98 38.23 -34.99 -24.15
CA UNK B 98 39.07 -33.83 -23.86
C UNK B 98 38.22 -32.70 -23.30
N UNK B 99 38.70 -32.08 -22.23
CA UNK B 99 37.97 -31.02 -21.54
C UNK B 99 38.85 -29.78 -21.47
N UNK B 100 38.64 -28.83 -22.36
CA UNK B 100 39.32 -27.55 -22.27
C UNK B 100 38.67 -26.69 -21.19
N UNK B 101 39.48 -25.88 -20.51
CA UNK B 101 39.03 -25.27 -19.26
C UNK B 101 38.09 -24.11 -19.49
N UNK B 102 38.56 -23.02 -20.10
CA UNK B 102 37.77 -21.82 -20.27
C UNK B 102 37.40 -21.54 -21.72
N UNK B 103 38.40 -21.38 -22.58
CA UNK B 103 38.32 -21.46 -24.04
C UNK B 103 37.61 -20.30 -24.73
N UNK B 104 36.97 -19.42 -23.96
CA UNK B 104 36.28 -18.21 -24.44
C UNK B 104 35.29 -18.51 -25.55
N UNK B 105 34.59 -19.64 -25.45
CA UNK B 105 33.88 -20.23 -26.58
C UNK B 105 32.53 -19.59 -26.84
N UNK B 106 32.24 -18.44 -26.23
CA UNK B 106 30.91 -17.83 -26.33
C UNK B 106 30.77 -17.10 -27.65
N UNK B 107 30.72 -17.88 -28.73
CA UNK B 107 30.53 -17.34 -30.07
C UNK B 107 30.02 -18.44 -30.99
N UNK B 108 29.70 -18.03 -32.22
CA UNK B 108 29.26 -18.93 -33.28
C UNK B 108 30.14 -18.85 -34.51
N UNK B 109 30.60 -17.65 -34.86
CA UNK B 109 31.49 -17.44 -35.99
C UNK B 109 32.70 -16.58 -35.68
N UNK B 110 32.62 -15.69 -34.69
CA UNK B 110 33.69 -14.74 -34.43
C UNK B 110 34.79 -15.30 -33.55
N UNK B 111 34.47 -16.29 -32.71
CA UNK B 111 35.48 -16.98 -31.90
C UNK B 111 35.26 -18.48 -31.83
N UNK B 112 34.29 -19.00 -32.57
CA UNK B 112 34.15 -20.45 -32.71
C UNK B 112 34.87 -20.95 -33.95
N UNK B 113 34.49 -20.43 -35.12
CA UNK B 113 35.19 -20.77 -36.35
C UNK B 113 36.56 -20.12 -36.42
N UNK B 114 36.71 -18.93 -35.85
CA UNK B 114 37.99 -18.23 -35.91
C UNK B 114 39.03 -18.89 -35.02
N UNK B 115 38.61 -19.42 -33.87
CA UNK B 115 39.53 -20.20 -33.07
C UNK B 115 39.76 -21.57 -33.64
N UNK B 116 38.85 -22.04 -34.50
CA UNK B 116 39.03 -23.29 -35.23
C UNK B 116 39.82 -23.10 -36.51
N UNK B 117 40.26 -21.87 -36.79
CA UNK B 117 41.03 -21.57 -38.00
C UNK B 117 42.51 -21.88 -37.85
N UNK B 118 42.90 -22.66 -36.84
CA UNK B 118 44.27 -23.14 -36.72
C UNK B 118 44.42 -24.58 -37.19
N UNK B 119 43.53 -25.06 -38.05
CA UNK B 119 43.54 -26.44 -38.51
C UNK B 119 43.92 -26.51 -39.98
N UNK B 120 44.36 -27.70 -40.40
CA UNK B 120 44.85 -27.90 -41.76
C UNK B 120 44.35 -29.17 -42.45
N UNK B 121 43.75 -30.11 -41.71
CA UNK B 121 43.31 -31.36 -42.35
C UNK B 121 41.96 -31.16 -43.04
N UNK B 122 40.96 -30.67 -42.29
CA UNK B 122 39.64 -30.25 -42.79
C UNK B 122 38.87 -31.39 -43.46
N UNK B 123 39.15 -32.63 -43.06
CA UNK B 123 38.49 -33.80 -43.62
C UNK B 123 37.70 -34.57 -42.56
N UNK B 124 37.38 -33.94 -41.45
CA UNK B 124 36.64 -34.58 -40.36
C UNK B 124 35.24 -34.03 -40.17
N UNK B 125 35.07 -32.71 -40.26
CA UNK B 125 33.75 -32.10 -40.16
C UNK B 125 33.77 -30.78 -40.91
N UNK B 126 32.59 -30.23 -41.16
CA UNK B 126 32.45 -29.00 -41.92
C UNK B 126 31.77 -27.88 -41.13
N UNK B 127 30.64 -28.16 -40.48
CA UNK B 127 29.79 -27.11 -39.95
C UNK B 127 30.39 -26.48 -38.71
N UNK B 128 29.95 -25.25 -38.40
CA UNK B 128 30.44 -24.49 -37.26
C UNK B 128 29.31 -23.99 -36.35
N UNK B 129 28.17 -24.69 -36.33
CA UNK B 129 27.06 -24.35 -35.46
C UNK B 129 26.18 -25.57 -35.28
N UNK B 130 25.05 -25.35 -34.62
CA UNK B 130 24.07 -26.41 -34.40
C UNK B 130 22.67 -25.82 -34.27
N UNK B 131 35.44 -25.84 -20.04
CA UNK B 131 34.12 -25.64 -20.61
C UNK B 131 34.11 -26.05 -22.08
N UNK B 132 34.41 -27.31 -22.34
CA UNK B 132 34.41 -27.85 -23.69
C UNK B 132 34.22 -29.36 -23.60
N UNK B 133 34.33 -30.04 -24.75
CA UNK B 133 34.19 -31.47 -24.82
C UNK B 133 34.86 -31.95 -26.11
N UNK B 134 34.70 -33.26 -26.39
CA UNK B 134 35.10 -33.87 -27.64
C UNK B 134 34.31 -35.15 -27.80
N UNK B 135 33.63 -35.30 -28.93
CA UNK B 135 32.66 -36.38 -29.06
C UNK B 135 32.43 -36.70 -30.54
N UNK B 136 31.36 -37.46 -30.78
CA UNK B 136 30.99 -37.95 -32.10
C UNK B 136 29.48 -37.86 -32.24
N UNK B 137 28.95 -38.61 -33.21
CA UNK B 137 27.53 -38.50 -33.53
C UNK B 137 26.65 -39.14 -32.45
N UNK B 138 26.66 -40.47 -32.38
CA UNK B 138 25.81 -41.18 -31.43
C UNK B 138 26.51 -42.37 -30.79
N UNK B 139 27.84 -42.37 -30.74
CA UNK B 139 28.58 -43.50 -30.19
C UNK B 139 28.48 -43.54 -28.67
N UNK B 140 29.14 -44.53 -28.08
CA UNK B 140 28.97 -44.82 -26.66
C UNK B 140 29.64 -43.75 -25.80
N UNK B 141 30.90 -43.43 -26.10
CA UNK B 141 31.59 -42.35 -25.39
C UNK B 141 30.94 -41.01 -25.61
N UNK B 142 30.39 -40.77 -26.79
CA UNK B 142 29.63 -39.56 -27.04
C UNK B 142 28.27 -39.58 -26.38
N UNK B 143 27.75 -40.75 -26.04
CA UNK B 143 26.49 -40.79 -25.30
C UNK B 143 26.71 -40.54 -23.81
N UNK B 144 27.73 -41.19 -23.25
CA UNK B 144 28.09 -40.94 -21.85
C UNK B 144 28.58 -39.50 -21.66
N UNK B 145 29.22 -38.93 -22.68
CA UNK B 145 29.43 -37.48 -22.69
C UNK B 145 28.15 -36.73 -22.98
N UNK B 146 27.18 -37.38 -23.62
CA UNK B 146 25.87 -36.78 -23.88
C UNK B 146 24.87 -37.07 -22.77
N UNK B 147 25.36 -37.36 -21.56
CA UNK B 147 24.58 -37.19 -20.35
C UNK B 147 24.49 -35.74 -19.91
N UNK B 148 25.04 -34.81 -20.69
CA UNK B 148 24.91 -33.38 -20.42
C UNK B 148 23.47 -32.90 -20.49
N UNK B 149 22.61 -33.59 -21.26
CA UNK B 149 21.19 -33.30 -21.21
C UNK B 149 20.61 -33.63 -19.84
N UNK B 150 21.08 -34.72 -19.23
CA UNK B 150 20.69 -35.02 -17.86
C UNK B 150 21.36 -34.08 -16.87
N UNK B 151 22.48 -33.46 -17.24
CA UNK B 151 23.04 -32.41 -16.42
C UNK B 151 22.30 -31.09 -16.59
N UNK B 152 21.82 -30.79 -17.80
CA UNK B 152 21.10 -29.57 -18.07
C UNK B 152 19.59 -29.76 -18.00
N UNK B 153 19.11 -30.76 -17.28
CA UNK B 153 17.68 -30.93 -17.08
C UNK B 153 17.22 -30.36 -15.76
N UNK B 154 18.05 -29.58 -15.08
CA UNK B 154 17.69 -29.00 -13.79
C UNK B 154 18.40 -27.67 -13.57
N UNK B 155 27.35 -47.67 -14.89
CA UNK B 155 28.32 -47.94 -13.84
C UNK B 155 28.48 -46.74 -12.93
N UNK B 156 29.66 -46.60 -12.33
CA UNK B 156 30.01 -45.39 -11.59
C UNK B 156 30.42 -44.25 -12.49
N UNK B 157 30.61 -44.51 -13.79
CA UNK B 157 31.01 -43.46 -14.72
C UNK B 157 29.85 -42.54 -15.09
N UNK B 158 28.63 -42.91 -14.73
CA UNK B 158 27.50 -41.99 -14.92
C UNK B 158 27.58 -40.83 -13.94
N UNK B 159 28.11 -41.06 -12.74
CA UNK B 159 28.27 -39.99 -11.77
C UNK B 159 29.41 -39.06 -12.15
N UNK B 160 30.55 -39.62 -12.55
CA UNK B 160 31.67 -38.80 -12.98
C UNK B 160 31.41 -38.13 -14.32
N UNK B 161 30.54 -38.70 -15.15
CA UNK B 161 30.18 -38.01 -16.38
C UNK B 161 29.04 -37.03 -16.14
N UNK B 162 28.33 -37.16 -15.02
CA UNK B 162 27.41 -36.12 -14.60
C UNK B 162 28.03 -35.19 -13.57
N UNK B 163 29.34 -35.27 -13.37
CA UNK B 163 30.09 -34.33 -12.55
C UNK B 163 31.25 -33.71 -13.29
N UNK B 164 31.55 -34.21 -14.49
CA UNK B 164 32.39 -33.46 -15.41
C UNK B 164 31.53 -32.66 -16.38
N UNK B 165 30.23 -32.59 -16.11
CA UNK B 165 29.37 -31.61 -16.76
C UNK B 165 28.74 -30.68 -15.73
N UNK B 166 28.93 -30.95 -14.45
CA UNK B 166 28.58 -29.97 -13.43
C UNK B 166 29.74 -29.01 -13.19
N UNK B 167 30.97 -29.53 -13.29
CA UNK B 167 32.17 -28.70 -13.24
C UNK B 167 32.59 -28.24 -14.63
N UNK B 168 31.67 -28.22 -15.58
CA UNK B 168 31.86 -27.57 -16.87
C UNK B 168 30.98 -26.35 -17.04
N UNK B 169 29.74 -26.41 -16.58
CA UNK B 169 28.89 -25.21 -16.55
C UNK B 169 29.38 -24.22 -15.50
N UNK B 170 30.08 -24.70 -14.47
CA UNK B 170 30.64 -23.80 -13.47
C UNK B 170 31.97 -23.23 -13.91
N UNK B 171 32.56 -23.75 -14.98
CA UNK B 171 33.84 -23.24 -15.46
C UNK B 171 33.91 -23.29 -16.98
N UNK B 172 32.87 -31.45 -33.58
CA UNK B 172 33.14 -32.66 -32.82
C UNK B 172 33.09 -32.40 -31.32
N UNK B 173 32.62 -31.22 -30.94
CA UNK B 173 32.61 -30.78 -29.55
C UNK B 173 31.27 -30.14 -29.21
N UNK B 174 31.02 -29.98 -27.91
CA UNK B 174 29.77 -29.38 -27.43
C UNK B 174 29.97 -28.86 -26.02
N UNK B 175 29.68 -27.58 -25.82
CA UNK B 175 29.77 -26.94 -24.52
C UNK B 175 28.38 -26.88 -23.89
N UNK B 176 28.30 -27.21 -22.61
CA UNK B 176 27.02 -27.24 -21.91
C UNK B 176 26.50 -25.83 -21.70
N UNK B 177 25.19 -25.66 -21.81
CA UNK B 177 24.57 -24.35 -21.69
C UNK B 177 24.00 -24.12 -20.30
N UNK B 178 32.09 -35.73 -3.20
CA UNK B 178 32.35 -36.94 -3.95
C UNK B 178 33.14 -36.64 -5.22
N UNK B 179 32.45 -36.68 -6.36
CA UNK B 179 33.08 -36.38 -7.63
C UNK B 179 33.12 -34.88 -7.92
N UNK B 180 32.50 -34.06 -7.09
CA UNK B 180 32.57 -32.62 -7.27
C UNK B 180 33.95 -32.09 -6.87
N UNK B 181 34.37 -32.39 -5.63
CA UNK B 181 35.69 -31.98 -5.17
C UNK B 181 36.80 -32.69 -5.92
N UNK B 182 36.54 -33.92 -6.37
CA UNK B 182 37.50 -34.59 -7.25
C UNK B 182 37.55 -33.92 -8.61
N UNK B 183 36.41 -33.44 -9.12
CA UNK B 183 36.40 -32.84 -10.45
C UNK B 183 37.11 -31.50 -10.46
N UNK B 184 36.66 -30.56 -9.62
CA UNK B 184 37.28 -29.25 -9.61
C UNK B 184 38.62 -29.26 -8.89
N UNK B 185 38.68 -29.88 -7.71
CA UNK B 185 39.91 -29.88 -6.93
C UNK B 185 40.97 -30.80 -7.56
N UNK B 186 40.57 -31.96 -8.05
CA UNK B 186 41.55 -32.83 -8.70
C UNK B 186 41.88 -32.36 -10.11
N UNK B 187 40.97 -31.64 -10.75
CA UNK B 187 41.34 -30.98 -12.01
C UNK B 187 42.36 -29.89 -11.77
N UNK B 188 42.22 -29.15 -10.67
CA UNK B 188 43.25 -28.19 -10.29
C UNK B 188 44.53 -28.88 -9.84
N UNK B 189 44.42 -30.12 -9.34
CA UNK B 189 45.61 -30.88 -8.99
C UNK B 189 46.34 -31.35 -10.24
N UNK B 190 45.61 -31.70 -11.29
CA UNK B 190 46.24 -32.12 -12.53
C UNK B 190 46.85 -30.94 -13.26
N UNK B 191 46.14 -29.82 -13.34
CA UNK B 191 46.71 -28.64 -13.96
C UNK B 191 47.79 -27.99 -13.10
N UNK B 192 47.84 -28.31 -11.81
CA UNK B 192 48.88 -27.79 -10.93
C UNK B 192 50.13 -28.67 -10.93
N UNK B 193 49.96 -29.98 -11.03
CA UNK B 193 51.12 -30.88 -11.03
C UNK B 193 51.92 -30.75 -12.32
N UNK B 194 51.24 -30.52 -13.44
CA UNK B 194 51.93 -30.26 -14.68
C UNK B 194 52.55 -28.87 -14.65
N UNK B 195 53.84 -28.80 -14.99
CA UNK B 195 54.57 -27.54 -14.96
C UNK B 195 54.14 -26.62 -16.09
N ASP B 196 50.66 -20.13 -10.34
CA ASP B 196 49.68 -20.59 -11.31
C ASP B 196 48.54 -21.33 -10.63
N GLU B 197 48.14 -20.87 -9.45
CA GLU B 197 47.08 -21.54 -8.71
C GLU B 197 45.85 -20.65 -8.56
N LEU B 198 46.04 -19.45 -7.99
CA LEU B 198 44.93 -18.51 -7.84
C LEU B 198 44.50 -17.96 -9.18
N ARG B 199 45.47 -17.74 -10.07
CA ARG B 199 45.21 -17.24 -11.41
C ARG B 199 44.27 -18.16 -12.18
N LEU B 200 44.50 -19.46 -12.04
CA LEU B 200 43.66 -20.47 -12.68
C LEU B 200 42.27 -20.49 -12.08
N ALA B 201 42.11 -20.01 -10.83
CA ALA B 201 40.78 -19.91 -10.24
C ALA B 201 40.08 -18.63 -10.66
N VAL B 202 40.84 -17.56 -10.90
CA VAL B 202 40.25 -16.31 -11.38
C VAL B 202 39.76 -16.46 -12.80
N ALA B 203 40.55 -17.12 -13.66
CA ALA B 203 40.13 -17.33 -15.04
C ALA B 203 38.92 -18.23 -15.17
N TRP B 204 38.67 -19.09 -14.18
CA TRP B 204 37.48 -19.94 -14.19
C TRP B 204 36.22 -19.25 -13.70
N ASN B 205 36.36 -18.06 -13.09
CA ASN B 205 35.31 -17.39 -12.33
C ASN B 205 34.71 -18.35 -11.30
N ARG B 206 35.59 -18.97 -10.50
CA ARG B 206 35.23 -20.00 -9.52
C ARG B 206 35.85 -19.55 -8.21
N VAL B 207 35.03 -19.03 -7.30
CA VAL B 207 35.56 -18.32 -6.14
C VAL B 207 35.72 -19.24 -4.93
N ASP B 208 35.11 -20.43 -4.95
CA ASP B 208 35.27 -21.35 -3.83
C ASP B 208 36.68 -21.94 -3.80
N ILE B 209 37.25 -22.21 -4.97
CA ILE B 209 38.61 -22.72 -5.03
C ILE B 209 39.59 -21.60 -4.67
N ALA B 210 39.25 -20.36 -5.01
CA ALA B 210 40.04 -19.23 -4.56
C ALA B 210 39.93 -19.04 -3.05
N GLN B 211 38.81 -19.44 -2.46
CA GLN B 211 38.67 -19.39 -1.01
C GLN B 211 39.54 -20.44 -0.34
N SER B 212 39.40 -21.70 -0.73
CA SER B 212 40.15 -22.77 -0.07
C SER B 212 41.60 -22.83 -0.51
N GLU B 213 42.00 -22.08 -1.53
CA GLU B 213 43.36 -22.16 -2.05
C GLU B 213 44.32 -21.21 -1.36
N LEU B 214 43.93 -20.62 -0.23
CA LEU B 214 44.80 -19.71 0.52
C LEU B 214 45.07 -20.19 1.93
N PHE B 215 45.38 -21.47 2.11
CA PHE B 215 45.77 -21.99 3.42
C PHE B 215 47.09 -22.73 3.38
N ARG B 216 47.74 -22.77 2.22
CA ARG B 216 49.08 -23.33 2.10
C ARG B 216 50.09 -22.25 2.47
N GLY B 217 51.03 -22.59 3.34
CA GLY B 217 52.08 -21.67 3.72
C GLY B 217 53.03 -21.37 2.57
N ASP B 218 52.94 -20.16 2.04
CA ASP B 218 53.76 -19.78 0.90
C ASP B 218 53.94 -18.27 0.95
N ILE B 219 54.85 -17.76 0.12
CA ILE B 219 55.06 -16.32 0.02
C ILE B 219 53.85 -15.66 -0.61
N GLN B 220 53.28 -16.30 -1.64
CA GLN B 220 52.01 -15.92 -2.28
C GLN B 220 52.05 -14.51 -2.86
N TRP B 221 53.25 -14.05 -3.23
CA TRP B 221 53.43 -12.71 -3.78
C TRP B 221 52.93 -12.58 -5.22
N ARG B 222 52.48 -13.67 -5.83
CA ARG B 222 51.84 -13.64 -7.14
C ARG B 222 50.43 -13.08 -7.09
N SER B 223 49.86 -12.89 -5.88
CA SER B 223 48.58 -12.22 -5.73
C SER B 223 48.62 -10.82 -6.31
N PHE B 224 49.75 -10.12 -6.13
CA PHE B 224 49.96 -8.80 -6.72
C PHE B 224 49.95 -8.82 -8.23
N HIS B 225 50.11 -9.98 -8.85
CA HIS B 225 49.81 -10.12 -10.27
C HIS B 225 48.43 -10.71 -10.49
N LEU B 226 48.01 -11.66 -9.63
CA LEU B 226 46.79 -12.41 -9.90
C LEU B 226 45.55 -11.56 -9.72
N GLU B 227 45.58 -10.61 -8.79
CA GLU B 227 44.51 -9.63 -8.64
C GLU B 227 44.36 -8.78 -9.88
N ALA B 228 45.47 -8.54 -10.61
CA ALA B 228 45.39 -7.80 -11.86
C ALA B 228 44.67 -8.59 -12.95
N SER B 229 44.51 -9.90 -12.77
CA SER B 229 43.63 -10.66 -13.64
C SER B 229 42.15 -10.39 -13.37
N LEU B 230 41.80 -10.04 -12.14
CA LEU B 230 40.39 -9.84 -11.81
C LEU B 230 39.87 -8.50 -12.32
N MET B 231 40.71 -7.47 -12.33
CA MET B 231 40.30 -6.22 -12.96
C MET B 231 40.21 -6.37 -14.47
N ASP B 232 41.21 -7.01 -15.09
CA ASP B 232 41.29 -7.08 -16.54
C ASP B 232 40.17 -7.95 -17.12
N ALA B 233 39.88 -9.08 -16.48
CA ALA B 233 38.84 -9.95 -17.00
C ALA B 233 37.44 -9.51 -16.63
N LEU B 234 37.29 -8.34 -15.98
CA LEU B 234 36.01 -7.82 -15.48
C LEU B 234 35.33 -8.83 -14.55
N LEU B 235 36.09 -9.31 -13.57
CA LEU B 235 35.54 -10.30 -12.64
C LEU B 235 34.41 -9.70 -11.82
N ASN B 236 34.57 -8.44 -11.38
CA ASN B 236 33.55 -7.67 -10.64
C ASN B 236 33.13 -8.42 -9.38
N ASP B 237 34.10 -9.06 -8.78
CA ASP B 237 33.81 -10.29 -8.08
C ASP B 237 34.09 -10.13 -6.60
N ARG B 238 33.79 -11.14 -5.79
CA ARG B 238 34.50 -11.26 -4.50
C ARG B 238 35.99 -11.58 -4.64
N PRO B 239 36.53 -11.76 -5.85
CA PRO B 239 37.96 -11.87 -6.06
C PRO B 239 38.73 -10.63 -5.64
N GLU B 240 38.06 -9.49 -5.47
CA GLU B 240 38.68 -8.33 -4.85
C GLU B 240 38.14 -8.08 -3.45
N PHE B 241 37.36 -9.01 -2.93
CA PHE B 241 37.25 -9.18 -1.49
C PHE B 241 38.24 -10.22 -0.99
N VAL B 242 39.01 -10.82 -1.88
CA VAL B 242 40.09 -11.74 -1.52
C VAL B 242 41.36 -11.02 -1.98
N ARG B 243 41.36 -9.71 -1.86
CA ARG B 243 42.58 -8.93 -1.81
C ARG B 243 42.96 -8.57 -0.39
N LEU B 244 42.32 -9.21 0.58
CA LEU B 244 42.75 -9.08 1.97
C LEU B 244 44.13 -9.69 2.13
N LEU B 245 44.99 -8.96 2.84
CA LEU B 245 46.44 -9.20 2.91
C LEU B 245 47.07 -9.20 1.53
N ILE B 246 46.95 -8.07 0.82
CA ILE B 246 47.72 -7.80 -0.38
C ILE B 246 48.64 -6.64 -0.07
N SER B 247 49.92 -6.79 -0.42
CA SER B 247 50.91 -5.76 -0.15
C SER B 247 50.67 -4.59 -1.10
N HIS B 248 49.75 -3.72 -0.70
CA HIS B 248 49.23 -2.69 -1.57
C HIS B 248 49.38 -1.30 -0.99
N LEU B 252 55.46 -1.96 -4.15
CA LEU B 252 54.65 -3.15 -3.93
C LEU B 252 53.19 -2.88 -4.26
N GLY B 253 52.69 -1.74 -3.81
CA GLY B 253 51.36 -1.32 -4.21
C GLY B 253 51.32 -1.00 -5.69
N HIS B 254 50.64 -1.85 -6.45
CA HIS B 254 50.82 -1.88 -7.90
C HIS B 254 50.07 -0.70 -8.52
N PHE B 255 50.81 0.38 -8.74
CA PHE B 255 50.35 1.46 -9.60
C PHE B 255 50.98 1.35 -10.98
N LEU B 256 52.31 1.49 -11.05
CA LEU B 256 53.12 1.33 -12.26
C LEU B 256 52.54 2.11 -13.43
N THR B 257 52.58 3.44 -13.31
CA THR B 257 51.92 4.43 -14.16
C THR B 257 52.22 4.24 -15.64
N PRO B 258 53.41 3.77 -15.98
CA PRO B 258 53.65 3.38 -17.37
C PRO B 258 53.07 2.00 -17.69
N MET B 259 53.07 1.10 -16.70
CA MET B 259 52.88 -0.32 -16.98
C MET B 259 51.47 -0.81 -16.74
N ARG B 260 50.96 -0.74 -15.51
CA ARG B 260 49.70 -1.41 -15.19
C ARG B 260 48.48 -0.67 -15.73
N LEU B 261 48.38 0.64 -15.53
CA LEU B 261 47.19 1.38 -15.88
C LEU B 261 46.95 1.45 -17.39
N ALA B 262 48.01 1.51 -18.18
CA ALA B 262 47.85 1.40 -19.63
C ALA B 262 47.33 0.02 -20.01
N GLN B 263 47.82 -1.01 -19.31
CA GLN B 263 47.24 -2.34 -19.47
C GLN B 263 45.86 -2.40 -18.85
N LEU B 264 45.58 -1.54 -17.87
CA LEU B 264 44.29 -1.59 -17.20
C LEU B 264 43.23 -0.81 -17.95
N TYR B 265 43.56 0.39 -18.42
CA TYR B 265 42.67 1.11 -19.32
C TYR B 265 42.65 0.52 -20.72
N SER B 266 43.57 -0.39 -21.05
CA SER B 266 43.49 -1.07 -22.33
C SER B 266 42.48 -2.20 -22.34
N ALA B 267 41.75 -2.41 -21.25
CA ALA B 267 40.73 -3.46 -21.17
C ALA B 267 39.38 -2.99 -21.66
N ALA B 268 39.35 -1.97 -22.50
CA ALA B 268 38.09 -1.49 -23.04
C ALA B 268 37.55 -2.47 -24.07
N PRO B 269 36.24 -2.66 -24.13
CA PRO B 269 35.65 -3.58 -25.11
C PRO B 269 35.44 -2.96 -26.49
N SER B 270 36.17 -1.89 -26.79
CA SER B 270 35.91 -0.98 -27.91
C SER B 270 34.50 -0.42 -27.81
N ASN B 271 34.14 0.00 -26.60
CA ASN B 271 32.85 0.60 -26.31
C ASN B 271 32.88 2.08 -26.60
N SER B 272 31.68 2.64 -26.74
CA SER B 272 31.56 4.03 -27.18
C SER B 272 31.82 5.01 -26.04
N LEU B 273 31.91 4.52 -24.81
CA LEU B 273 32.04 5.42 -23.68
C LEU B 273 33.45 5.97 -23.57
N ILE B 274 34.45 5.09 -23.54
CA ILE B 274 35.80 5.49 -23.20
C ILE B 274 36.80 5.24 -24.34
N ARG B 275 36.65 4.13 -25.08
CA ARG B 275 37.61 3.79 -26.12
C ARG B 275 37.60 4.82 -27.26
N ASN B 276 36.43 5.41 -27.54
CA ASN B 276 36.40 6.54 -28.45
C ASN B 276 37.02 7.78 -27.82
N LEU B 277 36.75 8.04 -26.54
CA LEU B 277 37.32 9.21 -25.90
C LEU B 277 38.81 9.01 -25.64
N LEU B 278 39.25 7.76 -25.51
CA LEU B 278 40.68 7.52 -25.43
C LEU B 278 41.31 7.62 -26.82
N ASP B 279 40.54 7.36 -27.87
CA ASP B 279 40.99 7.63 -29.23
C ASP B 279 40.75 9.07 -29.65
N GLN B 280 39.97 9.83 -28.89
CA GLN B 280 39.84 11.26 -29.10
C GLN B 280 40.87 12.05 -28.30
N ALA B 281 41.79 11.34 -27.65
CA ALA B 281 42.92 11.98 -26.98
C ALA B 281 44.03 12.35 -27.95
N SER B 282 44.03 11.78 -29.15
CA SER B 282 45.05 12.10 -30.15
C SER B 282 44.71 13.40 -30.86
N GLY B 333 53.65 3.73 -21.91
CA GLY B 333 52.32 4.04 -21.40
C GLY B 333 51.79 5.36 -21.88
N PHE B 334 50.78 5.31 -22.74
CA PHE B 334 50.15 6.50 -23.30
C PHE B 334 48.82 6.83 -22.65
N GLY B 335 47.93 5.85 -22.52
CA GLY B 335 46.58 6.07 -22.03
C GLY B 335 46.49 6.44 -20.56
N GLU B 336 47.58 6.32 -19.81
CA GLU B 336 47.57 6.64 -18.39
C GLU B 336 47.35 8.14 -18.17
N SER B 337 48.26 8.97 -18.68
CA SER B 337 48.11 10.41 -18.60
C SER B 337 47.20 10.96 -19.69
N MET B 338 46.71 10.11 -20.60
CA MET B 338 45.67 10.49 -21.53
C MET B 338 44.29 10.42 -20.91
N TYR B 339 44.18 9.87 -19.70
CA TYR B 339 42.90 9.85 -19.00
C TYR B 339 42.49 11.22 -18.53
N LEU B 340 43.46 12.03 -18.07
CA LEU B 340 43.14 13.36 -17.55
C LEU B 340 42.73 14.31 -18.67
N LEU B 341 43.21 14.08 -19.89
CA LEU B 341 42.70 14.84 -21.03
C LEU B 341 41.27 14.44 -21.35
N SER B 342 40.87 13.22 -20.99
CA SER B 342 39.48 12.82 -21.17
C SER B 342 38.62 13.19 -19.97
N ASP B 343 39.23 13.54 -18.84
CA ASP B 343 38.46 14.04 -17.71
C ASP B 343 38.22 15.54 -17.84
N LYS B 344 39.24 16.28 -18.29
CA LYS B 344 39.07 17.71 -18.53
C LYS B 344 38.14 17.97 -19.70
N ALA B 345 37.99 17.01 -20.62
CA ALA B 345 37.00 17.14 -21.68
C ALA B 345 35.61 16.74 -21.20
N THR B 346 35.50 16.18 -20.00
CA THR B 346 34.20 15.84 -19.41
C THR B 346 33.99 16.49 -18.05
N SER B 347 34.66 17.61 -17.77
CA SER B 347 34.44 18.35 -16.53
C SER B 347 34.80 19.81 -16.70
N TRP B 360 42.03 2.88 -3.80
CA TRP B 360 42.31 4.20 -4.36
C TRP B 360 41.13 4.84 -5.02
N SER B 361 41.19 6.16 -5.13
CA SER B 361 40.30 6.87 -6.02
C SER B 361 40.87 6.96 -7.43
N ASP B 362 42.10 6.50 -7.64
CA ASP B 362 42.61 6.35 -8.99
C ASP B 362 41.95 5.18 -9.70
N LEU B 363 41.41 4.24 -8.94
CA LEU B 363 40.62 3.14 -9.49
C LEU B 363 39.14 3.47 -9.59
N LEU B 364 38.64 4.42 -8.80
CA LEU B 364 37.25 4.87 -8.95
C LEU B 364 37.03 5.50 -10.31
N LEU B 365 37.98 6.28 -10.81
CA LEU B 365 37.82 6.85 -12.13
C LEU B 365 37.90 5.76 -13.19
N TRP B 366 38.80 4.79 -13.00
CA TRP B 366 38.86 3.63 -13.87
C TRP B 366 37.59 2.80 -13.78
N ALA B 367 36.91 2.81 -12.65
CA ALA B 367 35.72 1.97 -12.53
C ALA B 367 34.46 2.67 -12.97
N LEU B 368 34.46 4.00 -13.00
CA LEU B 368 33.29 4.74 -13.46
C LEU B 368 33.38 5.04 -14.93
N LEU B 369 34.59 5.15 -15.46
CA LEU B 369 34.78 4.78 -16.86
C LEU B 369 34.64 3.27 -16.95
N LEU B 370 34.26 2.78 -18.13
CA LEU B 370 33.99 1.36 -18.46
C LEU B 370 32.73 0.82 -17.80
N ASN B 371 32.09 1.57 -16.89
CA ASN B 371 30.76 1.29 -16.34
C ASN B 371 30.66 -0.06 -15.61
N ARG B 372 31.70 -0.42 -14.88
CA ARG B 372 31.64 -1.59 -14.00
C ARG B 372 30.95 -1.19 -12.71
N ALA B 373 29.92 -1.94 -12.33
CA ALA B 373 29.10 -1.53 -11.20
C ALA B 373 29.73 -1.92 -9.87
N GLN B 374 29.90 -3.23 -9.64
CA GLN B 374 30.42 -3.72 -8.37
C GLN B 374 31.86 -3.32 -8.12
N MET B 375 32.63 -3.12 -9.19
CA MET B 375 33.97 -2.58 -9.06
C MET B 375 33.92 -1.16 -8.53
N ALA B 376 32.95 -0.36 -8.97
CA ALA B 376 32.88 1.01 -8.51
C ALA B 376 32.36 1.09 -7.09
N MET B 377 31.42 0.21 -6.74
CA MET B 377 30.91 0.19 -5.37
C MET B 377 32.00 -0.24 -4.39
N TYR B 378 32.75 -1.29 -4.73
CA TYR B 378 33.82 -1.72 -3.84
C TYR B 378 34.94 -0.69 -3.78
N PHE B 379 35.29 -0.10 -4.92
CA PHE B 379 36.31 0.93 -4.93
C PHE B 379 35.85 2.23 -4.28
N TRP B 380 34.56 2.38 -4.00
CA TRP B 380 34.10 3.44 -3.13
C TRP B 380 34.08 3.05 -1.66
N GLU B 381 33.85 1.78 -1.35
CA GLU B 381 33.77 1.33 0.05
C GLU B 381 35.09 1.50 0.78
N MET B 382 36.16 0.91 0.30
CA MET B 382 37.46 1.45 0.64
C MET B 382 37.66 2.74 -0.14
N GLY B 383 38.35 3.68 0.45
CA GLY B 383 38.59 4.93 -0.23
C GLY B 383 38.63 6.09 0.74
N SER B 384 38.26 7.27 0.21
CA SER B 384 38.56 8.53 0.87
C SER B 384 37.36 9.16 1.57
N ASN B 385 36.27 9.40 0.83
CA ASN B 385 35.24 10.31 1.31
C ASN B 385 33.96 10.20 0.50
N ALA B 386 32.89 10.81 1.03
CA ALA B 386 31.61 10.93 0.33
C ALA B 386 31.66 11.91 -0.83
N VAL B 387 32.65 12.80 -0.84
CA VAL B 387 32.80 13.73 -1.93
C VAL B 387 33.15 12.98 -3.22
N SER B 388 33.87 11.87 -3.08
CA SER B 388 34.07 10.97 -4.20
C SER B 388 32.79 10.29 -4.63
N SER B 389 31.83 10.10 -3.72
CA SER B 389 30.55 9.57 -4.14
C SER B 389 29.74 10.64 -4.86
N ALA B 390 30.03 11.91 -4.59
CA ALA B 390 29.30 12.96 -5.31
C ALA B 390 29.94 13.28 -6.65
N LEU B 391 31.27 13.31 -6.76
CA LEU B 391 31.87 13.54 -8.06
C LEU B 391 31.75 12.31 -8.94
N GLY B 392 31.98 11.14 -8.34
CA GLY B 392 31.72 9.92 -9.04
C GLY B 392 30.26 9.61 -9.24
N ALA B 393 29.39 10.27 -8.48
CA ALA B 393 27.96 10.09 -8.65
C ALA B 393 27.49 10.66 -9.98
N CYS B 394 27.71 11.90 -10.18
CA CYS B 394 27.01 12.55 -11.27
C CYS B 394 27.91 13.35 -12.18
N LEU B 395 29.05 13.84 -11.69
CA LEU B 395 29.88 14.65 -12.54
C LEU B 395 30.65 13.79 -13.53
N LEU B 396 30.71 12.49 -13.29
CA LEU B 396 31.35 11.61 -14.25
C LEU B 396 30.40 10.58 -14.84
N LEU B 397 29.28 10.31 -14.19
CA LEU B 397 28.34 9.33 -14.73
C LEU B 397 27.19 9.92 -15.52
N ARG B 398 26.69 11.10 -15.15
CA ARG B 398 25.71 11.75 -16.02
C ARG B 398 26.37 12.21 -17.31
N VAL B 399 27.61 12.69 -17.22
CA VAL B 399 28.31 13.22 -18.38
C VAL B 399 28.71 12.08 -19.31
N MET B 400 29.06 10.92 -18.75
CA MET B 400 29.30 9.76 -19.59
C MET B 400 27.99 9.22 -20.15
N ALA B 401 26.87 9.46 -19.48
CA ALA B 401 25.59 9.02 -19.99
C ALA B 401 25.08 9.87 -21.14
N ARG B 402 25.28 11.18 -21.10
CA ARG B 402 24.82 12.04 -22.18
C ARG B 402 25.65 11.87 -23.44
N LEU B 403 26.86 11.34 -23.35
CA LEU B 403 27.70 11.10 -24.51
C LEU B 403 27.59 9.66 -25.00
N GLU B 404 26.44 9.01 -24.82
CA GLU B 404 26.24 7.69 -25.36
C GLU B 404 25.42 7.75 -26.63
N PRO B 405 25.75 6.94 -27.64
CA PRO B 405 24.95 6.90 -28.87
C PRO B 405 23.75 5.96 -28.80
N ASP B 406 23.59 5.24 -27.70
CA ASP B 406 22.52 4.25 -27.57
C ASP B 406 21.93 4.33 -26.17
N ALA B 407 20.63 4.07 -26.07
CA ALA B 407 19.93 4.19 -24.80
C ALA B 407 20.32 3.08 -23.84
N GLU B 408 20.54 1.87 -24.34
CA GLU B 408 21.20 0.85 -23.54
C GLU B 408 22.67 1.22 -23.42
N GLU B 409 23.27 0.90 -22.26
CA GLU B 409 24.55 1.42 -21.76
C GLU B 409 24.54 2.94 -21.59
N ALA B 410 23.36 3.53 -21.51
CA ALA B 410 23.18 4.87 -20.96
C ALA B 410 22.14 4.87 -19.85
N ALA B 411 21.62 3.70 -19.50
CA ALA B 411 20.73 3.55 -18.36
C ALA B 411 21.41 2.89 -17.17
N ARG B 412 22.33 1.95 -17.40
CA ARG B 412 23.13 1.45 -16.29
C ARG B 412 24.14 2.49 -15.84
N ARG B 413 24.59 3.36 -16.75
CA ARG B 413 25.43 4.50 -16.43
C ARG B 413 24.63 5.67 -15.87
N LYS B 414 23.37 5.45 -15.55
CA LYS B 414 22.56 6.35 -14.74
C LYS B 414 21.98 5.64 -13.53
N ASP B 415 21.78 4.33 -13.60
CA ASP B 415 21.44 3.56 -12.41
C ASP B 415 22.59 3.51 -11.43
N LEU B 416 23.83 3.52 -11.91
CA LEU B 416 24.96 3.75 -11.01
C LEU B 416 24.93 5.13 -10.40
N ALA B 417 24.45 6.13 -11.14
CA ALA B 417 24.34 7.47 -10.57
C ALA B 417 23.31 7.50 -9.45
N PHE B 418 22.19 6.79 -9.61
CA PHE B 418 21.23 6.74 -8.51
C PHE B 418 21.74 5.90 -7.35
N LYS B 419 22.55 4.87 -7.62
CA LYS B 419 23.16 4.12 -6.53
C LYS B 419 24.11 5.00 -5.73
N PHE B 420 24.91 5.82 -6.40
CA PHE B 420 25.81 6.70 -5.70
C PHE B 420 25.11 7.88 -5.04
N GLU B 421 23.95 8.28 -5.52
CA GLU B 421 23.18 9.25 -4.75
C GLU B 421 22.58 8.63 -3.51
N GLY B 422 22.20 7.34 -3.60
CA GLY B 422 21.77 6.65 -2.40
C GLY B 422 22.88 6.51 -1.38
N MET B 423 24.10 6.19 -1.85
CA MET B 423 25.22 6.01 -0.94
C MET B 423 25.69 7.34 -0.36
N GLY B 424 25.77 8.38 -1.19
CA GLY B 424 26.21 9.67 -0.69
C GLY B 424 25.19 10.32 0.23
N VAL B 425 23.91 10.23 -0.14
CA VAL B 425 22.84 10.77 0.69
C VAL B 425 22.74 10.04 2.02
N ASP B 426 22.78 8.71 1.99
CA ASP B 426 22.66 7.97 3.24
C ASP B 426 23.91 8.11 4.09
N LEU B 427 25.07 8.28 3.45
CA LEU B 427 26.31 8.46 4.20
C LEU B 427 26.35 9.81 4.89
N PHE B 428 25.93 10.88 4.19
CA PHE B 428 25.87 12.17 4.85
C PHE B 428 24.77 12.20 5.89
N GLY B 429 23.72 11.41 5.69
CA GLY B 429 22.68 11.30 6.70
C GLY B 429 23.16 10.58 7.94
N GLU B 430 24.15 9.70 7.78
CA GLU B 430 24.76 9.11 8.96
C GLU B 430 25.81 10.02 9.57
N CYS B 431 26.51 10.82 8.78
CA CYS B 431 27.52 11.74 9.29
C CYS B 431 26.95 13.03 9.81
N TYR B 432 25.64 13.25 9.68
CA TYR B 432 25.03 14.48 10.18
C TYR B 432 24.45 14.32 11.57
N ARG B 433 23.99 13.13 11.90
CA ARG B 433 23.48 12.85 13.23
C ARG B 433 24.58 12.94 14.30
N SER B 434 25.77 12.45 13.97
CA SER B 434 26.89 12.44 14.92
C SER B 434 27.35 13.81 15.41
N SER B 435 27.43 14.78 14.51
CA SER B 435 27.80 16.14 14.88
C SER B 435 27.55 17.04 13.69
N GLU B 436 26.66 18.02 13.87
CA GLU B 436 26.25 18.86 12.75
C GLU B 436 27.36 19.79 12.29
N VAL B 437 28.27 20.16 13.18
CA VAL B 437 29.33 21.09 12.85
C VAL B 437 30.37 20.45 11.94
N ARG B 438 30.83 19.26 12.34
CA ARG B 438 31.79 18.53 11.51
C ARG B 438 31.14 18.04 10.23
N ALA B 439 29.83 17.79 10.25
CA ALA B 439 29.10 17.49 9.02
C ALA B 439 29.07 18.69 8.10
N ALA B 440 28.98 19.89 8.66
CA ALA B 440 29.12 21.09 7.84
C ALA B 440 30.54 21.22 7.31
N ARG B 441 31.52 20.75 8.06
CA ARG B 441 32.88 20.79 7.57
C ARG B 441 33.12 19.79 6.45
N LEU B 442 32.43 18.65 6.46
CA LEU B 442 32.55 17.70 5.36
C LEU B 442 32.01 18.26 4.07
N LEU B 443 30.95 19.05 4.16
CA LEU B 443 30.24 19.46 2.98
C LEU B 443 30.95 20.58 2.24
N LEU B 444 31.93 21.23 2.86
CA LEU B 444 32.66 22.33 2.25
C LEU B 444 34.14 22.17 2.61
N ARG B 445 34.89 21.42 1.82
CA ARG B 445 36.31 21.28 2.10
C ARG B 445 37.24 21.24 0.88
N ARG B 446 36.71 21.40 -0.34
CA ARG B 446 37.51 21.59 -1.56
C ARG B 446 38.49 20.44 -1.81
N CYS B 447 37.94 19.26 -2.08
CA CYS B 447 38.74 18.05 -2.14
C CYS B 447 39.69 18.06 -3.34
N PRO B 448 40.88 17.48 -3.23
CA PRO B 448 41.85 17.57 -4.33
C PRO B 448 41.56 16.63 -5.50
N LEU B 449 40.53 15.78 -5.41
CA LEU B 449 40.23 14.89 -6.52
C LEU B 449 39.61 15.66 -7.67
N TRP B 450 38.84 16.68 -7.34
CA TRP B 450 38.48 17.76 -8.26
C TRP B 450 38.33 18.99 -7.40
N GLY B 451 39.15 20.01 -7.65
CA GLY B 451 39.40 21.06 -6.68
C GLY B 451 38.24 22.00 -6.39
N ASP B 452 37.14 21.44 -5.89
CA ASP B 452 35.91 22.18 -5.68
C ASP B 452 35.15 21.58 -4.50
N ALA B 453 34.23 22.36 -3.95
CA ALA B 453 33.43 21.90 -2.83
C ALA B 453 32.42 20.86 -3.27
N THR B 454 31.72 20.28 -2.30
CA THR B 454 30.77 19.22 -2.63
C THR B 454 29.52 19.80 -3.27
N CYS B 455 28.97 20.87 -2.68
CA CYS B 455 27.81 21.52 -3.25
C CYS B 455 28.14 22.19 -4.57
N LEU B 456 29.40 22.60 -4.77
CA LEU B 456 29.81 23.19 -6.03
C LEU B 456 29.83 22.17 -7.15
N GLN B 457 29.86 20.88 -6.82
CA GLN B 457 29.72 19.86 -7.85
C GLN B 457 28.28 19.78 -8.33
N LEU B 458 27.33 20.08 -7.47
CA LEU B 458 25.94 19.86 -7.82
C LEU B 458 25.28 21.09 -8.42
N ALA B 459 25.91 22.26 -8.28
CA ALA B 459 25.58 23.41 -9.11
C ALA B 459 26.45 23.48 -10.36
N MET B 460 27.24 22.43 -10.63
CA MET B 460 28.01 22.29 -11.85
C MET B 460 27.17 21.51 -12.86
N GLN B 461 27.80 20.91 -13.87
CA GLN B 461 27.07 20.12 -14.86
C GLN B 461 26.46 18.86 -14.25
N ALA B 462 26.92 18.46 -13.06
CA ALA B 462 26.25 17.44 -12.28
C ALA B 462 25.07 18.02 -11.53
N ASP B 463 23.97 17.28 -11.53
CA ASP B 463 22.74 17.73 -10.88
C ASP B 463 22.22 16.59 -10.02
N ALA B 464 22.10 16.83 -8.72
CA ALA B 464 21.62 15.83 -7.77
C ALA B 464 20.48 16.44 -6.99
N ARG B 465 19.27 16.28 -7.52
CA ARG B 465 18.08 16.76 -6.83
C ARG B 465 17.86 16.03 -5.52
N ALA B 466 18.25 14.77 -5.42
CA ALA B 466 18.03 13.99 -4.21
C ALA B 466 19.03 14.32 -3.11
N PHE B 467 20.07 15.08 -3.39
CA PHE B 467 21.02 15.40 -2.33
C PHE B 467 20.59 16.65 -1.56
N PHE B 468 20.06 17.65 -2.24
CA PHE B 468 19.62 18.84 -1.55
C PHE B 468 18.28 18.65 -0.86
N ALA B 469 17.58 17.59 -1.16
CA ALA B 469 16.29 17.33 -0.56
C ALA B 469 16.37 16.82 0.84
N GLN B 470 17.55 16.69 1.43
CA GLN B 470 17.66 16.26 2.81
C GLN B 470 17.24 17.37 3.76
N ASP B 471 17.04 17.00 5.01
CA ASP B 471 17.19 17.91 6.12
C ASP B 471 18.58 17.64 6.66
N GLY B 472 19.43 18.66 6.63
CA GLY B 472 20.81 18.47 7.00
C GLY B 472 21.70 19.14 5.99
N VAL B 473 21.19 19.29 4.77
CA VAL B 473 21.81 20.21 3.83
C VAL B 473 21.10 21.55 3.89
N GLN B 474 19.79 21.57 4.07
CA GLN B 474 19.05 22.81 4.10
C GLN B 474 18.96 23.43 5.48
N SER B 475 19.40 22.74 6.52
CA SER B 475 19.77 23.46 7.73
C SER B 475 21.07 24.20 7.55
N LEU B 476 21.92 23.74 6.65
CA LEU B 476 23.14 24.46 6.30
C LEU B 476 22.90 25.53 5.26
N LEU B 477 22.02 25.28 4.30
CA LEU B 477 21.71 26.35 3.34
C LEU B 477 20.80 27.39 3.98
N THR B 478 19.99 27.00 4.95
CA THR B 478 19.33 27.98 5.80
C THR B 478 20.35 28.68 6.67
N GLN B 479 21.33 27.93 7.18
CA GLN B 479 22.34 28.49 8.07
C GLN B 479 23.30 29.42 7.35
N LYS B 480 23.38 29.34 6.03
CA LYS B 480 24.22 30.24 5.26
C LYS B 480 23.44 31.09 4.28
N TRP B 481 22.13 30.99 4.25
CA TRP B 481 21.33 32.10 3.75
C TRP B 481 21.43 33.27 4.71
N TRP B 482 21.43 32.98 6.00
CA TRP B 482 21.77 33.98 7.00
C TRP B 482 23.29 34.05 7.13
N GLY B 483 23.80 35.25 7.36
CA GLY B 483 25.23 35.41 7.57
C GLY B 483 25.59 35.69 9.01
N ASP B 484 26.11 34.67 9.69
CA ASP B 484 26.50 34.60 11.11
C ASP B 484 25.30 34.64 12.06
N MET B 485 24.09 34.84 11.58
CA MET B 485 22.94 34.37 12.34
C MET B 485 22.89 32.86 12.20
N ALA B 486 22.65 32.18 13.33
CA ALA B 486 22.65 30.72 13.32
C ALA B 486 21.44 30.23 12.54
N SER B 487 20.26 30.66 13.00
CA SER B 487 18.96 30.60 12.33
C SER B 487 18.01 31.33 13.24
N THR B 488 16.75 31.41 12.80
CA THR B 488 15.57 31.78 13.61
C THR B 488 15.70 33.17 14.24
N THR B 489 16.52 34.03 13.65
CA THR B 489 16.42 35.44 13.93
C THR B 489 15.26 35.98 13.10
N PRO B 490 14.10 36.24 13.70
CA PRO B 490 12.87 36.35 12.91
C PRO B 490 12.83 37.65 12.13
N ILE B 491 11.91 37.72 11.17
CA ILE B 491 11.86 38.84 10.24
C ILE B 491 11.24 40.06 10.92
N TRP B 492 10.63 39.88 12.10
CA TRP B 492 10.37 41.02 12.98
C TRP B 492 11.65 41.75 13.31
N ALA B 493 12.64 41.03 13.83
CA ALA B 493 13.91 41.65 14.20
C ALA B 493 14.71 42.10 12.98
N LEU B 494 14.67 41.30 11.92
CA LEU B 494 15.40 41.65 10.69
C LEU B 494 14.85 42.91 10.05
N VAL B 495 13.53 43.01 9.94
CA VAL B 495 12.93 44.22 9.40
C VAL B 495 13.21 45.40 10.32
N LEU B 496 13.13 45.20 11.64
CA LEU B 496 13.49 46.26 12.57
C LEU B 496 14.99 46.54 12.63
N ALA B 497 15.82 45.77 11.93
CA ALA B 497 17.25 46.04 11.85
C ALA B 497 17.64 46.84 10.61
N PHE B 498 16.73 47.66 10.09
CA PHE B 498 17.13 48.69 9.16
C PHE B 498 17.13 50.09 9.78
N PHE B 499 17.09 50.16 11.10
CA PHE B 499 17.56 51.35 11.81
C PHE B 499 19.00 51.03 12.20
N CYS B 500 19.85 50.88 11.18
CA CYS B 500 21.11 50.16 11.31
C CYS B 500 22.11 50.73 12.32
N PRO B 501 22.16 52.05 12.64
CA PRO B 501 22.82 52.46 13.89
C PRO B 501 22.15 51.83 15.11
N PRO B 502 22.89 50.95 15.78
CA PRO B 502 22.64 50.29 17.06
C PRO B 502 21.58 49.20 17.00
N LEU B 503 20.90 48.97 15.87
CA LEU B 503 19.96 47.85 15.84
C LEU B 503 20.69 46.53 15.70
N ILE B 504 21.77 46.50 14.93
CA ILE B 504 22.58 45.30 14.84
C ILE B 504 23.37 45.07 16.12
N TYR B 505 23.79 46.14 16.78
CA TYR B 505 24.58 46.02 18.00
C TYR B 505 23.72 45.78 19.23
N THR B 506 22.41 45.89 19.12
CA THR B 506 21.55 45.46 20.20
C THR B 506 21.42 43.94 20.19
N ARG B 507 20.76 43.39 21.19
CA ARG B 507 20.60 41.95 21.30
C ARG B 507 19.39 41.44 20.53
N LEU B 508 18.73 42.29 19.74
CA LEU B 508 17.53 41.89 19.01
C LEU B 508 17.84 40.80 18.00
N ILE B 509 18.68 41.11 17.02
CA ILE B 509 19.22 40.08 16.13
C ILE B 509 20.35 39.39 16.89
N THR B 510 19.98 38.30 17.57
CA THR B 510 20.95 37.56 18.37
C THR B 510 21.73 36.63 17.46
N PHE B 511 22.96 37.01 17.12
CA PHE B 511 23.75 36.20 16.20
C PHE B 511 25.13 35.94 16.80
N ARG B 512 25.73 34.84 16.35
CA ARG B 512 27.04 34.43 16.83
C ARG B 512 28.02 34.25 15.67
N CYS B 569 34.64 42.52 16.62
CA CYS B 569 33.95 43.67 17.17
C CYS B 569 33.17 44.43 16.09
N LEU B 570 33.92 45.12 15.22
CA LEU B 570 33.34 45.86 14.12
C LEU B 570 32.85 44.90 13.03
N ARG B 571 33.37 43.68 13.04
CA ARG B 571 33.02 42.65 12.07
C ARG B 571 31.59 42.14 12.17
N ARG B 572 30.80 42.64 13.11
CA ARG B 572 29.35 42.46 13.02
C ARG B 572 28.80 43.29 11.87
N TRP B 573 29.15 44.57 11.82
CA TRP B 573 28.59 45.46 10.80
C TRP B 573 29.17 45.16 9.43
N PHE B 574 30.41 44.66 9.39
CA PHE B 574 31.00 44.21 8.13
C PHE B 574 30.27 42.99 7.57
N HIS B 575 29.67 42.19 8.45
CA HIS B 575 29.11 40.91 8.06
C HIS B 575 27.59 40.92 8.05
N PHE B 576 26.96 41.94 8.59
CA PHE B 576 25.51 42.12 8.52
C PHE B 576 25.08 42.85 7.26
N TRP B 577 25.73 43.98 6.95
CA TRP B 577 25.43 44.79 5.77
C TRP B 577 25.80 44.08 4.46
N GLY B 578 26.40 42.89 4.51
CA GLY B 578 26.68 42.11 3.32
C GLY B 578 26.32 40.64 3.46
N ALA B 579 25.51 40.29 4.45
CA ALA B 579 25.05 38.92 4.59
C ALA B 579 24.02 38.60 3.51
N PRO B 580 23.91 37.33 3.10
CA PRO B 580 22.96 37.01 2.03
C PRO B 580 21.49 36.99 2.41
N VAL B 581 21.10 37.52 3.56
CA VAL B 581 19.72 37.95 3.77
C VAL B 581 19.55 39.42 3.49
N THR B 582 20.40 40.26 4.09
CA THR B 582 20.22 41.70 4.02
C THR B 582 20.50 42.27 2.64
N ILE B 583 21.20 41.53 1.79
CA ILE B 583 21.26 41.95 0.39
C ILE B 583 19.97 41.60 -0.32
N PHE B 584 19.32 40.50 0.06
CA PHE B 584 18.02 40.20 -0.52
C PHE B 584 16.96 41.18 -0.07
N MET B 585 16.93 41.51 1.23
CA MET B 585 15.98 42.52 1.70
C MET B 585 16.31 43.89 1.13
N GLY B 586 17.60 44.19 0.93
CA GLY B 586 17.95 45.42 0.26
C GLY B 586 17.48 45.47 -1.18
N ASN B 587 17.51 44.32 -1.86
CA ASN B 587 17.03 44.30 -3.22
C ASN B 587 15.51 44.37 -3.29
N VAL B 588 14.82 43.81 -2.29
CA VAL B 588 13.37 43.85 -2.27
C VAL B 588 12.88 45.26 -1.95
N VAL B 589 13.42 45.87 -0.89
CA VAL B 589 13.00 47.21 -0.51
C VAL B 589 13.40 48.22 -1.57
N SER B 590 14.56 48.03 -2.19
CA SER B 590 14.96 48.89 -3.30
C SER B 590 14.03 48.70 -4.49
N TYR B 591 13.57 47.48 -4.71
CA TYR B 591 12.73 47.22 -5.88
C TYR B 591 11.32 47.76 -5.68
N LEU B 592 10.80 47.66 -4.46
CA LEU B 592 9.50 48.27 -4.16
C LEU B 592 9.57 49.78 -4.23
N LEU B 593 10.68 50.38 -3.81
CA LEU B 593 10.83 51.83 -4.01
C LEU B 593 10.94 52.17 -5.48
N PHE B 594 11.49 51.27 -6.29
CA PHE B 594 11.49 51.52 -7.73
C PHE B 594 10.09 51.46 -8.31
N LEU B 595 9.23 50.57 -7.79
CA LEU B 595 7.88 50.53 -8.32
C LEU B 595 7.06 51.73 -7.87
N LEU B 596 7.27 52.22 -6.65
CA LEU B 596 6.65 53.49 -6.24
C LEU B 596 7.14 54.65 -7.09
N LEU B 597 8.41 54.59 -7.45
CA LEU B 597 8.99 55.60 -8.31
C LEU B 597 8.40 55.56 -9.71
N PHE B 598 8.13 54.36 -10.21
CA PHE B 598 7.64 54.19 -11.58
C PHE B 598 6.19 54.61 -11.67
N SER B 599 5.39 54.21 -10.69
CA SER B 599 4.00 54.65 -10.66
C SER B 599 3.89 56.14 -10.41
N ARG B 600 4.82 56.70 -9.62
CA ARG B 600 4.86 58.13 -9.39
C ARG B 600 5.21 58.88 -10.68
N VAL B 601 5.98 58.24 -11.56
CA VAL B 601 6.21 58.84 -12.86
C VAL B 601 4.96 58.76 -13.74
N LEU B 602 4.36 57.57 -13.86
CA LEU B 602 3.30 57.36 -14.84
C LEU B 602 2.02 58.10 -14.48
N LEU B 603 1.63 58.07 -13.21
CA LEU B 603 0.27 58.46 -12.88
C LEU B 603 0.13 59.97 -12.79
N VAL B 604 1.07 60.64 -12.15
CA VAL B 604 1.00 62.08 -11.94
C VAL B 604 1.85 62.83 -12.96
N ASP B 605 3.10 62.44 -13.12
CA ASP B 605 4.08 63.15 -13.93
C ASP B 605 3.94 62.76 -15.39
N PHE B 606 5.02 62.91 -16.17
CA PHE B 606 5.25 62.28 -17.47
C PHE B 606 4.54 63.06 -18.57
N GLN B 607 4.04 64.26 -18.25
CA GLN B 607 3.43 65.13 -19.25
C GLN B 607 4.48 65.56 -20.28
N PRO B 608 4.07 65.79 -21.56
CA PRO B 608 5.05 66.02 -22.63
C PRO B 608 5.86 67.30 -22.46
N ALA B 609 7.10 67.10 -22.04
CA ALA B 609 7.99 68.12 -21.50
C ALA B 609 9.36 67.47 -21.34
N PRO B 610 10.42 68.20 -21.02
CA PRO B 610 11.63 67.55 -20.51
C PRO B 610 11.37 66.90 -19.17
N PRO B 611 12.15 65.90 -18.78
CA PRO B 611 11.92 65.21 -17.51
C PRO B 611 12.25 66.09 -16.31
N GLY B 612 11.22 66.46 -15.57
CA GLY B 612 11.35 67.41 -14.47
C GLY B 612 11.88 66.83 -13.18
N SER B 613 13.13 66.39 -13.19
CA SER B 613 13.98 66.03 -12.06
C SER B 613 13.52 64.77 -11.32
N LEU B 614 12.41 64.15 -11.70
CA LEU B 614 11.97 62.93 -11.04
C LEU B 614 11.88 61.76 -12.01
N GLU B 615 11.62 62.03 -13.28
CA GLU B 615 11.66 60.99 -14.30
C GLU B 615 13.08 60.57 -14.63
N LEU B 616 14.08 61.38 -14.27
CA LEU B 616 15.48 61.01 -14.53
C LEU B 616 15.95 59.90 -13.62
N LEU B 617 15.34 59.75 -12.44
CA LEU B 617 15.68 58.66 -11.55
C LEU B 617 15.28 57.31 -12.14
N LEU B 618 14.32 57.31 -13.06
CA LEU B 618 14.07 56.10 -13.84
C LEU B 618 15.24 55.76 -14.72
N TYR B 619 15.93 56.77 -15.25
CA TYR B 619 16.98 56.46 -16.20
C TYR B 619 18.25 56.07 -15.47
N PHE B 620 18.56 56.76 -14.38
CA PHE B 620 19.68 56.37 -13.52
C PHE B 620 19.41 55.00 -12.90
N TRP B 621 18.18 54.81 -12.44
CA TRP B 621 17.74 53.55 -11.83
C TRP B 621 17.72 52.34 -12.77
N ALA B 622 17.22 52.52 -13.99
CA ALA B 622 17.14 51.42 -14.95
C ALA B 622 18.48 51.17 -15.61
N PHE B 623 19.33 52.20 -15.70
CA PHE B 623 20.69 51.93 -16.13
C PHE B 623 21.45 51.15 -15.06
N THR B 624 21.14 51.38 -13.78
CA THR B 624 21.74 50.50 -12.78
C THR B 624 21.14 49.09 -12.81
N LEU B 625 19.92 48.91 -13.31
CA LEU B 625 19.43 47.55 -13.48
C LEU B 625 20.09 46.87 -14.67
N LEU B 626 20.46 47.64 -15.70
CA LEU B 626 21.33 47.09 -16.74
C LEU B 626 22.70 46.76 -16.17
N CYS B 627 23.17 47.54 -15.21
CA CYS B 627 24.42 47.19 -14.54
C CYS B 627 24.26 46.00 -13.59
N GLU B 628 23.04 45.63 -13.21
CA GLU B 628 22.86 44.33 -12.58
C GLU B 628 22.89 43.21 -13.60
N GLU B 629 22.13 43.37 -14.69
CA GLU B 629 21.92 42.25 -15.60
C GLU B 629 23.15 41.94 -16.44
N LEU B 630 24.00 42.94 -16.67
CA LEU B 630 25.25 42.61 -17.35
C LEU B 630 26.34 42.16 -16.40
N ARG B 631 26.22 42.46 -15.11
CA ARG B 631 27.17 41.88 -14.17
C ARG B 631 26.83 40.43 -13.87
N GLN B 632 25.54 40.12 -13.82
CA GLN B 632 25.12 38.74 -13.57
C GLN B 632 25.30 37.88 -14.80
N GLY B 633 25.27 38.49 -15.98
CA GLY B 633 25.43 37.78 -17.22
C GLY B 633 26.84 37.46 -17.62
N LEU B 634 27.82 37.75 -16.78
CA LEU B 634 29.21 37.50 -17.12
C LEU B 634 29.93 36.73 -16.02
N ALA B 651 33.15 32.33 -25.15
CA ALA B 651 33.57 31.09 -24.48
C ALA B 651 33.51 31.26 -22.98
N SER B 652 34.07 32.36 -22.50
CA SER B 652 33.92 32.75 -21.10
C SER B 652 33.03 33.97 -20.94
N LEU B 653 32.87 34.79 -21.97
CA LEU B 653 31.93 35.88 -21.97
C LEU B 653 30.90 35.79 -23.07
N SER B 654 31.00 34.81 -23.97
CA SER B 654 30.01 34.59 -25.00
C SER B 654 29.24 33.28 -24.82
N GLN B 655 29.78 32.36 -24.03
CA GLN B 655 29.04 31.16 -23.68
C GLN B 655 28.30 31.35 -22.36
N ARG B 656 28.91 32.07 -21.41
CA ARG B 656 28.22 32.43 -20.17
C ARG B 656 27.04 33.34 -20.45
N LEU B 657 27.16 34.21 -21.43
CA LEU B 657 26.05 35.07 -21.82
C LEU B 657 25.00 34.29 -22.61
N ARG B 658 25.37 33.13 -23.17
CA ARG B 658 24.37 32.30 -23.82
C ARG B 658 23.60 31.47 -22.81
N LEU B 659 24.30 30.83 -21.87
CA LEU B 659 23.65 30.08 -20.81
C LEU B 659 22.90 30.98 -19.83
N TYR B 660 23.27 32.26 -19.77
CA TYR B 660 22.53 33.23 -18.98
C TYR B 660 21.15 33.47 -19.55
N LEU B 661 21.09 33.82 -20.84
CA LEU B 661 19.83 34.07 -21.52
C LEU B 661 19.17 32.81 -22.04
N ALA B 662 19.71 31.63 -21.72
CA ALA B 662 19.01 30.39 -22.04
C ALA B 662 17.88 30.12 -21.06
N ASP B 663 17.99 30.65 -19.84
CA ASP B 663 16.93 30.51 -18.85
C ASP B 663 15.68 31.25 -19.31
N SER B 664 14.55 30.54 -19.33
CA SER B 664 13.32 31.08 -19.88
C SER B 664 12.75 32.22 -19.07
N TRP B 665 13.10 32.35 -17.80
CA TRP B 665 12.66 33.52 -17.08
C TRP B 665 13.49 34.74 -17.43
N ASN B 666 14.81 34.57 -17.50
CA ASN B 666 15.69 35.72 -17.41
C ASN B 666 15.81 36.48 -18.71
N GLN B 667 15.27 35.95 -19.81
CA GLN B 667 15.20 36.72 -21.05
C GLN B 667 14.04 37.70 -21.01
N CYS B 668 13.06 37.45 -20.15
CA CYS B 668 11.93 38.36 -20.01
C CYS B 668 12.35 39.70 -19.40
N ASP B 669 13.45 39.72 -18.67
CA ASP B 669 13.98 40.98 -18.18
C ASP B 669 14.78 41.71 -19.25
N LEU B 670 15.30 40.98 -20.23
CA LEU B 670 15.83 41.63 -21.41
C LEU B 670 14.70 42.22 -22.25
N VAL B 671 13.54 41.56 -22.25
CA VAL B 671 12.35 42.16 -22.84
C VAL B 671 11.89 43.36 -22.02
N ALA B 672 12.09 43.31 -20.70
CA ALA B 672 11.63 44.39 -19.85
C ALA B 672 12.50 45.63 -19.99
N LEU B 673 13.81 45.46 -20.01
CA LEU B 673 14.69 46.62 -20.09
C LEU B 673 14.90 47.08 -21.52
N THR B 674 15.04 46.14 -22.46
CA THR B 674 15.14 46.50 -23.86
C THR B 674 13.80 47.00 -24.42
N CYS B 675 12.70 46.65 -23.78
CA CYS B 675 11.42 47.25 -24.12
C CYS B 675 11.20 48.54 -23.36
N PHE B 676 11.86 48.69 -22.21
CA PHE B 676 11.87 49.96 -21.49
C PHE B 676 12.53 51.04 -22.33
N LEU B 677 13.74 50.78 -22.82
CA LEU B 677 14.46 51.76 -23.63
C LEU B 677 13.86 51.96 -25.01
N LEU B 678 12.91 51.12 -25.42
CA LEU B 678 12.14 51.37 -26.63
C LEU B 678 10.98 52.33 -26.38
N GLY B 679 10.41 52.34 -25.18
CA GLY B 679 9.34 53.25 -24.86
C GLY B 679 9.89 54.59 -24.44
N VAL B 680 11.12 54.59 -23.94
CA VAL B 680 11.83 55.82 -23.61
C VAL B 680 12.08 56.65 -24.84
N GLY B 681 12.47 56.01 -25.95
CA GLY B 681 12.77 56.75 -27.18
C GLY B 681 11.55 57.42 -27.76
N CYS B 682 10.36 56.91 -27.44
CA CYS B 682 9.15 57.63 -27.80
C CYS B 682 9.00 58.89 -26.95
N ARG B 683 9.42 58.82 -25.68
CA ARG B 683 9.27 59.98 -24.80
C ARG B 683 10.26 61.08 -25.16
N LEU B 684 11.51 60.70 -25.42
CA LEU B 684 12.56 61.68 -25.63
C LEU B 684 12.37 62.43 -26.94
N THR B 685 11.82 61.76 -27.92
CA THR B 685 11.48 62.49 -29.14
C THR B 685 10.15 63.21 -28.96
N PRO B 686 10.01 64.44 -29.47
CA PRO B 686 8.71 65.10 -29.45
C PRO B 686 7.80 64.66 -30.57
N GLY B 687 8.28 63.82 -31.49
CA GLY B 687 7.50 63.48 -32.66
C GLY B 687 6.28 62.63 -32.37
N LEU B 688 6.38 61.73 -31.39
CA LEU B 688 5.28 60.84 -31.05
C LEU B 688 5.29 60.55 -29.56
N TYR B 689 4.36 61.18 -28.86
CA TYR B 689 3.94 60.80 -27.53
C TYR B 689 2.86 59.73 -27.72
N HIS B 690 2.34 59.20 -26.61
CA HIS B 690 1.28 58.19 -26.51
C HIS B 690 1.69 56.82 -27.03
N LEU B 691 2.89 56.66 -27.57
CA LEU B 691 3.53 55.34 -27.63
C LEU B 691 4.53 55.14 -26.52
N GLY B 692 4.98 56.21 -25.88
CA GLY B 692 5.82 56.04 -24.72
C GLY B 692 5.05 55.49 -23.54
N ARG B 693 3.87 56.04 -23.26
CA ARG B 693 3.18 55.70 -22.02
C ARG B 693 2.57 54.32 -22.09
N THR B 694 2.13 53.88 -23.28
CA THR B 694 1.59 52.53 -23.40
C THR B 694 2.66 51.47 -23.18
N VAL B 695 3.79 51.64 -23.84
CA VAL B 695 4.89 50.69 -23.71
C VAL B 695 5.47 50.72 -22.30
N LEU B 696 5.49 51.88 -21.67
CA LEU B 696 5.90 51.91 -20.27
C LEU B 696 4.87 51.30 -19.33
N CYS B 697 3.58 51.31 -19.69
CA CYS B 697 2.61 50.64 -18.84
C CYS B 697 2.77 49.13 -18.91
N ILE B 698 2.93 48.60 -20.12
CA ILE B 698 3.15 47.15 -20.24
C ILE B 698 4.50 46.76 -19.63
N ASP B 699 5.50 47.63 -19.74
CA ASP B 699 6.76 47.40 -19.03
C ASP B 699 6.62 47.48 -17.52
N PHE B 700 5.65 48.25 -17.02
CA PHE B 700 5.41 48.25 -15.58
C PHE B 700 4.79 46.94 -15.16
N MET B 701 3.96 46.35 -16.01
CA MET B 701 3.45 45.00 -15.73
C MET B 701 4.57 43.99 -15.67
N VAL B 702 5.49 44.01 -16.64
CA VAL B 702 6.57 43.02 -16.65
C VAL B 702 7.50 43.24 -15.45
N PHE B 703 7.73 44.50 -15.09
CA PHE B 703 8.52 44.82 -13.90
C PHE B 703 7.89 44.32 -12.61
N THR B 704 6.58 44.41 -12.46
CA THR B 704 5.97 43.87 -11.25
C THR B 704 5.83 42.36 -11.27
N VAL B 705 5.77 41.74 -12.46
CA VAL B 705 5.76 40.29 -12.51
C VAL B 705 7.15 39.74 -12.19
N ARG B 706 8.21 40.55 -12.34
CA ARG B 706 9.52 40.09 -11.86
C ARG B 706 9.58 39.96 -10.33
N LEU B 707 8.70 40.66 -9.62
CA LEU B 707 8.71 40.62 -8.17
C LEU B 707 8.26 39.26 -7.64
N LEU B 708 7.57 38.47 -8.45
CA LEU B 708 7.33 37.07 -8.10
C LEU B 708 8.64 36.28 -8.12
N HIS B 709 9.45 36.47 -9.16
CA HIS B 709 10.68 35.71 -9.31
C HIS B 709 11.72 36.11 -8.27
N ILE B 710 11.65 37.34 -7.77
CA ILE B 710 12.52 37.71 -6.65
C ILE B 710 12.16 36.90 -5.41
N PHE B 711 10.87 36.65 -5.20
CA PHE B 711 10.42 35.93 -4.02
C PHE B 711 10.37 34.43 -4.21
N THR B 712 11.22 33.85 -5.05
CA THR B 712 11.29 32.40 -5.11
C THR B 712 12.12 31.81 -3.98
N VAL B 713 12.76 32.64 -3.17
CA VAL B 713 13.63 32.16 -2.10
C VAL B 713 12.92 32.47 -0.79
N ASN B 714 12.09 31.53 -0.34
CA ASN B 714 11.43 31.58 0.95
C ASN B 714 11.07 30.17 1.34
N LYS B 715 11.02 29.92 2.65
CA LYS B 715 10.54 28.62 3.08
C LYS B 715 9.01 28.56 3.05
N GLN B 716 8.36 29.71 3.01
CA GLN B 716 6.90 29.80 3.11
C GLN B 716 6.24 30.24 1.81
N LEU B 717 6.81 31.24 1.14
CA LEU B 717 6.25 31.78 -0.08
C LEU B 717 7.07 31.23 -1.25
N GLY B 718 7.43 29.97 -1.08
CA GLY B 718 8.51 29.36 -1.81
C GLY B 718 8.02 28.53 -2.96
N PRO B 719 7.82 27.23 -2.71
CA PRO B 719 7.46 26.30 -3.78
C PRO B 719 6.17 26.63 -4.50
N LYS B 720 5.28 27.40 -3.86
CA LYS B 720 3.98 27.71 -4.44
C LYS B 720 4.12 28.50 -5.73
N ILE B 721 5.05 29.45 -5.76
CA ILE B 721 5.33 30.24 -6.96
C ILE B 721 5.88 29.36 -8.08
N VAL B 722 6.65 28.32 -7.72
CA VAL B 722 7.12 27.38 -8.72
C VAL B 722 5.95 26.54 -9.24
N ILE B 723 5.00 26.18 -8.36
CA ILE B 723 3.90 25.31 -8.75
C ILE B 723 2.91 26.03 -9.65
N VAL B 724 2.77 27.37 -9.50
CA VAL B 724 1.86 28.13 -10.35
C VAL B 724 2.28 28.06 -11.82
N SER B 725 3.58 28.03 -12.07
CA SER B 725 4.03 27.94 -13.45
C SER B 725 3.89 26.53 -14.02
N LYS B 726 3.85 25.50 -13.18
CA LYS B 726 3.70 24.14 -13.66
C LYS B 726 2.27 23.79 -14.02
N MET B 727 1.31 24.67 -13.72
CA MET B 727 -0.10 24.37 -13.90
C MET B 727 -0.74 25.24 -14.98
N MET B 728 0.06 25.93 -15.79
CA MET B 728 -0.49 26.75 -16.85
C MET B 728 -0.96 25.93 -18.04
N LYS B 729 -0.56 24.66 -18.13
CA LYS B 729 -1.01 23.80 -19.22
C LYS B 729 -2.50 23.55 -19.19
N ASP B 730 -3.09 23.41 -18.00
CA ASP B 730 -4.53 23.27 -17.87
C ASP B 730 -5.24 24.57 -18.24
N VAL B 731 -4.59 25.71 -17.97
CA VAL B 731 -5.12 26.99 -18.42
C VAL B 731 -5.11 27.06 -19.93
N PHE B 732 -4.12 26.45 -20.58
CA PHE B 732 -4.16 26.45 -22.03
C PHE B 732 -5.18 25.48 -22.60
N PHE B 733 -5.48 24.39 -21.90
CA PHE B 733 -6.58 23.55 -22.38
C PHE B 733 -7.92 24.24 -22.24
N PHE B 734 -8.18 24.83 -21.08
CA PHE B 734 -9.42 25.58 -20.87
C PHE B 734 -9.53 26.73 -21.85
N LEU B 735 -8.42 27.41 -22.11
CA LEU B 735 -8.40 28.51 -23.06
C LEU B 735 -8.63 28.00 -24.47
N PHE B 736 -8.24 26.76 -24.76
CA PHE B 736 -8.60 26.17 -26.04
C PHE B 736 -10.09 25.87 -26.11
N PHE B 737 -10.68 25.39 -25.01
CA PHE B 737 -12.07 24.98 -25.08
C PHE B 737 -12.99 26.19 -25.14
N LEU B 738 -12.60 27.31 -24.52
CA LEU B 738 -13.28 28.55 -24.82
C LEU B 738 -12.93 29.07 -26.20
N GLY B 739 -11.75 28.73 -26.71
CA GLY B 739 -11.39 29.08 -28.08
C GLY B 739 -12.29 28.45 -29.12
N VAL B 740 -12.90 27.31 -28.79
CA VAL B 740 -13.96 26.74 -29.61
C VAL B 740 -15.33 27.31 -29.25
N TRP B 741 -15.66 27.32 -27.97
CA TRP B 741 -17.05 27.51 -27.58
C TRP B 741 -17.46 28.98 -27.62
N LEU B 742 -16.54 29.92 -27.42
CA LEU B 742 -16.82 31.33 -27.64
C LEU B 742 -17.05 31.63 -29.11
N VAL B 743 -16.41 30.91 -30.02
CA VAL B 743 -16.68 31.11 -31.42
C VAL B 743 -18.03 30.52 -31.79
N ALA B 744 -18.37 29.39 -31.18
CA ALA B 744 -19.64 28.74 -31.49
C ALA B 744 -20.83 29.57 -31.02
N TYR B 745 -20.94 29.78 -29.70
CA TYR B 745 -22.01 30.63 -29.18
C TYR B 745 -21.82 32.07 -29.61
N GLY B 746 -20.58 32.48 -29.84
CA GLY B 746 -20.30 33.87 -30.14
C GLY B 746 -20.80 34.28 -31.51
N VAL B 747 -20.43 33.52 -32.53
CA VAL B 747 -20.89 33.87 -33.87
C VAL B 747 -22.33 33.43 -34.05
N ALA B 748 -22.71 32.30 -33.48
CA ALA B 748 -24.08 31.84 -33.64
C ALA B 748 -25.08 32.64 -32.82
N THR B 749 -24.61 33.48 -31.91
CA THR B 749 -25.49 34.47 -31.29
C THR B 749 -25.98 35.45 -32.33
N GLU B 750 -25.08 35.97 -33.16
CA GLU B 750 -25.53 36.74 -34.31
C GLU B 750 -25.98 35.80 -35.41
N GLY B 751 -26.51 36.37 -36.45
CA GLY B 751 -27.26 35.56 -37.38
C GLY B 751 -28.67 35.35 -36.89
N LEU B 752 -28.83 34.71 -35.73
CA LEU B 752 -30.12 34.62 -35.07
C LEU B 752 -30.68 35.99 -34.76
N LEU B 753 -29.88 36.86 -34.13
CA LEU B 753 -30.39 38.17 -33.78
C LEU B 753 -30.02 39.20 -34.86
N ARG B 754 -28.88 39.01 -35.51
CA ARG B 754 -28.45 39.76 -36.69
C ARG B 754 -28.49 41.29 -36.58
N PRO B 755 -27.49 41.91 -35.96
CA PRO B 755 -27.54 43.36 -35.76
C PRO B 755 -27.51 44.15 -37.06
N ARG B 756 -27.81 45.44 -36.90
CA ARG B 756 -27.86 46.45 -37.95
C ARG B 756 -26.50 47.00 -38.34
N ASP B 757 -26.49 47.79 -39.41
CA ASP B 757 -25.26 48.34 -39.96
C ASP B 757 -24.23 48.58 -38.87
N SER B 758 -23.19 47.75 -38.88
CA SER B 758 -22.27 47.62 -37.78
C SER B 758 -20.90 47.20 -38.33
N ASP B 759 -19.86 47.83 -37.81
CA ASP B 759 -18.53 47.70 -38.33
C ASP B 759 -17.94 46.35 -37.93
N PHE B 760 -16.84 45.97 -38.59
CA PHE B 760 -16.11 44.76 -38.24
C PHE B 760 -15.59 44.71 -36.80
N PRO B 761 -15.08 45.79 -36.18
CA PRO B 761 -14.86 45.69 -34.73
C PRO B 761 -16.14 45.60 -33.92
N SER B 762 -17.25 46.14 -34.43
CA SER B 762 -18.50 45.99 -33.70
C SER B 762 -19.08 44.60 -33.81
N ILE B 763 -18.67 43.82 -34.81
CA ILE B 763 -19.06 42.43 -34.86
C ILE B 763 -18.07 41.58 -34.08
N LEU B 764 -16.79 41.94 -34.14
CA LEU B 764 -15.75 41.27 -33.39
C LEU B 764 -15.74 41.68 -31.92
N ARG B 765 -16.65 42.55 -31.53
CA ARG B 765 -16.96 42.87 -30.14
C ARG B 765 -18.16 42.10 -29.63
N ARG B 766 -19.17 41.92 -30.48
CA ARG B 766 -20.32 41.13 -30.10
C ARG B 766 -19.97 39.66 -30.04
N VAL B 767 -18.94 39.24 -30.76
CA VAL B 767 -18.29 37.96 -30.55
C VAL B 767 -17.05 38.27 -29.75
N PHE B 768 -16.58 37.30 -28.96
CA PHE B 768 -15.31 37.25 -28.24
C PHE B 768 -15.25 38.18 -27.03
N TYR B 769 -16.16 39.12 -26.88
CA TYR B 769 -16.10 39.99 -25.72
C TYR B 769 -17.37 39.99 -24.91
N ARG B 770 -18.53 40.19 -25.54
CA ARG B 770 -19.77 39.89 -24.86
C ARG B 770 -19.92 38.43 -24.47
N PRO B 771 -19.56 37.41 -25.28
CA PRO B 771 -19.61 36.05 -24.76
C PRO B 771 -18.50 35.73 -23.79
N TYR B 772 -17.43 36.52 -23.74
CA TYR B 772 -16.41 36.26 -22.74
C TYR B 772 -16.86 36.73 -21.38
N LEU B 773 -17.59 37.83 -21.32
CA LEU B 773 -18.07 38.32 -20.05
C LEU B 773 -19.37 37.67 -19.61
N GLN B 774 -19.92 36.74 -20.39
CA GLN B 774 -21.04 35.96 -19.87
C GLN B 774 -20.59 35.01 -18.79
N ILE B 775 -19.33 34.58 -18.91
CA ILE B 775 -18.75 33.64 -17.99
C ILE B 775 -18.66 34.23 -16.62
N PHE B 776 -18.18 35.47 -16.56
CA PHE B 776 -18.08 36.11 -15.26
C PHE B 776 -18.44 37.56 -15.12
N GLY B 777 -19.42 37.78 -14.26
CA GLY B 777 -19.89 39.05 -13.79
C GLY B 777 -21.03 39.72 -14.46
N GLN B 778 -20.83 40.02 -15.74
CA GLN B 778 -21.87 40.73 -16.42
C GLN B 778 -22.55 40.08 -17.59
N ILE B 779 -23.83 39.84 -17.40
CA ILE B 779 -24.69 39.42 -18.50
C ILE B 779 -25.56 40.60 -18.90
N PRO B 780 -25.52 41.05 -20.15
CA PRO B 780 -26.33 42.21 -20.53
C PRO B 780 -27.83 41.94 -20.47
N GLN B 781 -28.33 40.98 -21.22
CA GLN B 781 -29.75 40.70 -21.19
C GLN B 781 -30.59 41.85 -21.72
N GLU B 782 -29.94 42.87 -22.26
CA GLU B 782 -30.66 43.98 -22.86
C GLU B 782 -30.19 44.11 -24.29
N ASP B 783 -29.06 43.50 -24.55
CA ASP B 783 -28.47 43.50 -25.89
C ASP B 783 -28.81 42.23 -26.66
N MET B 784 -29.44 41.26 -26.01
CA MET B 784 -30.17 40.18 -26.63
C MET B 784 -31.51 40.14 -25.92
N ASP B 785 -32.29 39.09 -26.19
CA ASP B 785 -33.57 38.82 -25.53
C ASP B 785 -34.54 40.00 -25.70
N VAL B 786 -34.97 40.16 -26.95
CA VAL B 786 -35.82 41.25 -27.44
C VAL B 786 -37.07 41.50 -26.60
N ALA B 787 -37.61 40.48 -25.93
CA ALA B 787 -38.76 40.66 -25.06
C ALA B 787 -38.47 41.60 -23.89
N LEU B 788 -37.19 41.68 -23.48
CA LEU B 788 -36.82 42.71 -22.53
C LEU B 788 -36.64 44.06 -23.19
N MET B 789 -36.25 44.07 -24.46
CA MET B 789 -35.97 45.31 -25.16
C MET B 789 -37.27 46.00 -25.57
N GLU B 790 -37.14 47.15 -26.22
CA GLU B 790 -38.30 47.88 -26.69
C GLU B 790 -38.78 47.21 -27.97
N HIS B 791 -40.06 46.86 -28.01
CA HIS B 791 -40.67 46.20 -29.16
C HIS B 791 -40.82 47.08 -30.41
N SER B 792 -40.76 48.40 -30.21
CA SER B 792 -40.91 49.32 -31.32
C SER B 792 -39.85 49.05 -32.38
N ASN B 793 -40.27 49.11 -33.64
CA ASN B 793 -39.39 48.86 -34.77
C ASN B 793 -38.21 49.83 -34.79
N CYS B 794 -37.21 49.48 -35.60
CA CYS B 794 -36.12 50.39 -35.93
C CYS B 794 -36.05 50.77 -37.40
N SER B 795 -35.94 49.78 -38.30
CA SER B 795 -35.60 50.06 -39.68
C SER B 795 -36.63 49.42 -40.60
N SER B 796 -36.32 49.43 -41.89
CA SER B 796 -37.27 49.08 -42.94
C SER B 796 -36.97 47.72 -43.58
N GLU B 797 -36.06 46.95 -43.03
CA GLU B 797 -35.81 45.61 -43.55
C GLU B 797 -36.96 44.69 -43.13
N PRO B 798 -37.26 43.64 -43.90
CA PRO B 798 -38.36 42.75 -43.52
C PRO B 798 -38.03 41.90 -42.30
N GLY B 799 -39.02 41.79 -41.41
CA GLY B 799 -38.84 41.09 -40.15
C GLY B 799 -39.31 41.94 -38.99
N PHE B 800 -39.04 41.51 -37.76
CA PHE B 800 -39.45 42.29 -36.60
C PHE B 800 -38.19 42.73 -35.85
N TRP B 801 -38.04 44.04 -35.71
CA TRP B 801 -36.78 44.65 -35.34
C TRP B 801 -36.98 45.42 -34.04
N ALA B 802 -35.93 45.53 -33.24
CA ALA B 802 -36.17 45.89 -31.85
C ALA B 802 -35.59 47.24 -31.43
N HIS B 803 -34.35 47.55 -31.83
CA HIS B 803 -33.53 48.64 -31.28
C HIS B 803 -33.45 48.53 -29.76
N PRO B 804 -32.62 47.61 -29.24
CA PRO B 804 -32.49 47.48 -27.80
C PRO B 804 -31.65 48.64 -27.25
N PRO B 805 -31.72 48.87 -25.95
CA PRO B 805 -30.88 49.92 -25.35
C PRO B 805 -29.42 49.50 -25.28
N GLY B 806 -28.62 50.38 -24.71
CA GLY B 806 -27.19 50.20 -24.68
C GLY B 806 -26.51 50.81 -25.88
N ALA B 807 -25.19 50.90 -25.80
CA ALA B 807 -24.38 51.49 -26.85
C ALA B 807 -23.34 50.47 -27.32
N GLN B 808 -23.17 50.38 -28.64
CA GLN B 808 -22.24 49.49 -29.34
C GLN B 808 -22.46 48.02 -29.02
N ALA B 809 -23.66 47.63 -28.61
CA ALA B 809 -24.01 46.23 -28.47
C ALA B 809 -25.35 45.92 -29.10
N GLY B 810 -26.19 46.92 -29.33
CA GLY B 810 -27.48 46.70 -29.93
C GLY B 810 -27.51 47.20 -31.35
N THR B 811 -28.03 48.42 -31.53
CA THR B 811 -28.20 49.08 -32.83
C THR B 811 -29.07 48.23 -33.76
N CYS B 812 -30.36 48.16 -33.39
CA CYS B 812 -31.44 47.62 -34.22
C CYS B 812 -31.29 46.12 -34.46
N VAL B 813 -31.24 45.39 -33.34
CA VAL B 813 -31.27 43.94 -33.36
C VAL B 813 -32.61 43.45 -33.85
N SER B 814 -32.61 42.48 -34.76
CA SER B 814 -33.86 41.92 -35.23
C SER B 814 -34.34 40.85 -34.27
N GLN B 815 -35.40 40.16 -34.67
CA GLN B 815 -35.78 38.91 -34.03
C GLN B 815 -36.57 38.07 -35.01
N TYR B 816 -36.18 36.80 -35.14
CA TYR B 816 -37.07 35.80 -35.71
C TYR B 816 -37.36 34.71 -34.69
N ALA B 817 -36.31 34.11 -34.14
CA ALA B 817 -36.44 33.17 -33.05
C ALA B 817 -35.57 33.66 -31.92
N ASN B 818 -36.19 33.96 -30.79
CA ASN B 818 -35.43 34.17 -29.57
C ASN B 818 -35.74 33.12 -28.53
N TRP B 819 -36.26 31.97 -28.93
CA TRP B 819 -35.99 30.81 -28.11
C TRP B 819 -34.60 30.29 -28.38
N LEU B 820 -34.00 30.65 -29.52
CA LEU B 820 -32.66 30.19 -29.78
C LEU B 820 -31.59 31.10 -29.20
N VAL B 821 -31.83 32.40 -29.10
CA VAL B 821 -30.81 33.24 -28.49
C VAL B 821 -30.82 33.05 -26.98
N VAL B 822 -32.01 32.99 -26.39
CA VAL B 822 -32.12 32.70 -24.98
C VAL B 822 -31.71 31.27 -24.67
N LEU B 823 -32.04 30.33 -25.56
CA LEU B 823 -31.70 28.93 -25.30
C LEU B 823 -30.21 28.68 -25.47
N LEU B 824 -29.57 29.39 -26.39
CA LEU B 824 -28.12 29.30 -26.48
C LEU B 824 -27.44 30.10 -25.38
N LEU B 825 -28.13 31.08 -24.79
CA LEU B 825 -27.60 31.72 -23.61
C LEU B 825 -27.61 30.75 -22.43
N VAL B 826 -28.66 29.96 -22.30
CA VAL B 826 -28.75 28.97 -21.24
C VAL B 826 -27.71 27.87 -21.44
N ILE B 827 -27.55 27.40 -22.68
CA ILE B 827 -26.57 26.35 -22.96
C ILE B 827 -25.14 26.87 -22.78
N PHE B 828 -24.90 28.14 -23.15
CA PHE B 828 -23.57 28.71 -22.94
C PHE B 828 -23.26 28.86 -21.46
N LEU B 829 -24.24 29.28 -20.67
CA LEU B 829 -23.96 29.44 -19.25
C LEU B 829 -23.87 28.09 -18.55
N LEU B 830 -24.42 27.04 -19.15
CA LEU B 830 -24.25 25.73 -18.55
C LEU B 830 -22.93 25.09 -18.95
N VAL B 831 -22.40 25.41 -20.12
CA VAL B 831 -21.14 24.80 -20.53
C VAL B 831 -19.96 25.57 -19.97
N ALA B 832 -20.00 26.89 -20.04
CA ALA B 832 -18.81 27.66 -19.69
C ALA B 832 -18.76 28.07 -18.23
N ASN B 833 -19.77 27.68 -17.45
CA ASN B 833 -19.83 27.98 -16.03
C ASN B 833 -19.99 26.75 -15.16
N ILE B 834 -20.59 25.69 -15.70
CA ILE B 834 -20.79 24.48 -14.92
C ILE B 834 -20.05 23.25 -15.46
N LEU B 835 -19.73 23.21 -16.74
CA LEU B 835 -19.00 22.08 -17.29
C LEU B 835 -17.53 22.39 -17.48
N LEU B 836 -17.14 23.67 -17.38
CA LEU B 836 -15.74 24.04 -17.64
C LEU B 836 -14.96 24.45 -16.41
N VAL B 837 -15.44 25.48 -15.70
CA VAL B 837 -14.70 25.97 -14.54
C VAL B 837 -14.70 24.93 -13.45
N ASN B 838 -15.81 24.22 -13.29
CA ASN B 838 -15.89 23.12 -12.34
C ASN B 838 -15.18 21.87 -12.85
N LEU B 839 -14.51 21.96 -13.99
CA LEU B 839 -13.61 20.93 -14.48
C LEU B 839 -12.17 21.39 -14.52
N LEU B 840 -11.93 22.69 -14.66
CA LEU B 840 -10.61 23.21 -14.34
C LEU B 840 -10.23 22.94 -12.92
N ILE B 841 -11.16 23.09 -11.98
CA ILE B 841 -10.82 22.84 -10.59
C ILE B 841 -10.52 21.36 -10.36
N ALA B 842 -11.11 20.48 -11.17
CA ALA B 842 -10.68 19.10 -11.17
C ALA B 842 -9.28 18.94 -11.72
N MET B 843 -8.90 19.74 -12.72
CA MET B 843 -7.58 19.58 -13.30
C MET B 843 -6.48 20.16 -12.43
N PHE B 844 -6.67 21.36 -11.91
CA PHE B 844 -5.72 21.92 -10.95
C PHE B 844 -5.66 21.06 -9.70
N SER B 845 -6.83 20.63 -9.22
CA SER B 845 -6.87 19.82 -8.01
C SER B 845 -6.33 18.42 -8.22
N TYR B 846 -6.12 17.99 -9.46
CA TYR B 846 -5.43 16.74 -9.68
C TYR B 846 -3.94 16.95 -9.86
N THR B 847 -3.53 17.94 -10.67
CA THR B 847 -2.10 18.10 -10.93
C THR B 847 -1.35 18.68 -9.74
N PHE B 848 -2.04 19.30 -8.77
CA PHE B 848 -1.35 19.91 -7.66
C PHE B 848 -0.70 18.90 -6.73
N GLY B 849 -1.17 17.66 -6.71
CA GLY B 849 -0.54 16.67 -5.86
C GLY B 849 0.81 16.23 -6.39
N LYS B 850 0.80 15.75 -7.63
CA LYS B 850 2.02 15.25 -8.27
C LYS B 850 3.04 16.35 -8.44
N VAL B 851 2.59 17.49 -8.95
CA VAL B 851 3.43 18.66 -9.10
C VAL B 851 3.89 19.18 -7.74
N GLN B 852 3.07 19.02 -6.70
CA GLN B 852 3.44 19.45 -5.35
C GLN B 852 4.67 18.70 -4.85
N GLY B 853 4.62 17.37 -4.90
CA GLY B 853 5.79 16.61 -4.48
C GLY B 853 7.03 16.84 -5.33
N ASN B 854 6.88 16.66 -6.64
CA ASN B 854 8.04 16.68 -7.53
C ASN B 854 8.67 18.07 -7.62
N SER B 855 7.84 19.11 -7.78
CA SER B 855 8.40 20.45 -7.91
C SER B 855 8.72 21.07 -6.56
N ASP B 856 8.18 20.54 -5.46
CA ASP B 856 8.73 20.89 -4.16
C ASP B 856 10.18 20.45 -4.07
N LEU B 857 10.46 19.21 -4.50
CA LEU B 857 11.83 18.73 -4.48
C LEU B 857 12.72 19.49 -5.47
N TYR B 858 12.20 19.82 -6.66
CA TYR B 858 13.02 20.54 -7.63
C TYR B 858 13.29 21.98 -7.21
N TRP B 859 12.35 22.59 -6.47
CA TRP B 859 12.64 23.88 -5.85
C TRP B 859 13.75 23.75 -4.82
N LYS B 860 13.65 22.71 -3.98
CA LYS B 860 14.69 22.42 -2.98
C LYS B 860 16.06 22.26 -3.63
N ALA B 861 16.11 21.74 -4.86
CA ALA B 861 17.38 21.69 -5.56
C ALA B 861 17.82 23.05 -6.12
N GLN B 862 16.88 23.88 -6.58
CA GLN B 862 17.31 25.16 -7.14
C GLN B 862 17.66 26.19 -6.07
N ARG B 863 17.37 25.88 -4.81
CA ARG B 863 17.59 26.80 -3.70
C ARG B 863 19.05 27.23 -3.60
N TYR B 864 19.99 26.29 -3.67
CA TYR B 864 21.40 26.61 -3.46
C TYR B 864 21.96 27.54 -4.52
N ARG B 865 21.54 27.34 -5.76
CA ARG B 865 22.01 28.18 -6.84
C ARG B 865 21.55 29.61 -6.56
N LEU B 866 20.31 29.76 -6.11
CA LEU B 866 19.77 31.08 -5.79
C LEU B 866 20.53 31.74 -4.65
N ILE B 867 20.84 30.97 -3.62
CA ILE B 867 21.57 31.51 -2.48
C ILE B 867 22.94 31.97 -2.94
N ARG B 868 23.55 31.19 -3.82
CA ARG B 868 24.86 31.54 -4.32
C ARG B 868 24.78 32.87 -5.06
N GLU B 869 23.74 33.03 -5.86
CA GLU B 869 23.58 34.26 -6.61
C GLU B 869 23.42 35.45 -5.68
N PHE B 870 22.61 35.31 -4.63
CA PHE B 870 22.48 36.42 -3.70
C PHE B 870 23.66 36.51 -2.76
N HIS B 871 24.82 36.00 -3.16
CA HIS B 871 26.05 36.20 -2.41
C HIS B 871 27.10 36.92 -3.22
N SER B 872 27.05 36.81 -4.55
CA SER B 872 27.88 37.58 -5.44
C SER B 872 27.26 38.93 -5.79
N ARG B 873 26.12 39.25 -5.20
CA ARG B 873 25.52 40.56 -5.37
C ARG B 873 26.39 41.61 -4.69
N PRO B 874 26.39 42.84 -5.20
CA PRO B 874 27.39 43.81 -4.75
C PRO B 874 27.11 44.52 -3.43
N ALA B 875 26.28 43.94 -2.56
CA ALA B 875 26.08 44.39 -1.17
C ALA B 875 25.53 45.82 -1.10
N LEU B 876 24.24 45.90 -1.46
CA LEU B 876 23.42 47.11 -1.45
C LEU B 876 23.93 48.12 -2.46
N ALA B 877 24.04 47.67 -3.70
CA ALA B 877 24.22 48.50 -4.89
C ALA B 877 22.94 49.13 -5.47
N PRO B 878 21.80 48.43 -5.68
CA PRO B 878 20.69 49.08 -6.44
C PRO B 878 19.95 50.22 -5.74
N PRO B 879 19.73 50.26 -4.34
CA PRO B 879 18.92 51.39 -3.83
C PRO B 879 19.59 52.75 -4.00
N PHE B 880 20.86 52.83 -3.62
CA PHE B 880 21.69 53.98 -3.93
C PHE B 880 22.19 53.87 -5.36
N ILE B 881 23.21 54.68 -5.65
CA ILE B 881 23.98 54.46 -6.87
C ILE B 881 24.64 53.08 -6.80
N VAL B 882 24.86 52.49 -7.96
CA VAL B 882 25.70 51.31 -7.97
C VAL B 882 27.12 51.86 -8.09
N ILE B 883 27.68 52.22 -6.94
CA ILE B 883 29.07 52.62 -6.84
C ILE B 883 29.97 51.42 -7.08
N SER B 884 29.50 50.25 -6.67
CA SER B 884 30.30 49.04 -6.74
C SER B 884 30.41 48.50 -8.16
N HIS B 885 29.67 49.05 -9.12
CA HIS B 885 30.05 48.84 -10.50
C HIS B 885 31.34 49.58 -10.83
N LEU B 886 31.50 50.79 -10.28
CA LEU B 886 32.75 51.52 -10.49
C LEU B 886 33.87 50.92 -9.67
N ARG B 887 33.56 50.41 -8.48
CA ARG B 887 34.55 49.72 -7.66
C ARG B 887 35.01 48.44 -8.33
N LEU B 888 34.06 47.62 -8.80
CA LEU B 888 34.38 46.40 -9.53
C LEU B 888 34.73 46.66 -10.99
N LEU B 889 34.86 47.91 -11.39
CA LEU B 889 35.56 48.24 -12.63
C LEU B 889 36.98 48.72 -12.36
N LEU B 890 37.19 49.43 -11.26
CA LEU B 890 38.54 49.78 -10.80
C LEU B 890 39.32 48.56 -10.33
N ARG B 891 38.65 47.45 -10.01
CA ARG B 891 39.37 46.21 -9.80
C ARG B 891 39.77 45.53 -11.11
N GLN B 892 39.46 46.14 -12.26
CA GLN B 892 39.87 45.65 -13.56
C GLN B 892 40.77 46.64 -14.30
N LEU B 893 41.57 47.41 -13.57
CA LEU B 893 42.47 48.39 -14.18
C LEU B 893 43.82 48.38 -13.48
N LYS B 916 45.70 20.07 6.27
CA LYS B 916 45.97 20.19 7.71
C LYS B 916 45.79 18.88 8.42
N GLU B 917 46.16 18.85 9.69
CA GLU B 917 45.94 17.66 10.51
C GLU B 917 44.46 17.48 10.84
N ALA B 918 43.73 18.58 11.03
CA ALA B 918 42.31 18.49 11.30
C ALA B 918 41.52 18.02 10.09
N GLU B 919 42.05 18.25 8.88
CA GLU B 919 41.42 17.71 7.68
C GLU B 919 41.55 16.19 7.66
N ARG B 920 42.70 15.66 8.04
CA ARG B 920 42.84 14.22 8.20
C ARG B 920 42.00 13.69 9.34
N LYS B 921 41.73 14.52 10.36
CA LYS B 921 40.80 14.12 11.40
C LYS B 921 39.38 14.01 10.86
N LEU B 922 38.99 14.93 9.96
CA LEU B 922 37.69 14.83 9.32
C LEU B 922 37.61 13.60 8.43
N LEU B 923 38.67 13.31 7.69
CA LEU B 923 38.61 12.16 6.80
C LEU B 923 38.58 10.84 7.56
N THR B 924 39.30 10.74 8.68
CA THR B 924 39.21 9.49 9.42
C THR B 924 37.88 9.40 10.18
N TRP B 925 37.29 10.54 10.52
CA TRP B 925 35.96 10.52 11.12
C TRP B 925 34.92 10.06 10.11
N GLU B 926 35.02 10.57 8.89
CA GLU B 926 34.14 10.19 7.81
C GLU B 926 34.30 8.72 7.47
N SER B 927 35.52 8.20 7.52
CA SER B 927 35.71 6.78 7.25
C SER B 927 35.18 5.91 8.38
N VAL B 928 35.18 6.43 9.61
CA VAL B 928 34.59 5.67 10.72
C VAL B 928 33.09 5.56 10.54
N HIS B 929 32.41 6.68 10.25
CA HIS B 929 30.98 6.54 9.99
C HIS B 929 30.66 5.86 8.68
N LYS B 930 31.62 5.76 7.76
CA LYS B 930 31.38 4.99 6.55
C LYS B 930 31.43 3.50 6.83
N GLU B 931 32.39 3.05 7.66
CA GLU B 931 32.42 1.65 8.07
C GLU B 931 31.19 1.29 8.89
N ASN B 932 30.86 2.12 9.87
CA ASN B 932 29.67 1.85 10.68
C ASN B 932 28.38 2.08 9.91
N PHE B 933 28.42 2.70 8.74
CA PHE B 933 27.26 2.66 7.86
C PHE B 933 27.21 1.37 7.08
N LEU B 934 28.34 0.88 6.59
CA LEU B 934 28.33 -0.32 5.77
C LEU B 934 28.04 -1.58 6.54
N LEU B 935 28.27 -1.59 7.86
CA LEU B 935 27.85 -2.77 8.62
C LEU B 935 26.33 -2.84 8.76
N ALA B 936 25.69 -1.69 9.05
CA ALA B 936 24.24 -1.63 9.06
C ALA B 936 23.66 -1.83 7.66
N ARG B 937 24.42 -1.52 6.62
CA ARG B 937 24.10 -2.02 5.29
C ARG B 937 24.21 -3.53 5.24
N ALA B 938 25.13 -4.10 6.01
CA ALA B 938 25.29 -5.55 6.10
C ALA B 938 24.52 -6.11 7.29
N ARG B 939 23.40 -5.49 7.63
CA ARG B 939 22.27 -6.20 8.21
C ARG B 939 21.35 -6.76 7.14
N ASP B 940 21.81 -6.75 5.88
CA ASP B 940 21.26 -7.61 4.84
C ASP B 940 21.48 -9.08 5.15
N LYS B 941 22.52 -9.38 5.93
CA LYS B 941 22.82 -10.75 6.31
C LYS B 941 21.76 -11.31 7.25
N ARG B 942 21.15 -10.47 8.07
CA ARG B 942 20.09 -10.91 8.95
C ARG B 942 18.71 -10.64 8.38
N GLU B 943 18.61 -10.27 7.11
CA GLU B 943 17.31 -10.05 6.49
C GLU B 943 16.66 -11.38 6.18
N SER B 944 15.45 -11.57 6.69
CA SER B 944 14.77 -12.85 6.58
C SER B 944 14.18 -13.13 5.21
N ASP B 945 14.27 -12.17 4.29
CA ASP B 945 13.71 -12.38 2.96
C ASP B 945 14.52 -13.41 2.19
N SER B 946 15.79 -13.12 1.95
CA SER B 946 16.58 -14.00 1.11
C SER B 946 17.70 -14.67 1.88
N GLU B 947 18.52 -13.87 2.57
CA GLU B 947 19.81 -14.34 3.05
C GLU B 947 19.67 -15.38 4.14
N ARG B 948 18.72 -15.20 5.06
CA ARG B 948 18.54 -16.18 6.11
C ARG B 948 17.91 -17.45 5.57
N LEU B 949 16.93 -17.28 4.69
CA LEU B 949 16.22 -18.40 4.07
C LEU B 949 17.12 -19.25 3.18
N LYS B 950 17.94 -18.61 2.34
CA LYS B 950 18.85 -19.37 1.49
C LYS B 950 20.05 -19.89 2.28
N ARG B 951 20.38 -19.25 3.41
CA ARG B 951 21.34 -19.85 4.32
C ARG B 951 20.81 -21.15 4.90
N THR B 952 19.52 -21.18 5.27
CA THR B 952 18.94 -22.45 5.72
C THR B 952 18.89 -23.48 4.61
N SER B 953 18.68 -23.05 3.35
CA SER B 953 18.66 -24.01 2.25
C SER B 953 20.03 -24.63 2.06
N GLN B 954 21.08 -23.81 2.08
CA GLN B 954 22.42 -24.35 1.84
C GLN B 954 22.92 -25.19 3.01
N LYS B 955 22.53 -24.85 4.24
CA LYS B 955 22.94 -25.69 5.37
C LYS B 955 22.16 -26.99 5.40
N VAL B 956 20.93 -26.98 4.87
CA VAL B 956 20.21 -28.23 4.68
C VAL B 956 20.88 -29.05 3.57
N ASP B 957 21.46 -28.40 2.56
CA ASP B 957 22.19 -29.13 1.52
C ASP B 957 23.44 -29.79 2.08
N LEU B 958 24.15 -29.12 2.99
CA LEU B 958 25.27 -29.77 3.68
C LEU B 958 24.77 -30.91 4.55
N ALA B 959 23.58 -30.78 5.13
CA ALA B 959 23.00 -31.89 5.87
C ALA B 959 22.70 -33.09 4.97
N LEU B 960 22.29 -32.84 3.73
CA LEU B 960 21.99 -33.94 2.81
C LEU B 960 23.27 -34.60 2.31
N LYS B 961 24.32 -33.82 2.06
CA LYS B 961 25.62 -34.40 1.69
C LYS B 961 26.16 -35.25 2.83
N GLN B 962 26.06 -34.76 4.06
CA GLN B 962 26.62 -35.51 5.18
C GLN B 962 25.78 -36.73 5.53
N LEU B 963 24.51 -36.47 5.58
CA LEU B 963 23.62 -37.59 5.71
C LEU B 963 24.07 -38.64 4.68
N GLY B 964 24.40 -38.38 3.18
CA GLY B 964 24.86 -39.30 2.07
C GLY B 964 26.15 -40.00 2.43
N HIS B 965 27.08 -39.28 3.07
CA HIS B 965 28.32 -39.90 3.54
C HIS B 965 28.06 -40.94 4.61
N ILE B 966 27.21 -40.62 5.61
CA ILE B 966 27.02 -41.60 6.67
C ILE B 966 26.11 -42.73 6.22
N ARG B 967 25.31 -42.52 5.18
CA ARG B 967 24.50 -43.62 4.66
C ARG B 967 25.37 -44.57 3.86
N GLU B 968 26.35 -44.05 3.10
CA GLU B 968 27.36 -44.91 2.50
C GLU B 968 28.20 -45.60 3.57
N TYR B 969 28.41 -44.94 4.71
CA TYR B 969 29.12 -45.56 5.82
C TYR B 969 28.27 -46.64 6.49
N GLU B 970 26.83 -46.64 6.66
CA GLU B 970 25.98 -47.76 7.07
C GLU B 970 26.02 -48.88 6.05
N GLN B 971 26.32 -48.48 4.54
CA GLN B 971 26.42 -49.48 3.41
C GLN B 971 27.70 -50.31 3.53
N ARG B 972 28.82 -49.63 3.79
CA ARG B 972 30.11 -50.31 3.91
C ARG B 972 30.21 -51.17 5.17
N LEU B 973 29.45 -50.87 6.21
CA LEU B 973 29.52 -51.59 7.47
C LEU B 973 28.36 -52.56 7.68
N LYS B 974 27.88 -53.20 6.62
CA LYS B 974 26.86 -54.25 6.74
C LYS B 974 27.56 -55.60 6.92
N VAL B 975 28.20 -55.75 8.07
CA VAL B 975 29.02 -56.92 8.37
C VAL B 975 28.43 -57.72 9.52
N UNK C 1 70.32 -28.88 34.51
CA UNK C 1 69.34 -29.68 35.23
C UNK C 1 68.02 -29.75 34.47
N UNK C 2 67.43 -30.94 34.42
CA UNK C 2 66.20 -31.12 33.66
C UNK C 2 64.98 -30.56 34.39
N UNK C 3 64.72 -31.00 35.63
CA UNK C 3 63.55 -30.60 36.38
C UNK C 3 63.84 -29.48 37.36
N UNK C 4 64.72 -28.54 37.00
CA UNK C 4 65.04 -27.42 37.89
C UNK C 4 63.86 -26.46 37.97
N UNK C 5 63.24 -26.14 36.84
CA UNK C 5 62.08 -25.26 36.84
C UNK C 5 60.78 -26.04 37.04
N UNK C 6 60.69 -27.26 36.49
CA UNK C 6 59.49 -28.07 36.59
C UNK C 6 59.22 -28.60 38.00
N UNK C 7 60.18 -28.47 38.91
CA UNK C 7 59.93 -28.75 40.32
C UNK C 7 59.20 -27.61 41.02
N UNK C 8 59.09 -26.46 40.37
CA UNK C 8 58.42 -25.29 40.94
C UNK C 8 56.96 -25.22 40.51
N UNK C 9 56.34 -26.37 40.28
CA UNK C 9 54.94 -26.43 39.84
C UNK C 9 54.05 -26.55 41.05
N UNK C 10 53.87 -25.41 41.75
CA UNK C 10 52.87 -25.32 42.82
C UNK C 10 51.50 -25.24 42.16
N UNK C 11 50.94 -26.40 41.81
CA UNK C 11 49.82 -26.49 40.87
C UNK C 11 48.51 -26.12 41.58
N UNK C 12 48.22 -24.83 41.54
CA UNK C 12 46.87 -24.31 41.79
C UNK C 12 46.31 -23.57 40.58
N UNK C 13 47.08 -22.64 40.02
CA UNK C 13 46.83 -22.11 38.68
C UNK C 13 47.41 -23.00 37.60
N UNK C 14 48.56 -23.62 37.86
CA UNK C 14 49.11 -24.61 36.95
C UNK C 14 48.29 -25.88 36.91
N UNK C 15 47.60 -26.22 38.01
CA UNK C 15 46.63 -27.29 37.97
C UNK C 15 45.47 -26.95 37.04
N UNK C 16 45.08 -25.66 37.02
CA UNK C 16 44.11 -25.22 36.03
C UNK C 16 44.72 -25.16 34.65
N UNK C 17 46.05 -25.02 34.56
CA UNK C 17 46.69 -25.02 33.25
C UNK C 17 46.68 -26.42 32.64
N UNK C 18 47.02 -27.44 33.43
CA UNK C 18 46.93 -28.81 32.94
C UNK C 18 45.48 -29.24 32.78
N UNK C 19 44.58 -28.66 33.58
CA UNK C 19 43.16 -28.87 33.37
C UNK C 19 42.73 -28.31 32.03
N UNK C 20 43.30 -27.17 31.64
CA UNK C 20 43.07 -26.65 30.30
C UNK C 20 43.82 -27.44 29.24
N UNK C 21 44.85 -28.19 29.62
CA UNK C 21 45.53 -29.05 28.66
C UNK C 21 44.66 -30.25 28.32
N UNK C 22 44.09 -30.88 29.34
CA UNK C 22 43.22 -32.02 29.10
C UNK C 22 41.89 -31.60 28.48
N UNK C 23 41.28 -30.53 28.99
CA UNK C 23 39.99 -30.10 28.47
C UNK C 23 40.13 -29.43 27.10
N UNK C 24 41.22 -28.70 26.89
CA UNK C 24 41.48 -28.16 25.57
C UNK C 24 41.91 -29.24 24.59
N UNK C 25 42.47 -30.35 25.10
CA UNK C 25 42.89 -31.43 24.24
C UNK C 25 41.74 -32.40 23.98
N UNK C 26 40.95 -32.70 24.99
CA UNK C 26 39.82 -33.61 24.85
C UNK C 26 38.57 -33.05 25.53
N UNK C 27 59.81 -25.07 24.22
CA UNK C 27 61.22 -24.75 24.48
C UNK C 27 61.46 -24.63 25.98
N UNK C 28 62.74 -24.59 26.37
CA UNK C 28 63.08 -24.42 27.78
C UNK C 28 62.74 -23.02 28.28
N UNK C 29 62.87 -22.01 27.41
CA UNK C 29 62.49 -20.66 27.80
C UNK C 29 60.98 -20.52 27.93
N UNK C 30 60.22 -21.39 27.27
CA UNK C 30 58.77 -21.43 27.50
C UNK C 30 58.44 -22.01 28.86
N UNK C 31 59.21 -23.00 29.32
CA UNK C 31 59.00 -23.54 30.65
C UNK C 31 59.45 -22.54 31.71
N UNK C 32 60.50 -21.77 31.44
CA UNK C 32 60.89 -20.70 32.35
C UNK C 32 59.87 -19.57 32.34
N UNK C 33 59.19 -19.36 31.21
CA UNK C 33 58.16 -18.33 31.14
C UNK C 33 56.91 -18.75 31.89
N UNK C 34 56.53 -20.02 31.77
CA UNK C 34 55.38 -20.51 32.53
C UNK C 34 55.70 -20.62 34.01
N UNK C 35 56.96 -20.88 34.36
CA UNK C 35 57.32 -20.94 35.77
C UNK C 35 57.40 -19.56 36.39
N UNK C 36 57.98 -18.59 35.67
CA UNK C 36 58.03 -17.22 36.16
C UNK C 36 56.65 -16.58 36.18
N UNK C 37 55.77 -16.98 35.27
CA UNK C 37 54.41 -16.46 35.28
C UNK C 37 53.58 -17.10 36.38
N UNK C 38 53.71 -18.41 36.57
CA UNK C 38 52.93 -19.10 37.59
C UNK C 38 53.51 -18.89 38.98
N UNK C 39 54.71 -18.31 39.06
CA UNK C 39 55.23 -17.86 40.36
C UNK C 39 54.35 -16.75 40.93
N UNK C 40 53.84 -15.88 40.07
CA UNK C 40 52.80 -14.93 40.44
C UNK C 40 51.45 -15.53 40.09
N UNK C 41 50.38 -14.82 40.44
CA UNK C 41 49.04 -15.29 40.08
C UNK C 41 48.75 -14.92 38.64
N UNK C 42 48.79 -15.90 37.75
CA UNK C 42 48.59 -15.66 36.33
C UNK C 42 47.49 -16.50 35.69
N UNK C 43 47.09 -17.62 36.30
CA UNK C 43 45.98 -18.48 35.86
C UNK C 43 46.17 -18.98 34.43
N UNK C 44 47.26 -19.71 34.20
CA UNK C 44 47.65 -20.07 32.85
C UNK C 44 46.82 -21.24 32.31
N UNK C 45 47.07 -21.57 31.04
CA UNK C 45 46.50 -22.72 30.37
C UNK C 45 47.64 -23.56 29.79
N UNK C 46 47.29 -24.68 29.15
CA UNK C 46 48.25 -25.52 28.48
C UNK C 46 47.59 -26.33 27.37
N UNK C 47 48.39 -27.14 26.70
CA UNK C 47 47.97 -27.94 25.56
C UNK C 47 48.94 -29.11 25.39
N UNK C 48 48.88 -29.74 24.22
CA UNK C 48 49.82 -30.82 23.88
C UNK C 48 50.91 -30.27 22.97
N UNK C 49 52.09 -30.04 23.53
CA UNK C 49 53.20 -29.47 22.77
C UNK C 49 54.51 -29.87 23.43
N UNK C 50 55.59 -29.21 23.00
CA UNK C 50 56.93 -29.58 23.45
C UNK C 50 57.14 -29.21 24.91
N UNK C 51 57.05 -27.93 25.24
CA UNK C 51 57.13 -27.49 26.62
C UNK C 51 55.84 -27.68 27.39
N UNK C 52 54.75 -28.04 26.70
CA UNK C 52 53.44 -28.04 27.33
C UNK C 52 53.09 -29.43 27.87
N UNK C 53 53.23 -30.46 27.03
CA UNK C 53 52.87 -31.81 27.45
C UNK C 53 53.83 -32.39 28.48
N UNK C 54 55.06 -31.89 28.54
CA UNK C 54 55.94 -32.26 29.64
C UNK C 54 55.47 -31.63 30.94
N UNK C 55 54.83 -30.45 30.86
CA UNK C 55 54.20 -29.89 32.05
C UNK C 55 52.90 -30.62 32.36
N UNK C 56 52.25 -31.20 31.34
CA UNK C 56 51.08 -32.03 31.60
C UNK C 56 51.47 -33.34 32.28
N UNK C 57 52.66 -33.85 31.97
CA UNK C 57 53.18 -34.97 32.75
C UNK C 57 53.66 -34.52 34.12
N UNK C 58 54.01 -33.24 34.27
CA UNK C 58 54.42 -32.70 35.55
C UNK C 58 53.26 -32.40 36.48
N UNK C 59 52.02 -32.49 36.00
CA UNK C 59 50.84 -32.41 36.84
C UNK C 59 50.05 -33.71 36.80
N UNK C 60 49.73 -34.21 35.62
CA UNK C 60 49.04 -35.48 35.48
C UNK C 60 50.02 -36.60 35.14
N UNK C 61 58.17 -14.01 28.45
CA UNK C 61 59.12 -13.40 27.54
C UNK C 61 59.76 -12.18 28.17
N UNK C 62 59.45 -11.00 27.61
CA UNK C 62 60.00 -9.77 28.14
C UNK C 62 59.38 -9.45 29.49
N UNK C 63 60.02 -8.53 30.22
CA UNK C 63 59.47 -8.08 31.50
C UNK C 63 58.21 -7.25 31.31
N UNK C 64 58.09 -6.58 30.17
CA UNK C 64 56.85 -5.86 29.86
C UNK C 64 55.69 -6.79 29.55
N UNK C 65 55.98 -8.05 29.17
CA UNK C 65 54.89 -8.99 28.92
C UNK C 65 54.28 -9.47 30.23
N UNK C 66 55.11 -9.90 31.18
CA UNK C 66 54.59 -10.33 32.47
C UNK C 66 54.14 -9.17 33.33
N UNK C 67 54.71 -7.98 33.13
CA UNK C 67 54.25 -6.82 33.87
C UNK C 67 52.96 -6.25 33.29
N UNK C 68 52.81 -6.33 31.96
CA UNK C 68 51.57 -5.89 31.34
C UNK C 68 50.45 -6.88 31.60
N UNK C 69 50.77 -8.17 31.65
CA UNK C 69 49.77 -9.17 32.01
C UNK C 69 49.44 -9.10 33.50
N UNK C 70 50.40 -8.73 34.34
CA UNK C 70 50.12 -8.62 35.77
C UNK C 70 49.28 -7.39 36.07
N UNK C 71 49.68 -6.23 35.54
CA UNK C 71 48.92 -5.01 35.78
C UNK C 71 47.60 -5.01 35.05
N UNK C 72 47.51 -5.73 33.92
CA UNK C 72 46.22 -5.92 33.28
C UNK C 72 45.36 -6.92 34.03
N UNK C 73 45.98 -7.84 34.77
CA UNK C 73 45.24 -8.79 35.58
C UNK C 73 44.88 -8.25 36.95
N UNK C 74 45.41 -7.09 37.33
CA UNK C 74 45.07 -6.51 38.63
C UNK C 74 44.02 -5.42 38.54
N UNK C 75 43.52 -5.09 37.35
CA UNK C 75 42.68 -3.93 37.19
C UNK C 75 41.20 -4.27 37.29
N UNK C 76 40.36 -3.27 36.99
CA UNK C 76 38.91 -3.41 37.10
C UNK C 76 38.33 -4.04 35.84
N UNK C 77 37.07 -4.49 35.94
CA UNK C 77 36.44 -5.14 34.79
C UNK C 77 35.63 -4.14 33.97
N UNK C 78 34.74 -3.39 34.59
CA UNK C 78 33.85 -2.52 33.84
C UNK C 78 33.38 -1.36 34.69
N UNK C 79 33.32 -0.17 34.06
CA UNK C 79 32.68 1.04 34.58
C UNK C 79 33.27 1.52 35.90
N UNK C 80 34.56 1.20 36.13
CA UNK C 80 35.30 1.49 37.38
C UNK C 80 34.60 0.93 38.61
N UNK C 81 33.85 -0.15 38.42
CA UNK C 81 33.02 -0.75 39.45
C UNK C 81 33.40 -2.19 39.71
N UNK C 82 34.70 -2.43 39.96
CA UNK C 82 35.54 -3.54 39.46
C UNK C 82 34.78 -4.86 39.41
N UNK C 83 34.32 -5.40 40.54
CA UNK C 83 33.44 -6.56 40.69
C UNK C 83 34.05 -7.89 40.22
N UNK C 84 35.21 -7.84 39.56
CA UNK C 84 35.92 -8.98 39.02
C UNK C 84 37.27 -8.49 38.52
N UNK C 85 38.32 -9.25 38.80
CA UNK C 85 39.60 -9.02 38.16
C UNK C 85 39.53 -9.53 36.73
N UNK C 86 40.10 -8.76 35.80
CA UNK C 86 40.10 -9.16 34.40
C UNK C 86 40.87 -10.46 34.22
N UNK C 87 40.13 -11.51 33.88
CA UNK C 87 40.63 -12.87 33.98
C UNK C 87 41.65 -13.16 32.90
N UNK C 88 42.90 -12.77 33.14
CA UNK C 88 43.98 -13.02 32.20
C UNK C 88 44.40 -14.49 32.27
N UNK C 89 44.43 -15.13 31.11
CA UNK C 89 44.88 -16.52 31.01
C UNK C 89 45.88 -16.60 29.86
N UNK C 90 46.75 -17.61 29.91
CA UNK C 90 47.81 -17.76 28.92
C UNK C 90 47.74 -19.17 28.34
N UNK C 91 47.31 -19.28 27.10
CA UNK C 91 47.22 -20.55 26.39
C UNK C 91 48.59 -20.89 25.82
N UNK C 92 49.24 -21.91 26.37
CA UNK C 92 50.57 -22.32 25.93
C UNK C 92 50.47 -23.46 24.92
N UNK C 93 50.10 -23.09 23.69
CA UNK C 93 49.97 -24.09 22.63
C UNK C 93 51.20 -24.10 21.74
N UNK C 94 51.67 -22.92 21.32
CA UNK C 94 52.82 -22.85 20.42
C UNK C 94 54.05 -22.28 21.11
N UNK C 95 54.00 -21.04 21.60
CA UNK C 95 54.95 -20.64 22.63
C UNK C 95 54.23 -20.18 23.88
N UNK C 96 53.49 -19.07 23.75
CA UNK C 96 52.58 -18.55 24.77
C UNK C 96 51.69 -17.52 24.11
N UNK C 97 50.39 -17.82 24.04
CA UNK C 97 49.42 -16.86 23.53
C UNK C 97 48.56 -16.44 24.72
N UNK C 98 48.92 -15.33 25.35
CA UNK C 98 48.17 -14.85 26.49
C UNK C 98 46.84 -14.27 26.04
N UNK C 99 45.75 -14.63 26.73
CA UNK C 99 44.41 -14.21 26.37
C UNK C 99 43.77 -13.54 27.58
N UNK C 100 43.78 -12.21 27.60
CA UNK C 100 43.04 -11.47 28.61
C UNK C 100 41.55 -11.49 28.29
N UNK C 101 40.73 -11.49 29.33
CA UNK C 101 39.32 -11.84 29.15
C UNK C 101 38.52 -10.68 28.56
N UNK C 102 38.39 -9.57 29.29
CA UNK C 102 37.55 -8.46 28.86
C UNK C 102 38.35 -7.21 28.51
N UNK C 103 39.13 -6.69 29.46
CA UNK C 103 40.23 -5.74 29.30
C UNK C 103 39.83 -4.33 28.90
N UNK C 104 38.54 -4.11 28.58
CA UNK C 104 37.98 -2.80 28.24
C UNK C 104 38.75 -2.08 27.14
N UNK C 105 39.23 -2.84 26.17
CA UNK C 105 40.27 -2.39 25.26
C UNK C 105 39.75 -1.50 24.13
N UNK C 106 38.50 -1.05 24.20
CA UNK C 106 37.87 -0.32 23.11
C UNK C 106 38.35 1.14 23.11
N UNK C 107 39.63 1.31 22.77
CA UNK C 107 40.23 2.63 22.68
C UNK C 107 41.47 2.56 21.82
N UNK C 108 42.04 3.74 21.56
CA UNK C 108 43.29 3.89 20.83
C UNK C 108 44.35 4.63 21.63
N UNK C 109 43.95 5.64 22.40
CA UNK C 109 44.85 6.40 23.24
C UNK C 109 44.35 6.60 24.66
N UNK C 110 43.04 6.58 24.89
CA UNK C 110 42.49 6.89 26.20
C UNK C 110 42.46 5.71 27.15
N UNK C 111 42.40 4.49 26.61
CA UNK C 111 42.48 3.28 27.42
C UNK C 111 43.33 2.19 26.79
N UNK C 112 43.99 2.48 25.66
CA UNK C 112 44.98 1.56 25.11
C UNK C 112 46.38 1.92 25.59
N UNK C 113 46.81 3.15 25.32
CA UNK C 113 48.10 3.62 25.82
C UNK C 113 48.05 3.90 27.31
N UNK C 114 46.91 4.33 27.83
CA UNK C 114 46.80 4.66 29.24
C UNK C 114 46.81 3.39 30.10
N UNK C 115 46.20 2.32 29.62
CA UNK C 115 46.33 1.05 30.32
C UNK C 115 47.68 0.42 30.11
N UNK C 116 48.40 0.82 29.06
CA UNK C 116 49.77 0.40 28.84
C UNK C 116 50.77 1.26 29.59
N UNK C 117 50.30 2.25 30.33
CA UNK C 117 51.17 3.14 31.08
C UNK C 117 51.59 2.57 32.43
N UNK C 118 51.45 1.27 32.64
CA UNK C 118 51.98 0.60 33.81
C UNK C 118 53.29 -0.14 33.53
N UNK C 119 54.01 0.25 32.49
CA UNK C 119 55.23 -0.42 32.09
C UNK C 119 56.46 0.45 32.35
N UNK C 120 57.62 -0.18 32.41
CA UNK C 120 58.86 0.50 32.75
C UNK C 120 60.05 0.14 31.87
N UNK C 121 59.98 -0.92 31.07
CA UNK C 121 61.13 -1.30 30.26
C UNK C 121 61.21 -0.46 28.99
N UNK C 122 60.11 -0.44 28.21
CA UNK C 122 59.91 0.43 27.04
C UNK C 122 60.94 0.19 25.94
N UNK C 123 61.51 -1.01 25.88
CA UNK C 123 62.52 -1.35 24.88
C UNK C 123 62.05 -2.48 23.97
N UNK C 124 60.75 -2.73 23.89
CA UNK C 124 60.19 -3.79 23.06
C UNK C 124 59.38 -3.28 21.89
N UNK C 125 58.56 -2.25 22.09
CA UNK C 125 57.79 -1.66 21.01
C UNK C 125 57.50 -0.21 21.38
N UNK C 126 57.06 0.56 20.38
CA UNK C 126 56.80 1.98 20.56
C UNK C 126 55.36 2.37 20.27
N UNK C 127 54.80 1.92 19.14
CA UNK C 127 53.54 2.46 18.64
C UNK C 127 52.36 1.97 19.47
N UNK C 128 51.25 2.72 19.41
CA UNK C 128 50.04 2.40 20.16
C UNK C 128 48.80 2.33 19.28
N UNK C 129 48.96 2.02 17.99
CA UNK C 129 47.85 1.87 17.07
C UNK C 129 48.29 1.03 15.89
N UNK C 130 47.41 0.94 14.90
CA UNK C 130 47.69 0.20 13.68
C UNK C 130 46.90 0.78 12.51
N UNK C 131 39.41 -11.09 25.51
CA UNK C 131 39.41 -10.33 24.27
C UNK C 131 40.73 -9.62 24.06
N UNK C 132 41.81 -10.41 23.98
CA UNK C 132 43.15 -9.88 23.74
C UNK C 132 44.00 -10.98 23.15
N UNK C 133 45.29 -10.71 22.99
CA UNK C 133 46.24 -11.67 22.44
C UNK C 133 47.65 -11.26 22.88
N UNK C 134 48.63 -11.96 22.35
CA UNK C 134 50.05 -11.63 22.49
C UNK C 134 50.80 -12.31 21.35
N UNK C 135 51.57 -11.52 20.60
CA UNK C 135 52.13 -12.04 19.36
C UNK C 135 53.36 -11.22 18.97
N UNK C 136 53.77 -11.41 17.72
CA UNK C 136 54.97 -10.82 17.15
C UNK C 136 54.67 -10.39 15.72
N UNK C 137 55.74 -10.18 14.94
CA UNK C 137 55.57 -9.64 13.60
C UNK C 137 54.99 -10.67 12.64
N UNK C 138 55.79 -11.68 12.28
CA UNK C 138 55.35 -12.69 11.31
C UNK C 138 55.80 -14.09 11.68
N UNK C 139 56.07 -14.34 12.96
CA UNK C 139 56.57 -15.65 13.37
C UNK C 139 55.45 -16.69 13.35
N UNK C 140 55.80 -17.93 13.72
CA UNK C 140 54.89 -19.06 13.55
C UNK C 140 53.73 -19.00 14.55
N UNK C 141 54.05 -18.77 15.83
CA UNK C 141 53.01 -18.62 16.84
C UNK C 141 52.15 -17.39 16.58
N UNK C 142 52.75 -16.31 16.07
CA UNK C 142 51.98 -15.14 15.67
C UNK C 142 51.19 -15.38 14.39
N UNK C 143 51.56 -16.36 13.57
CA UNK C 143 50.76 -16.68 12.40
C UNK C 143 49.56 -17.54 12.76
N UNK C 144 49.80 -18.56 13.59
CA UNK C 144 48.69 -19.39 14.09
C UNK C 144 47.75 -18.58 14.98
N UNK C 145 48.28 -17.58 15.69
CA UNK C 145 47.40 -16.58 16.30
C UNK C 145 46.84 -15.62 15.27
N UNK C 146 47.50 -15.48 14.12
CA UNK C 146 47.01 -14.66 13.03
C UNK C 146 46.16 -15.44 12.06
N UNK C 147 45.56 -16.55 12.51
CA UNK C 147 44.38 -17.11 11.87
C UNK C 147 43.10 -16.35 12.21
N UNK C 148 43.21 -15.25 12.97
CA UNK C 148 42.08 -14.40 13.27
C UNK C 148 41.49 -13.76 12.02
N UNK C 149 42.30 -13.58 10.96
CA UNK C 149 41.75 -13.15 9.68
C UNK C 149 40.82 -14.21 9.12
N UNK C 150 41.17 -15.49 9.28
CA UNK C 150 40.27 -16.56 8.90
C UNK C 150 39.10 -16.68 9.86
N UNK C 151 39.24 -16.18 11.08
CA UNK C 151 38.09 -16.07 11.97
C UNK C 151 37.20 -14.90 11.62
N UNK C 152 37.79 -13.79 11.18
CA UNK C 152 37.03 -12.59 10.82
C UNK C 152 36.75 -12.51 9.33
N UNK C 153 36.76 -13.64 8.63
CA UNK C 153 36.39 -13.64 7.22
C UNK C 153 34.94 -14.05 7.01
N UNK C 154 34.14 -14.10 8.07
CA UNK C 154 32.74 -14.50 7.96
C UNK C 154 31.90 -13.81 9.03
N UNK C 155 47.70 -28.79 11.84
CA UNK C 155 47.33 -29.85 12.76
C UNK C 155 45.93 -29.64 13.29
N UNK C 156 45.68 -30.15 14.50
CA UNK C 156 44.45 -29.85 15.22
C UNK C 156 44.47 -28.49 15.88
N UNK C 157 45.63 -27.83 15.92
CA UNK C 157 45.74 -26.52 16.54
C UNK C 157 45.15 -25.42 15.68
N UNK C 158 44.85 -25.70 14.42
CA UNK C 158 44.14 -24.74 13.59
C UNK C 158 42.70 -24.57 14.05
N UNK C 159 42.09 -25.65 14.56
CA UNK C 159 40.72 -25.55 15.07
C UNK C 159 40.67 -24.84 16.41
N UNK C 160 41.59 -25.17 17.32
CA UNK C 160 41.64 -24.48 18.60
C UNK C 160 42.13 -23.05 18.47
N UNK C 161 42.91 -22.75 17.43
CA UNK C 161 43.29 -21.36 17.21
C UNK C 161 42.22 -20.62 16.41
N UNK C 162 41.32 -21.35 15.76
CA UNK C 162 40.12 -20.74 15.19
C UNK C 162 38.92 -20.86 16.11
N UNK C 163 39.14 -21.29 17.35
CA UNK C 163 38.10 -21.30 18.38
C UNK C 163 38.52 -20.56 19.63
N UNK C 164 39.80 -20.15 19.70
CA UNK C 164 40.18 -19.14 20.68
C UNK C 164 40.18 -17.77 20.03
N UNK C 165 39.63 -17.67 18.82
CA UNK C 165 39.28 -16.39 18.23
C UNK C 165 37.80 -16.30 17.95
N UNK C 166 37.07 -17.40 18.12
CA UNK C 166 35.62 -17.33 18.13
C UNK C 166 35.10 -17.01 19.52
N UNK C 167 35.78 -17.52 20.54
CA UNK C 167 35.51 -17.16 21.93
C UNK C 167 36.32 -15.97 22.38
N UNK C 168 36.79 -15.16 21.45
CA UNK C 168 37.37 -13.86 21.76
C UNK C 168 36.51 -12.71 21.26
N UNK C 169 35.92 -12.85 20.07
CA UNK C 169 34.94 -11.88 19.61
C UNK C 169 33.66 -11.95 20.42
N UNK C 170 33.36 -13.11 21.00
CA UNK C 170 32.20 -13.25 21.85
C UNK C 170 32.45 -12.76 23.26
N UNK C 171 33.71 -12.52 23.63
CA UNK C 171 34.03 -12.05 24.96
C UNK C 171 35.18 -11.06 24.93
N UNK C 172 52.35 -5.50 20.72
CA UNK C 172 52.63 -6.92 20.67
C UNK C 172 51.35 -7.74 20.78
N UNK C 173 50.20 -7.07 20.69
CA UNK C 173 48.90 -7.70 20.88
C UNK C 173 47.93 -7.23 19.79
N UNK C 174 46.82 -7.95 19.67
CA UNK C 174 45.80 -7.63 18.67
C UNK C 174 44.47 -8.25 19.08
N UNK C 175 43.45 -7.42 19.19
CA UNK C 175 42.10 -7.86 19.52
C UNK C 175 41.28 -8.00 18.24
N UNK C 176 40.53 -9.09 18.14
CA UNK C 176 39.75 -9.35 16.95
C UNK C 176 38.56 -8.41 16.86
N UNK C 177 38.23 -7.98 15.65
CA UNK C 177 37.17 -7.01 15.44
C UNK C 177 35.87 -7.70 15.03
N UNK C 178 32.59 -28.97 20.41
CA UNK C 178 33.99 -29.38 20.27
C UNK C 178 34.90 -28.44 21.04
N UNK C 179 35.61 -27.59 20.31
CA UNK C 179 36.50 -26.62 20.93
C UNK C 179 35.76 -25.36 21.38
N UNK C 180 34.48 -25.22 21.06
CA UNK C 180 33.71 -24.08 21.54
C UNK C 180 33.40 -24.21 23.02
N UNK C 181 32.78 -25.33 23.40
CA UNK C 181 32.48 -25.59 24.81
C UNK C 181 33.74 -25.79 25.63
N UNK C 182 34.80 -26.31 25.01
CA UNK C 182 36.09 -26.36 25.68
C UNK C 182 36.68 -24.96 25.85
N UNK C 183 36.48 -24.09 24.88
CA UNK C 183 37.08 -22.75 24.96
C UNK C 183 36.38 -21.92 26.02
N UNK C 184 35.07 -21.73 25.90
CA UNK C 184 34.36 -20.91 26.87
C UNK C 184 34.15 -21.63 28.19
N UNK C 185 33.70 -22.88 28.13
CA UNK C 185 33.42 -23.62 29.36
C UNK C 185 34.69 -24.04 30.07
N UNK C 186 35.72 -24.47 29.33
CA UNK C 186 36.96 -24.83 29.99
C UNK C 186 37.78 -23.60 30.36
N UNK C 187 37.57 -22.48 29.66
CA UNK C 187 38.18 -21.23 30.12
C UNK C 187 37.54 -20.78 31.43
N UNK C 188 36.22 -20.98 31.57
CA UNK C 188 35.57 -20.72 32.85
C UNK C 188 35.98 -21.75 33.90
N UNK C 189 36.37 -22.95 33.46
CA UNK C 189 36.88 -23.94 34.41
C UNK C 189 38.26 -23.56 34.91
N UNK C 190 39.09 -22.97 34.05
CA UNK C 190 40.41 -22.55 34.46
C UNK C 190 40.34 -21.32 35.35
N UNK C 191 39.52 -20.34 34.98
CA UNK C 191 39.34 -19.17 35.83
C UNK C 191 38.55 -19.47 37.09
N UNK C 192 37.82 -20.58 37.13
CA UNK C 192 37.08 -20.99 38.30
C UNK C 192 37.94 -21.83 39.26
N UNK C 193 38.81 -22.67 38.72
CA UNK C 193 39.65 -23.51 39.58
C UNK C 193 40.69 -22.69 40.30
N UNK C 194 41.21 -21.65 39.66
CA UNK C 194 42.12 -20.74 40.33
C UNK C 194 41.35 -19.88 41.32
N UNK C 195 41.85 -19.82 42.55
CA UNK C 195 41.20 -19.08 43.61
C UNK C 195 41.34 -17.57 43.40
N ASP C 196 32.17 -16.22 42.23
CA ASP C 196 32.95 -15.71 41.11
C ASP C 196 32.66 -16.51 39.84
N GLU C 197 31.40 -16.91 39.65
CA GLU C 197 31.05 -17.70 38.49
C GLU C 197 30.08 -16.95 37.57
N LEU C 198 28.94 -16.52 38.11
CA LEU C 198 27.98 -15.75 37.33
C LEU C 198 28.52 -14.38 37.01
N ARG C 199 29.24 -13.79 37.96
CA ARG C 199 29.85 -12.47 37.77
C ARG C 199 30.78 -12.45 36.57
N LEU C 200 31.57 -13.52 36.43
CA LEU C 200 32.49 -13.65 35.30
C LEU C 200 31.74 -13.83 33.99
N ALA C 201 30.49 -14.32 34.05
CA ALA C 201 29.67 -14.40 32.84
C ALA C 201 29.00 -13.09 32.51
N VAL C 202 28.68 -12.29 33.53
CA VAL C 202 28.09 -10.98 33.30
C VAL C 202 29.12 -10.02 32.70
N ALA C 203 30.34 -10.06 33.22
CA ALA C 203 31.40 -9.19 32.69
C ALA C 203 31.79 -9.55 31.26
N TRP C 204 31.56 -10.78 30.83
CA TRP C 204 31.83 -11.18 29.46
C TRP C 204 30.74 -10.80 28.48
N ASN C 205 29.56 -10.41 28.99
CA ASN C 205 28.33 -10.26 28.19
C ASN C 205 28.05 -11.54 27.40
N ARG C 206 28.06 -12.66 28.12
CA ARG C 206 27.91 -13.99 27.54
C ARG C 206 26.81 -14.68 28.33
N VAL C 207 25.62 -14.77 27.74
CA VAL C 207 24.44 -15.14 28.52
C VAL C 207 24.17 -16.64 28.47
N ASP C 208 24.81 -17.37 27.55
CA ASP C 208 24.62 -18.82 27.50
C ASP C 208 25.29 -19.51 28.69
N ILE C 209 26.46 -19.01 29.08
CA ILE C 209 27.14 -19.56 30.25
C ILE C 209 26.40 -19.18 31.51
N ALA C 210 25.77 -18.00 31.53
CA ALA C 210 24.90 -17.64 32.64
C ALA C 210 23.64 -18.51 32.65
N GLN C 211 23.21 -19.00 31.51
CA GLN C 211 22.08 -19.92 31.46
C GLN C 211 22.45 -21.28 32.04
N SER C 212 23.53 -21.89 31.53
CA SER C 212 23.89 -23.22 31.97
C SER C 212 24.59 -23.22 33.32
N GLU C 213 24.94 -22.07 33.86
CA GLU C 213 25.69 -22.01 35.11
C GLU C 213 24.79 -21.96 36.34
N LEU C 214 23.50 -22.23 36.20
CA LEU C 214 22.58 -22.24 37.33
C LEU C 214 21.90 -23.59 37.53
N PHE C 215 22.67 -24.68 37.47
CA PHE C 215 22.13 -26.00 37.76
C PHE C 215 22.93 -26.74 38.81
N ARG C 216 23.96 -26.10 39.36
CA ARG C 216 24.72 -26.65 40.48
C ARG C 216 24.00 -26.30 41.78
N GLY C 217 23.79 -27.30 42.63
CA GLY C 217 23.17 -27.08 43.92
C GLY C 217 24.03 -26.25 44.84
N ASP C 218 23.63 -25.01 45.08
CA ASP C 218 24.41 -24.11 45.90
C ASP C 218 23.45 -23.09 46.51
N ILE C 219 23.95 -22.33 47.48
CA ILE C 219 23.15 -21.27 48.08
C ILE C 219 22.91 -20.16 47.08
N GLN C 220 23.95 -19.82 46.29
CA GLN C 220 23.88 -18.89 45.16
C GLN C 220 23.41 -17.50 45.56
N TRP C 221 23.67 -17.12 46.82
CA TRP C 221 23.26 -15.83 47.35
C TRP C 221 24.11 -14.68 46.82
N ARG C 222 25.16 -14.96 46.05
CA ARG C 222 25.95 -13.94 45.37
C ARG C 222 25.23 -13.34 44.18
N SER C 223 24.10 -13.92 43.76
CA SER C 223 23.25 -13.32 42.73
C SER C 223 22.79 -11.93 43.14
N PHE C 224 22.49 -11.75 44.43
CA PHE C 224 22.12 -10.44 44.97
C PHE C 224 23.25 -9.42 44.87
N HIS C 225 24.47 -9.87 44.66
CA HIS C 225 25.53 -8.96 44.26
C HIS C 225 25.76 -8.99 42.76
N LEU C 226 25.63 -10.17 42.13
CA LEU C 226 26.02 -10.31 40.74
C LEU C 226 25.07 -9.61 39.80
N GLU C 227 23.78 -9.57 40.16
CA GLU C 227 22.80 -8.78 39.41
C GLU C 227 23.13 -7.31 39.44
N ALA C 228 23.77 -6.84 40.53
CA ALA C 228 24.20 -5.46 40.59
C ALA C 228 25.34 -5.16 39.63
N SER C 229 26.00 -6.19 39.10
CA SER C 229 26.93 -5.98 38.00
C SER C 229 26.21 -5.71 36.69
N LEU C 230 25.00 -6.24 36.51
CA LEU C 230 24.32 -6.08 35.24
C LEU C 230 23.71 -4.69 35.10
N MET C 231 23.24 -4.08 36.20
CA MET C 231 22.81 -2.69 36.11
C MET C 231 24.00 -1.76 35.90
N ASP C 232 25.08 -1.98 36.65
CA ASP C 232 26.22 -1.05 36.62
C ASP C 232 26.94 -1.09 35.29
N ALA C 233 27.12 -2.28 34.71
CA ALA C 233 27.83 -2.37 33.45
C ALA C 233 26.95 -2.06 32.24
N LEU C 234 25.70 -1.65 32.47
CA LEU C 234 24.70 -1.39 31.42
C LEU C 234 24.51 -2.61 30.53
N LEU C 235 24.26 -3.76 31.17
CA LEU C 235 24.08 -5.00 30.42
C LEU C 235 22.84 -4.94 29.55
N ASN C 236 21.76 -4.36 30.08
CA ASN C 236 20.48 -4.12 29.38
C ASN C 236 19.94 -5.44 28.83
N ASP C 237 20.13 -6.47 29.60
CA ASP C 237 20.34 -7.77 29.02
C ASP C 237 19.21 -8.72 29.42
N ARG C 238 19.19 -9.94 28.88
CA ARG C 238 18.49 -11.02 29.60
C ARG C 238 19.14 -11.41 30.91
N PRO C 239 20.27 -10.81 31.32
CA PRO C 239 20.82 -10.99 32.65
C PRO C 239 19.89 -10.53 33.76
N GLU C 240 18.89 -9.71 33.46
CA GLU C 240 17.84 -9.41 34.41
C GLU C 240 16.53 -10.09 34.04
N PHE C 241 16.56 -10.97 33.05
CA PHE C 241 15.58 -12.05 32.98
C PHE C 241 16.11 -13.30 33.66
N VAL C 242 17.33 -13.26 34.18
CA VAL C 242 17.89 -14.35 34.97
C VAL C 242 18.07 -13.75 36.36
N ARG C 243 17.14 -12.88 36.74
CA ARG C 243 16.90 -12.57 38.15
C ARG C 243 15.71 -13.34 38.68
N LEU C 244 15.25 -14.35 37.94
CA LEU C 244 14.26 -15.26 38.47
C LEU C 244 14.85 -16.05 39.62
N LEU C 245 14.05 -16.16 40.69
CA LEU C 245 14.49 -16.63 42.02
C LEU C 245 15.65 -15.81 42.54
N ILE C 246 15.42 -14.50 42.70
CA ILE C 246 16.31 -13.62 43.45
C ILE C 246 15.55 -13.16 44.68
N SER C 247 16.20 -13.26 45.84
CA SER C 247 15.58 -12.87 47.11
C SER C 247 15.47 -11.35 47.16
N HIS C 248 14.40 -10.85 46.54
CA HIS C 248 14.27 -9.43 46.29
C HIS C 248 12.99 -8.86 46.86
N LEU C 252 17.15 -8.24 52.32
CA LEU C 252 17.55 -9.11 51.22
C LEU C 252 17.28 -8.44 49.88
N GLY C 253 16.11 -7.83 49.74
CA GLY C 253 15.82 -7.04 48.57
C GLY C 253 16.69 -5.79 48.54
N HIS C 254 17.64 -5.78 47.62
CA HIS C 254 18.76 -4.84 47.69
C HIS C 254 18.29 -3.45 47.29
N PHE C 255 17.93 -2.65 48.28
CA PHE C 255 17.78 -1.23 48.11
C PHE C 255 19.00 -0.47 48.59
N LEU C 256 19.28 -0.56 49.91
CA LEU C 256 20.44 0.01 50.57
C LEU C 256 20.68 1.47 50.18
N THR C 257 19.74 2.33 50.61
CA THR C 257 19.58 3.72 50.21
C THR C 257 20.86 4.52 50.36
N PRO C 258 21.68 4.22 51.34
CA PRO C 258 23.02 4.83 51.38
C PRO C 258 23.99 4.17 50.42
N MET C 259 23.85 2.85 50.22
CA MET C 259 24.92 2.07 49.62
C MET C 259 24.73 1.80 48.13
N ARG C 260 23.66 1.10 47.73
CA ARG C 260 23.55 0.63 46.37
C ARG C 260 23.20 1.72 45.37
N LEU C 261 22.19 2.54 45.67
CA LEU C 261 21.71 3.53 44.71
C LEU C 261 22.70 4.63 44.42
N ALA C 262 23.50 5.03 45.42
CA ALA C 262 24.60 5.96 45.14
C ALA C 262 25.64 5.31 44.24
N GLN C 263 25.91 4.02 44.45
CA GLN C 263 26.72 3.28 43.51
C GLN C 263 25.99 3.06 42.20
N LEU C 264 24.65 3.07 42.23
CA LEU C 264 23.89 2.79 41.02
C LEU C 264 23.71 4.04 40.19
N TYR C 265 23.36 5.16 40.82
CA TYR C 265 23.35 6.44 40.12
C TYR C 265 24.75 6.97 39.86
N SER C 266 25.79 6.38 40.46
CA SER C 266 27.14 6.78 40.12
C SER C 266 27.64 6.15 38.83
N ALA C 267 26.81 5.38 38.13
CA ALA C 267 27.18 4.76 36.87
C ALA C 267 26.93 5.67 35.69
N ALA C 268 26.89 6.98 35.90
CA ALA C 268 26.69 7.90 34.80
C ALA C 268 27.95 7.99 33.95
N PRO C 269 27.81 8.12 32.63
CA PRO C 269 28.98 8.22 31.75
C PRO C 269 29.54 9.64 31.65
N SER C 270 29.26 10.49 32.65
CA SER C 270 29.43 11.94 32.59
C SER C 270 28.67 12.52 31.40
N ASN C 271 27.44 12.06 31.25
CA ASN C 271 26.54 12.52 30.19
C ASN C 271 25.82 13.77 30.64
N SER C 272 25.29 14.47 29.64
CA SER C 272 24.69 15.79 29.88
C SER C 272 23.29 15.67 30.49
N LEU C 273 22.72 14.47 30.49
CA LEU C 273 21.34 14.32 30.94
C LEU C 273 21.24 14.40 32.45
N ILE C 274 22.01 13.57 33.15
CA ILE C 274 21.82 13.40 34.58
C ILE C 274 23.05 13.81 35.40
N ARG C 275 24.26 13.55 34.91
CA ARG C 275 25.47 13.84 35.68
C ARG C 275 25.64 15.35 35.89
N ASN C 276 25.20 16.16 34.93
CA ASN C 276 25.14 17.59 35.17
C ASN C 276 24.03 17.95 36.15
N LEU C 277 22.86 17.32 36.02
CA LEU C 277 21.78 17.62 36.95
C LEU C 277 22.06 17.04 38.33
N LEU C 278 22.86 15.99 38.40
CA LEU C 278 23.29 15.52 39.71
C LEU C 278 24.39 16.41 40.27
N ASP C 279 25.14 17.08 39.39
CA ASP C 279 26.09 18.11 39.83
C ASP C 279 25.42 19.47 39.98
N GLN C 280 24.19 19.63 39.50
CA GLN C 280 23.40 20.82 39.77
C GLN C 280 22.56 20.65 41.02
N ALA C 281 22.74 19.54 41.73
CA ALA C 281 22.11 19.36 43.03
C ALA C 281 22.82 20.10 44.15
N SER C 282 24.07 20.49 43.93
CA SER C 282 24.84 21.22 44.93
C SER C 282 24.46 22.69 44.94
N GLY C 333 26.11 8.16 51.24
CA GLY C 333 25.24 8.26 50.09
C GLY C 333 24.63 9.63 49.92
N PHE C 334 25.06 10.37 48.89
CA PHE C 334 24.56 11.70 48.59
C PHE C 334 23.57 11.73 47.45
N GLY C 335 23.90 11.08 46.33
CA GLY C 335 23.08 11.15 45.14
C GLY C 335 21.75 10.43 45.22
N GLU C 336 21.53 9.64 46.28
CA GLU C 336 20.27 8.92 46.44
C GLU C 336 19.11 9.88 46.65
N SER C 337 19.15 10.65 47.74
CA SER C 337 18.14 11.67 48.02
C SER C 337 18.39 12.95 47.24
N MET C 338 19.48 13.05 46.49
CA MET C 338 19.67 14.13 45.55
C MET C 338 18.94 13.90 44.23
N TYR C 339 18.38 12.70 44.03
CA TYR C 339 17.59 12.44 42.84
C TYR C 339 16.27 13.18 42.87
N LEU C 340 15.64 13.27 44.05
CA LEU C 340 14.35 13.94 44.15
C LEU C 340 14.46 15.44 43.96
N LEU C 341 15.62 16.01 44.30
CA LEU C 341 15.85 17.41 43.97
C LEU C 341 16.01 17.60 42.46
N SER C 342 16.44 16.55 41.75
CA SER C 342 16.50 16.63 40.30
C SER C 342 15.18 16.23 39.64
N ASP C 343 14.27 15.60 40.39
CA ASP C 343 12.95 15.33 39.85
C ASP C 343 12.03 16.53 40.05
N LYS C 344 12.12 17.19 41.21
CA LYS C 344 11.35 18.40 41.43
C LYS C 344 11.83 19.56 40.55
N ALA C 345 13.08 19.52 40.09
CA ALA C 345 13.54 20.48 39.12
C ALA C 345 13.12 20.13 37.71
N THR C 346 12.57 18.93 37.50
CA THR C 346 12.06 18.52 36.20
C THR C 346 10.60 18.10 36.25
N SER C 347 9.84 18.59 37.22
CA SER C 347 8.40 18.31 37.29
C SER C 347 7.68 19.42 38.04
N TRP C 360 10.69 -2.68 40.86
CA TRP C 360 10.32 -1.41 41.48
C TRP C 360 10.12 -0.30 40.49
N SER C 361 9.37 0.70 40.91
CA SER C 361 9.37 1.98 40.21
C SER C 361 10.47 2.89 40.71
N ASP C 362 11.21 2.49 41.75
CA ASP C 362 12.41 3.21 42.12
C ASP C 362 13.53 2.97 41.11
N LEU C 363 13.45 1.88 40.37
CA LEU C 363 14.37 1.61 39.28
C LEU C 363 13.89 2.16 37.94
N LEU C 364 12.58 2.39 37.78
CA LEU C 364 12.10 3.05 36.57
C LEU C 364 12.63 4.46 36.45
N LEU C 365 12.72 5.19 37.55
CA LEU C 365 13.29 6.52 37.50
C LEU C 365 14.78 6.45 37.22
N TRP C 366 15.47 5.47 37.81
CA TRP C 366 16.87 5.22 37.49
C TRP C 366 17.04 4.79 36.04
N ALA C 367 16.04 4.15 35.46
CA ALA C 367 16.22 3.68 34.09
C ALA C 367 15.79 4.69 33.06
N LEU C 368 14.96 5.66 33.44
CA LEU C 368 14.56 6.70 32.49
C LEU C 368 15.48 7.90 32.58
N LEU C 369 16.07 8.13 33.74
CA LEU C 369 17.38 8.77 33.76
C LEU C 369 18.38 7.78 33.18
N LEU C 370 19.47 8.29 32.61
CA LEU C 370 20.56 7.56 31.94
C LEU C 370 20.13 6.94 30.61
N ASN C 371 18.83 6.96 30.25
CA ASN C 371 18.30 6.63 28.92
C ASN C 371 18.61 5.20 28.50
N ARG C 372 18.53 4.25 29.43
CA ARG C 372 18.62 2.83 29.10
C ARG C 372 17.27 2.36 28.61
N ALA C 373 17.22 1.75 27.42
CA ALA C 373 15.95 1.41 26.81
C ALA C 373 15.36 0.13 27.39
N GLN C 374 16.06 -1.00 27.19
CA GLN C 374 15.57 -2.29 27.62
C GLN C 374 15.46 -2.43 29.13
N MET C 375 16.30 -1.69 29.86
CA MET C 375 16.17 -1.62 31.31
C MET C 375 14.85 -0.97 31.70
N ALA C 376 14.46 0.07 30.97
CA ALA C 376 13.21 0.76 31.31
C ALA C 376 12.01 -0.06 30.91
N MET C 377 12.09 -0.76 29.79
CA MET C 377 10.98 -1.62 29.37
C MET C 377 10.79 -2.78 30.33
N TYR C 378 11.88 -3.43 30.74
CA TYR C 378 11.74 -4.52 31.69
C TYR C 378 11.31 -4.03 33.06
N PHE C 379 11.85 -2.89 33.50
CA PHE C 379 11.44 -2.31 34.77
C PHE C 379 10.03 -1.75 34.73
N TRP C 380 9.43 -1.61 33.55
CA TRP C 380 8.00 -1.36 33.47
C TRP C 380 7.17 -2.63 33.41
N GLU C 381 7.70 -3.71 32.84
CA GLU C 381 6.94 -4.96 32.71
C GLU C 381 6.60 -5.57 34.07
N MET C 382 7.59 -5.85 34.91
CA MET C 382 7.28 -5.92 36.32
C MET C 382 7.08 -4.50 36.83
N GLY C 383 6.20 -4.35 37.81
CA GLY C 383 5.95 -3.03 38.34
C GLY C 383 4.52 -2.86 38.76
N SER C 384 4.06 -1.62 38.72
CA SER C 384 2.85 -1.21 39.40
C SER C 384 1.66 -1.01 38.47
N ASN C 385 1.79 -0.16 37.44
CA ASN C 385 0.61 0.35 36.76
C ASN C 385 0.99 1.05 35.44
N ALA C 386 -0.03 1.31 34.62
CA ALA C 386 0.11 2.09 33.39
C ALA C 386 0.34 3.57 33.66
N VAL C 387 0.02 4.03 34.85
CA VAL C 387 0.26 5.42 35.21
C VAL C 387 1.75 5.68 35.26
N SER C 388 2.53 4.68 35.64
CA SER C 388 3.97 4.76 35.51
C SER C 388 4.42 4.79 34.07
N SER C 389 3.65 4.19 33.15
CA SER C 389 4.00 4.34 31.74
C SER C 389 3.66 5.72 31.24
N ALA C 390 2.72 6.41 31.89
CA ALA C 390 2.41 7.75 31.46
C ALA C 390 3.34 8.79 32.09
N LEU C 391 3.71 8.65 33.37
CA LEU C 391 4.66 9.60 33.94
C LEU C 391 6.05 9.32 33.42
N GLY C 392 6.41 8.05 33.33
CA GLY C 392 7.66 7.68 32.70
C GLY C 392 7.65 7.86 31.21
N ALA C 393 6.47 7.97 30.60
CA ALA C 393 6.39 8.20 29.17
C ALA C 393 6.90 9.59 28.81
N CYS C 394 6.29 10.58 29.37
CA CYS C 394 6.52 11.90 28.83
C CYS C 394 6.89 12.93 29.86
N LEU C 395 6.47 12.74 31.12
CA LEU C 395 6.78 13.77 32.10
C LEU C 395 8.23 13.68 32.53
N LEU C 396 8.91 12.58 32.23
CA LEU C 396 10.31 12.50 32.55
C LEU C 396 11.18 12.32 31.31
N LEU C 397 10.62 11.88 30.19
CA LEU C 397 11.42 11.70 28.99
C LEU C 397 11.36 12.86 28.02
N ARG C 398 10.22 13.56 27.89
CA ARG C 398 10.22 14.77 27.09
C ARG C 398 11.03 15.86 27.78
N VAL C 399 10.93 15.93 29.12
CA VAL C 399 11.62 16.97 29.87
C VAL C 399 13.11 16.71 29.88
N MET C 400 13.53 15.44 29.91
CA MET C 400 14.94 15.15 29.77
C MET C 400 15.40 15.36 28.33
N ALA C 401 14.48 15.26 27.36
CA ALA C 401 14.84 15.53 25.98
C ALA C 401 15.03 16.99 25.67
N ARG C 402 14.21 17.87 26.24
CA ARG C 402 14.35 19.30 26.00
C ARG C 402 15.58 19.89 26.66
N LEU C 403 16.12 19.24 27.69
CA LEU C 403 17.32 19.70 28.34
C LEU C 403 18.58 19.03 27.82
N GLU C 404 18.59 18.63 26.54
CA GLU C 404 19.79 18.08 25.94
C GLU C 404 20.49 19.15 25.09
N PRO C 405 21.82 19.19 25.13
CA PRO C 405 22.57 20.13 24.28
C PRO C 405 22.84 19.62 22.88
N ASP C 406 22.46 18.38 22.58
CA ASP C 406 22.74 17.78 21.28
C ASP C 406 21.53 16.98 20.81
N ALA C 407 21.33 16.96 19.50
CA ALA C 407 20.16 16.31 18.93
C ALA C 407 20.25 14.79 19.03
N GLU C 408 21.44 14.24 18.89
CA GLU C 408 21.65 12.85 19.27
C GLU C 408 21.67 12.77 20.79
N GLU C 409 21.16 11.66 21.33
CA GLU C 409 20.76 11.47 22.73
C GLU C 409 19.67 12.44 23.16
N ALA C 410 18.94 13.02 22.21
CA ALA C 410 17.66 13.63 22.44
C ALA C 410 16.60 13.06 21.52
N ALA C 411 16.96 12.07 20.71
CA ALA C 411 16.02 11.35 19.88
C ALA C 411 15.72 9.97 20.39
N ARG C 412 16.70 9.28 21.00
CA ARG C 412 16.39 8.04 21.68
C ARG C 412 15.63 8.29 22.97
N ARG C 413 15.86 9.46 23.59
CA ARG C 413 15.08 9.91 24.74
C ARG C 413 13.74 10.51 24.34
N LYS C 414 13.35 10.35 23.08
CA LYS C 414 12.00 10.59 22.61
C LYS C 414 11.42 9.37 21.92
N ASP C 415 12.27 8.51 21.35
CA ASP C 415 11.81 7.21 20.87
C ASP C 415 11.38 6.31 22.01
N LEU C 416 12.02 6.43 23.18
CA LEU C 416 11.48 5.79 24.37
C LEU C 416 10.14 6.36 24.77
N ALA C 417 9.93 7.66 24.55
CA ALA C 417 8.63 8.25 24.86
C ALA C 417 7.55 7.70 23.94
N PHE C 418 7.86 7.49 22.66
CA PHE C 418 6.88 6.88 21.78
C PHE C 418 6.67 5.41 22.10
N LYS C 419 7.72 4.72 22.57
CA LYS C 419 7.53 3.33 23.01
C LYS C 419 6.60 3.25 24.20
N PHE C 420 6.76 4.16 25.15
CA PHE C 420 5.88 4.17 26.32
C PHE C 420 4.49 4.68 26.03
N GLU C 421 4.31 5.49 24.99
CA GLU C 421 2.95 5.80 24.58
C GLU C 421 2.32 4.61 23.89
N GLY C 422 3.10 3.82 23.15
CA GLY C 422 2.57 2.58 22.61
C GLY C 422 2.17 1.59 23.69
N MET C 423 2.99 1.48 24.74
CA MET C 423 2.70 0.54 25.81
C MET C 423 1.53 1.02 26.67
N GLY C 424 1.50 2.31 27.00
CA GLY C 424 0.40 2.82 27.81
C GLY C 424 -0.92 2.83 27.07
N VAL C 425 -0.89 3.24 25.80
CA VAL C 425 -2.09 3.27 24.98
C VAL C 425 -2.62 1.86 24.75
N ASP C 426 -1.74 0.91 24.40
CA ASP C 426 -2.22 -0.44 24.14
C ASP C 426 -2.64 -1.13 25.43
N LEU C 427 -2.01 -0.78 26.55
CA LEU C 427 -2.39 -1.37 27.83
C LEU C 427 -3.75 -0.87 28.30
N PHE C 428 -4.01 0.42 28.16
CA PHE C 428 -5.34 0.92 28.50
C PHE C 428 -6.37 0.43 27.51
N GLY C 429 -5.96 0.18 26.28
CA GLY C 429 -6.88 -0.40 25.30
C GLY C 429 -7.21 -1.84 25.63
N GLU C 430 -6.31 -2.54 26.31
CA GLU C 430 -6.65 -3.86 26.80
C GLU C 430 -7.44 -3.82 28.09
N CYS C 431 -7.21 -2.82 28.94
CA CYS C 431 -7.93 -2.70 30.19
C CYS C 431 -9.28 -2.01 30.04
N TYR C 432 -9.62 -1.54 28.85
CA TYR C 432 -10.91 -0.90 28.64
C TYR C 432 -11.97 -1.84 28.13
N ARG C 433 -11.56 -2.84 27.35
CA ARG C 433 -12.48 -3.85 26.86
C ARG C 433 -13.06 -4.70 27.99
N SER C 434 -12.22 -5.02 28.98
CA SER C 434 -12.64 -5.87 30.10
C SER C 434 -13.78 -5.31 30.96
N SER C 435 -13.73 -4.03 31.27
CA SER C 435 -14.78 -3.36 32.03
C SER C 435 -14.54 -1.87 31.97
N GLU C 436 -15.50 -1.14 31.40
CA GLU C 436 -15.31 0.29 31.19
C GLU C 436 -15.32 1.07 32.49
N VAL C 437 -16.00 0.56 33.52
CA VAL C 437 -16.10 1.29 34.79
C VAL C 437 -14.79 1.25 35.55
N ARG C 438 -14.20 0.05 35.66
CA ARG C 438 -12.91 -0.07 36.33
C ARG C 438 -11.80 0.56 35.50
N ALA C 439 -11.98 0.59 34.18
CA ALA C 439 -11.05 1.34 33.33
C ALA C 439 -11.14 2.83 33.59
N ALA C 440 -12.34 3.32 33.88
CA ALA C 440 -12.48 4.71 34.31
C ALA C 440 -11.84 4.91 35.68
N ARG C 441 -11.86 3.89 36.52
CA ARG C 441 -11.21 4.03 37.82
C ARG C 441 -9.70 4.02 37.69
N LEU C 442 -9.14 3.32 36.71
CA LEU C 442 -7.70 3.35 36.50
C LEU C 442 -7.23 4.73 36.07
N LEU C 443 -8.04 5.42 35.28
CA LEU C 443 -7.60 6.65 34.64
C LEU C 443 -7.61 7.82 35.61
N LEU C 444 -8.27 7.69 36.77
CA LEU C 444 -8.35 8.75 37.75
C LEU C 444 -8.17 8.15 39.14
N ARG C 445 -6.93 8.02 39.60
CA ARG C 445 -6.71 7.48 40.94
C ARG C 445 -5.59 8.12 41.75
N ARG C 446 -4.91 9.15 41.22
CA ARG C 446 -3.95 9.98 41.97
C ARG C 446 -2.80 9.15 42.57
N CYS C 447 -1.98 8.57 41.70
CA CYS C 447 -0.98 7.61 42.11
C CYS C 447 0.11 8.27 42.96
N PRO C 448 0.68 7.58 43.94
CA PRO C 448 1.66 8.21 44.83
C PRO C 448 3.04 8.38 44.21
N LEU C 449 3.29 7.89 43.00
CA LEU C 449 4.60 8.06 42.40
C LEU C 449 4.81 9.50 41.96
N TRP C 450 3.73 10.14 41.53
CA TRP C 450 3.64 11.59 41.45
C TRP C 450 2.18 11.92 41.70
N GLY C 451 1.91 12.68 42.77
CA GLY C 451 0.58 12.73 43.35
C GLY C 451 -0.50 13.40 42.52
N ASP C 452 -0.76 12.86 41.34
CA ASP C 452 -1.67 13.46 40.37
C ASP C 452 -2.32 12.37 39.55
N ALA C 453 -3.44 12.72 38.92
CA ALA C 453 -4.17 11.75 38.08
C ALA C 453 -3.40 11.49 36.79
N THR C 454 -3.90 10.54 36.01
CA THR C 454 -3.22 10.17 34.79
C THR C 454 -3.40 11.24 33.72
N CYS C 455 -4.64 11.69 33.53
CA CYS C 455 -4.91 12.75 32.57
C CYS C 455 -4.30 14.07 33.01
N LEU C 456 -4.12 14.26 34.32
CA LEU C 456 -3.48 15.48 34.81
C LEU C 456 -2.00 15.51 34.47
N GLN C 457 -1.40 14.35 34.16
CA GLN C 457 -0.03 14.35 33.67
C GLN C 457 0.05 14.86 32.25
N LEU C 458 -1.01 14.66 31.48
CA LEU C 458 -0.92 14.98 30.06
C LEU C 458 -1.43 16.38 29.74
N ALA C 459 -2.12 17.01 30.68
CA ALA C 459 -2.32 18.45 30.66
C ALA C 459 -1.25 19.19 31.44
N MET C 460 -0.21 18.49 31.89
CA MET C 460 0.96 19.08 32.52
C MET C 460 2.00 19.36 31.43
N GLN C 461 3.27 19.50 31.81
CA GLN C 461 4.34 19.73 30.84
C GLN C 461 4.55 18.52 29.93
N ALA C 462 4.03 17.36 30.32
CA ALA C 462 3.97 16.21 29.43
C ALA C 462 2.77 16.33 28.51
N ASP C 463 2.98 15.99 27.24
CA ASP C 463 1.94 16.09 26.21
C ASP C 463 1.91 14.77 25.45
N ALA C 464 0.78 14.10 25.48
CA ALA C 464 0.61 12.81 24.79
C ALA C 464 -0.61 12.91 23.91
N ARG C 465 -0.40 13.37 22.67
CA ARG C 465 -1.49 13.46 21.71
C ARG C 465 -2.04 12.09 21.35
N ALA C 466 -1.21 11.05 21.39
CA ALA C 466 -1.66 9.72 21.02
C ALA C 466 -2.45 9.02 22.13
N PHE C 467 -2.49 9.58 23.33
CA PHE C 467 -3.25 8.93 24.38
C PHE C 467 -4.71 9.37 24.37
N PHE C 468 -4.97 10.65 24.11
CA PHE C 468 -6.35 11.11 24.06
C PHE C 468 -7.04 10.74 22.77
N ALA C 469 -6.29 10.30 21.78
CA ALA C 469 -6.87 9.94 20.50
C ALA C 469 -7.56 8.62 20.52
N GLN C 470 -7.63 7.91 21.63
CA GLN C 470 -8.35 6.66 21.69
C GLN C 470 -9.85 6.88 21.66
N ASP C 471 -10.57 5.79 21.42
CA ASP C 471 -11.93 5.67 21.89
C ASP C 471 -11.84 4.88 23.18
N GLY C 472 -12.28 5.47 24.28
CA GLY C 472 -12.10 4.84 25.56
C GLY C 472 -11.58 5.86 26.55
N VAL C 473 -10.91 6.88 26.04
CA VAL C 473 -10.66 8.07 26.84
C VAL C 473 -11.72 9.11 26.55
N GLN C 474 -12.17 9.22 25.30
CA GLN C 474 -13.15 10.22 24.95
C GLN C 474 -14.59 9.75 25.13
N SER C 475 -14.80 8.47 25.41
CA SER C 475 -16.07 8.10 26.02
C SER C 475 -16.11 8.53 27.47
N LEU C 476 -14.94 8.67 28.11
CA LEU C 476 -14.88 9.20 29.45
C LEU C 476 -14.85 10.71 29.47
N LEU C 477 -14.18 11.34 28.50
CA LEU C 477 -14.25 12.80 28.46
C LEU C 477 -15.59 13.27 27.92
N THR C 478 -16.23 12.47 27.09
CA THR C 478 -17.63 12.72 26.79
C THR C 478 -18.48 12.45 28.01
N GLN C 479 -18.16 11.40 28.76
CA GLN C 479 -18.93 11.01 29.93
C GLN C 479 -18.77 12.00 31.08
N LYS C 480 -17.74 12.83 31.06
CA LYS C 480 -17.55 13.85 32.08
C LYS C 480 -17.56 15.26 31.53
N TRP C 481 -17.78 15.43 30.23
CA TRP C 481 -18.30 16.70 29.76
C TRP C 481 -19.73 16.88 30.24
N TRP C 482 -20.49 15.80 30.23
CA TRP C 482 -21.79 15.77 30.89
C TRP C 482 -21.58 15.48 32.37
N GLY C 483 -22.38 16.09 33.21
CA GLY C 483 -22.31 15.82 34.63
C GLY C 483 -23.46 14.97 35.14
N ASP C 484 -23.19 13.69 35.40
CA ASP C 484 -24.10 12.62 35.82
C ASP C 484 -25.10 12.21 34.74
N MET C 485 -25.16 12.89 33.60
CA MET C 485 -25.68 12.23 32.42
C MET C 485 -24.63 11.25 31.93
N ALA C 486 -25.08 10.05 31.57
CA ALA C 486 -24.14 9.01 31.15
C ALA C 486 -23.54 9.39 29.81
N SER C 487 -24.41 9.59 28.83
CA SER C 487 -24.20 10.24 27.54
C SER C 487 -25.55 10.31 26.87
N THR C 488 -25.56 10.89 25.67
CA THR C 488 -26.66 10.80 24.70
C THR C 488 -27.98 11.35 25.24
N THR C 489 -27.91 12.22 26.24
CA THR C 489 -29.05 13.06 26.55
C THR C 489 -29.04 14.20 25.56
N PRO C 490 -29.91 14.19 24.55
CA PRO C 490 -29.69 15.02 23.37
C PRO C 490 -29.97 16.48 23.65
N ILE C 491 -29.51 17.34 22.74
CA ILE C 491 -29.57 18.77 22.96
C ILE C 491 -30.99 19.30 22.76
N TRP C 492 -31.87 18.49 22.18
CA TRP C 492 -33.30 18.74 22.29
C TRP C 492 -33.72 18.82 23.76
N ALA C 493 -33.41 17.78 24.52
CA ALA C 493 -33.79 17.75 25.94
C ALA C 493 -33.00 18.76 26.75
N LEU C 494 -31.71 18.92 26.43
CA LEU C 494 -30.86 19.86 27.17
C LEU C 494 -31.33 21.30 26.96
N VAL C 495 -31.63 21.67 25.72
CA VAL C 495 -32.14 23.01 25.47
C VAL C 495 -33.50 23.19 26.12
N LEU C 496 -34.35 22.16 26.05
CA LEU C 496 -35.63 22.22 26.75
C LEU C 496 -35.50 22.12 28.28
N ALA C 497 -34.30 21.91 28.82
CA ALA C 497 -34.09 21.90 30.26
C ALA C 497 -33.61 23.24 30.78
N PHE C 498 -33.95 24.33 30.11
CA PHE C 498 -33.84 25.64 30.74
C PHE C 498 -35.18 26.22 31.18
N PHE C 499 -36.21 25.39 31.23
CA PHE C 499 -37.38 25.67 32.06
C PHE C 499 -37.13 24.93 33.36
N CYS C 500 -36.09 25.36 34.07
CA CYS C 500 -35.44 24.54 35.10
C CYS C 500 -36.31 24.09 36.27
N PRO C 501 -37.38 24.82 36.71
CA PRO C 501 -38.40 24.14 37.52
C PRO C 501 -39.04 22.99 36.77
N PRO C 502 -38.80 21.77 37.27
CA PRO C 502 -39.38 20.48 36.91
C PRO C 502 -38.89 19.92 35.57
N LEU C 503 -38.07 20.64 34.80
CA LEU C 503 -37.55 20.03 33.58
C LEU C 503 -36.44 19.04 33.89
N ILE C 504 -35.60 19.37 34.88
CA ILE C 504 -34.58 18.42 35.30
C ILE C 504 -35.19 17.25 36.06
N TYR C 505 -36.26 17.50 36.81
CA TYR C 505 -36.90 16.45 37.60
C TYR C 505 -37.84 15.60 36.78
N THR C 506 -38.13 15.98 35.54
CA THR C 506 -38.86 15.09 34.65
C THR C 506 -37.91 14.03 34.12
N ARG C 507 -38.45 13.08 33.36
CA ARG C 507 -37.64 12.00 32.81
C ARG C 507 -37.03 12.36 31.46
N LEU C 508 -37.15 13.62 31.03
CA LEU C 508 -36.63 14.04 29.73
C LEU C 508 -35.12 13.89 29.67
N ILE C 509 -34.40 14.63 30.51
CA ILE C 509 -32.97 14.40 30.69
C ILE C 509 -32.83 13.20 31.60
N THR C 510 -32.72 12.02 30.98
CA THR C 510 -32.61 10.78 31.74
C THR C 510 -31.16 10.59 32.18
N PHE C 511 -30.87 10.89 33.44
CA PHE C 511 -29.50 10.78 33.92
C PHE C 511 -29.45 9.96 35.20
N ARG C 512 -28.28 9.37 35.43
CA ARG C 512 -28.06 8.53 36.60
C ARG C 512 -26.88 9.01 37.42
N CYS C 569 -31.33 13.13 46.16
CA CYS C 569 -32.62 13.71 45.86
C CYS C 569 -32.50 15.10 45.28
N LEU C 570 -32.13 16.05 46.13
CA LEU C 570 -31.92 17.44 45.72
C LEU C 570 -30.63 17.58 44.93
N ARG C 571 -29.73 16.60 45.07
CA ARG C 571 -28.43 16.58 44.40
C ARG C 571 -28.51 16.41 42.89
N ARG C 572 -29.71 16.26 42.32
CA ARG C 572 -29.87 16.45 40.89
C ARG C 572 -29.69 17.91 40.53
N TRP C 573 -30.38 18.80 41.23
CA TRP C 573 -30.33 20.23 40.89
C TRP C 573 -29.00 20.83 41.29
N PHE C 574 -28.35 20.29 42.33
CA PHE C 574 -27.01 20.72 42.69
C PHE C 574 -26.00 20.36 41.62
N HIS C 575 -26.27 19.30 40.86
CA HIS C 575 -25.29 18.74 39.94
C HIS C 575 -25.63 19.01 38.49
N PHE C 576 -26.85 19.50 38.20
CA PHE C 576 -27.24 19.92 36.86
C PHE C 576 -26.88 21.37 36.60
N TRP C 577 -27.21 22.27 37.52
CA TRP C 577 -26.93 23.70 37.40
C TRP C 577 -25.43 24.01 37.48
N GLY C 578 -24.58 23.01 37.72
CA GLY C 578 -23.15 23.22 37.69
C GLY C 578 -22.39 22.15 36.94
N ALA C 579 -23.09 21.37 36.12
CA ALA C 579 -22.42 20.37 35.30
C ALA C 579 -21.65 21.05 34.16
N PRO C 580 -20.56 20.43 33.69
CA PRO C 580 -19.80 21.10 32.62
C PRO C 580 -20.41 21.08 31.23
N VAL C 581 -21.68 20.76 31.07
CA VAL C 581 -22.43 21.16 29.88
C VAL C 581 -23.20 22.43 30.13
N THR C 582 -23.98 22.47 31.21
CA THR C 582 -24.89 23.58 31.45
C THR C 582 -24.17 24.88 31.79
N ILE C 583 -22.90 24.80 32.20
CA ILE C 583 -22.14 26.03 32.32
C ILE C 583 -21.68 26.49 30.93
N PHE C 584 -21.43 25.56 30.02
CA PHE C 584 -21.09 25.96 28.65
C PHE C 584 -22.30 26.55 27.94
N MET C 585 -23.48 25.91 28.09
CA MET C 585 -24.69 26.48 27.49
C MET C 585 -25.06 27.78 28.16
N GLY C 586 -24.81 27.92 29.46
CA GLY C 586 -25.02 29.18 30.12
C GLY C 586 -24.10 30.27 29.61
N ASN C 587 -22.87 29.91 29.27
CA ASN C 587 -21.96 30.91 28.73
C ASN C 587 -22.31 31.25 27.28
N VAL C 588 -22.85 30.30 26.53
CA VAL C 588 -23.23 30.56 25.14
C VAL C 588 -24.47 31.44 25.09
N VAL C 589 -25.50 31.07 25.85
CA VAL C 589 -26.75 31.84 25.84
C VAL C 589 -26.52 33.23 26.46
N SER C 590 -25.68 33.30 27.49
CA SER C 590 -25.32 34.59 28.04
C SER C 590 -24.54 35.42 27.03
N TYR C 591 -23.70 34.78 26.23
CA TYR C 591 -22.87 35.53 25.30
C TYR C 591 -23.70 36.04 24.11
N LEU C 592 -24.64 35.23 23.65
CA LEU C 592 -25.55 35.68 22.60
C LEU C 592 -26.45 36.80 23.09
N LEU C 593 -26.89 36.76 24.34
CA LEU C 593 -27.63 37.89 24.89
C LEU C 593 -26.74 39.11 25.01
N PHE C 594 -25.45 38.93 25.24
CA PHE C 594 -24.54 40.07 25.23
C PHE C 594 -24.41 40.66 23.84
N LEU C 595 -24.42 39.84 22.80
CA LEU C 595 -24.32 40.39 21.45
C LEU C 595 -25.61 41.10 21.04
N LEU C 596 -26.77 40.58 21.45
CA LEU C 596 -28.02 41.31 21.24
C LEU C 596 -28.02 42.64 22.00
N LEU C 597 -27.42 42.62 23.17
CA LEU C 597 -27.31 43.82 23.97
C LEU C 597 -26.39 44.85 23.32
N PHE C 598 -25.32 44.37 22.68
CA PHE C 598 -24.32 45.26 22.09
C PHE C 598 -24.86 45.88 20.81
N SER C 599 -25.50 45.06 19.99
CA SER C 599 -26.13 45.60 18.79
C SER C 599 -27.29 46.52 19.12
N ARG C 600 -28.01 46.22 20.21
CA ARG C 600 -29.09 47.09 20.66
C ARG C 600 -28.54 48.42 21.15
N VAL C 601 -27.31 48.43 21.66
CA VAL C 601 -26.68 49.71 21.98
C VAL C 601 -26.27 50.45 20.71
N LEU C 602 -25.56 49.79 19.80
CA LEU C 602 -24.96 50.50 18.67
C LEU C 602 -25.99 51.00 17.67
N LEU C 603 -26.99 50.19 17.36
CA LEU C 603 -27.79 50.47 16.18
C LEU C 603 -28.86 51.52 16.47
N VAL C 604 -29.54 51.40 17.60
CA VAL C 604 -30.63 52.30 17.97
C VAL C 604 -30.16 53.38 18.93
N ASP C 605 -29.50 52.99 20.01
CA ASP C 605 -29.14 53.88 21.11
C ASP C 605 -27.84 54.61 20.77
N PHE C 606 -27.13 55.06 21.81
CA PHE C 606 -25.72 55.45 21.78
C PHE C 606 -25.57 56.88 21.27
N GLN C 607 -26.68 57.60 21.15
CA GLN C 607 -26.65 59.00 20.76
C GLN C 607 -25.93 59.84 21.83
N PRO C 608 -25.23 60.94 21.43
CA PRO C 608 -24.36 61.66 22.37
C PRO C 608 -25.11 62.31 23.52
N ALA C 609 -25.00 61.67 24.68
CA ALA C 609 -25.85 61.88 25.84
C ALA C 609 -25.24 61.06 26.98
N PRO C 610 -25.68 61.20 28.23
CA PRO C 610 -25.37 60.17 29.23
C PRO C 610 -26.01 58.84 28.86
N PRO C 611 -25.47 57.73 29.35
CA PRO C 611 -26.01 56.41 29.00
C PRO C 611 -27.37 56.18 29.63
N GLY C 612 -28.40 56.11 28.78
CA GLY C 612 -29.77 56.03 29.24
C GLY C 612 -30.23 54.65 29.65
N SER C 613 -29.66 54.12 30.73
CA SER C 613 -30.06 52.95 31.50
C SER C 613 -29.91 51.63 30.74
N LEU C 614 -29.47 51.63 29.48
CA LEU C 614 -29.29 50.39 28.76
C LEU C 614 -27.86 50.23 28.28
N GLU C 615 -27.16 51.33 28.04
CA GLU C 615 -25.74 51.26 27.73
C GLU C 615 -24.89 50.93 28.95
N LEU C 616 -25.44 51.10 30.15
CA LEU C 616 -24.69 50.77 31.37
C LEU C 616 -24.54 49.28 31.56
N LEU C 617 -25.45 48.49 30.99
CA LEU C 617 -25.33 47.04 31.06
C LEU C 617 -24.14 46.54 30.27
N LEU C 618 -23.68 47.33 29.29
CA LEU C 618 -22.40 47.04 28.66
C LEU C 618 -21.26 47.19 29.64
N TYR C 619 -21.36 48.15 30.55
CA TYR C 619 -20.22 48.39 31.43
C TYR C 619 -20.21 47.40 32.58
N PHE C 620 -21.38 47.10 33.14
CA PHE C 620 -21.50 46.04 34.12
C PHE C 620 -21.15 44.69 33.52
N TRP C 621 -21.59 44.46 32.28
CA TRP C 621 -21.33 43.20 31.61
C TRP C 621 -19.85 43.03 31.30
N ALA C 622 -19.26 44.03 30.66
CA ALA C 622 -17.88 43.91 30.22
C ALA C 622 -16.92 43.94 31.40
N PHE C 623 -17.32 44.59 32.49
CA PHE C 623 -16.52 44.46 33.70
C PHE C 623 -16.63 43.05 34.26
N THR C 624 -17.78 42.39 34.10
CA THR C 624 -17.82 40.99 34.47
C THR C 624 -17.04 40.10 33.50
N LEU C 625 -16.84 40.52 32.25
CA LEU C 625 -15.95 39.75 31.39
C LEU C 625 -14.49 39.96 31.77
N LEU C 626 -14.14 41.14 32.28
CA LEU C 626 -12.84 41.29 32.90
C LEU C 626 -12.72 40.44 34.15
N CYS C 627 -13.82 40.26 34.88
CA CYS C 627 -13.80 39.35 36.00
C CYS C 627 -13.77 37.88 35.58
N GLU C 628 -14.09 37.56 34.31
CA GLU C 628 -13.76 36.24 33.80
C GLU C 628 -12.29 36.13 33.46
N GLU C 629 -11.77 37.11 32.73
CA GLU C 629 -10.44 36.96 32.14
C GLU C 629 -9.34 37.09 33.20
N LEU C 630 -9.61 37.82 34.28
CA LEU C 630 -8.62 37.83 35.34
C LEU C 630 -8.78 36.67 36.31
N ARG C 631 -9.95 36.02 36.36
CA ARG C 631 -10.05 34.81 37.15
C ARG C 631 -9.42 33.63 36.43
N GLN C 632 -9.56 33.59 35.11
CA GLN C 632 -8.96 32.51 34.33
C GLN C 632 -7.45 32.71 34.19
N GLY C 633 -7.00 33.95 34.28
CA GLY C 633 -5.59 34.25 34.16
C GLY C 633 -4.76 34.05 35.39
N LEU C 634 -5.34 33.51 36.46
CA LEU C 634 -4.61 33.33 37.70
C LEU C 634 -4.76 31.90 38.23
N ALA C 651 5.50 34.37 39.56
CA ALA C 651 5.91 32.97 39.65
C ALA C 651 4.69 32.08 39.72
N SER C 652 3.75 32.44 40.60
CA SER C 652 2.45 31.81 40.64
C SER C 652 1.33 32.72 40.15
N LEU C 653 1.55 34.03 40.17
CA LEU C 653 0.61 34.98 39.58
C LEU C 653 1.25 35.84 38.50
N SER C 654 2.56 35.72 38.27
CA SER C 654 3.22 36.44 37.20
C SER C 654 3.75 35.51 36.12
N GLN C 655 3.88 34.22 36.41
CA GLN C 655 4.22 33.25 35.37
C GLN C 655 2.96 32.63 34.79
N ARG C 656 1.94 32.41 35.63
CA ARG C 656 0.65 31.93 35.15
C ARG C 656 -0.01 32.97 34.26
N LEU C 657 0.19 34.25 34.57
CA LEU C 657 -0.33 35.31 33.72
C LEU C 657 0.51 35.48 32.46
N ARG C 658 1.72 34.96 32.45
CA ARG C 658 2.52 34.98 31.22
C ARG C 658 2.13 33.83 30.30
N LEU C 659 2.00 32.62 30.85
CA LEU C 659 1.54 31.49 30.07
C LEU C 659 0.09 31.59 29.67
N TYR C 660 -0.68 32.41 30.38
CA TYR C 660 -2.05 32.68 29.99
C TYR C 660 -2.11 33.50 28.71
N LEU C 661 -1.39 34.61 28.67
CA LEU C 661 -1.35 35.49 27.51
C LEU C 661 -0.32 35.05 26.48
N ALA C 662 0.31 33.89 26.69
CA ALA C 662 1.18 33.33 25.65
C ALA C 662 0.37 32.68 24.55
N ASP C 663 -0.84 32.22 24.86
CA ASP C 663 -1.71 31.63 23.87
C ASP C 663 -2.13 32.69 22.85
N SER C 664 -1.94 32.38 21.57
CA SER C 664 -2.15 33.37 20.51
C SER C 664 -3.62 33.74 20.34
N TRP C 665 -4.54 32.90 20.77
CA TRP C 665 -5.92 33.33 20.73
C TRP C 665 -6.25 34.29 21.85
N ASN C 666 -5.79 33.99 23.06
CA ASN C 666 -6.39 34.59 24.24
C ASN C 666 -5.89 36.01 24.50
N GLN C 667 -4.87 36.46 23.77
CA GLN C 667 -4.47 37.85 23.86
C GLN C 667 -5.38 38.74 23.02
N CYS C 668 -6.09 38.15 22.06
CA CYS C 668 -7.03 38.91 21.25
C CYS C 668 -8.23 39.37 22.05
N ASP C 669 -8.53 38.70 23.17
CA ASP C 669 -9.57 39.19 24.05
C ASP C 669 -9.07 40.28 24.96
N LEU C 670 -7.77 40.34 25.19
CA LEU C 670 -7.19 41.51 25.83
C LEU C 670 -7.20 42.69 24.87
N VAL C 671 -7.06 42.42 23.57
CA VAL C 671 -7.28 43.46 22.58
C VAL C 671 -8.76 43.84 22.53
N ALA C 672 -9.64 42.87 22.77
CA ALA C 672 -11.07 43.15 22.67
C ALA C 672 -11.55 43.99 23.85
N LEU C 673 -11.12 43.65 25.06
CA LEU C 673 -11.61 44.38 26.22
C LEU C 673 -10.80 45.65 26.49
N THR C 674 -9.48 45.58 26.29
CA THR C 674 -8.66 46.77 26.42
C THR C 674 -8.88 47.74 25.25
N CYS C 675 -9.38 47.25 24.13
CA CYS C 675 -9.80 48.14 23.05
C CYS C 675 -11.23 48.58 23.26
N PHE C 676 -12.02 47.79 23.98
CA PHE C 676 -13.36 48.21 24.40
C PHE C 676 -13.28 49.43 25.29
N LEU C 677 -12.47 49.38 26.35
CA LEU C 677 -12.34 50.50 27.27
C LEU C 677 -11.60 51.68 26.68
N LEU C 678 -10.99 51.52 25.51
CA LEU C 678 -10.44 52.64 24.78
C LEU C 678 -11.50 53.37 23.97
N GLY C 679 -12.51 52.66 23.49
CA GLY C 679 -13.58 53.28 22.74
C GLY C 679 -14.61 53.87 23.65
N VAL C 680 -14.70 53.31 24.86
CA VAL C 680 -15.57 53.84 25.91
C VAL C 680 -15.12 55.23 26.33
N GLY C 681 -13.81 55.45 26.45
CA GLY C 681 -13.32 56.75 26.88
C GLY C 681 -13.60 57.85 25.88
N CYS C 682 -13.78 57.47 24.61
CA CYS C 682 -14.25 58.44 23.63
C CYS C 682 -15.72 58.79 23.89
N ARG C 683 -16.51 57.82 24.35
CA ARG C 683 -17.93 58.06 24.58
C ARG C 683 -18.14 58.92 25.81
N LEU C 684 -17.42 58.61 26.89
CA LEU C 684 -17.65 59.27 28.17
C LEU C 684 -17.21 60.72 28.12
N THR C 685 -16.19 61.02 27.36
CA THR C 685 -15.85 62.42 27.18
C THR C 685 -16.73 63.04 26.11
N PRO C 686 -17.18 64.29 26.30
CA PRO C 686 -17.91 64.97 25.24
C PRO C 686 -17.03 65.59 24.19
N GLY C 687 -15.70 65.51 24.35
CA GLY C 687 -14.81 66.21 23.45
C GLY C 687 -14.77 65.60 22.06
N LEU C 688 -14.88 64.28 21.96
CA LEU C 688 -14.81 63.61 20.66
C LEU C 688 -15.72 62.38 20.66
N TYR C 689 -16.86 62.53 20.00
CA TYR C 689 -17.68 61.42 19.56
C TYR C 689 -17.11 60.98 18.21
N HIS C 690 -17.71 59.95 17.62
CA HIS C 690 -17.39 59.34 16.34
C HIS C 690 -16.03 58.64 16.31
N LEU C 691 -15.24 58.68 17.39
CA LEU C 691 -14.23 57.67 17.61
C LEU C 691 -14.67 56.59 18.57
N GLY C 692 -15.72 56.85 19.34
CA GLY C 692 -16.28 55.79 20.16
C GLY C 692 -16.97 54.73 19.33
N ARG C 693 -17.78 55.15 18.37
CA ARG C 693 -18.65 54.19 17.69
C ARG C 693 -17.86 53.34 16.70
N THR C 694 -16.80 53.91 16.11
CA THR C 694 -15.99 53.13 15.18
C THR C 694 -15.23 52.03 15.91
N VAL C 695 -14.57 52.40 17.02
CA VAL C 695 -13.80 51.45 17.81
C VAL C 695 -14.73 50.42 18.45
N LEU C 696 -15.94 50.82 18.83
CA LEU C 696 -16.88 49.81 19.31
C LEU C 696 -17.42 48.92 18.20
N CYS C 697 -17.46 49.39 16.95
CA CYS C 697 -17.88 48.51 15.88
C CYS C 697 -16.83 47.45 15.60
N ILE C 698 -15.57 47.86 15.53
CA ILE C 698 -14.51 46.88 15.33
C ILE C 698 -14.39 45.94 16.54
N ASP C 699 -14.64 46.46 17.74
CA ASP C 699 -14.72 45.60 18.91
C ASP C 699 -15.92 44.66 18.89
N PHE C 700 -17.00 45.05 18.21
CA PHE C 700 -18.09 44.11 18.05
C PHE C 700 -17.72 42.99 17.11
N MET C 701 -16.91 43.29 16.10
CA MET C 701 -16.37 42.23 15.25
C MET C 701 -15.51 41.26 16.04
N VAL C 702 -14.60 41.77 16.87
CA VAL C 702 -13.72 40.88 17.62
C VAL C 702 -14.51 40.07 18.64
N PHE C 703 -15.54 40.68 19.24
CA PHE C 703 -16.44 39.98 20.14
C PHE C 703 -17.20 38.86 19.47
N THR C 704 -17.67 39.04 18.24
CA THR C 704 -18.36 37.94 17.59
C THR C 704 -17.41 36.91 17.02
N VAL C 705 -16.16 37.28 16.73
CA VAL C 705 -15.20 36.27 16.29
C VAL C 705 -14.76 35.42 17.49
N ARG C 706 -14.92 35.92 18.73
CA ARG C 706 -14.67 35.04 19.88
C ARG C 706 -15.70 33.90 19.98
N LEU C 707 -16.87 34.07 19.37
CA LEU C 707 -17.91 33.06 19.44
C LEU C 707 -17.54 31.81 18.66
N LEU C 708 -16.60 31.91 17.73
CA LEU C 708 -16.01 30.72 17.13
C LEU C 708 -15.19 29.94 18.15
N HIS C 709 -14.36 30.63 18.92
CA HIS C 709 -13.48 29.98 19.87
C HIS C 709 -14.26 29.38 21.04
N ILE C 710 -15.43 29.93 21.35
CA ILE C 710 -16.29 29.29 22.35
C ILE C 710 -16.76 27.93 21.84
N PHE C 711 -17.06 27.83 20.55
CA PHE C 711 -17.56 26.60 19.98
C PHE C 711 -16.48 25.66 19.49
N THR C 712 -15.30 25.67 20.10
CA THR C 712 -14.31 24.66 19.76
C THR C 712 -14.57 23.33 20.44
N VAL C 713 -15.54 23.26 21.33
CA VAL C 713 -15.83 22.05 22.08
C VAL C 713 -17.15 21.51 21.56
N ASN C 714 -17.07 20.68 20.53
CA ASN C 714 -18.22 19.95 19.98
C ASN C 714 -17.67 18.73 19.25
N LYS C 715 -18.48 17.68 19.21
CA LYS C 715 -18.09 16.54 18.40
C LYS C 715 -18.37 16.79 16.92
N GLN C 716 -19.23 17.76 16.61
CA GLN C 716 -19.70 18.00 15.26
C GLN C 716 -19.18 19.31 14.68
N LEU C 717 -19.20 20.37 15.47
CA LEU C 717 -18.77 21.70 15.02
C LEU C 717 -17.37 21.94 15.59
N GLY C 718 -16.60 20.86 15.58
CA GLY C 718 -15.43 20.74 16.40
C GLY C 718 -14.18 21.01 15.64
N PRO C 719 -13.58 19.93 15.10
CA PRO C 719 -12.28 20.06 14.42
C PRO C 719 -12.27 21.01 13.24
N LYS C 720 -13.42 21.29 12.64
CA LYS C 720 -13.51 22.12 11.45
C LYS C 720 -13.02 23.54 11.74
N ILE C 721 -13.39 24.08 12.91
CA ILE C 721 -12.95 25.40 13.33
C ILE C 721 -11.44 25.43 13.55
N VAL C 722 -10.87 24.32 14.01
CA VAL C 722 -9.42 24.24 14.12
C VAL C 722 -8.77 24.19 12.74
N ILE C 723 -9.41 23.51 11.79
CA ILE C 723 -8.81 23.34 10.47
C ILE C 723 -8.86 24.64 9.67
N VAL C 724 -9.84 25.51 9.92
CA VAL C 724 -9.92 26.80 9.22
C VAL C 724 -8.71 27.67 9.53
N SER C 725 -8.19 27.60 10.75
CA SER C 725 -7.02 28.38 11.08
C SER C 725 -5.74 27.78 10.51
N LYS C 726 -5.71 26.49 10.24
CA LYS C 726 -4.52 25.85 9.68
C LYS C 726 -4.36 26.12 8.19
N MET C 727 -5.36 26.70 7.53
CA MET C 727 -5.36 26.85 6.08
C MET C 727 -5.27 28.31 5.66
N MET C 728 -4.95 29.22 6.58
CA MET C 728 -4.81 30.62 6.22
C MET C 728 -3.52 30.91 5.48
N LYS C 729 -2.56 30.00 5.50
CA LYS C 729 -1.30 30.19 4.77
C LYS C 729 -1.52 30.26 3.26
N ASP C 730 -2.44 29.45 2.74
CA ASP C 730 -2.78 29.52 1.32
C ASP C 730 -3.50 30.82 0.99
N VAL C 731 -4.26 31.34 1.94
CA VAL C 731 -4.88 32.65 1.78
C VAL C 731 -3.81 33.73 1.73
N PHE C 732 -2.72 33.56 2.47
CA PHE C 732 -1.66 34.55 2.35
C PHE C 732 -0.86 34.41 1.08
N PHE C 733 -0.74 33.21 0.50
CA PHE C 733 -0.11 33.13 -0.80
C PHE C 733 -0.96 33.76 -1.89
N PHE C 734 -2.26 33.45 -1.90
CA PHE C 734 -3.18 34.06 -2.87
C PHE C 734 -3.22 35.55 -2.71
N LEU C 735 -3.21 36.02 -1.46
CA LEU C 735 -3.20 37.45 -1.19
C LEU C 735 -1.90 38.09 -1.62
N PHE C 736 -0.80 37.32 -1.61
CA PHE C 736 0.43 37.83 -2.20
C PHE C 736 0.34 37.93 -3.72
N PHE C 737 -0.30 36.94 -4.36
CA PHE C 737 -0.32 36.93 -5.81
C PHE C 737 -1.26 38.00 -6.35
N LEU C 738 -2.34 38.31 -5.62
CA LEU C 738 -3.06 39.53 -5.94
C LEU C 738 -2.31 40.77 -5.52
N GLY C 739 -1.43 40.67 -4.52
CA GLY C 739 -0.58 41.79 -4.16
C GLY C 739 0.38 42.18 -5.25
N VAL C 740 0.72 41.25 -6.14
CA VAL C 740 1.45 41.59 -7.36
C VAL C 740 0.51 41.99 -8.49
N TRP C 741 -0.52 41.18 -8.74
CA TRP C 741 -1.25 41.30 -9.98
C TRP C 741 -2.26 42.45 -9.97
N LEU C 742 -2.78 42.82 -8.80
CA LEU C 742 -3.59 44.03 -8.69
C LEU C 742 -2.76 45.28 -8.90
N VAL C 743 -1.49 45.26 -8.55
CA VAL C 743 -0.64 46.41 -8.82
C VAL C 743 -0.31 46.47 -10.30
N ALA C 744 -0.10 45.30 -10.92
CA ALA C 744 0.24 45.28 -12.34
C ALA C 744 -0.91 45.76 -13.21
N TYR C 745 -2.04 45.04 -13.19
CA TYR C 745 -3.21 45.48 -13.94
C TYR C 745 -3.77 46.77 -13.37
N GLY C 746 -3.58 46.99 -12.08
CA GLY C 746 -4.18 48.15 -11.44
C GLY C 746 -3.55 49.45 -11.87
N VAL C 747 -2.23 49.54 -11.80
CA VAL C 747 -1.58 50.77 -12.21
C VAL C 747 -1.50 50.84 -13.71
N ALA C 748 -1.28 49.71 -14.37
CA ALA C 748 -1.19 49.73 -15.83
C ALA C 748 -2.53 49.92 -16.50
N THR C 749 -3.63 49.81 -15.76
CA THR C 749 -4.91 50.25 -16.29
C THR C 749 -4.89 51.75 -16.53
N GLU C 750 -4.41 52.52 -15.58
CA GLU C 750 -4.16 53.93 -15.86
C GLU C 750 -2.86 54.08 -16.62
N GLY C 751 -2.58 55.29 -17.01
CA GLY C 751 -1.56 55.47 -18.01
C GLY C 751 -2.10 55.23 -19.39
N LEU C 752 -2.58 54.02 -19.66
CA LEU C 752 -3.32 53.73 -20.89
C LEU C 752 -4.54 54.60 -21.02
N LEU C 753 -5.38 54.65 -19.97
CA LEU C 753 -6.59 55.45 -20.07
C LEU C 753 -6.38 56.84 -19.48
N ARG C 754 -5.50 56.95 -18.48
CA ARG C 754 -5.02 58.21 -17.91
C ARG C 754 -6.09 59.23 -17.52
N PRO C 755 -6.70 59.08 -16.35
CA PRO C 755 -7.79 60.00 -15.97
C PRO C 755 -7.33 61.44 -15.79
N ARG C 756 -8.35 62.30 -15.71
CA ARG C 756 -8.23 63.74 -15.53
C ARG C 756 -7.97 64.17 -14.08
N ASP C 757 -7.70 65.45 -13.91
CA ASP C 757 -7.35 66.00 -12.60
C ASP C 757 -8.08 65.26 -11.50
N SER C 758 -7.30 64.50 -10.74
CA SER C 758 -7.81 63.49 -9.82
C SER C 758 -6.83 63.32 -8.67
N ASP C 759 -7.37 63.25 -7.47
CA ASP C 759 -6.58 63.28 -6.25
C ASP C 759 -5.88 61.93 -6.05
N PHE C 760 -4.90 61.93 -5.15
CA PHE C 760 -4.22 60.70 -4.77
C PHE C 760 -5.12 59.59 -4.21
N PRO C 761 -6.15 59.86 -3.39
CA PRO C 761 -7.10 58.76 -3.12
C PRO C 761 -7.94 58.37 -4.32
N SER C 762 -8.16 59.29 -5.26
CA SER C 762 -8.90 58.92 -6.46
C SER C 762 -8.05 58.09 -7.41
N ILE C 763 -6.73 58.15 -7.30
CA ILE C 763 -5.89 57.24 -8.08
C ILE C 763 -5.69 55.94 -7.32
N LEU C 764 -5.58 56.02 -6.00
CA LEU C 764 -5.46 54.85 -5.14
C LEU C 764 -6.81 54.14 -4.94
N ARG C 765 -7.86 54.66 -5.55
CA ARG C 765 -9.15 54.00 -5.68
C ARG C 765 -9.31 53.32 -7.01
N ARG C 766 -8.81 53.94 -8.08
CA ARG C 766 -8.86 53.32 -9.39
C ARG C 766 -7.87 52.16 -9.48
N VAL C 767 -6.83 52.18 -8.64
CA VAL C 767 -6.03 51.00 -8.38
C VAL C 767 -6.53 50.46 -7.05
N PHE C 768 -6.38 49.15 -6.84
CA PHE C 768 -6.58 48.40 -5.60
C PHE C 768 -8.05 48.24 -5.21
N TYR C 769 -8.97 48.97 -5.81
CA TYR C 769 -10.37 48.80 -5.43
C TYR C 769 -11.25 48.47 -6.61
N ARG C 770 -11.18 49.25 -7.69
CA ARG C 770 -11.78 48.79 -8.93
C ARG C 770 -11.16 47.50 -9.47
N PRO C 771 -9.84 47.27 -9.46
CA PRO C 771 -9.37 45.94 -9.86
C PRO C 771 -9.62 44.87 -8.84
N TYR C 772 -9.91 45.21 -7.59
CA TYR C 772 -10.24 44.17 -6.63
C TYR C 772 -11.64 43.66 -6.85
N LEU C 773 -12.56 44.54 -7.23
CA LEU C 773 -13.92 44.11 -7.49
C LEU C 773 -14.12 43.58 -8.89
N GLN C 774 -13.08 43.54 -9.73
CA GLN C 774 -13.22 42.83 -10.98
C GLN C 774 -13.32 41.34 -10.76
N ILE C 775 -12.75 40.85 -9.65
CA ILE C 775 -12.71 39.42 -9.36
C ILE C 775 -14.12 38.87 -9.22
N PHE C 776 -14.92 39.60 -8.46
CA PHE C 776 -16.31 39.28 -8.24
C PHE C 776 -16.99 39.87 -9.44
N GLY C 777 -18.29 39.62 -9.63
CA GLY C 777 -18.96 40.15 -10.79
C GLY C 777 -19.39 41.59 -10.59
N GLN C 778 -18.40 42.46 -10.50
CA GLN C 778 -18.62 43.88 -10.33
C GLN C 778 -17.72 44.60 -11.32
N ILE C 779 -18.07 44.55 -12.61
CA ILE C 779 -17.22 45.21 -13.60
C ILE C 779 -17.90 46.49 -14.07
N PRO C 780 -17.17 47.67 -13.91
CA PRO C 780 -17.87 48.90 -14.37
C PRO C 780 -18.12 48.91 -15.87
N GLN C 781 -17.13 48.51 -16.66
CA GLN C 781 -17.34 48.40 -18.10
C GLN C 781 -17.56 49.73 -18.78
N GLU C 782 -17.89 50.72 -17.98
CA GLU C 782 -18.10 52.07 -18.46
C GLU C 782 -17.07 53.04 -17.93
N ASP C 783 -16.45 52.77 -16.78
CA ASP C 783 -15.34 53.57 -16.29
C ASP C 783 -14.04 53.25 -17.01
N MET C 784 -14.04 52.23 -17.85
CA MET C 784 -13.06 52.00 -18.89
C MET C 784 -13.87 51.72 -20.15
N ASP C 785 -13.18 51.29 -21.21
CA ASP C 785 -13.80 50.87 -22.47
C ASP C 785 -14.64 52.00 -23.08
N VAL C 786 -13.93 53.04 -23.52
CA VAL C 786 -14.47 54.29 -24.05
C VAL C 786 -15.54 54.12 -25.12
N ALA C 787 -15.49 53.03 -25.90
CA ALA C 787 -16.52 52.77 -26.90
C ALA C 787 -17.90 52.60 -26.29
N LEU C 788 -17.96 52.17 -25.03
CA LEU C 788 -19.24 52.18 -24.32
C LEU C 788 -19.56 53.58 -23.81
N MET C 789 -18.54 54.37 -23.50
CA MET C 789 -18.76 55.69 -22.92
C MET C 789 -19.20 56.68 -23.99
N GLU C 790 -19.50 57.90 -23.54
CA GLU C 790 -19.81 58.98 -24.46
C GLU C 790 -18.57 59.38 -25.25
N HIS C 791 -18.66 59.32 -26.57
CA HIS C 791 -17.50 59.63 -27.39
C HIS C 791 -17.11 61.11 -27.39
N SER C 792 -18.02 61.95 -26.95
CA SER C 792 -17.77 63.39 -26.99
C SER C 792 -16.55 63.74 -26.14
N ASN C 793 -15.96 64.89 -26.41
CA ASN C 793 -14.76 65.32 -25.70
C ASN C 793 -15.10 65.83 -24.30
N CYS C 794 -14.05 65.95 -23.48
CA CYS C 794 -14.13 66.64 -22.20
C CYS C 794 -13.28 67.88 -22.11
N SER C 795 -11.97 67.77 -22.33
CA SER C 795 -11.05 68.84 -22.00
C SER C 795 -10.20 69.18 -23.23
N SER C 796 -9.20 70.02 -22.99
CA SER C 796 -8.42 70.63 -24.04
C SER C 796 -7.02 70.05 -24.20
N GLU C 797 -6.71 68.96 -23.50
CA GLU C 797 -5.42 68.32 -23.68
C GLU C 797 -5.40 67.58 -25.01
N PRO C 798 -4.25 67.40 -25.64
CA PRO C 798 -4.20 66.69 -26.93
C PRO C 798 -4.49 65.20 -26.79
N GLY C 799 -5.29 64.69 -27.72
CA GLY C 799 -5.73 63.30 -27.67
C GLY C 799 -7.24 63.21 -27.81
N PHE C 800 -7.81 62.03 -27.62
CA PHE C 800 -9.25 61.87 -27.72
C PHE C 800 -9.78 61.47 -26.36
N TRP C 801 -10.68 62.28 -25.83
CA TRP C 801 -11.06 62.24 -24.43
C TRP C 801 -12.55 61.95 -24.34
N ALA C 802 -12.97 61.30 -23.25
CA ALA C 802 -14.27 60.65 -23.29
C ALA C 802 -15.30 61.24 -22.34
N HIS C 803 -14.92 61.52 -21.09
CA HIS C 803 -15.85 61.78 -19.97
C HIS C 803 -16.86 60.65 -19.83
N PRO C 804 -16.47 59.51 -19.28
CA PRO C 804 -17.41 58.42 -19.11
C PRO C 804 -18.36 58.73 -17.95
N PRO C 805 -19.48 58.02 -17.87
CA PRO C 805 -20.39 58.22 -16.74
C PRO C 805 -19.84 57.62 -15.46
N GLY C 806 -20.64 57.72 -14.41
CA GLY C 806 -20.21 57.32 -13.09
C GLY C 806 -19.56 58.46 -12.33
N ALA C 807 -19.37 58.24 -11.04
CA ALA C 807 -18.78 59.23 -10.15
C ALA C 807 -17.55 58.64 -9.48
N GLN C 808 -16.49 59.44 -9.41
CA GLN C 808 -15.18 59.12 -8.81
C GLN C 808 -14.54 57.89 -9.42
N ALA C 809 -14.87 57.54 -10.65
CA ALA C 809 -14.16 56.50 -11.38
C ALA C 809 -13.80 56.93 -12.79
N GLY C 810 -14.47 57.95 -13.31
CA GLY C 810 -14.18 58.43 -14.65
C GLY C 810 -13.46 59.76 -14.61
N THR C 811 -14.24 60.83 -14.77
CA THR C 811 -13.74 62.22 -14.82
C THR C 811 -12.72 62.39 -15.95
N CYS C 812 -13.25 62.32 -17.18
CA CYS C 812 -12.54 62.69 -18.41
C CYS C 812 -11.38 61.74 -18.71
N VAL C 813 -11.72 60.46 -18.81
CA VAL C 813 -10.79 59.43 -19.24
C VAL C 813 -10.42 59.66 -20.71
N SER C 814 -9.13 59.58 -21.02
CA SER C 814 -8.71 59.70 -22.41
C SER C 814 -8.86 58.37 -23.12
N GLN C 815 -8.36 58.33 -24.34
CA GLN C 815 -8.13 57.07 -25.03
C GLN C 815 -7.05 57.28 -26.07
N TYR C 816 -6.06 56.40 -26.09
CA TYR C 816 -5.20 56.21 -27.25
C TYR C 816 -5.32 54.79 -27.77
N ALA C 817 -5.10 53.81 -26.91
CA ALA C 817 -5.33 52.42 -27.25
C ALA C 817 -6.27 51.86 -26.21
N ASN C 818 -7.44 51.41 -26.65
CA ASN C 818 -8.29 50.60 -25.80
C ASN C 818 -8.46 49.20 -26.34
N TRP C 819 -7.55 48.74 -27.19
CA TRP C 819 -7.35 47.31 -27.22
C TRP C 819 -6.50 46.88 -26.04
N LEU C 820 -5.75 47.80 -25.43
CA LEU C 820 -4.95 47.42 -24.30
C LEU C 820 -5.71 47.49 -22.98
N VAL C 821 -6.67 48.39 -22.83
CA VAL C 821 -7.41 48.40 -21.59
C VAL C 821 -8.41 47.26 -21.56
N VAL C 822 -9.07 47.02 -22.68
CA VAL C 822 -9.96 45.87 -22.80
C VAL C 822 -9.17 44.57 -22.80
N LEU C 823 -7.99 44.56 -23.43
CA LEU C 823 -7.21 43.32 -23.49
C LEU C 823 -6.59 43.00 -22.14
N LEU C 824 -6.21 44.02 -21.38
CA LEU C 824 -5.76 43.75 -20.02
C LEU C 824 -6.92 43.47 -19.08
N LEU C 825 -8.13 43.90 -19.43
CA LEU C 825 -9.30 43.45 -18.68
C LEU C 825 -9.54 41.96 -18.90
N VAL C 826 -9.37 41.49 -20.14
CA VAL C 826 -9.54 40.08 -20.43
C VAL C 826 -8.45 39.26 -19.77
N ILE C 827 -7.20 39.73 -19.81
CA ILE C 827 -6.11 38.99 -19.18
C ILE C 827 -6.23 39.00 -17.66
N PHE C 828 -6.71 40.12 -17.09
CA PHE C 828 -6.92 40.15 -15.64
C PHE C 828 -8.03 39.21 -15.21
N LEU C 829 -9.12 39.13 -15.99
CA LEU C 829 -10.19 38.24 -15.60
C LEU C 829 -9.83 36.79 -15.87
N LEU C 830 -8.83 36.54 -16.71
CA LEU C 830 -8.40 35.16 -16.90
C LEU C 830 -7.39 34.75 -15.84
N VAL C 831 -6.62 35.69 -15.30
CA VAL C 831 -5.65 35.29 -14.29
C VAL C 831 -6.28 35.27 -12.91
N ALA C 832 -7.07 36.26 -12.58
CA ALA C 832 -7.55 36.37 -11.21
C ALA C 832 -8.86 35.67 -10.96
N ASN C 833 -9.44 35.00 -11.96
CA ASN C 833 -10.65 34.23 -11.75
C ASN C 833 -10.59 32.83 -12.29
N ILE C 834 -9.59 32.53 -13.11
CA ILE C 834 -9.46 31.21 -13.70
C ILE C 834 -8.12 30.56 -13.37
N LEU C 835 -7.07 31.35 -13.19
CA LEU C 835 -5.78 30.79 -12.85
C LEU C 835 -5.51 30.89 -11.35
N LEU C 836 -6.30 31.66 -10.61
CA LEU C 836 -6.03 31.86 -9.18
C LEU C 836 -7.02 31.19 -8.25
N VAL C 837 -8.29 31.52 -8.38
CA VAL C 837 -9.30 30.97 -7.47
C VAL C 837 -9.42 29.48 -7.70
N ASN C 838 -9.35 29.05 -8.97
CA ASN C 838 -9.36 27.65 -9.29
C ASN C 838 -8.02 26.97 -8.99
N LEU C 839 -7.09 27.68 -8.40
CA LEU C 839 -5.87 27.13 -7.86
C LEU C 839 -5.80 27.23 -6.35
N LEU C 840 -6.48 28.22 -5.76
CA LEU C 840 -6.73 28.15 -4.32
C LEU C 840 -7.52 26.91 -3.97
N ILE C 841 -8.52 26.56 -4.76
CA ILE C 841 -9.30 25.38 -4.42
C ILE C 841 -8.45 24.12 -4.55
N ALA C 842 -7.44 24.13 -5.41
CA ALA C 842 -6.45 23.06 -5.40
C ALA C 842 -5.62 23.09 -4.12
N MET C 843 -5.32 24.27 -3.59
CA MET C 843 -4.47 24.32 -2.40
C MET C 843 -5.22 23.95 -1.13
N PHE C 844 -6.43 24.49 -0.95
CA PHE C 844 -7.27 24.08 0.18
C PHE C 844 -7.62 22.60 0.05
N SER C 845 -7.96 22.17 -1.16
CA SER C 845 -8.35 20.79 -1.37
C SER C 845 -7.18 19.83 -1.26
N TYR C 846 -5.95 20.33 -1.25
CA TYR C 846 -4.83 19.47 -0.95
C TYR C 846 -4.48 19.48 0.53
N THR C 847 -4.43 20.66 1.15
CA THR C 847 -4.01 20.70 2.56
C THR C 847 -5.08 20.18 3.50
N PHE C 848 -6.33 20.09 3.06
CA PHE C 848 -7.39 19.65 3.96
C PHE C 848 -7.28 18.19 4.35
N GLY C 849 -6.61 17.37 3.55
CA GLY C 849 -6.45 15.97 3.91
C GLY C 849 -5.47 15.78 5.06
N LYS C 850 -4.26 16.28 4.84
CA LYS C 850 -3.18 16.14 5.83
C LYS C 850 -3.52 16.87 7.11
N VAL C 851 -3.98 18.11 6.98
CA VAL C 851 -4.43 18.90 8.11
C VAL C 851 -5.65 18.27 8.77
N GLN C 852 -6.51 17.60 7.99
CA GLN C 852 -7.68 16.93 8.55
C GLN C 852 -7.30 15.84 9.53
N GLY C 853 -6.41 14.93 9.11
CA GLY C 853 -5.97 13.90 10.03
C GLY C 853 -5.21 14.41 11.24
N ASN C 854 -4.16 15.21 10.98
CA ASN C 854 -3.25 15.62 12.04
C ASN C 854 -3.92 16.58 13.03
N SER C 855 -4.66 17.56 12.53
CA SER C 855 -5.29 18.50 13.44
C SER C 855 -6.62 17.99 13.99
N ASP C 856 -7.19 16.96 13.38
CA ASP C 856 -8.25 16.23 14.09
C ASP C 856 -7.70 15.60 15.34
N LEU C 857 -6.53 14.96 15.24
CA LEU C 857 -5.92 14.36 16.42
C LEU C 857 -5.48 15.42 17.43
N TYR C 858 -4.95 16.55 16.96
CA TYR C 858 -4.49 17.59 17.89
C TYR C 858 -5.66 18.29 18.58
N TRP C 859 -6.81 18.39 17.90
CA TRP C 859 -8.01 18.84 18.58
C TRP C 859 -8.43 17.85 19.65
N LYS C 860 -8.40 16.55 19.32
CA LYS C 860 -8.72 15.50 20.29
C LYS C 860 -7.83 15.58 21.53
N ALA C 861 -6.57 16.03 21.36
CA ALA C 861 -5.73 16.25 22.52
C ALA C 861 -6.09 17.52 23.28
N GLN C 862 -6.49 18.59 22.61
CA GLN C 862 -6.81 19.81 23.34
C GLN C 862 -8.16 19.76 24.04
N ARG C 863 -8.96 18.73 23.73
CA ARG C 863 -10.31 18.60 24.26
C ARG C 863 -10.33 18.60 25.79
N TYR C 864 -9.45 17.80 26.42
CA TYR C 864 -9.48 17.64 27.88
C TYR C 864 -9.17 18.94 28.62
N ARG C 865 -8.20 19.71 28.11
CA ARG C 865 -7.93 21.03 28.66
C ARG C 865 -9.17 21.92 28.54
N LEU C 866 -9.88 21.79 27.42
CA LEU C 866 -11.14 22.52 27.33
C LEU C 866 -12.24 21.93 28.22
N ILE C 867 -12.15 20.67 28.58
CA ILE C 867 -13.19 20.14 29.46
C ILE C 867 -13.00 20.74 30.84
N ARG C 868 -11.76 20.77 31.29
CA ARG C 868 -11.44 21.33 32.61
C ARG C 868 -11.71 22.82 32.74
N GLU C 869 -11.31 23.59 31.75
CA GLU C 869 -11.54 25.02 31.84
C GLU C 869 -13.00 25.41 31.68
N PHE C 870 -13.90 24.45 31.45
CA PHE C 870 -15.32 24.64 31.68
C PHE C 870 -15.80 23.87 32.89
N HIS C 871 -14.91 23.57 33.83
CA HIS C 871 -15.31 22.99 35.10
C HIS C 871 -14.92 23.88 36.27
N SER C 872 -13.90 24.70 36.11
CA SER C 872 -13.54 25.71 37.09
C SER C 872 -14.29 27.02 36.85
N ARG C 873 -15.19 27.04 35.88
CA ARG C 873 -16.04 28.20 35.67
C ARG C 873 -17.01 28.34 36.84
N PRO C 874 -17.42 29.57 37.16
CA PRO C 874 -18.13 29.78 38.42
C PRO C 874 -19.62 29.44 38.43
N ALA C 875 -20.10 28.58 37.51
CA ALA C 875 -21.43 28.00 37.53
C ALA C 875 -22.53 29.06 37.41
N LEU C 876 -22.62 29.60 36.18
CA LEU C 876 -23.58 30.60 35.74
C LEU C 876 -23.38 31.92 36.47
N ALA C 877 -22.14 32.41 36.36
CA ALA C 877 -21.76 33.77 36.70
C ALA C 877 -22.03 34.84 35.63
N PRO C 878 -21.69 34.69 34.34
CA PRO C 878 -21.80 35.85 33.41
C PRO C 878 -23.21 36.33 33.07
N PRO C 879 -24.32 35.45 32.94
CA PRO C 879 -25.61 36.06 32.53
C PRO C 879 -26.20 37.02 33.54
N PHE C 880 -26.24 36.61 34.80
CA PHE C 880 -26.55 37.49 35.89
C PHE C 880 -25.31 38.29 36.27
N ILE C 881 -25.38 38.89 37.46
CA ILE C 881 -24.18 39.42 38.06
C ILE C 881 -23.19 38.27 38.30
N VAL C 882 -21.90 38.60 38.28
CA VAL C 882 -20.95 37.62 38.76
C VAL C 882 -20.88 37.84 40.26
N ILE C 883 -21.83 37.22 40.97
CA ILE C 883 -21.84 37.22 42.43
C ILE C 883 -20.69 36.35 42.93
N SER C 884 -20.36 35.31 42.16
CA SER C 884 -19.34 34.36 42.59
C SER C 884 -17.93 34.92 42.47
N HIS C 885 -17.76 36.09 41.85
CA HIS C 885 -16.51 36.80 42.09
C HIS C 885 -16.44 37.34 43.51
N LEU C 886 -17.57 37.80 44.04
CA LEU C 886 -17.60 38.26 45.43
C LEU C 886 -17.56 37.06 46.38
N ARG C 887 -18.19 35.95 45.99
CA ARG C 887 -18.12 34.73 46.79
C ARG C 887 -16.69 34.18 46.83
N LEU C 888 -16.05 34.09 45.67
CA LEU C 888 -14.67 33.66 45.59
C LEU C 888 -13.68 34.76 45.92
N LEU C 889 -14.15 35.92 46.38
CA LEU C 889 -13.29 36.87 47.07
C LEU C 889 -13.47 36.78 48.58
N LEU C 890 -14.69 36.50 49.05
CA LEU C 890 -14.92 36.21 50.46
C LEU C 890 -14.30 34.89 50.89
N ARG C 891 -14.00 33.99 49.96
CA ARG C 891 -13.19 32.83 50.29
C ARG C 891 -11.70 33.17 50.42
N GLN C 892 -11.32 34.43 50.23
CA GLN C 892 -9.95 34.90 50.42
C GLN C 892 -9.83 35.95 51.52
N LEU C 893 -10.68 35.87 52.55
CA LEU C 893 -10.65 36.82 53.65
C LEU C 893 -10.85 36.10 54.98
N LYS C 916 -6.84 2.15 49.80
CA LYS C 916 -7.90 1.23 50.17
C LYS C 916 -7.63 -0.17 49.66
N GLU C 917 -8.46 -1.11 50.09
CA GLU C 917 -8.35 -2.48 49.58
C GLU C 917 -8.82 -2.57 48.13
N ALA C 918 -9.84 -1.79 47.76
CA ALA C 918 -10.30 -1.79 46.39
C ALA C 918 -9.29 -1.17 45.44
N GLU C 919 -8.43 -0.27 45.94
CA GLU C 919 -7.36 0.25 45.11
C GLU C 919 -6.34 -0.83 44.80
N ARG C 920 -6.01 -1.67 45.78
CA ARG C 920 -5.18 -2.83 45.51
C ARG C 920 -5.87 -3.84 44.62
N LYS C 921 -7.21 -3.89 44.65
CA LYS C 921 -7.94 -4.72 43.70
C LYS C 921 -7.80 -4.19 42.28
N LEU C 922 -7.82 -2.86 42.13
CA LEU C 922 -7.57 -2.26 40.81
C LEU C 922 -6.16 -2.51 40.34
N LEU C 923 -5.18 -2.42 41.23
CA LEU C 923 -3.81 -2.63 40.80
C LEU C 923 -3.54 -4.08 40.44
N THR C 924 -4.11 -5.04 41.16
CA THR C 924 -3.89 -6.42 40.76
C THR C 924 -4.70 -6.76 39.50
N TRP C 925 -5.82 -6.07 39.28
CA TRP C 925 -6.55 -6.27 38.02
C TRP C 925 -5.75 -5.73 36.85
N GLU C 926 -5.16 -4.55 37.02
CA GLU C 926 -4.32 -3.94 36.01
C GLU C 926 -3.10 -4.79 35.72
N SER C 927 -2.52 -5.41 36.75
CA SER C 927 -1.37 -6.28 36.52
C SER C 927 -1.78 -7.57 35.82
N VAL C 928 -3.01 -8.03 36.05
CA VAL C 928 -3.48 -9.22 35.32
C VAL C 928 -3.62 -8.92 33.84
N HIS C 929 -4.28 -7.81 33.50
CA HIS C 929 -4.34 -7.48 32.07
C HIS C 929 -3.00 -7.02 31.50
N LYS C 930 -2.05 -6.65 32.34
CA LYS C 930 -0.72 -6.33 31.83
C LYS C 930 0.04 -7.60 31.47
N GLU C 931 -0.07 -8.64 32.31
CA GLU C 931 0.53 -9.92 31.96
C GLU C 931 -0.12 -10.53 30.73
N ASN C 932 -1.45 -10.53 30.69
CA ASN C 932 -2.14 -11.07 29.52
C ASN C 932 -2.04 -10.17 28.31
N PHE C 933 -1.56 -8.93 28.46
CA PHE C 933 -1.15 -8.17 27.30
C PHE C 933 0.24 -8.55 26.83
N LEU C 934 1.17 -8.76 27.76
CA LEU C 934 2.54 -9.06 27.36
C LEU C 934 2.71 -10.45 26.77
N LEU C 935 1.81 -11.38 27.05
CA LEU C 935 1.90 -12.67 26.36
C LEU C 935 1.48 -12.54 24.89
N ALA C 936 0.40 -11.81 24.62
CA ALA C 936 0.02 -11.53 23.25
C ALA C 936 1.02 -10.61 22.55
N ARG C 937 1.77 -9.81 23.32
CA ARG C 937 2.99 -9.22 22.79
C ARG C 937 4.02 -10.29 22.48
N ALA C 938 4.04 -11.38 23.24
CA ALA C 938 4.93 -12.50 22.97
C ALA C 938 4.23 -13.58 22.15
N ARG C 939 3.33 -13.16 21.27
CA ARG C 939 3.10 -13.88 20.02
C ARG C 939 4.02 -13.39 18.92
N ASP C 940 5.05 -12.61 19.28
CA ASP C 940 6.24 -12.42 18.47
C ASP C 940 7.00 -13.72 18.28
N LYS C 941 6.86 -14.65 19.24
CA LYS C 941 7.52 -15.94 19.16
C LYS C 941 6.95 -16.79 18.02
N ARG C 942 5.67 -16.64 17.73
CA ARG C 942 5.05 -17.36 16.63
C ARG C 942 4.98 -16.54 15.36
N GLU C 943 5.66 -15.40 15.30
CA GLU C 943 5.67 -14.59 14.09
C GLU C 943 6.60 -15.23 13.06
N SER C 944 6.06 -15.49 11.87
CA SER C 944 6.80 -16.23 10.85
C SER C 944 7.85 -15.39 10.15
N ASP C 945 7.93 -14.10 10.44
CA ASP C 945 8.91 -13.25 9.78
C ASP C 945 10.33 -13.61 10.22
N SER C 946 10.62 -13.46 11.50
CA SER C 946 11.98 -13.65 11.97
C SER C 946 12.09 -14.84 12.90
N GLU C 947 11.26 -14.89 13.95
CA GLU C 947 11.50 -15.77 15.08
C GLU C 947 11.35 -17.23 14.70
N ARG C 948 10.34 -17.56 13.89
CA ARG C 948 10.14 -18.95 13.49
C ARG C 948 11.21 -19.38 12.50
N LEU C 949 11.52 -18.49 11.56
CA LEU C 949 12.53 -18.75 10.54
C LEU C 949 13.93 -18.91 11.11
N LYS C 950 14.33 -18.03 12.02
CA LYS C 950 15.64 -18.15 12.65
C LYS C 950 15.68 -19.26 13.68
N ARG C 951 14.52 -19.63 14.23
CA ARG C 951 14.45 -20.84 15.03
C ARG C 951 14.73 -22.07 14.19
N THR C 952 14.19 -22.11 12.96
CA THR C 952 14.53 -23.23 12.08
C THR C 952 15.99 -23.20 11.68
N SER C 953 16.59 -22.02 11.53
CA SER C 953 18.00 -21.95 11.18
C SER C 953 18.86 -22.50 12.30
N GLN C 954 18.57 -22.12 13.54
CA GLN C 954 19.39 -22.57 14.66
C GLN C 954 19.19 -24.05 14.96
N LYS C 955 17.98 -24.56 14.75
CA LYS C 955 17.78 -26.00 14.97
C LYS C 955 18.41 -26.81 13.85
N VAL C 956 18.49 -26.24 12.65
CA VAL C 956 19.28 -26.89 11.60
C VAL C 956 20.77 -26.85 11.94
N ASP C 957 21.22 -25.79 12.63
CA ASP C 957 22.62 -25.74 13.06
C ASP C 957 22.93 -26.80 14.10
N LEU C 958 21.99 -27.06 15.01
CA LEU C 958 22.16 -28.19 15.94
C LEU C 958 22.14 -29.51 15.20
N ALA C 959 21.35 -29.60 14.12
CA ALA C 959 21.38 -30.80 13.29
C ALA C 959 22.73 -30.99 12.61
N LEU C 960 23.40 -29.90 12.22
CA LEU C 960 24.71 -30.01 11.58
C LEU C 960 25.79 -30.38 12.59
N LYS C 961 25.73 -29.78 13.77
CA LYS C 961 26.72 -30.07 14.81
C LYS C 961 26.57 -31.51 15.23
N GLN C 962 25.33 -31.92 15.41
CA GLN C 962 25.00 -33.28 15.81
C GLN C 962 25.44 -34.22 14.72
N LEU C 963 25.24 -33.80 13.48
CA LEU C 963 25.61 -34.61 12.33
C LEU C 963 27.12 -34.81 12.34
N GLY C 964 27.86 -33.76 12.71
CA GLY C 964 29.31 -33.84 12.76
C GLY C 964 29.75 -34.87 13.78
N HIS C 965 29.11 -34.88 14.94
CA HIS C 965 29.44 -35.86 15.97
C HIS C 965 29.25 -37.29 15.49
N ILE C 966 28.12 -37.58 14.82
CA ILE C 966 27.93 -38.98 14.43
C ILE C 966 28.77 -39.32 13.20
N ARG C 967 29.21 -38.32 12.44
CA ARG C 967 30.11 -38.62 11.34
C ARG C 967 31.52 -38.92 11.84
N GLU C 968 31.96 -38.19 12.88
CA GLU C 968 33.18 -38.58 13.58
C GLU C 968 33.04 -39.93 14.25
N TYR C 969 31.82 -40.28 14.70
CA TYR C 969 31.57 -41.60 15.26
C TYR C 969 31.56 -42.67 14.18
N GLU C 970 31.30 -42.25 12.94
CA GLU C 970 31.38 -43.14 11.80
C GLU C 970 32.86 -43.43 11.55
N GLN C 971 33.67 -42.38 11.63
CA GLN C 971 35.12 -42.47 11.40
C GLN C 971 35.87 -43.31 12.43
N ARG C 972 35.58 -43.09 13.71
CA ARG C 972 36.22 -43.89 14.75
C ARG C 972 35.88 -45.36 14.68
N LEU C 973 34.75 -45.72 14.09
CA LEU C 973 34.30 -47.11 14.02
C LEU C 973 34.49 -47.73 12.65
N LYS C 974 35.57 -47.39 11.95
CA LYS C 974 35.91 -48.05 10.68
C LYS C 974 36.80 -49.25 10.97
N VAL C 975 36.20 -50.25 11.61
CA VAL C 975 36.92 -51.43 12.08
C VAL C 975 36.44 -52.68 11.35
N UNK D 1 9.34 -56.24 60.97
CA UNK D 1 9.09 -57.13 59.84
C UNK D 1 9.39 -56.43 58.52
N UNK D 2 10.05 -57.14 57.61
CA UNK D 2 10.43 -56.56 56.34
C UNK D 2 9.27 -56.44 55.37
N UNK D 3 8.57 -57.54 55.08
CA UNK D 3 7.50 -57.56 54.10
C UNK D 3 6.13 -57.48 54.74
N UNK D 4 6.00 -56.72 55.84
CA UNK D 4 4.71 -56.57 56.50
C UNK D 4 3.76 -55.74 55.66
N UNK D 5 4.25 -54.63 55.10
CA UNK D 5 3.42 -53.80 54.23
C UNK D 5 3.47 -54.26 52.78
N UNK D 6 4.63 -54.75 52.32
CA UNK D 6 4.79 -55.19 50.94
C UNK D 6 4.03 -56.47 50.62
N UNK D 7 3.50 -57.17 51.61
CA UNK D 7 2.59 -58.27 51.36
C UNK D 7 1.19 -57.81 51.04
N UNK D 8 0.89 -56.52 51.22
CA UNK D 8 -0.42 -55.95 50.94
C UNK D 8 -0.49 -55.36 49.54
N UNK D 9 0.27 -55.92 48.61
CA UNK D 9 0.32 -55.43 47.23
C UNK D 9 -0.71 -56.17 46.40
N UNK D 10 -1.98 -55.81 46.59
CA UNK D 10 -3.06 -56.28 45.72
C UNK D 10 -2.95 -55.54 44.40
N UNK D 11 -2.07 -56.04 43.51
CA UNK D 11 -1.59 -55.28 42.35
C UNK D 11 -2.65 -55.26 41.25
N UNK D 12 -3.52 -54.26 41.33
CA UNK D 12 -4.32 -53.82 40.21
C UNK D 12 -4.05 -52.39 39.82
N UNK D 13 -4.06 -51.46 40.78
CA UNK D 13 -3.47 -50.14 40.64
C UNK D 13 -1.97 -50.15 40.86
N UNK D 14 -1.50 -50.97 41.81
CA UNK D 14 -0.07 -51.15 42.01
C UNK D 14 0.58 -51.89 40.86
N UNK D 15 -0.17 -52.75 40.16
CA UNK D 15 0.32 -53.33 38.92
C UNK D 15 0.51 -52.24 37.87
N UNK D 16 -0.38 -51.25 37.85
CA UNK D 16 -0.17 -50.10 36.99
C UNK D 16 0.96 -49.22 37.53
N UNK D 17 1.23 -49.30 38.83
CA UNK D 17 2.35 -48.53 39.37
C UNK D 17 3.68 -49.11 38.94
N UNK D 18 3.84 -50.43 39.01
CA UNK D 18 5.05 -51.06 38.52
C UNK D 18 5.10 -51.01 36.99
N UNK D 19 3.94 -50.98 36.34
CA UNK D 19 3.90 -50.74 34.91
C UNK D 19 4.43 -49.36 34.58
N UNK D 20 4.12 -48.37 35.44
CA UNK D 20 4.72 -47.06 35.29
C UNK D 20 6.17 -47.03 35.72
N UNK D 21 6.61 -48.01 36.52
CA UNK D 21 8.02 -48.09 36.88
C UNK D 21 8.84 -48.56 35.68
N UNK D 22 8.35 -49.61 35.01
CA UNK D 22 9.06 -50.11 33.84
C UNK D 22 8.95 -49.15 32.65
N UNK D 23 7.75 -48.63 32.41
CA UNK D 23 7.55 -47.75 31.26
C UNK D 23 8.16 -46.37 31.51
N UNK D 24 8.10 -45.89 32.75
CA UNK D 24 8.78 -44.64 33.08
C UNK D 24 10.29 -44.84 33.14
N UNK D 25 10.75 -46.07 33.38
CA UNK D 25 12.18 -46.34 33.43
C UNK D 25 12.72 -46.66 32.04
N UNK D 26 11.99 -47.42 31.26
CA UNK D 26 12.41 -47.78 29.91
C UNK D 26 11.26 -47.62 28.91
N UNK D 27 12.04 -44.73 51.44
CA UNK D 27 11.96 -44.92 52.88
C UNK D 27 10.83 -45.89 53.24
N UNK D 28 10.82 -46.34 54.50
CA UNK D 28 9.75 -47.24 54.95
C UNK D 28 8.42 -46.51 55.04
N UNK D 29 8.44 -45.22 55.40
CA UNK D 29 7.21 -44.46 55.44
C UNK D 29 6.67 -44.19 54.05
N UNK D 30 7.53 -44.22 53.03
CA UNK D 30 7.06 -44.15 51.65
C UNK D 30 6.35 -45.44 51.25
N UNK D 31 6.83 -46.59 51.72
CA UNK D 31 6.15 -47.85 51.45
C UNK D 31 4.83 -47.92 52.21
N UNK D 32 4.78 -47.37 53.42
CA UNK D 32 3.52 -47.29 54.14
C UNK D 32 2.57 -46.30 53.50
N UNK D 33 3.11 -45.26 52.85
CA UNK D 33 2.26 -44.30 52.15
C UNK D 33 1.70 -44.90 50.87
N UNK D 34 2.50 -45.65 50.13
CA UNK D 34 2.00 -46.31 48.94
C UNK D 34 1.05 -47.44 49.29
N UNK D 35 1.26 -48.10 50.44
CA UNK D 35 0.34 -49.16 50.85
C UNK D 35 -0.98 -48.60 51.36
N UNK D 36 -0.94 -47.52 52.14
CA UNK D 36 -2.16 -46.88 52.60
C UNK D 36 -2.91 -46.20 51.47
N UNK D 37 -2.18 -45.72 50.46
CA UNK D 37 -2.83 -45.12 49.30
C UNK D 37 -3.42 -46.17 48.38
N UNK D 38 -2.70 -47.26 48.15
CA UNK D 38 -3.19 -48.31 47.26
C UNK D 38 -4.20 -49.20 47.95
N UNK D 39 -4.36 -49.05 49.27
CA UNK D 39 -5.48 -49.69 49.96
C UNK D 39 -6.80 -49.14 49.47
N UNK D 40 -6.85 -47.84 49.18
CA UNK D 40 -7.96 -47.23 48.47
C UNK D 40 -7.64 -47.18 46.99
N UNK D 41 -8.59 -46.74 46.19
CA UNK D 41 -8.34 -46.59 44.76
C UNK D 41 -7.59 -45.30 44.50
N UNK D 42 -6.30 -45.41 44.22
CA UNK D 42 -5.46 -44.23 44.01
C UNK D 42 -4.71 -44.21 42.69
N UNK D 43 -4.53 -45.37 42.03
CA UNK D 43 -3.91 -45.49 40.70
C UNK D 43 -2.49 -44.91 40.67
N UNK D 44 -1.61 -45.47 41.48
CA UNK D 44 -0.29 -44.88 41.68
C UNK D 44 0.65 -45.20 40.52
N UNK D 45 1.85 -44.62 40.60
CA UNK D 45 2.95 -44.89 39.70
C UNK D 45 4.17 -45.30 40.51
N UNK D 46 5.27 -45.60 39.82
CA UNK D 46 6.53 -45.91 40.48
C UNK D 46 7.70 -45.62 39.55
N UNK D 47 8.90 -45.89 40.05
CA UNK D 47 10.15 -45.62 39.36
C UNK D 47 11.24 -46.51 39.94
N UNK D 48 12.49 -46.16 39.64
CA UNK D 48 13.64 -46.86 40.22
C UNK D 48 14.22 -46.05 41.36
N UNK D 49 13.93 -46.46 42.60
CA UNK D 49 14.38 -45.73 43.78
C UNK D 49 14.46 -46.70 44.96
N UNK D 50 14.60 -46.12 46.15
CA UNK D 50 14.80 -46.92 47.35
C UNK D 50 13.55 -47.69 47.74
N UNK D 51 12.47 -46.97 48.04
CA UNK D 51 11.20 -47.62 48.32
C UNK D 51 10.45 -48.04 47.06
N UNK D 52 10.93 -47.64 45.88
CA UNK D 52 10.17 -47.84 44.66
C UNK D 52 10.59 -49.14 43.96
N UNK D 53 11.89 -49.34 43.76
CA UNK D 53 12.36 -50.52 43.05
C UNK D 53 12.19 -51.80 43.86
N UNK D 54 12.12 -51.70 45.19
CA UNK D 54 11.75 -52.86 45.98
C UNK D 54 10.29 -53.21 45.77
N UNK D 55 9.45 -52.20 45.50
CA UNK D 55 8.07 -52.49 45.11
C UNK D 55 8.01 -53.00 43.68
N UNK D 56 8.97 -52.61 42.84
CA UNK D 56 9.05 -53.18 41.50
C UNK D 56 9.48 -54.64 41.54
N UNK D 57 10.30 -55.02 42.51
CA UNK D 57 10.56 -56.43 42.74
C UNK D 57 9.38 -57.12 43.40
N UNK D 58 8.53 -56.36 44.10
CA UNK D 58 7.34 -56.91 44.73
C UNK D 58 6.20 -57.13 43.74
N UNK D 59 6.33 -56.65 42.52
CA UNK D 59 5.39 -56.95 41.45
C UNK D 59 6.06 -57.72 40.31
N UNK D 60 7.18 -57.23 39.81
CA UNK D 60 7.93 -57.92 38.77
C UNK D 60 9.12 -58.65 39.38
N UNK D 61 1.48 -39.40 53.23
CA UNK D 61 1.98 -38.50 54.26
C UNK D 61 0.89 -38.17 55.26
N UNK D 62 0.47 -36.90 55.27
CA UNK D 62 -0.58 -36.47 56.18
C UNK D 62 -1.93 -37.05 55.73
N UNK D 63 -2.90 -36.99 56.65
CA UNK D 63 -4.24 -37.44 56.32
C UNK D 63 -4.93 -36.51 55.35
N UNK D 64 -4.55 -35.22 55.35
CA UNK D 64 -5.06 -34.29 54.36
C UNK D 64 -4.50 -34.55 52.98
N UNK D 65 -3.36 -35.23 52.86
CA UNK D 65 -2.82 -35.56 51.55
C UNK D 65 -3.62 -36.66 50.90
N UNK D 66 -3.85 -37.77 51.62
CA UNK D 66 -4.64 -38.85 51.06
C UNK D 66 -6.12 -38.53 51.01
N UNK D 67 -6.60 -37.64 51.88
CA UNK D 67 -8.00 -37.23 51.82
C UNK D 67 -8.22 -36.22 50.71
N UNK D 68 -7.25 -35.34 50.47
CA UNK D 68 -7.35 -34.39 49.37
C UNK D 68 -7.16 -35.09 48.03
N UNK D 69 -6.30 -36.10 47.98
CA UNK D 69 -6.17 -36.88 46.76
C UNK D 69 -7.37 -37.78 46.54
N UNK D 70 -8.01 -38.25 47.61
CA UNK D 70 -9.19 -39.09 47.45
C UNK D 70 -10.40 -38.27 47.02
N UNK D 71 -10.65 -37.15 47.69
CA UNK D 71 -11.78 -36.31 47.33
C UNK D 71 -11.55 -35.58 46.02
N UNK D 72 -10.29 -35.32 45.67
CA UNK D 72 -9.99 -34.79 44.34
C UNK D 72 -10.09 -35.88 43.28
N UNK D 73 -9.91 -37.14 43.65
CA UNK D 73 -10.07 -38.23 42.72
C UNK D 73 -11.50 -38.72 42.60
N UNK D 74 -12.41 -38.23 43.46
CA UNK D 74 -13.80 -38.64 43.37
C UNK D 74 -14.68 -37.61 42.66
N UNK D 75 -14.12 -36.50 42.22
CA UNK D 75 -14.95 -35.40 41.73
C UNK D 75 -15.15 -35.46 40.22
N UNK D 76 -15.75 -34.41 39.69
CA UNK D 76 -16.08 -34.32 38.28
C UNK D 76 -14.90 -33.82 37.47
N UNK D 77 -14.96 -33.98 36.15
CA UNK D 77 -13.86 -33.57 35.29
C UNK D 77 -14.07 -32.15 34.76
N UNK D 78 -15.21 -31.88 34.15
CA UNK D 78 -15.42 -30.59 33.50
C UNK D 78 -16.91 -30.25 33.43
N UNK D 79 -17.21 -28.97 33.67
CA UNK D 79 -18.51 -28.35 33.43
C UNK D 79 -19.65 -29.00 34.21
N UNK D 80 -19.32 -29.61 35.36
CA UNK D 80 -20.24 -30.38 36.22
C UNK D 80 -20.95 -31.49 35.45
N UNK D 81 -20.30 -32.00 34.42
CA UNK D 81 -20.86 -32.99 33.51
C UNK D 81 -20.04 -34.26 33.49
N UNK D 82 -19.78 -34.83 34.67
CA UNK D 82 -18.51 -35.42 35.13
C UNK D 82 -17.80 -36.20 34.03
N UNK D 83 -18.40 -37.28 33.49
CA UNK D 83 -17.96 -38.04 32.32
C UNK D 83 -16.63 -38.79 32.51
N UNK D 84 -15.92 -38.52 33.61
CA UNK D 84 -14.62 -39.08 33.92
C UNK D 84 -14.26 -38.63 35.33
N UNK D 85 -13.74 -39.54 36.13
CA UNK D 85 -13.13 -39.17 37.39
C UNK D 85 -11.76 -38.56 37.10
N UNK D 86 -11.43 -37.48 37.82
CA UNK D 86 -10.15 -36.81 37.63
C UNK D 86 -9.01 -37.74 37.99
N UNK D 87 -8.26 -38.14 36.97
CA UNK D 87 -7.35 -39.28 37.06
C UNK D 87 -6.14 -38.92 37.90
N UNK D 88 -6.27 -39.03 39.22
CA UNK D 88 -5.17 -38.76 40.14
C UNK D 88 -4.19 -39.92 40.12
N UNK D 89 -2.92 -39.61 39.91
CA UNK D 89 -1.86 -40.60 39.94
C UNK D 89 -0.73 -40.06 40.80
N UNK D 90 0.07 -40.96 41.36
CA UNK D 90 1.14 -40.60 42.27
C UNK D 90 2.46 -41.19 41.78
N UNK D 91 3.33 -40.35 41.27
CA UNK D 91 4.64 -40.77 40.78
C UNK D 91 5.59 -40.86 41.97
N UNK D 92 5.98 -42.08 42.32
CA UNK D 92 6.88 -42.31 43.47
C UNK D 92 8.33 -42.41 42.99
N UNK D 93 8.91 -41.25 42.67
CA UNK D 93 10.29 -41.23 42.21
C UNK D 93 11.25 -40.86 43.34
N UNK D 94 10.91 -39.81 44.10
CA UNK D 94 11.79 -39.35 45.18
C UNK D 94 11.20 -39.62 46.55
N UNK D 95 10.03 -39.06 46.88
CA UNK D 95 9.25 -39.63 47.96
C UNK D 95 7.86 -40.02 47.46
N UNK D 96 7.09 -39.01 47.05
CA UNK D 96 5.79 -39.18 46.40
C UNK D 96 5.41 -37.83 45.79
N UNK D 97 5.36 -37.78 44.47
CA UNK D 97 4.90 -36.58 43.78
C UNK D 97 3.56 -36.93 43.14
N UNK D 98 2.47 -36.63 43.84
CA UNK D 98 1.14 -36.93 43.32
C UNK D 98 0.80 -35.97 42.17
N UNK D 99 0.28 -36.52 41.08
CA UNK D 99 -0.04 -35.73 39.89
C UNK D 99 -1.50 -35.96 39.53
N UNK D 100 -2.36 -35.02 39.91
CA UNK D 100 -3.75 -35.06 39.47
C UNK D 100 -3.85 -34.59 38.03
N UNK D 101 -4.80 -35.16 37.29
CA UNK D 101 -4.77 -35.03 35.84
C UNK D 101 -5.26 -33.67 35.37
N UNK D 102 -6.53 -33.35 35.60
CA UNK D 102 -7.12 -32.12 35.09
C UNK D 102 -7.47 -31.13 36.20
N UNK D 103 -8.33 -31.53 37.13
CA UNK D 103 -8.55 -30.94 38.45
C UNK D 103 -9.27 -29.58 38.45
N UNK D 104 -9.46 -28.99 37.26
CA UNK D 104 -10.20 -27.72 37.07
C UNK D 104 -9.66 -26.59 37.96
N UNK D 105 -8.34 -26.56 38.15
CA UNK D 105 -7.72 -25.81 39.23
C UNK D 105 -7.59 -24.31 38.92
N UNK D 106 -8.22 -23.83 37.85
CA UNK D 106 -8.02 -22.45 37.40
C UNK D 106 -8.84 -21.49 38.27
N UNK D 107 -8.42 -21.37 39.53
CA UNK D 107 -9.05 -20.45 40.46
C UNK D 107 -8.09 -20.15 41.60
N UNK D 108 -8.52 -19.23 42.46
CA UNK D 108 -7.79 -18.85 43.66
C UNK D 108 -8.61 -19.05 44.93
N UNK D 109 -9.92 -18.76 44.87
CA UNK D 109 -10.81 -18.96 46.00
C UNK D 109 -12.09 -19.69 45.65
N UNK D 110 -12.55 -19.63 44.40
CA UNK D 110 -13.84 -20.19 44.03
C UNK D 110 -13.78 -21.68 43.72
N UNK D 111 -12.62 -22.18 43.29
CA UNK D 111 -12.43 -23.60 43.06
C UNK D 111 -11.07 -24.10 43.54
N UNK D 112 -10.28 -23.25 44.19
CA UNK D 112 -9.06 -23.70 44.84
C UNK D 112 -9.32 -24.01 46.31
N UNK D 113 -9.81 -23.02 47.07
CA UNK D 113 -10.17 -23.26 48.46
C UNK D 113 -11.46 -24.07 48.57
N UNK D 114 -12.38 -23.89 47.62
CA UNK D 114 -13.65 -24.61 47.69
C UNK D 114 -13.48 -26.08 47.38
N UNK D 115 -12.56 -26.43 46.47
CA UNK D 115 -12.24 -27.83 46.26
C UNK D 115 -11.37 -28.37 47.38
N UNK D 116 -10.69 -27.50 48.12
CA UNK D 116 -9.94 -27.90 49.30
C UNK D 116 -10.81 -27.96 50.54
N UNK D 117 -12.11 -27.67 50.42
CA UNK D 117 -13.03 -27.69 51.54
C UNK D 117 -13.54 -29.09 51.86
N UNK D 118 -12.90 -30.14 51.37
CA UNK D 118 -13.22 -31.50 51.75
C UNK D 118 -12.23 -32.06 52.77
N UNK D 119 -11.55 -31.21 53.52
CA UNK D 119 -10.54 -31.63 54.47
C UNK D 119 -11.01 -31.39 55.90
N UNK D 120 -10.37 -32.10 56.85
CA UNK D 120 -10.78 -32.05 58.24
C UNK D 120 -9.64 -31.92 59.24
N UNK D 121 -8.38 -32.12 58.82
CA UNK D 121 -7.28 -32.04 59.77
C UNK D 121 -6.86 -30.59 60.01
N UNK D 122 -6.56 -29.87 58.93
CA UNK D 122 -6.30 -28.42 58.92
C UNK D 122 -5.11 -28.02 59.79
N UNK D 123 -4.17 -28.95 59.98
CA UNK D 123 -2.98 -28.68 60.79
C UNK D 123 -1.69 -28.78 59.98
N UNK D 124 -1.79 -28.68 58.66
CA UNK D 124 -0.63 -28.80 57.78
C UNK D 124 -0.27 -27.50 57.08
N UNK D 125 -1.27 -26.75 56.61
CA UNK D 125 -1.04 -25.46 55.98
C UNK D 125 -2.30 -24.61 56.13
N UNK D 126 -2.16 -23.32 55.88
CA UNK D 126 -3.26 -22.38 56.03
C UNK D 126 -3.62 -21.65 54.75
N UNK D 127 -2.64 -21.11 54.03
CA UNK D 127 -2.91 -20.17 52.94
C UNK D 127 -3.48 -20.88 51.73
N UNK D 128 -4.17 -20.11 50.87
CA UNK D 128 -4.80 -20.63 49.66
C UNK D 128 -4.39 -19.87 48.41
N UNK D 129 -3.21 -19.24 48.41
CA UNK D 129 -2.69 -18.54 47.25
C UNK D 129 -1.18 -18.41 47.36
N UNK D 130 -0.61 -17.66 46.44
CA UNK D 130 0.84 -17.40 46.44
C UNK D 130 1.14 -16.06 45.78
N UNK D 131 -2.56 -32.05 35.94
CA UNK D 131 -2.13 -30.66 36.09
C UNK D 131 -2.12 -30.25 37.55
N UNK D 132 -1.32 -30.94 38.35
CA UNK D 132 -1.17 -30.64 39.77
C UNK D 132 0.17 -31.17 40.24
N UNK D 133 0.40 -31.10 41.55
CA UNK D 133 1.65 -31.57 42.16
C UNK D 133 1.38 -31.82 43.65
N UNK D 134 2.46 -32.14 44.36
CA UNK D 134 2.46 -32.23 45.81
C UNK D 134 3.90 -32.09 46.28
N UNK D 135 4.13 -31.15 47.19
CA UNK D 135 5.50 -30.77 47.53
C UNK D 135 5.55 -30.14 48.90
N UNK D 136 6.69 -29.50 49.18
CA UNK D 136 7.00 -28.90 50.47
C UNK D 136 7.70 -27.57 50.22
N UNK D 137 8.39 -27.09 51.27
CA UNK D 137 8.99 -25.75 51.18
C UNK D 137 10.22 -25.75 50.29
N UNK D 138 11.31 -26.35 50.74
CA UNK D 138 12.56 -26.34 49.99
C UNK D 138 13.29 -27.68 50.04
N UNK D 139 12.58 -28.78 50.30
CA UNK D 139 13.23 -30.08 50.42
C UNK D 139 13.66 -30.61 49.06
N UNK D 140 14.24 -31.80 49.07
CA UNK D 140 14.88 -32.35 47.87
C UNK D 140 13.85 -32.78 46.83
N UNK D 141 12.83 -33.54 47.25
CA UNK D 141 11.75 -33.93 46.36
C UNK D 141 10.96 -32.72 45.87
N UNK D 142 10.79 -31.71 46.72
CA UNK D 142 10.16 -30.47 46.30
C UNK D 142 11.06 -29.63 45.40
N UNK D 143 12.37 -29.85 45.44
CA UNK D 143 13.25 -29.14 44.52
C UNK D 143 13.26 -29.80 43.15
N UNK D 144 13.37 -31.13 43.12
CA UNK D 144 13.27 -31.86 41.86
C UNK D 144 11.89 -31.71 41.24
N UNK D 145 10.84 -31.57 42.06
CA UNK D 145 9.56 -31.13 41.54
C UNK D 145 9.58 -29.65 41.22
N UNK D 146 10.48 -28.89 41.84
CA UNK D 146 10.64 -27.47 41.54
C UNK D 146 11.65 -27.22 40.44
N UNK D 147 11.90 -28.21 39.58
CA UNK D 147 12.46 -27.99 38.26
C UNK D 147 11.42 -27.45 37.28
N UNK D 148 10.18 -27.20 37.73
CA UNK D 148 9.16 -26.58 36.90
C UNK D 148 9.53 -25.18 36.45
N UNK D 149 10.37 -24.48 37.22
CA UNK D 149 10.92 -23.21 36.74
C UNK D 149 11.80 -23.43 35.52
N UNK D 150 12.57 -24.51 35.51
CA UNK D 150 13.33 -24.87 34.32
C UNK D 150 12.43 -25.40 33.21
N UNK D 151 11.25 -25.89 33.55
CA UNK D 151 10.26 -26.22 32.53
C UNK D 151 9.56 -24.99 32.00
N UNK D 152 9.31 -24.00 32.85
CA UNK D 152 8.64 -22.76 32.46
C UNK D 152 9.61 -21.65 32.13
N UNK D 153 10.86 -21.98 31.78
CA UNK D 153 11.80 -20.97 31.34
C UNK D 153 11.89 -20.86 29.83
N UNK D 154 10.96 -21.47 29.11
CA UNK D 154 10.97 -21.44 27.65
C UNK D 154 9.55 -21.54 27.09
N UNK D 155 20.70 -36.89 38.12
CA UNK D 155 20.62 -38.21 37.52
C UNK D 155 19.77 -38.18 36.26
N UNK D 156 19.15 -39.31 35.94
CA UNK D 156 18.15 -39.37 34.88
C UNK D 156 16.79 -38.85 35.33
N UNK D 157 16.61 -38.60 36.63
CA UNK D 157 15.34 -38.11 37.14
C UNK D 157 15.14 -36.64 36.85
N UNK D 158 16.18 -35.93 36.40
CA UNK D 158 16.00 -34.56 35.96
C UNK D 158 15.23 -34.50 34.64
N UNK D 159 15.40 -35.51 33.79
CA UNK D 159 14.65 -35.56 32.54
C UNK D 159 13.20 -35.94 32.75
N UNK D 160 12.95 -36.96 33.59
CA UNK D 160 11.59 -37.34 33.90
C UNK D 160 10.88 -36.31 34.77
N UNK D 161 11.63 -35.53 35.55
CA UNK D 161 11.00 -34.45 36.30
C UNK D 161 10.86 -33.19 35.44
N UNK D 162 11.60 -33.11 34.33
CA UNK D 162 11.34 -32.08 33.35
C UNK D 162 10.48 -32.59 32.20
N UNK D 163 9.89 -33.77 32.35
CA UNK D 163 8.91 -34.30 31.40
C UNK D 163 7.61 -34.68 32.10
N UNK D 164 7.59 -34.67 33.43
CA UNK D 164 6.32 -34.67 34.13
C UNK D 164 5.91 -33.25 34.49
N UNK D 165 6.61 -32.27 33.93
CA UNK D 165 6.15 -30.89 33.93
C UNK D 165 5.95 -30.37 32.52
N UNK D 166 6.35 -31.15 31.52
CA UNK D 166 5.97 -30.85 30.15
C UNK D 166 4.63 -31.47 29.82
N UNK D 167 4.36 -32.66 30.37
CA UNK D 167 3.06 -33.29 30.28
C UNK D 167 2.15 -32.89 31.43
N UNK D 168 2.42 -31.76 32.07
CA UNK D 168 1.50 -31.13 33.00
C UNK D 168 0.93 -29.83 32.47
N UNK D 169 1.76 -29.01 31.81
CA UNK D 169 1.25 -27.84 31.12
C UNK D 169 0.41 -28.22 29.92
N UNK D 170 0.65 -29.40 29.33
CA UNK D 170 -0.16 -29.85 28.22
C UNK D 170 -1.44 -30.52 28.69
N UNK D 171 -1.58 -30.80 29.97
CA UNK D 171 -2.77 -31.43 30.49
C UNK D 171 -3.12 -30.90 31.88
N UNK D 172 0.37 -27.06 49.66
CA UNK D 172 1.39 -28.09 49.52
C UNK D 172 1.52 -28.53 48.07
N UNK D 173 0.90 -27.79 47.16
CA UNK D 173 0.87 -28.13 45.74
C UNK D 173 1.15 -26.90 44.89
N UNK D 174 1.44 -27.14 43.61
CA UNK D 174 1.72 -26.06 42.68
C UNK D 174 1.52 -26.55 41.25
N UNK D 175 0.66 -25.84 40.51
CA UNK D 175 0.40 -26.15 39.11
C UNK D 175 1.24 -25.24 38.22
N UNK D 176 1.83 -25.83 37.19
CA UNK D 176 2.70 -25.07 36.30
C UNK D 176 1.89 -24.13 35.43
N UNK D 177 2.43 -22.95 35.17
CA UNK D 177 1.72 -21.92 34.41
C UNK D 177 2.16 -21.91 32.95
N UNK D 178 11.05 -40.20 24.06
CA UNK D 178 11.73 -40.64 25.27
C UNK D 178 10.77 -40.65 26.46
N UNK D 179 10.92 -39.66 27.35
CA UNK D 179 10.05 -39.54 28.49
C UNK D 179 8.75 -38.82 28.19
N UNK D 180 8.60 -38.29 26.97
CA UNK D 180 7.34 -37.65 26.58
C UNK D 180 6.27 -38.70 26.33
N UNK D 181 6.56 -39.65 25.44
CA UNK D 181 5.63 -40.74 25.15
C UNK D 181 5.45 -41.65 26.35
N UNK D 182 6.47 -41.79 27.18
CA UNK D 182 6.31 -42.51 28.44
C UNK D 182 5.43 -41.73 29.40
N UNK D 183 5.53 -40.40 29.42
CA UNK D 183 4.76 -39.61 30.37
C UNK D 183 3.29 -39.60 30.00
N UNK D 184 2.95 -39.16 28.79
CA UNK D 184 1.56 -39.11 28.40
C UNK D 184 1.01 -40.49 28.07
N UNK D 185 1.74 -41.26 27.27
CA UNK D 185 1.25 -42.58 26.86
C UNK D 185 1.28 -43.58 28.00
N UNK D 186 2.34 -43.56 28.81
CA UNK D 186 2.37 -44.48 29.95
C UNK D 186 1.51 -43.99 31.09
N UNK D 187 1.25 -42.68 31.18
CA UNK D 187 0.25 -42.21 32.13
C UNK D 187 -1.14 -42.66 31.72
N UNK D 188 -1.41 -42.67 30.41
CA UNK D 188 -2.67 -43.24 29.94
C UNK D 188 -2.69 -44.75 30.08
N UNK D 189 -1.52 -45.39 30.10
CA UNK D 189 -1.47 -46.82 30.35
C UNK D 189 -1.75 -47.13 31.81
N UNK D 190 -1.31 -46.27 32.72
CA UNK D 190 -1.57 -46.48 34.14
C UNK D 190 -3.03 -46.19 34.46
N UNK D 191 -3.57 -45.09 33.93
CA UNK D 191 -4.99 -44.80 34.14
C UNK D 191 -5.90 -45.73 33.36
N UNK D 192 -5.38 -46.42 32.35
CA UNK D 192 -6.15 -47.39 31.59
C UNK D 192 -6.13 -48.78 32.22
N UNK D 193 -4.99 -49.17 32.80
CA UNK D 193 -4.88 -50.49 33.40
C UNK D 193 -5.71 -50.59 34.67
N UNK D 194 -5.77 -49.49 35.43
CA UNK D 194 -6.64 -49.45 36.60
C UNK D 194 -8.10 -49.37 36.16
N UNK D 195 -8.92 -50.25 36.72
CA UNK D 195 -10.33 -50.32 36.36
C UNK D 195 -11.10 -49.13 36.92
N ASP D 196 -13.23 -45.77 28.45
CA ASP D 196 -12.54 -44.78 29.28
C ASP D 196 -11.16 -44.46 28.71
N GLU D 197 -11.06 -44.39 27.40
CA GLU D 197 -9.77 -44.10 26.76
C GLU D 197 -9.81 -42.79 26.00
N LEU D 198 -10.75 -42.65 25.06
CA LEU D 198 -10.89 -41.40 24.31
C LEU D 198 -11.41 -40.28 25.20
N ARG D 199 -12.32 -40.63 26.11
CA ARG D 199 -12.88 -39.67 27.06
C ARG D 199 -11.79 -39.02 27.90
N LEU D 200 -10.83 -39.81 28.34
CA LEU D 200 -9.71 -39.31 29.12
C LEU D 200 -8.79 -38.43 28.28
N ALA D 201 -8.82 -38.58 26.94
CA ALA D 201 -8.06 -37.69 26.08
C ALA D 201 -8.82 -36.40 25.79
N VAL D 202 -10.15 -36.47 25.76
CA VAL D 202 -10.96 -35.27 25.55
C VAL D 202 -10.88 -34.37 26.77
N ALA D 203 -10.96 -34.95 27.97
CA ALA D 203 -10.88 -34.16 29.20
C ALA D 203 -9.51 -33.51 29.40
N TRP D 204 -8.46 -34.07 28.81
CA TRP D 204 -7.14 -33.47 28.88
C TRP D 204 -6.92 -32.35 27.88
N ASN D 205 -7.81 -32.20 26.89
CA ASN D 205 -7.62 -31.35 25.72
C ASN D 205 -6.29 -31.68 25.04
N ARG D 206 -6.09 -32.96 24.77
CA ARG D 206 -4.84 -33.51 24.22
C ARG D 206 -5.24 -34.34 23.02
N VAL D 207 -5.02 -33.79 21.82
CA VAL D 207 -5.63 -34.37 20.63
C VAL D 207 -4.69 -35.38 19.94
N ASP D 208 -3.41 -35.38 20.29
CA ASP D 208 -2.49 -36.36 19.69
C ASP D 208 -2.77 -37.76 20.21
N ILE D 209 -3.11 -37.88 21.49
CA ILE D 209 -3.45 -39.18 22.05
C ILE D 209 -4.80 -39.64 21.51
N ALA D 210 -5.70 -38.70 21.24
CA ALA D 210 -6.94 -39.04 20.57
C ALA D 210 -6.70 -39.45 19.13
N GLN D 211 -5.63 -38.94 18.51
CA GLN D 211 -5.28 -39.38 17.16
C GLN D 211 -4.76 -40.81 17.18
N SER D 212 -3.73 -41.08 17.99
CA SER D 212 -3.12 -42.40 17.98
C SER D 212 -3.95 -43.44 18.72
N GLU D 213 -5.00 -43.04 19.43
CA GLU D 213 -5.79 -43.97 20.23
C GLU D 213 -6.93 -44.61 19.45
N LEU D 214 -6.95 -44.49 18.13
CA LEU D 214 -7.98 -45.10 17.30
C LEU D 214 -7.42 -46.08 16.28
N PHE D 215 -6.51 -46.95 16.71
CA PHE D 215 -6.01 -48.00 15.83
C PHE D 215 -6.12 -49.38 16.45
N ARG D 216 -6.70 -49.48 17.64
CA ARG D 216 -7.00 -50.75 18.27
C ARG D 216 -8.33 -51.26 17.74
N GLY D 217 -8.36 -52.52 17.31
CA GLY D 217 -9.59 -53.12 16.84
C GLY D 217 -10.61 -53.31 17.96
N ASP D 218 -11.66 -52.50 17.94
CA ASP D 218 -12.66 -52.56 18.99
C ASP D 218 -13.98 -52.08 18.39
N ILE D 219 -15.06 -52.27 19.14
CA ILE D 219 -16.37 -51.79 18.71
C ILE D 219 -16.39 -50.27 18.73
N GLN D 220 -15.81 -49.67 19.78
CA GLN D 220 -15.57 -48.23 19.91
C GLN D 220 -16.87 -47.42 19.88
N TRP D 221 -17.96 -48.06 20.31
CA TRP D 221 -19.27 -47.42 20.31
C TRP D 221 -19.43 -46.38 21.42
N ARG D 222 -18.45 -46.25 22.31
CA ARG D 222 -18.42 -45.20 23.32
C ARG D 222 -18.10 -43.83 22.73
N SER D 223 -17.68 -43.77 21.47
CA SER D 223 -17.50 -42.49 20.77
C SER D 223 -18.79 -41.69 20.75
N PHE D 224 -19.92 -42.38 20.57
CA PHE D 224 -21.24 -41.76 20.62
C PHE D 224 -21.56 -41.15 21.98
N HIS D 225 -20.84 -41.54 23.02
CA HIS D 225 -20.88 -40.81 24.27
C HIS D 225 -19.71 -39.85 24.39
N LEU D 226 -18.52 -40.25 23.91
CA LEU D 226 -17.31 -39.48 24.17
C LEU D 226 -17.29 -38.17 23.40
N GLU D 227 -17.88 -38.17 22.19
CA GLU D 227 -18.06 -36.93 21.44
C GLU D 227 -18.95 -35.95 22.19
N ALA D 228 -19.90 -36.46 22.97
CA ALA D 228 -20.73 -35.58 23.80
C ALA D 228 -19.95 -34.92 24.91
N SER D 229 -18.76 -35.41 25.23
CA SER D 229 -17.87 -34.68 26.11
C SER D 229 -17.24 -33.48 25.44
N LEU D 230 -17.04 -33.52 24.12
CA LEU D 230 -16.38 -32.42 23.44
C LEU D 230 -17.30 -31.23 23.25
N MET D 231 -18.59 -31.46 23.04
CA MET D 231 -19.53 -30.34 23.01
C MET D 231 -19.70 -29.74 24.40
N ASP D 232 -19.85 -30.59 25.41
CA ASP D 232 -20.16 -30.11 26.76
C ASP D 232 -18.99 -29.36 27.37
N ALA D 233 -17.76 -29.85 27.18
CA ALA D 233 -16.63 -29.17 27.76
C ALA D 233 -16.14 -27.98 26.94
N LEU D 234 -16.86 -27.62 25.87
CA LEU D 234 -16.48 -26.55 24.94
C LEU D 234 -15.09 -26.80 24.35
N LEU D 235 -14.89 -28.01 23.82
CA LEU D 235 -13.58 -28.36 23.27
C LEU D 235 -13.27 -27.50 22.05
N ASN D 236 -14.29 -27.25 21.20
CA ASN D 236 -14.21 -26.40 20.01
C ASN D 236 -13.09 -26.87 19.09
N ASP D 237 -12.96 -28.16 19.01
CA ASP D 237 -11.65 -28.74 18.81
C ASP D 237 -11.60 -29.48 17.50
N ARG D 238 -10.43 -30.00 17.09
CA ARG D 238 -10.43 -31.12 16.16
C ARG D 238 -10.99 -32.41 16.73
N PRO D 239 -11.41 -32.45 18.00
CA PRO D 239 -12.15 -33.58 18.55
C PRO D 239 -13.47 -33.84 17.87
N GLU D 240 -14.00 -32.88 17.13
CA GLU D 240 -15.14 -33.12 16.24
C GLU D 240 -14.74 -33.12 14.78
N PHE D 241 -13.45 -33.09 14.50
CA PHE D 241 -12.93 -33.64 13.27
C PHE D 241 -12.50 -35.09 13.44
N VAL D 242 -12.63 -35.64 14.65
CA VAL D 242 -12.38 -37.04 14.93
C VAL D 242 -13.75 -37.58 15.35
N ARG D 243 -14.79 -37.06 14.72
CA ARG D 243 -16.07 -37.74 14.65
C ARG D 243 -16.25 -38.45 13.32
N LEU D 244 -15.17 -38.59 12.56
CA LEU D 244 -15.20 -39.43 11.38
C LEU D 244 -15.41 -40.88 11.78
N LEU D 245 -16.30 -41.54 11.05
CA LEU D 245 -16.87 -42.86 11.40
C LEU D 245 -17.53 -42.82 12.78
N ILE D 246 -18.53 -41.95 12.94
CA ILE D 246 -19.43 -41.99 14.08
C ILE D 246 -20.81 -42.36 13.55
N SER D 247 -21.45 -43.33 14.20
CA SER D 247 -22.77 -43.81 13.78
C SER D 247 -23.80 -42.72 14.12
N HIS D 248 -23.92 -41.76 13.21
CA HIS D 248 -24.66 -40.55 13.48
C HIS D 248 -25.75 -40.31 12.43
N LEU D 252 -29.19 -44.29 16.88
CA LEU D 252 -27.73 -44.24 16.96
C LEU D 252 -27.24 -42.80 16.83
N GLY D 253 -27.80 -42.07 15.86
CA GLY D 253 -27.51 -40.66 15.75
C GLY D 253 -28.09 -39.91 16.94
N HIS D 254 -27.19 -39.43 17.81
CA HIS D 254 -27.59 -39.01 19.14
C HIS D 254 -28.28 -37.65 19.06
N PHE D 255 -29.61 -37.70 19.00
CA PHE D 255 -30.43 -36.52 19.25
C PHE D 255 -30.98 -36.54 20.66
N LEU D 256 -31.83 -37.54 20.96
CA LEU D 256 -32.41 -37.79 22.29
C LEU D 256 -33.01 -36.52 22.90
N THR D 257 -34.08 -36.04 22.27
CA THR D 257 -34.72 -34.73 22.49
C THR D 257 -35.05 -34.48 23.96
N PRO D 258 -35.38 -35.51 24.72
CA PRO D 258 -35.49 -35.33 26.17
C PRO D 258 -34.14 -35.32 26.85
N MET D 259 -33.18 -36.10 26.34
CA MET D 259 -31.99 -36.45 27.09
C MET D 259 -30.78 -35.60 26.76
N ARG D 260 -30.29 -35.64 25.52
CA ARG D 260 -29.00 -35.02 25.21
C ARG D 260 -29.05 -33.52 25.13
N LEU D 261 -30.03 -32.95 24.42
CA LEU D 261 -30.07 -31.52 24.17
C LEU D 261 -30.33 -30.71 25.43
N ALA D 262 -31.13 -31.23 26.37
CA ALA D 262 -31.27 -30.57 27.66
C ALA D 262 -29.96 -30.61 28.43
N GLN D 263 -29.24 -31.72 28.32
CA GLN D 263 -27.87 -31.75 28.85
C GLN D 263 -26.94 -30.90 28.01
N LEU D 264 -27.27 -30.68 26.74
CA LEU D 264 -26.38 -29.93 25.87
C LEU D 264 -26.62 -28.43 25.99
N TYR D 265 -27.88 -28.00 26.01
CA TYR D 265 -28.18 -26.61 26.33
C TYR D 265 -28.01 -26.31 27.81
N SER D 266 -27.83 -27.31 28.66
CA SER D 266 -27.52 -27.04 30.06
C SER D 266 -26.06 -26.69 30.28
N ALA D 267 -25.25 -26.63 29.23
CA ALA D 267 -23.84 -26.28 29.34
C ALA D 267 -23.60 -24.78 29.31
N ALA D 268 -24.61 -23.99 29.65
CA ALA D 268 -24.44 -22.55 29.66
C ALA D 268 -23.58 -22.12 30.85
N PRO D 269 -22.73 -21.12 30.67
CA PRO D 269 -21.88 -20.64 31.77
C PRO D 269 -22.58 -19.67 32.71
N SER D 270 -23.92 -19.69 32.73
CA SER D 270 -24.76 -18.64 33.31
C SER D 270 -24.44 -17.30 32.69
N ASN D 271 -24.32 -17.31 31.36
CA ASN D 271 -24.04 -16.10 30.58
C ASN D 271 -25.33 -15.38 30.27
N SER D 272 -25.17 -14.10 29.90
CA SER D 272 -26.33 -13.24 29.71
C SER D 272 -27.01 -13.48 28.38
N LEU D 273 -26.38 -14.24 27.49
CA LEU D 273 -26.94 -14.40 26.15
C LEU D 273 -28.13 -15.36 26.17
N ILE D 274 -27.94 -16.56 26.69
CA ILE D 274 -28.92 -17.62 26.55
C ILE D 274 -29.50 -18.09 27.88
N ARG D 275 -28.70 -18.16 28.94
CA ARG D 275 -29.17 -18.68 30.23
C ARG D 275 -30.24 -17.78 30.82
N ASN D 276 -30.15 -16.47 30.58
CA ASN D 276 -31.25 -15.60 30.95
C ASN D 276 -32.46 -15.81 30.04
N LEU D 277 -32.23 -15.97 28.73
CA LEU D 277 -33.36 -16.20 27.84
C LEU D 277 -33.94 -17.59 28.00
N LEU D 278 -33.13 -18.54 28.47
CA LEU D 278 -33.69 -19.83 28.82
C LEU D 278 -34.42 -19.76 30.17
N ASP D 279 -34.03 -18.82 31.03
CA ASP D 279 -34.79 -18.54 32.24
C ASP D 279 -35.92 -17.56 32.00
N GLN D 280 -35.95 -16.90 30.85
CA GLN D 280 -37.10 -16.10 30.44
C GLN D 280 -38.10 -16.92 29.65
N ALA D 281 -37.89 -18.23 29.55
CA ALA D 281 -38.86 -19.12 28.96
C ALA D 281 -39.98 -19.48 29.92
N SER D 282 -39.78 -19.27 31.21
CA SER D 282 -40.81 -19.56 32.21
C SER D 282 -41.85 -18.45 32.27
N GLY D 333 -36.80 -33.38 30.07
CA GLY D 333 -36.23 -32.39 29.19
C GLY D 333 -37.12 -31.18 28.99
N PHE D 334 -36.73 -30.04 29.56
CA PHE D 334 -37.49 -28.80 29.44
C PHE D 334 -36.90 -27.83 28.43
N GLY D 335 -35.58 -27.59 28.51
CA GLY D 335 -34.93 -26.59 27.68
C GLY D 335 -34.85 -26.93 26.21
N GLU D 336 -35.17 -28.17 25.83
CA GLU D 336 -35.11 -28.58 24.43
C GLU D 336 -36.15 -27.84 23.59
N SER D 337 -37.43 -28.04 23.92
CA SER D 337 -38.52 -27.31 23.26
C SER D 337 -38.71 -25.91 23.81
N MET D 338 -37.96 -25.53 24.85
CA MET D 338 -37.92 -24.15 25.29
C MET D 338 -36.97 -23.29 24.45
N TYR D 339 -36.19 -23.92 23.57
CA TYR D 339 -35.33 -23.17 22.67
C TYR D 339 -36.14 -22.43 21.61
N LEU D 340 -37.20 -23.04 21.10
CA LEU D 340 -38.00 -22.42 20.06
C LEU D 340 -38.79 -21.24 20.59
N LEU D 341 -39.14 -21.25 21.88
CA LEU D 341 -39.74 -20.07 22.47
C LEU D 341 -38.72 -18.94 22.60
N SER D 342 -37.43 -19.28 22.68
CA SER D 342 -36.41 -18.25 22.67
C SER D 342 -35.96 -17.87 21.27
N ASP D 343 -36.32 -18.66 20.26
CA ASP D 343 -36.07 -18.26 18.88
C ASP D 343 -37.19 -17.38 18.36
N LYS D 344 -38.44 -17.71 18.69
CA LYS D 344 -39.56 -16.86 18.31
C LYS D 344 -39.53 -15.53 19.04
N ALA D 345 -38.88 -15.46 20.21
CA ALA D 345 -38.68 -14.18 20.88
C ALA D 345 -37.51 -13.41 20.30
N THR D 346 -36.72 -14.03 19.42
CA THR D 346 -35.62 -13.36 18.74
C THR D 346 -35.73 -13.43 17.23
N SER D 347 -36.94 -13.61 16.68
CA SER D 347 -37.14 -13.60 15.24
C SER D 347 -38.56 -13.20 14.90
N TRP D 360 -25.82 -31.42 11.66
CA TRP D 360 -27.17 -30.88 11.69
C TRP D 360 -27.19 -29.38 11.77
N SER D 361 -28.33 -28.81 11.36
CA SER D 361 -28.62 -27.43 11.68
C SER D 361 -29.33 -27.30 13.03
N ASP D 362 -29.66 -28.43 13.67
CA ASP D 362 -30.11 -28.36 15.06
C ASP D 362 -28.96 -28.06 16.00
N LEU D 363 -27.73 -28.32 15.58
CA LEU D 363 -26.54 -27.93 16.32
C LEU D 363 -26.03 -26.56 15.95
N LEU D 364 -26.35 -26.05 14.75
CA LEU D 364 -26.01 -24.67 14.41
C LEU D 364 -26.70 -23.67 15.31
N LEU D 365 -27.95 -23.92 15.66
CA LEU D 365 -28.63 -23.02 16.58
C LEU D 365 -28.04 -23.15 17.97
N TRP D 366 -27.69 -24.37 18.39
CA TRP D 366 -26.97 -24.58 19.64
C TRP D 366 -25.59 -23.93 19.60
N ALA D 367 -24.98 -23.82 18.43
CA ALA D 367 -23.64 -23.26 18.39
C ALA D 367 -23.62 -21.76 18.23
N LEU D 368 -24.71 -21.19 17.72
CA LEU D 368 -24.78 -19.74 17.58
C LEU D 368 -25.40 -19.09 18.80
N LEU D 369 -26.25 -19.82 19.50
CA LEU D 369 -26.38 -19.60 20.93
C LEU D 369 -25.09 -20.09 21.59
N LEU D 370 -24.75 -19.53 22.74
CA LEU D 370 -23.54 -19.79 23.53
C LEU D 370 -22.26 -19.26 22.87
N ASN D 371 -22.32 -18.77 21.62
CA ASN D 371 -21.25 -18.02 20.95
C ASN D 371 -19.95 -18.81 20.81
N ARG D 372 -20.04 -20.11 20.52
CA ARG D 372 -18.87 -20.91 20.19
C ARG D 372 -18.53 -20.67 18.72
N ALA D 373 -17.28 -20.31 18.45
CA ALA D 373 -16.91 -19.91 17.10
C ALA D 373 -16.65 -21.12 16.21
N GLN D 374 -15.63 -21.90 16.55
CA GLN D 374 -15.22 -23.04 15.73
C GLN D 374 -16.27 -24.13 15.67
N MET D 375 -17.08 -24.25 16.72
CA MET D 375 -18.22 -25.17 16.69
C MET D 375 -19.23 -24.73 15.65
N ALA D 376 -19.44 -23.42 15.51
CA ALA D 376 -20.42 -22.95 14.55
C ALA D 376 -19.89 -23.05 13.13
N MET D 377 -18.59 -22.81 12.96
CA MET D 377 -18.00 -22.94 11.63
C MET D 377 -18.01 -24.39 11.17
N TYR D 378 -17.64 -25.32 12.05
CA TYR D 378 -17.66 -26.73 11.66
C TYR D 378 -19.09 -27.22 11.46
N PHE D 379 -20.01 -26.80 12.32
CA PHE D 379 -21.40 -27.18 12.15
C PHE D 379 -22.07 -26.50 10.96
N TRP D 380 -21.43 -25.51 10.36
CA TRP D 380 -21.86 -25.01 9.07
C TRP D 380 -21.20 -25.74 7.90
N GLU D 381 -19.97 -26.23 8.07
CA GLU D 381 -19.25 -26.89 6.99
C GLU D 381 -19.93 -28.19 6.56
N MET D 382 -20.14 -29.13 7.48
CA MET D 382 -21.21 -30.08 7.24
C MET D 382 -22.54 -29.38 7.47
N GLY D 383 -23.55 -29.78 6.73
CA GLY D 383 -24.83 -29.15 6.90
C GLY D 383 -25.59 -29.07 5.59
N SER D 384 -26.45 -28.06 5.51
CA SER D 384 -27.50 -28.03 4.49
C SER D 384 -27.20 -27.05 3.36
N ASN D 385 -26.98 -25.77 3.68
CA ASN D 385 -27.07 -24.73 2.65
C ASN D 385 -26.46 -23.42 3.15
N ALA D 386 -26.26 -22.49 2.20
CA ALA D 386 -25.83 -21.12 2.48
C ALA D 386 -26.91 -20.28 3.14
N VAL D 387 -28.16 -20.71 3.02
CA VAL D 387 -29.25 -20.00 3.67
C VAL D 387 -29.11 -20.10 5.18
N SER D 388 -28.57 -21.22 5.65
CA SER D 388 -28.20 -21.32 7.06
C SER D 388 -27.04 -20.40 7.42
N SER D 389 -26.18 -20.07 6.46
CA SER D 389 -25.15 -19.08 6.76
C SER D 389 -25.74 -17.69 6.80
N ALA D 390 -26.87 -17.48 6.12
CA ALA D 390 -27.49 -16.17 6.20
C ALA D 390 -28.40 -16.01 7.40
N LEU D 391 -29.16 -17.03 7.79
CA LEU D 391 -29.96 -16.91 9.01
C LEU D 391 -29.09 -17.00 10.23
N GLY D 392 -28.13 -17.93 10.21
CA GLY D 392 -27.15 -17.97 11.27
C GLY D 392 -26.17 -16.84 11.23
N ALA D 393 -26.07 -16.13 10.10
CA ALA D 393 -25.18 -14.98 10.00
C ALA D 393 -25.69 -13.84 10.86
N CYS D 394 -26.86 -13.41 10.61
CA CYS D 394 -27.26 -12.13 11.16
C CYS D 394 -28.59 -12.17 11.86
N LEU D 395 -29.49 -13.07 11.48
CA LEU D 395 -30.80 -13.06 12.11
C LEU D 395 -30.73 -13.66 13.50
N LEU D 396 -29.65 -14.37 13.83
CA LEU D 396 -29.50 -14.88 15.17
C LEU D 396 -28.29 -14.33 15.88
N LEU D 397 -27.31 -13.79 15.15
CA LEU D 397 -26.12 -13.24 15.81
C LEU D 397 -26.17 -11.74 16.02
N ARG D 398 -26.78 -10.96 15.12
CA ARG D 398 -26.98 -9.55 15.43
C ARG D 398 -27.98 -9.39 16.55
N VAL D 399 -29.03 -10.22 16.54
CA VAL D 399 -30.09 -10.10 17.54
C VAL D 399 -29.59 -10.56 18.90
N MET D 400 -28.70 -11.56 18.93
CA MET D 400 -28.08 -11.92 20.20
C MET D 400 -27.06 -10.87 20.62
N ALA D 401 -26.51 -10.12 19.66
CA ALA D 401 -25.56 -9.07 20.00
C ALA D 401 -26.24 -7.83 20.58
N ARG D 402 -27.41 -7.44 20.08
CA ARG D 402 -28.10 -6.29 20.61
C ARG D 402 -28.69 -6.53 21.99
N LEU D 403 -28.90 -7.78 22.37
CA LEU D 403 -29.41 -8.11 23.70
C LEU D 403 -28.29 -8.46 24.68
N GLU D 404 -27.11 -7.87 24.51
CA GLU D 404 -26.03 -8.07 25.47
C GLU D 404 -25.93 -6.86 26.40
N PRO D 405 -25.68 -7.07 27.69
CA PRO D 405 -25.49 -5.96 28.62
C PRO D 405 -24.06 -5.42 28.66
N ASP D 406 -23.13 -6.03 27.93
CA ASP D 406 -21.74 -5.65 27.95
C ASP D 406 -21.17 -5.68 26.55
N ALA D 407 -20.23 -4.77 26.27
CA ALA D 407 -19.68 -4.65 24.93
C ALA D 407 -18.76 -5.82 24.59
N GLU D 408 -18.01 -6.33 25.58
CA GLU D 408 -17.36 -7.62 25.40
C GLU D 408 -18.42 -8.71 25.48
N GLU D 409 -18.23 -9.78 24.71
CA GLU D 409 -19.23 -10.79 24.35
C GLU D 409 -20.42 -10.20 23.59
N ALA D 410 -20.26 -9.02 23.02
CA ALA D 410 -21.12 -8.52 21.97
C ALA D 410 -20.31 -8.11 20.75
N ALA D 411 -19.00 -8.33 20.77
CA ALA D 411 -18.15 -8.11 19.62
C ALA D 411 -17.71 -9.42 18.96
N ARG D 412 -17.49 -10.47 19.74
CA ARG D 412 -17.27 -11.78 19.13
C ARG D 412 -18.56 -12.33 18.54
N ARG D 413 -19.71 -11.96 19.12
CA ARG D 413 -21.02 -12.28 18.57
C ARG D 413 -21.41 -11.34 17.44
N LYS D 414 -20.48 -10.55 16.95
CA LYS D 414 -20.60 -9.81 15.70
C LYS D 414 -19.45 -10.12 14.77
N ASP D 415 -18.28 -10.50 15.31
CA ASP D 415 -17.21 -11.01 14.47
C ASP D 415 -17.57 -12.36 13.86
N LEU D 416 -18.35 -13.18 14.58
CA LEU D 416 -18.94 -14.35 13.94
C LEU D 416 -19.92 -13.98 12.84
N ALA D 417 -20.63 -12.86 12.99
CA ALA D 417 -21.53 -12.43 11.94
C ALA D 417 -20.76 -12.01 10.70
N PHE D 418 -19.62 -11.35 10.87
CA PHE D 418 -18.81 -11.02 9.70
C PHE D 418 -18.14 -12.24 9.10
N LYS D 419 -17.81 -13.25 9.93
CA LYS D 419 -17.29 -14.49 9.39
C LYS D 419 -18.32 -15.20 8.54
N PHE D 420 -19.57 -15.22 9.00
CA PHE D 420 -20.63 -15.86 8.23
C PHE D 420 -21.05 -15.05 7.02
N GLU D 421 -20.86 -13.73 7.02
CA GLU D 421 -21.07 -13.00 5.79
C GLU D 421 -19.95 -13.27 4.79
N GLY D 422 -18.73 -13.47 5.29
CA GLY D 422 -17.66 -13.90 4.40
C GLY D 422 -17.92 -15.26 3.79
N MET D 423 -18.42 -16.19 4.60
CA MET D 423 -18.67 -17.54 4.11
C MET D 423 -19.88 -17.59 3.18
N GLY D 424 -20.96 -16.88 3.53
CA GLY D 424 -22.12 -16.87 2.67
C GLY D 424 -21.90 -16.13 1.37
N VAL D 425 -21.22 -14.98 1.45
CA VAL D 425 -20.90 -14.21 0.25
C VAL D 425 -19.96 -14.96 -0.66
N ASP D 426 -18.90 -15.55 -0.10
CA ASP D 426 -17.96 -16.27 -0.96
C ASP D 426 -18.55 -17.56 -1.49
N LEU D 427 -19.46 -18.17 -0.72
CA LEU D 427 -20.10 -19.40 -1.19
C LEU D 427 -21.08 -19.12 -2.32
N PHE D 428 -21.87 -18.05 -2.21
CA PHE D 428 -22.74 -17.71 -3.32
C PHE D 428 -21.95 -17.20 -4.50
N GLY D 429 -20.77 -16.62 -4.25
CA GLY D 429 -19.91 -16.22 -5.35
C GLY D 429 -19.30 -17.40 -6.06
N GLU D 430 -19.14 -18.52 -5.36
CA GLU D 430 -18.74 -19.74 -6.03
C GLU D 430 -19.90 -20.44 -6.71
N CYS D 431 -21.11 -20.35 -6.15
CA CYS D 431 -22.28 -20.98 -6.75
C CYS D 431 -22.91 -20.16 -7.85
N TYR D 432 -22.42 -18.96 -8.11
CA TYR D 432 -22.97 -18.12 -9.18
C TYR D 432 -22.23 -18.27 -10.48
N ARG D 433 -20.93 -18.54 -10.41
CA ARG D 433 -20.14 -18.76 -11.60
C ARG D 433 -20.56 -20.04 -12.34
N SER D 434 -20.88 -21.10 -11.59
CA SER D 434 -21.25 -22.38 -12.19
C SER D 434 -22.51 -22.34 -13.06
N SER D 435 -23.55 -21.65 -12.61
CA SER D 435 -24.78 -21.51 -13.40
C SER D 435 -25.63 -20.44 -12.75
N GLU D 436 -25.91 -19.37 -13.49
CA GLU D 436 -26.62 -18.24 -12.90
C GLU D 436 -28.08 -18.56 -12.62
N VAL D 437 -28.66 -19.50 -13.37
CA VAL D 437 -30.08 -19.82 -13.19
C VAL D 437 -30.30 -20.59 -11.90
N ARG D 438 -29.50 -21.63 -11.67
CA ARG D 438 -29.61 -22.39 -10.44
C ARG D 438 -29.15 -21.58 -9.24
N ALA D 439 -28.23 -20.62 -9.46
CA ALA D 439 -27.88 -19.68 -8.41
C ALA D 439 -29.03 -18.78 -8.06
N ALA D 440 -29.85 -18.40 -9.06
CA ALA D 440 -31.07 -17.68 -8.76
C ALA D 440 -32.06 -18.57 -8.03
N ARG D 441 -32.03 -19.87 -8.29
CA ARG D 441 -32.92 -20.77 -7.57
C ARG D 441 -32.49 -20.94 -6.12
N LEU D 442 -31.18 -20.88 -5.85
CA LEU D 442 -30.71 -20.97 -4.45
C LEU D 442 -31.17 -19.78 -3.65
N LEU D 443 -31.22 -18.60 -4.27
CA LEU D 443 -31.43 -17.38 -3.54
C LEU D 443 -32.89 -17.19 -3.16
N LEU D 444 -33.81 -17.95 -3.76
CA LEU D 444 -35.23 -17.84 -3.48
C LEU D 444 -35.82 -19.25 -3.41
N ARG D 445 -35.80 -19.86 -2.23
CA ARG D 445 -36.37 -21.19 -2.11
C ARG D 445 -37.11 -21.48 -0.81
N ARG D 446 -37.23 -20.50 0.11
CA ARG D 446 -38.09 -20.59 1.30
C ARG D 446 -37.74 -21.79 2.20
N CYS D 447 -36.54 -21.74 2.77
CA CYS D 447 -36.01 -22.90 3.48
C CYS D 447 -36.79 -23.17 4.76
N PRO D 448 -36.93 -24.45 5.15
CA PRO D 448 -37.77 -24.75 6.32
C PRO D 448 -37.11 -24.47 7.65
N LEU D 449 -35.86 -24.04 7.69
CA LEU D 449 -35.22 -23.74 8.97
C LEU D 449 -35.77 -22.45 9.55
N TRP D 450 -36.10 -21.51 8.67
CA TRP D 450 -36.99 -20.40 8.99
C TRP D 450 -37.72 -20.08 7.71
N GLY D 451 -39.05 -20.21 7.72
CA GLY D 451 -39.82 -20.34 6.49
C GLY D 451 -39.89 -19.11 5.61
N ASP D 452 -38.73 -18.65 5.13
CA ASP D 452 -38.63 -17.41 4.39
C ASP D 452 -37.46 -17.53 3.40
N ALA D 453 -37.48 -16.65 2.40
CA ALA D 453 -36.43 -16.64 1.39
C ALA D 453 -35.14 -16.09 1.97
N THR D 454 -34.07 -16.15 1.18
CA THR D 454 -32.78 -15.71 1.67
C THR D 454 -32.72 -14.19 1.74
N CYS D 455 -33.15 -13.52 0.67
CA CYS D 455 -33.19 -12.07 0.66
C CYS D 455 -34.21 -11.53 1.65
N LEU D 456 -35.26 -12.31 1.95
CA LEU D 456 -36.25 -11.89 2.93
C LEU D 456 -35.67 -11.89 4.34
N GLN D 457 -34.57 -12.61 4.56
CA GLN D 457 -33.90 -12.53 5.84
C GLN D 457 -33.16 -11.20 5.99
N LEU D 458 -32.70 -10.64 4.88
CA LEU D 458 -31.86 -9.47 4.97
C LEU D 458 -32.64 -8.18 4.88
N ALA D 459 -33.88 -8.23 4.44
CA ALA D 459 -34.83 -7.15 4.65
C ALA D 459 -35.63 -7.34 5.93
N MET D 460 -35.27 -8.32 6.76
CA MET D 460 -35.85 -8.53 8.07
C MET D 460 -34.98 -7.77 9.10
N GLN D 461 -35.07 -8.15 10.38
CA GLN D 461 -34.25 -7.51 11.41
C GLN D 461 -32.75 -7.80 11.22
N ALA D 462 -32.42 -8.81 10.41
CA ALA D 462 -31.05 -9.02 9.98
C ALA D 462 -30.72 -8.10 8.82
N ASP D 463 -29.53 -7.52 8.85
CA ASP D 463 -29.08 -6.58 7.84
C ASP D 463 -27.68 -6.99 7.38
N ALA D 464 -27.53 -7.30 6.11
CA ALA D 464 -26.25 -7.72 5.55
C ALA D 464 -25.95 -6.83 4.35
N ARG D 465 -25.28 -5.71 4.62
CA ARG D 465 -24.89 -4.81 3.55
C ARG D 465 -23.88 -5.45 2.62
N ALA D 466 -23.04 -6.36 3.12
CA ALA D 466 -22.02 -6.99 2.29
C ALA D 466 -22.58 -8.09 1.40
N PHE D 467 -23.83 -8.50 1.58
CA PHE D 467 -24.36 -9.55 0.72
C PHE D 467 -24.97 -8.97 -0.55
N PHE D 468 -25.65 -7.84 -0.45
CA PHE D 468 -26.23 -7.24 -1.64
C PHE D 468 -25.20 -6.51 -2.47
N ALA D 469 -24.02 -6.28 -1.94
CA ALA D 469 -22.99 -5.57 -2.66
C ALA D 469 -22.31 -6.41 -3.70
N GLN D 470 -22.70 -7.65 -3.91
CA GLN D 470 -22.11 -8.46 -4.95
C GLN D 470 -22.57 -8.02 -6.32
N ASP D 471 -21.87 -8.51 -7.33
CA ASP D 471 -22.44 -8.68 -8.65
C ASP D 471 -22.87 -10.13 -8.72
N GLY D 472 -24.15 -10.38 -8.91
CA GLY D 472 -24.66 -11.73 -8.84
C GLY D 472 -25.90 -11.77 -8.00
N VAL D 473 -26.03 -10.80 -7.10
CA VAL D 473 -27.32 -10.54 -6.48
C VAL D 473 -28.02 -9.41 -7.22
N GLN D 474 -27.28 -8.42 -7.68
CA GLN D 474 -27.88 -7.29 -8.35
C GLN D 474 -28.04 -7.49 -9.85
N SER D 475 -27.48 -8.56 -10.41
CA SER D 475 -27.99 -9.02 -11.69
C SER D 475 -29.33 -9.69 -11.53
N LEU D 476 -29.62 -10.23 -10.35
CA LEU D 476 -30.94 -10.77 -10.06
C LEU D 476 -31.91 -9.71 -9.60
N LEU D 477 -31.45 -8.72 -8.84
CA LEU D 477 -32.35 -7.63 -8.48
C LEU D 477 -32.58 -6.69 -9.65
N THR D 478 -31.60 -6.59 -10.55
CA THR D 478 -31.86 -5.96 -11.83
C THR D 478 -32.79 -6.84 -12.66
N GLN D 479 -32.59 -8.15 -12.61
CA GLN D 479 -33.38 -9.08 -13.39
C GLN D 479 -34.81 -9.19 -12.91
N LYS D 480 -35.09 -8.76 -11.68
CA LYS D 480 -36.45 -8.75 -11.16
C LYS D 480 -36.94 -7.37 -10.78
N TRP D 481 -36.16 -6.33 -11.02
CA TRP D 481 -36.74 -5.01 -11.19
C TRP D 481 -37.53 -4.97 -12.48
N TRP D 482 -37.01 -5.59 -13.52
CA TRP D 482 -37.78 -5.84 -14.73
C TRP D 482 -38.63 -7.09 -14.53
N GLY D 483 -39.83 -7.08 -15.08
CA GLY D 483 -40.68 -8.25 -15.01
C GLY D 483 -40.77 -8.99 -16.33
N ASP D 484 -40.08 -10.12 -16.43
CA ASP D 484 -39.91 -11.02 -17.57
C ASP D 484 -39.09 -10.42 -18.71
N MET D 485 -38.70 -9.14 -18.64
CA MET D 485 -37.54 -8.72 -19.39
C MET D 485 -36.31 -9.27 -18.68
N ALA D 486 -35.38 -9.81 -19.47
CA ALA D 486 -34.19 -10.44 -18.88
C ALA D 486 -33.32 -9.36 -18.27
N SER D 487 -32.92 -8.40 -19.11
CA SER D 487 -32.33 -7.11 -18.78
C SER D 487 -32.20 -6.37 -20.10
N THR D 488 -31.70 -5.13 -20.01
CA THR D 488 -31.18 -4.35 -21.14
C THR D 488 -32.23 -4.09 -22.22
N THR D 489 -33.51 -4.16 -21.86
CA THR D 489 -34.54 -3.58 -22.68
C THR D 489 -34.53 -2.08 -22.41
N PRO D 490 -33.99 -1.26 -23.30
CA PRO D 490 -33.60 0.10 -22.91
C PRO D 490 -34.81 0.99 -22.74
N ILE D 491 -34.58 2.15 -22.12
CA ILE D 491 -35.68 3.03 -21.75
C ILE D 491 -36.18 3.80 -22.97
N TRP D 492 -35.44 3.75 -24.08
CA TRP D 492 -36.03 4.11 -25.38
C TRP D 492 -37.24 3.25 -25.68
N ALA D 493 -37.08 1.93 -25.63
CA ALA D 493 -38.17 1.02 -25.92
C ALA D 493 -39.24 1.05 -24.83
N LEU D 494 -38.81 1.16 -23.57
CA LEU D 494 -39.76 1.19 -22.45
C LEU D 494 -40.63 2.43 -22.49
N VAL D 495 -40.03 3.60 -22.74
CA VAL D 495 -40.81 4.82 -22.88
C VAL D 495 -41.72 4.73 -24.09
N LEU D 496 -41.21 4.19 -25.20
CA LEU D 496 -42.06 3.99 -26.37
C LEU D 496 -43.07 2.86 -26.19
N ALA D 497 -43.06 2.13 -25.08
CA ALA D 497 -44.07 1.11 -24.80
C ALA D 497 -45.20 1.63 -23.93
N PHE D 498 -45.49 2.93 -23.99
CA PHE D 498 -46.76 3.42 -23.47
C PHE D 498 -47.76 3.77 -24.56
N PHE D 499 -47.50 3.32 -25.80
CA PHE D 499 -48.56 3.16 -26.78
C PHE D 499 -48.99 1.70 -26.68
N CYS D 500 -49.55 1.36 -25.52
CA CYS D 500 -49.62 -0.03 -25.08
C CYS D 500 -50.39 -1.00 -25.98
N PRO D 501 -51.42 -0.60 -26.77
CA PRO D 501 -51.83 -1.45 -27.90
C PRO D 501 -50.69 -1.65 -28.89
N PRO D 502 -50.22 -2.90 -28.97
CA PRO D 502 -49.26 -3.49 -29.91
C PRO D 502 -47.81 -3.06 -29.67
N LEU D 503 -47.52 -2.17 -28.72
CA LEU D 503 -46.11 -1.87 -28.47
C LEU D 503 -45.46 -2.98 -27.67
N ILE D 504 -46.20 -3.57 -26.72
CA ILE D 504 -45.66 -4.72 -25.99
C ILE D 504 -45.62 -5.95 -26.86
N TYR D 505 -46.57 -6.09 -27.78
CA TYR D 505 -46.63 -7.26 -28.63
C TYR D 505 -45.69 -7.16 -29.83
N THR D 506 -45.10 -6.00 -30.07
CA THR D 506 -44.05 -5.90 -31.07
C THR D 506 -42.75 -6.46 -30.48
N ARG D 507 -41.72 -6.55 -31.31
CA ARG D 507 -40.44 -7.07 -30.87
C ARG D 507 -39.53 -6.01 -30.26
N LEU D 508 -40.06 -4.80 -30.03
CA LEU D 508 -39.25 -3.71 -29.49
C LEU D 508 -38.75 -4.04 -28.09
N ILE D 509 -39.68 -4.20 -27.15
CA ILE D 509 -39.33 -4.73 -25.83
C ILE D 509 -39.20 -6.23 -25.99
N THR D 510 -37.98 -6.68 -26.25
CA THR D 510 -37.71 -8.10 -26.46
C THR D 510 -37.58 -8.78 -25.11
N PHE D 511 -38.63 -9.48 -24.67
CA PHE D 511 -38.60 -10.12 -23.37
C PHE D 511 -39.00 -11.57 -23.49
N ARG D 512 -38.53 -12.36 -22.52
CA ARG D 512 -38.79 -13.79 -22.48
C ARG D 512 -39.43 -14.21 -21.17
N CYS D 569 -49.50 -16.41 -23.79
CA CYS D 569 -49.94 -15.56 -24.89
C CYS D 569 -50.38 -14.19 -24.39
N LEU D 570 -51.53 -14.15 -23.73
CA LEU D 570 -52.07 -12.93 -23.15
C LEU D 570 -51.28 -12.52 -21.92
N ARG D 571 -50.55 -13.46 -21.33
CA ARG D 571 -49.75 -13.25 -20.14
C ARG D 571 -48.54 -12.33 -20.34
N ARG D 572 -48.31 -11.86 -21.56
CA ARG D 572 -47.42 -10.71 -21.74
C ARG D 572 -48.04 -9.45 -21.16
N TRP D 573 -49.29 -9.18 -21.53
CA TRP D 573 -49.94 -7.94 -21.10
C TRP D 573 -50.31 -8.00 -19.62
N PHE D 574 -50.57 -9.21 -19.12
CA PHE D 574 -50.81 -9.38 -17.70
C PHE D 574 -49.56 -9.09 -16.88
N HIS D 575 -48.39 -9.29 -17.48
CA HIS D 575 -47.13 -9.24 -16.76
C HIS D 575 -46.31 -7.99 -17.09
N PHE D 576 -46.69 -7.24 -18.12
CA PHE D 576 -46.07 -5.97 -18.44
C PHE D 576 -46.72 -4.81 -17.70
N TRP D 577 -48.05 -4.73 -17.73
CA TRP D 577 -48.80 -3.69 -17.05
C TRP D 577 -48.72 -3.76 -15.53
N GLY D 578 -48.06 -4.79 -14.97
CA GLY D 578 -47.84 -4.89 -13.54
C GLY D 578 -46.44 -5.27 -13.17
N ALA D 579 -45.49 -5.15 -14.10
CA ALA D 579 -44.10 -5.43 -13.78
C ALA D 579 -43.52 -4.31 -12.92
N PRO D 580 -42.53 -4.60 -12.08
CA PRO D 580 -41.99 -3.55 -11.21
C PRO D 580 -41.10 -2.51 -11.88
N VAL D 581 -41.06 -2.41 -13.20
CA VAL D 581 -40.63 -1.19 -13.87
C VAL D 581 -41.80 -0.30 -14.24
N THR D 582 -42.80 -0.88 -14.90
CA THR D 582 -43.89 -0.09 -15.46
C THR D 582 -44.81 0.48 -14.37
N ILE D 583 -44.77 -0.07 -13.17
CA ILE D 583 -45.46 0.60 -12.08
C ILE D 583 -44.64 1.78 -11.58
N PHE D 584 -43.31 1.69 -11.65
CA PHE D 584 -42.49 2.84 -11.29
C PHE D 584 -42.62 3.95 -12.32
N MET D 585 -42.58 3.60 -13.62
CA MET D 585 -42.79 4.62 -14.65
C MET D 585 -44.21 5.18 -14.60
N GLY D 586 -45.18 4.34 -14.26
CA GLY D 586 -46.53 4.83 -14.06
C GLY D 586 -46.64 5.80 -12.90
N ASN D 587 -45.87 5.56 -11.84
CA ASN D 587 -45.90 6.47 -10.72
C ASN D 587 -45.15 7.76 -11.03
N VAL D 588 -44.10 7.68 -11.85
CA VAL D 588 -43.34 8.88 -12.21
C VAL D 588 -44.15 9.76 -13.16
N VAL D 589 -44.71 9.17 -14.22
CA VAL D 589 -45.49 9.93 -15.19
C VAL D 589 -46.77 10.47 -14.55
N SER D 590 -47.37 9.68 -13.67
CA SER D 590 -48.53 10.17 -12.92
C SER D 590 -48.14 11.31 -11.99
N TYR D 591 -46.94 11.24 -11.41
CA TYR D 591 -46.55 12.27 -10.46
C TYR D 591 -46.19 13.57 -11.17
N LEU D 592 -45.55 13.48 -12.33
CA LEU D 592 -45.28 14.66 -13.13
C LEU D 592 -46.57 15.30 -13.64
N LEU D 593 -47.55 14.49 -14.00
CA LEU D 593 -48.85 15.06 -14.36
C LEU D 593 -49.52 15.70 -13.16
N PHE D 594 -49.23 15.19 -11.98
CA PHE D 594 -49.73 15.79 -10.77
C PHE D 594 -49.12 17.16 -10.57
N LEU D 595 -47.82 17.30 -10.85
CA LEU D 595 -47.16 18.60 -10.67
C LEU D 595 -47.61 19.61 -11.72
N LEU D 596 -47.86 19.16 -12.97
CA LEU D 596 -48.45 20.05 -13.96
C LEU D 596 -49.85 20.48 -13.54
N LEU D 597 -50.57 19.57 -12.92
CA LEU D 597 -51.90 19.87 -12.42
C LEU D 597 -51.86 20.88 -11.29
N PHE D 598 -50.84 20.79 -10.43
CA PHE D 598 -50.75 21.64 -9.26
C PHE D 598 -50.32 23.04 -9.66
N SER D 599 -49.35 23.13 -10.56
CA SER D 599 -48.95 24.44 -11.06
C SER D 599 -50.06 25.07 -11.90
N ARG D 600 -50.82 24.24 -12.61
CA ARG D 600 -51.97 24.74 -13.37
C ARG D 600 -53.04 25.28 -12.44
N VAL D 601 -53.14 24.72 -11.24
CA VAL D 601 -54.05 25.31 -10.26
C VAL D 601 -53.50 26.63 -9.72
N LEU D 602 -52.24 26.65 -9.28
CA LEU D 602 -51.73 27.82 -8.56
C LEU D 602 -51.55 29.04 -9.46
N LEU D 603 -51.03 28.84 -10.66
CA LEU D 603 -50.54 29.98 -11.42
C LEU D 603 -51.67 30.72 -12.12
N VAL D 604 -52.57 29.98 -12.75
CA VAL D 604 -53.67 30.57 -13.51
C VAL D 604 -54.96 30.61 -12.72
N ASP D 605 -55.35 29.49 -12.13
CA ASP D 605 -56.64 29.31 -11.48
C ASP D 605 -56.56 29.84 -10.05
N PHE D 606 -57.44 29.33 -9.17
CA PHE D 606 -57.35 29.38 -7.71
C PHE D 606 -57.85 30.73 -7.19
N GLN D 607 -58.48 31.52 -8.07
CA GLN D 607 -59.09 32.79 -7.65
C GLN D 607 -60.23 32.52 -6.67
N PRO D 608 -60.48 33.46 -5.71
CA PRO D 608 -61.43 33.19 -4.62
C PRO D 608 -62.87 33.01 -5.09
N ALA D 609 -63.29 31.75 -5.11
CA ALA D 609 -64.47 31.26 -5.80
C ALA D 609 -64.64 29.79 -5.38
N PRO D 610 -65.74 29.12 -5.71
CA PRO D 610 -65.75 27.66 -5.65
C PRO D 610 -64.78 27.06 -6.65
N PRO D 611 -64.30 25.84 -6.41
CA PRO D 611 -63.33 25.24 -7.34
C PRO D 611 -63.96 24.88 -8.68
N GLY D 612 -63.53 25.58 -9.72
CA GLY D 612 -64.13 25.46 -11.03
C GLY D 612 -63.67 24.27 -11.85
N SER D 613 -63.98 23.06 -11.38
CA SER D 613 -63.89 21.77 -12.06
C SER D 613 -62.45 21.32 -12.33
N LEU D 614 -61.43 22.09 -11.99
CA LEU D 614 -60.06 21.67 -12.20
C LEU D 614 -59.28 21.62 -10.90
N GLU D 615 -59.64 22.45 -9.93
CA GLU D 615 -59.04 22.37 -8.60
C GLU D 615 -59.53 21.16 -7.83
N LEU D 616 -60.65 20.55 -8.24
CA LEU D 616 -61.16 19.38 -7.54
C LEU D 616 -60.31 18.14 -7.82
N LEU D 617 -59.60 18.13 -8.95
CA LEU D 617 -58.71 17.02 -9.24
C LEU D 617 -57.52 17.00 -8.27
N LEU D 618 -57.20 18.14 -7.66
CA LEU D 618 -56.26 18.13 -6.55
C LEU D 618 -56.82 17.37 -5.36
N TYR D 619 -58.12 17.47 -5.15
CA TYR D 619 -58.65 16.85 -3.94
C TYR D 619 -58.86 15.36 -4.14
N PHE D 620 -59.35 14.98 -5.32
CA PHE D 620 -59.42 13.57 -5.68
C PHE D 620 -58.03 12.95 -5.77
N TRP D 621 -57.08 13.71 -6.31
CA TRP D 621 -55.72 13.20 -6.47
C TRP D 621 -55.05 13.04 -5.11
N ALA D 622 -55.08 14.09 -4.30
CA ALA D 622 -54.36 14.06 -3.04
C ALA D 622 -55.03 13.11 -2.05
N PHE D 623 -56.34 12.91 -2.17
CA PHE D 623 -56.96 11.85 -1.39
C PHE D 623 -56.49 10.49 -1.86
N THR D 624 -56.22 10.33 -3.16
CA THR D 624 -55.60 9.08 -3.58
C THR D 624 -54.14 8.97 -3.13
N LEU D 625 -53.45 10.08 -2.89
CA LEU D 625 -52.12 9.95 -2.31
C LEU D 625 -52.19 9.59 -0.83
N LEU D 626 -53.24 10.03 -0.14
CA LEU D 626 -53.50 9.49 1.20
C LEU D 626 -53.84 8.02 1.13
N CYS D 627 -54.51 7.59 0.07
CA CYS D 627 -54.75 6.16 -0.12
C CYS D 627 -53.49 5.40 -0.52
N GLU D 628 -52.44 6.09 -0.98
CA GLU D 628 -51.14 5.43 -1.08
C GLU D 628 -50.47 5.33 0.28
N GLU D 629 -50.45 6.44 1.03
CA GLU D 629 -49.62 6.49 2.22
C GLU D 629 -50.22 5.68 3.36
N LEU D 630 -51.54 5.51 3.36
CA LEU D 630 -52.10 4.63 4.37
C LEU D 630 -52.11 3.17 3.94
N ARG D 631 -51.99 2.88 2.65
CA ARG D 631 -51.83 1.49 2.25
C ARG D 631 -50.40 1.03 2.49
N GLN D 632 -49.44 1.92 2.27
CA GLN D 632 -48.04 1.57 2.49
C GLN D 632 -47.72 1.55 3.98
N GLY D 633 -48.46 2.29 4.78
CA GLY D 633 -48.24 2.35 6.21
C GLY D 633 -48.83 1.22 7.01
N LEU D 634 -49.40 0.21 6.36
CA LEU D 634 -50.04 -0.88 7.07
C LEU D 634 -49.54 -2.24 6.55
N ALA D 651 -49.74 -3.17 17.14
CA ALA D 651 -48.81 -4.29 17.13
C ALA D 651 -48.57 -4.76 15.72
N SER D 652 -49.66 -4.93 14.97
CA SER D 652 -49.59 -5.19 13.55
C SER D 652 -50.06 -4.01 12.71
N LEU D 653 -50.88 -3.12 13.29
CA LEU D 653 -51.26 -1.89 12.64
C LEU D 653 -50.88 -0.64 13.44
N SER D 654 -50.32 -0.81 14.64
CA SER D 654 -49.84 0.32 15.42
C SER D 654 -48.33 0.30 15.61
N GLN D 655 -47.70 -0.85 15.38
CA GLN D 655 -46.24 -0.90 15.37
C GLN D 655 -45.70 -0.73 13.95
N ARG D 656 -46.41 -1.28 12.97
CA ARG D 656 -46.05 -1.08 11.56
C ARG D 656 -46.21 0.39 11.18
N LEU D 657 -47.21 1.06 11.75
CA LEU D 657 -47.40 2.48 11.51
C LEU D 657 -46.38 3.31 12.29
N ARG D 658 -45.76 2.74 13.32
CA ARG D 658 -44.69 3.44 14.01
C ARG D 658 -43.37 3.31 13.26
N LEU D 659 -43.03 2.10 12.82
CA LEU D 659 -41.82 1.89 12.03
C LEU D 659 -41.94 2.50 10.64
N TYR D 660 -43.16 2.72 10.17
CA TYR D 660 -43.37 3.43 8.91
C TYR D 660 -42.96 4.89 9.02
N LEU D 661 -43.48 5.59 10.02
CA LEU D 661 -43.18 7.00 10.25
C LEU D 661 -41.90 7.20 11.05
N ALA D 662 -41.17 6.12 11.35
CA ALA D 662 -39.86 6.28 11.97
C ALA D 662 -38.81 6.69 10.95
N ASP D 663 -39.02 6.36 9.68
CA ASP D 663 -38.12 6.77 8.62
C ASP D 663 -38.16 8.28 8.46
N SER D 664 -36.97 8.90 8.50
CA SER D 664 -36.87 10.35 8.51
C SER D 664 -37.33 10.99 7.20
N TRP D 665 -37.32 10.25 6.11
CA TRP D 665 -37.88 10.83 4.89
C TRP D 665 -39.39 10.82 4.91
N ASN D 666 -39.99 9.71 5.34
CA ASN D 666 -41.37 9.45 5.00
C ASN D 666 -42.35 10.19 5.90
N GLN D 667 -41.86 10.84 6.96
CA GLN D 667 -42.73 11.70 7.75
C GLN D 667 -42.90 13.05 7.08
N CYS D 668 -41.98 13.41 6.19
CA CYS D 668 -42.08 14.67 5.45
C CYS D 668 -43.24 14.66 4.48
N ASP D 669 -43.69 13.48 4.06
CA ASP D 669 -44.90 13.41 3.24
C ASP D 669 -46.15 13.49 4.09
N LEU D 670 -46.06 13.14 5.37
CA LEU D 670 -47.15 13.45 6.28
C LEU D 670 -47.20 14.94 6.56
N VAL D 671 -46.04 15.61 6.54
CA VAL D 671 -46.01 17.06 6.57
C VAL D 671 -46.56 17.62 5.27
N ALA D 672 -46.33 16.93 4.15
CA ALA D 672 -46.77 17.43 2.86
C ALA D 672 -48.28 17.33 2.70
N LEU D 673 -48.86 16.19 3.08
CA LEU D 673 -50.29 16.01 2.89
C LEU D 673 -51.09 16.59 4.04
N THR D 674 -50.61 16.45 5.27
CA THR D 674 -51.27 17.07 6.39
C THR D 674 -51.09 18.59 6.41
N CYS D 675 -50.06 19.09 5.72
CA CYS D 675 -49.94 20.52 5.52
C CYS D 675 -50.70 20.96 4.27
N PHE D 676 -50.91 20.03 3.33
CA PHE D 676 -51.80 20.27 2.20
C PHE D 676 -53.22 20.54 2.67
N LEU D 677 -53.77 19.63 3.48
CA LEU D 677 -55.13 19.79 3.98
C LEU D 677 -55.28 20.92 4.99
N LEU D 678 -54.17 21.49 5.47
CA LEU D 678 -54.24 22.69 6.28
C LEU D 678 -54.34 23.94 5.42
N GLY D 679 -53.77 23.93 4.23
CA GLY D 679 -53.86 25.08 3.34
C GLY D 679 -55.16 25.05 2.57
N VAL D 680 -55.70 23.85 2.39
CA VAL D 680 -57.01 23.67 1.77
C VAL D 680 -58.11 24.31 2.60
N GLY D 681 -58.03 24.16 3.93
CA GLY D 681 -59.07 24.71 4.80
C GLY D 681 -59.09 26.22 4.79
N CYS D 682 -57.97 26.84 4.44
CA CYS D 682 -57.98 28.27 4.20
C CYS D 682 -58.72 28.61 2.91
N ARG D 683 -58.62 27.74 1.91
CA ARG D 683 -59.28 28.01 0.64
C ARG D 683 -60.78 27.81 0.74
N LEU D 684 -61.21 26.74 1.41
CA LEU D 684 -62.62 26.39 1.43
C LEU D 684 -63.41 27.37 2.27
N THR D 685 -62.80 27.93 3.28
CA THR D 685 -63.48 28.99 4.01
C THR D 685 -63.30 30.32 3.27
N PRO D 686 -64.34 31.15 3.22
CA PRO D 686 -64.18 32.49 2.65
C PRO D 686 -63.58 33.49 3.61
N GLY D 687 -63.36 33.10 4.87
CA GLY D 687 -62.92 34.05 5.87
C GLY D 687 -61.52 34.55 5.67
N LEU D 688 -60.62 33.69 5.18
CA LEU D 688 -59.23 34.08 4.98
C LEU D 688 -58.66 33.36 3.76
N TYR D 689 -58.53 34.10 2.68
CA TYR D 689 -57.68 33.76 1.56
C TYR D 689 -56.29 34.25 1.90
N HIS D 690 -55.33 34.02 1.00
CA HIS D 690 -53.91 34.41 1.07
C HIS D 690 -53.14 33.68 2.17
N LEU D 691 -53.77 32.85 2.98
CA LEU D 691 -53.05 31.80 3.69
C LEU D 691 -53.18 30.45 3.02
N GLY D 692 -54.14 30.31 2.12
CA GLY D 692 -54.19 29.09 1.33
C GLY D 692 -53.08 29.00 0.32
N ARG D 693 -52.82 30.10 -0.39
CA ARG D 693 -51.91 30.03 -1.53
C ARG D 693 -50.47 29.95 -1.06
N THR D 694 -50.14 30.58 0.07
CA THR D 694 -48.78 30.50 0.58
C THR D 694 -48.45 29.09 1.04
N VAL D 695 -49.34 28.49 1.83
CA VAL D 695 -49.13 27.14 2.33
C VAL D 695 -49.15 26.14 1.20
N LEU D 696 -49.97 26.36 0.18
CA LEU D 696 -49.90 25.50 -0.99
C LEU D 696 -48.64 25.70 -1.82
N CYS D 697 -48.04 26.89 -1.80
CA CYS D 697 -46.78 27.06 -2.51
C CYS D 697 -45.65 26.31 -1.82
N ILE D 698 -45.57 26.43 -0.49
CA ILE D 698 -44.56 25.67 0.23
C ILE D 698 -44.81 24.16 0.14
N ASP D 699 -46.09 23.76 0.12
CA ASP D 699 -46.42 22.36 -0.13
C ASP D 699 -46.07 21.93 -1.55
N PHE D 700 -46.07 22.84 -2.51
CA PHE D 700 -45.61 22.48 -3.85
C PHE D 700 -44.11 22.24 -3.85
N MET D 701 -43.38 23.01 -3.04
CA MET D 701 -41.95 22.73 -2.87
C MET D 701 -41.72 21.35 -2.28
N VAL D 702 -42.44 20.99 -1.22
CA VAL D 702 -42.23 19.70 -0.58
C VAL D 702 -42.64 18.56 -1.52
N PHE D 703 -43.71 18.78 -2.30
CA PHE D 703 -44.13 17.82 -3.30
C PHE D 703 -43.09 17.61 -4.40
N THR D 704 -42.41 18.65 -4.86
CA THR D 704 -41.39 18.43 -5.87
C THR D 704 -40.09 17.90 -5.28
N VAL D 705 -39.82 18.15 -4.00
CA VAL D 705 -38.65 17.55 -3.39
C VAL D 705 -38.87 16.06 -3.13
N ARG D 706 -40.13 15.61 -3.09
CA ARG D 706 -40.36 14.15 -3.04
C ARG D 706 -39.94 13.45 -4.34
N LEU D 707 -39.89 14.20 -5.45
CA LEU D 707 -39.53 13.60 -6.72
C LEU D 707 -38.07 13.17 -6.77
N LEU D 708 -37.23 13.71 -5.88
CA LEU D 708 -35.90 13.16 -5.70
C LEU D 708 -35.96 11.77 -5.07
N HIS D 709 -36.77 11.61 -4.03
CA HIS D 709 -36.85 10.33 -3.34
C HIS D 709 -37.50 9.25 -4.19
N ILE D 710 -38.36 9.64 -5.14
CA ILE D 710 -38.88 8.65 -6.08
C ILE D 710 -37.75 8.11 -6.95
N PHE D 711 -36.80 8.97 -7.33
CA PHE D 711 -35.72 8.55 -8.20
C PHE D 711 -34.50 8.03 -7.46
N THR D 712 -34.68 7.42 -6.28
CA THR D 712 -33.56 6.76 -5.64
C THR D 712 -33.27 5.39 -6.23
N VAL D 713 -34.11 4.90 -7.15
CA VAL D 713 -33.96 3.57 -7.72
C VAL D 713 -33.53 3.78 -9.16
N ASN D 714 -32.22 3.87 -9.39
CA ASN D 714 -31.62 3.91 -10.71
C ASN D 714 -30.18 3.45 -10.57
N LYS D 715 -29.67 2.87 -11.65
CA LYS D 715 -28.25 2.53 -11.64
C LYS D 715 -27.39 3.76 -11.92
N GLN D 716 -27.98 4.80 -12.48
CA GLN D 716 -27.25 5.98 -12.94
C GLN D 716 -27.54 7.22 -12.09
N LEU D 717 -28.81 7.45 -11.77
CA LEU D 717 -29.23 8.62 -11.02
C LEU D 717 -29.47 8.17 -9.57
N GLY D 718 -28.60 7.27 -9.14
CA GLY D 718 -28.86 6.41 -8.02
C GLY D 718 -28.17 6.91 -6.77
N PRO D 719 -26.96 6.41 -6.54
CA PRO D 719 -26.24 6.73 -5.29
C PRO D 719 -25.97 8.20 -5.08
N LYS D 720 -25.99 9.01 -6.14
CA LYS D 720 -25.66 10.43 -6.04
C LYS D 720 -26.67 11.16 -5.17
N ILE D 721 -27.95 10.81 -5.30
CA ILE D 721 -29.00 11.41 -4.47
C ILE D 721 -28.84 11.02 -3.01
N VAL D 722 -28.33 9.81 -2.75
CA VAL D 722 -28.03 9.42 -1.38
C VAL D 722 -26.84 10.20 -0.86
N ILE D 723 -25.85 10.47 -1.71
CA ILE D 723 -24.63 11.14 -1.25
C ILE D 723 -24.88 12.63 -0.97
N VAL D 724 -25.86 13.24 -1.66
CA VAL D 724 -26.18 14.66 -1.40
C VAL D 724 -26.68 14.86 0.03
N SER D 725 -27.42 13.89 0.55
CA SER D 725 -27.89 14.02 1.93
C SER D 725 -26.80 13.75 2.95
N LYS D 726 -25.75 13.01 2.59
CA LYS D 726 -24.67 12.74 3.52
C LYS D 726 -23.70 13.90 3.67
N MET D 727 -23.83 14.93 2.84
CA MET D 727 -22.86 16.03 2.80
C MET D 727 -23.46 17.33 3.28
N MET D 728 -24.64 17.31 3.90
CA MET D 728 -25.25 18.52 4.42
C MET D 728 -24.59 19.02 5.70
N LYS D 729 -23.79 18.18 6.36
CA LYS D 729 -23.10 18.60 7.57
C LYS D 729 -22.08 19.69 7.31
N ASP D 730 -21.39 19.64 6.17
CA ASP D 730 -20.47 20.71 5.79
C ASP D 730 -21.23 21.99 5.45
N VAL D 731 -22.44 21.85 4.91
CA VAL D 731 -23.30 23.00 4.68
C VAL D 731 -23.69 23.62 6.01
N PHE D 732 -23.88 22.81 7.05
CA PHE D 732 -24.19 23.41 8.33
C PHE D 732 -22.97 24.03 8.99
N PHE D 733 -21.77 23.55 8.73
CA PHE D 733 -20.60 24.26 9.25
C PHE D 733 -20.41 25.60 8.55
N PHE D 734 -20.49 25.61 7.22
CA PHE D 734 -20.39 26.85 6.46
C PHE D 734 -21.49 27.83 6.85
N LEU D 735 -22.68 27.31 7.07
CA LEU D 735 -23.80 28.14 7.49
C LEU D 735 -23.59 28.67 8.90
N PHE D 736 -22.86 27.93 9.73
CA PHE D 736 -22.46 28.47 11.03
C PHE D 736 -21.43 29.58 10.88
N PHE D 737 -20.48 29.43 9.96
CA PHE D 737 -19.41 30.41 9.85
C PHE D 737 -19.92 31.70 9.23
N LEU D 738 -20.89 31.61 8.33
CA LEU D 738 -21.61 32.83 7.96
C LEU D 738 -22.54 33.30 9.06
N GLY D 739 -23.00 32.40 9.92
CA GLY D 739 -23.78 32.80 11.08
C GLY D 739 -23.01 33.66 12.05
N VAL D 740 -21.69 33.54 12.06
CA VAL D 740 -20.84 34.48 12.79
C VAL D 740 -20.48 35.69 11.94
N TRP D 741 -20.02 35.47 10.72
CA TRP D 741 -19.35 36.52 9.98
C TRP D 741 -20.33 37.51 9.35
N LEU D 742 -21.54 37.07 9.00
CA LEU D 742 -22.59 38.00 8.59
C LEU D 742 -23.04 38.90 9.72
N VAL D 743 -22.98 38.41 10.96
CA VAL D 743 -23.33 39.28 12.08
C VAL D 743 -22.21 40.26 12.33
N ALA D 744 -20.96 39.82 12.16
CA ALA D 744 -19.82 40.70 12.41
C ALA D 744 -19.75 41.83 11.40
N TYR D 745 -19.57 41.49 10.12
CA TYR D 745 -19.57 42.51 9.08
C TYR D 745 -20.94 43.16 8.94
N GLY D 746 -21.99 42.41 9.25
CA GLY D 746 -23.34 42.91 9.04
C GLY D 746 -23.71 44.03 9.99
N VAL D 747 -23.52 43.81 11.28
CA VAL D 747 -23.84 44.85 12.24
C VAL D 747 -22.77 45.91 12.25
N ALA D 748 -21.51 45.50 12.10
CA ALA D 748 -20.43 46.49 12.12
C ALA D 748 -20.37 47.31 10.86
N THR D 749 -21.10 46.92 9.81
CA THR D 749 -21.29 47.82 8.67
C THR D 749 -22.05 49.07 9.11
N GLU D 750 -23.14 48.88 9.85
CA GLU D 750 -23.78 50.03 10.46
C GLU D 750 -23.02 50.42 11.71
N GLY D 751 -23.44 51.52 12.30
CA GLY D 751 -22.58 52.13 13.28
C GLY D 751 -21.54 53.00 12.62
N LEU D 752 -20.68 52.39 11.80
CA LEU D 752 -19.76 53.14 10.95
C LEU D 752 -20.52 54.08 10.01
N LEU D 753 -21.50 53.55 9.29
CA LEU D 753 -22.22 54.39 8.34
C LEU D 753 -23.49 54.96 8.98
N ARG D 754 -24.10 54.20 9.90
CA ARG D 754 -25.20 54.63 10.75
C ARG D 754 -26.39 55.28 10.03
N PRO D 755 -27.30 54.50 9.46
CA PRO D 755 -28.41 55.07 8.70
C PRO D 755 -29.36 55.90 9.56
N ARG D 756 -30.21 56.64 8.84
CA ARG D 756 -31.23 57.53 9.37
C ARG D 756 -32.50 56.82 9.82
N ASP D 757 -33.38 57.57 10.45
CA ASP D 757 -34.61 57.02 11.01
C ASP D 757 -35.13 55.86 10.17
N SER D 758 -35.01 54.67 10.73
CA SER D 758 -35.16 53.42 10.01
C SER D 758 -35.68 52.35 10.97
N ASP D 759 -36.64 51.57 10.48
CA ASP D 759 -37.36 50.64 11.32
C ASP D 759 -36.49 49.41 11.62
N PHE D 760 -36.92 48.63 12.61
CA PHE D 760 -36.25 47.38 12.93
C PHE D 760 -36.17 46.37 11.78
N PRO D 761 -37.18 46.17 10.92
CA PRO D 761 -36.89 45.37 9.71
C PRO D 761 -35.96 46.06 8.73
N SER D 762 -35.91 47.39 8.73
CA SER D 762 -34.95 48.06 7.85
C SER D 762 -33.53 47.97 8.37
N ILE D 763 -33.35 47.70 9.66
CA ILE D 763 -32.01 47.43 10.16
C ILE D 763 -31.69 45.96 10.03
N LEU D 764 -32.68 45.10 10.23
CA LEU D 764 -32.53 43.67 10.05
C LEU D 764 -32.53 43.26 8.58
N ARG D 765 -32.66 44.22 7.68
CA ARG D 765 -32.45 44.07 6.25
C ARG D 765 -31.07 44.51 5.84
N ARG D 766 -30.57 45.59 6.43
CA ARG D 766 -29.22 46.03 6.14
C ARG D 766 -28.19 45.09 6.75
N VAL D 767 -28.58 44.36 7.79
CA VAL D 767 -27.83 43.20 8.25
C VAL D 767 -28.57 41.99 7.70
N PHE D 768 -27.86 40.90 7.47
CA PHE D 768 -28.34 39.56 7.13
C PHE D 768 -28.86 39.43 5.71
N TYR D 769 -29.09 40.52 4.99
CA TYR D 769 -29.59 40.39 3.63
C TYR D 769 -28.72 41.11 2.63
N ARG D 770 -28.40 42.37 2.86
CA ARG D 770 -27.33 42.99 2.09
C ARG D 770 -25.97 42.33 2.28
N PRO D 771 -25.53 41.92 3.49
CA PRO D 771 -24.27 41.17 3.53
C PRO D 771 -24.40 39.74 3.05
N TYR D 772 -25.60 39.20 2.94
CA TYR D 772 -25.73 37.86 2.37
C TYR D 772 -25.56 37.90 0.87
N LEU D 773 -26.05 38.94 0.23
CA LEU D 773 -25.90 39.04 -1.21
C LEU D 773 -24.58 39.65 -1.64
N GLN D 774 -23.71 40.00 -0.70
CA GLN D 774 -22.35 40.38 -1.09
C GLN D 774 -21.58 39.17 -1.60
N ILE D 775 -21.94 38.01 -1.06
CA ILE D 775 -21.30 36.75 -1.40
C ILE D 775 -21.59 36.32 -2.82
N PHE D 776 -22.83 36.45 -3.24
CA PHE D 776 -23.16 36.07 -4.60
C PHE D 776 -23.04 37.35 -5.41
N GLY D 777 -22.12 37.33 -6.37
CA GLY D 777 -21.81 38.47 -7.22
C GLY D 777 -22.70 39.70 -7.24
N GLN D 778 -23.44 39.93 -6.16
CA GLN D 778 -24.31 41.08 -6.07
C GLN D 778 -23.81 42.02 -4.99
N ILE D 779 -23.48 43.24 -5.39
CA ILE D 779 -23.00 44.25 -4.47
C ILE D 779 -23.61 45.59 -4.84
N PRO D 780 -24.13 46.31 -3.85
CA PRO D 780 -24.72 47.62 -4.14
C PRO D 780 -23.69 48.69 -4.42
N GLN D 781 -22.74 48.91 -3.54
CA GLN D 781 -21.66 49.87 -3.79
C GLN D 781 -22.05 51.33 -3.75
N GLU D 782 -23.35 51.56 -3.71
CA GLU D 782 -23.89 52.89 -3.55
C GLU D 782 -24.66 53.04 -2.26
N ASP D 783 -25.20 51.97 -1.68
CA ASP D 783 -25.82 52.02 -0.36
C ASP D 783 -24.78 52.05 0.75
N MET D 784 -23.51 51.88 0.41
CA MET D 784 -22.38 52.26 1.23
C MET D 784 -21.46 53.05 0.31
N ASP D 785 -20.25 53.34 0.79
CA ASP D 785 -19.19 54.01 0.02
C ASP D 785 -19.66 55.37 -0.51
N VAL D 786 -19.84 56.29 0.45
CA VAL D 786 -20.38 57.63 0.26
C VAL D 786 -19.73 58.42 -0.87
N ALA D 787 -18.45 58.16 -1.18
CA ALA D 787 -17.79 58.83 -2.29
C ALA D 787 -18.44 58.53 -3.63
N LEU D 788 -19.10 57.39 -3.75
CA LEU D 788 -19.94 57.14 -4.92
C LEU D 788 -21.28 57.85 -4.81
N MET D 789 -21.77 58.02 -3.59
CA MET D 789 -23.09 58.61 -3.39
C MET D 789 -23.05 60.12 -3.60
N GLU D 790 -24.21 60.75 -3.50
CA GLU D 790 -24.31 62.20 -3.54
C GLU D 790 -23.69 62.79 -2.28
N HIS D 791 -22.71 63.66 -2.45
CA HIS D 791 -22.03 64.25 -1.30
C HIS D 791 -22.89 65.22 -0.52
N SER D 792 -23.97 65.69 -1.12
CA SER D 792 -24.79 66.70 -0.47
C SER D 792 -25.36 66.16 0.83
N ASN D 793 -25.71 67.07 1.74
CA ASN D 793 -26.25 66.75 3.07
C ASN D 793 -27.74 66.40 3.14
N CYS D 794 -28.10 65.47 4.03
CA CYS D 794 -29.50 65.06 4.20
C CYS D 794 -30.17 65.30 5.57
N SER D 795 -29.39 65.50 6.63
CA SER D 795 -29.99 65.69 7.96
C SER D 795 -29.29 66.75 8.81
N SER D 796 -29.98 67.25 9.83
CA SER D 796 -29.42 68.26 10.69
C SER D 796 -28.61 67.71 11.85
N GLU D 797 -28.36 66.40 11.88
CA GLU D 797 -27.53 65.84 12.92
C GLU D 797 -26.06 66.20 12.65
N PRO D 798 -25.23 66.30 13.69
CA PRO D 798 -23.82 66.66 13.45
C PRO D 798 -23.04 65.55 12.77
N GLY D 799 -22.21 65.95 11.80
CA GLY D 799 -21.47 65.00 10.99
C GLY D 799 -21.65 65.30 9.51
N PHE D 800 -21.16 64.42 8.65
CA PHE D 800 -21.31 64.62 7.21
C PHE D 800 -22.18 63.50 6.65
N TRP D 801 -23.30 63.90 6.05
CA TRP D 801 -24.39 62.97 5.76
C TRP D 801 -24.61 62.96 4.25
N ALA D 802 -25.09 61.84 3.73
CA ALA D 802 -24.95 61.64 2.30
C ALA D 802 -26.26 61.59 1.52
N HIS D 803 -27.28 60.88 2.03
CA HIS D 803 -28.47 60.46 1.29
C HIS D 803 -28.09 59.74 0.01
N PRO D 804 -27.68 58.47 0.09
CA PRO D 804 -27.33 57.75 -1.12
C PRO D 804 -28.59 57.35 -1.88
N PRO D 805 -28.45 56.99 -3.15
CA PRO D 805 -29.61 56.53 -3.91
C PRO D 805 -30.04 55.12 -3.48
N GLY D 806 -31.07 54.63 -4.16
CA GLY D 806 -31.68 53.37 -3.79
C GLY D 806 -32.82 53.57 -2.80
N ALA D 807 -33.58 52.50 -2.61
CA ALA D 807 -34.73 52.50 -1.72
C ALA D 807 -34.56 51.41 -0.67
N GLN D 808 -34.87 51.75 0.57
CA GLN D 808 -34.82 50.89 1.76
C GLN D 808 -33.43 50.30 2.00
N ALA D 809 -32.37 50.96 1.52
CA ALA D 809 -31.01 50.58 1.87
C ALA D 809 -30.17 51.78 2.26
N GLY D 810 -30.59 52.98 1.88
CA GLY D 810 -29.85 54.18 2.21
C GLY D 810 -30.57 54.97 3.27
N THR D 811 -31.31 55.99 2.84
CA THR D 811 -32.05 56.92 3.71
C THR D 811 -31.09 57.63 4.67
N CYS D 812 -30.27 58.51 4.09
CA CYS D 812 -29.43 59.49 4.80
C CYS D 812 -28.34 58.81 5.62
N VAL D 813 -27.52 58.02 4.93
CA VAL D 813 -26.34 57.41 5.50
C VAL D 813 -25.33 58.50 5.83
N SER D 814 -24.75 58.43 7.02
CA SER D 814 -23.71 59.40 7.39
C SER D 814 -22.37 58.94 6.84
N GLN D 815 -21.34 59.66 7.24
CA GLN D 815 -19.97 59.18 7.06
C GLN D 815 -19.08 59.85 8.10
N TYR D 816 -18.28 59.05 8.80
CA TYR D 816 -17.12 59.56 9.50
C TYR D 816 -15.86 58.92 8.96
N ALA D 817 -15.81 57.60 8.94
CA ALA D 817 -14.73 56.86 8.31
C ALA D 817 -15.34 55.93 7.29
N ASN D 818 -15.01 56.12 6.03
CA ASN D 818 -15.31 55.11 5.03
C ASN D 818 -14.06 54.51 4.44
N TRP D 819 -12.93 54.58 5.14
CA TRP D 819 -11.95 53.54 4.93
C TRP D 819 -12.34 52.29 5.68
N LEU D 820 -13.20 52.41 6.68
CA LEU D 820 -13.61 51.22 7.41
C LEU D 820 -14.80 50.53 6.76
N VAL D 821 -15.70 51.24 6.11
CA VAL D 821 -16.80 50.52 5.47
C VAL D 821 -16.31 49.86 4.20
N VAL D 822 -15.49 50.57 3.44
CA VAL D 822 -14.88 49.98 2.26
C VAL D 822 -13.86 48.91 2.64
N LEU D 823 -13.11 49.13 3.72
CA LEU D 823 -12.10 48.15 4.12
C LEU D 823 -12.75 46.89 4.69
N LEU D 824 -13.87 47.03 5.39
CA LEU D 824 -14.59 45.85 5.82
C LEU D 824 -15.37 45.22 4.69
N LEU D 825 -15.66 45.97 3.62
CA LEU D 825 -16.20 45.34 2.42
C LEU D 825 -15.15 44.47 1.75
N VAL D 826 -13.90 44.94 1.71
CA VAL D 826 -12.82 44.16 1.14
C VAL D 826 -12.53 42.93 1.98
N ILE D 827 -12.52 43.08 3.31
CA ILE D 827 -12.25 41.94 4.19
C ILE D 827 -13.40 40.94 4.15
N PHE D 828 -14.64 41.42 4.03
CA PHE D 828 -15.77 40.51 3.92
C PHE D 828 -15.73 39.75 2.61
N LEU D 829 -15.38 40.41 1.52
CA LEU D 829 -15.33 39.70 0.24
C LEU D 829 -14.13 38.76 0.18
N LEU D 830 -13.11 38.99 1.01
CA LEU D 830 -12.01 38.06 1.02
C LEU D 830 -12.29 36.87 1.93
N VAL D 831 -13.11 37.04 2.97
CA VAL D 831 -13.36 35.90 3.84
C VAL D 831 -14.51 35.05 3.30
N ALA D 832 -15.58 35.69 2.84
CA ALA D 832 -16.76 34.92 2.49
C ALA D 832 -16.79 34.48 1.03
N ASN D 833 -15.77 34.77 0.24
CA ASN D 833 -15.72 34.30 -1.13
C ASN D 833 -14.40 33.65 -1.49
N ILE D 834 -13.38 33.82 -0.66
CA ILE D 834 -12.07 33.25 -0.93
C ILE D 834 -11.59 32.32 0.17
N LEU D 835 -11.99 32.60 1.40
CA LEU D 835 -11.58 31.72 2.50
C LEU D 835 -12.68 30.74 2.88
N LEU D 836 -13.90 30.92 2.38
CA LEU D 836 -15.01 30.06 2.78
C LEU D 836 -15.49 29.12 1.68
N VAL D 837 -15.91 29.66 0.55
CA VAL D 837 -16.45 28.84 -0.51
C VAL D 837 -15.36 27.94 -1.08
N ASN D 838 -14.15 28.48 -1.19
CA ASN D 838 -13.01 27.70 -1.62
C ASN D 838 -12.48 26.79 -0.51
N LEU D 839 -13.17 26.73 0.61
CA LEU D 839 -12.92 25.75 1.66
C LEU D 839 -14.07 24.79 1.83
N LEU D 840 -15.30 25.21 1.50
CA LEU D 840 -16.37 24.24 1.31
C LEU D 840 -16.03 23.25 0.23
N ILE D 841 -15.44 23.71 -0.88
CA ILE D 841 -15.12 22.77 -1.94
C ILE D 841 -14.03 21.81 -1.50
N ALA D 842 -13.16 22.22 -0.57
CA ALA D 842 -12.27 21.28 0.08
C ALA D 842 -13.03 20.28 0.95
N MET D 843 -14.11 20.72 1.60
CA MET D 843 -14.82 19.80 2.49
C MET D 843 -15.68 18.81 1.72
N PHE D 844 -16.45 19.28 0.74
CA PHE D 844 -17.19 18.37 -0.12
C PHE D 844 -16.25 17.46 -0.89
N SER D 845 -15.16 18.04 -1.40
CA SER D 845 -14.21 17.25 -2.18
C SER D 845 -13.40 16.29 -1.32
N TYR D 846 -13.46 16.43 0.00
CA TYR D 846 -12.85 15.41 0.85
C TYR D 846 -13.87 14.36 1.26
N THR D 847 -15.07 14.77 1.68
CA THR D 847 -16.04 13.78 2.16
C THR D 847 -16.64 12.95 1.04
N PHE D 848 -16.54 13.40 -0.21
CA PHE D 848 -17.18 12.66 -1.29
C PHE D 848 -16.50 11.34 -1.58
N GLY D 849 -15.23 11.17 -1.22
CA GLY D 849 -14.58 9.90 -1.43
C GLY D 849 -15.06 8.82 -0.49
N LYS D 850 -14.94 9.12 0.80
CA LYS D 850 -15.33 8.16 1.84
C LYS D 850 -16.82 7.87 1.79
N VAL D 851 -17.62 8.94 1.69
CA VAL D 851 -19.05 8.82 1.55
C VAL D 851 -19.42 8.13 0.24
N GLN D 852 -18.61 8.31 -0.81
CA GLN D 852 -18.86 7.67 -2.09
C GLN D 852 -18.80 6.15 -1.98
N GLY D 853 -17.71 5.63 -1.42
CA GLY D 853 -17.62 4.18 -1.23
C GLY D 853 -18.67 3.61 -0.29
N ASN D 854 -18.74 4.18 0.92
CA ASN D 854 -19.58 3.59 1.95
C ASN D 854 -21.06 3.72 1.63
N SER D 855 -21.49 4.89 1.19
CA SER D 855 -22.91 5.06 0.90
C SER D 855 -23.29 4.55 -0.48
N ASP D 856 -22.32 4.33 -1.37
CA ASP D 856 -22.62 3.52 -2.54
C ASP D 856 -23.01 2.12 -2.13
N LEU D 857 -22.26 1.52 -1.20
CA LEU D 857 -22.60 0.19 -0.72
C LEU D 857 -23.91 0.19 0.07
N TYR D 858 -24.17 1.23 0.87
CA TYR D 858 -25.41 1.26 1.65
C TYR D 858 -26.63 1.49 0.76
N TRP D 859 -26.46 2.22 -0.34
CA TRP D 859 -27.53 2.28 -1.33
C TRP D 859 -27.78 0.93 -1.96
N LYS D 860 -26.70 0.23 -2.31
CA LYS D 860 -26.81 -1.13 -2.86
C LYS D 860 -27.55 -2.06 -1.92
N ALA D 861 -27.44 -1.85 -0.61
CA ALA D 861 -28.23 -2.63 0.33
C ALA D 861 -29.69 -2.17 0.38
N GLN D 862 -29.97 -0.87 0.28
CA GLN D 862 -31.37 -0.44 0.35
C GLN D 862 -32.16 -0.72 -0.92
N ARG D 863 -31.46 -1.10 -1.99
CA ARG D 863 -32.08 -1.32 -3.29
C ARG D 863 -33.19 -2.35 -3.24
N TYR D 864 -32.95 -3.50 -2.58
CA TYR D 864 -33.93 -4.60 -2.57
C TYR D 864 -35.22 -4.23 -1.87
N ARG D 865 -35.12 -3.50 -0.76
CA ARG D 865 -36.31 -2.98 -0.09
C ARG D 865 -37.07 -2.05 -1.03
N LEU D 866 -36.34 -1.26 -1.82
CA LEU D 866 -37.02 -0.45 -2.81
C LEU D 866 -37.55 -1.29 -3.98
N ILE D 867 -37.07 -2.51 -4.17
CA ILE D 867 -37.66 -3.34 -5.23
C ILE D 867 -38.97 -3.95 -4.75
N ARG D 868 -38.99 -4.36 -3.49
CA ARG D 868 -40.21 -4.92 -2.93
C ARG D 868 -41.33 -3.88 -2.81
N GLU D 869 -40.99 -2.65 -2.43
CA GLU D 869 -42.02 -1.65 -2.24
C GLU D 869 -42.49 -1.01 -3.54
N PHE D 870 -41.91 -1.38 -4.68
CA PHE D 870 -42.54 -1.16 -5.98
C PHE D 870 -43.04 -2.45 -6.59
N HIS D 871 -43.32 -3.45 -5.77
CA HIS D 871 -43.99 -4.66 -6.25
C HIS D 871 -45.32 -4.88 -5.57
N SER D 872 -45.49 -4.37 -4.35
CA SER D 872 -46.77 -4.35 -3.68
C SER D 872 -47.61 -3.14 -4.04
N ARG D 873 -47.12 -2.31 -4.94
CA ARG D 873 -47.90 -1.20 -5.44
C ARG D 873 -49.08 -1.71 -6.26
N PRO D 874 -50.19 -0.98 -6.29
CA PRO D 874 -51.41 -1.56 -6.84
C PRO D 874 -51.54 -1.54 -8.37
N ALA D 875 -50.44 -1.46 -9.11
CA ALA D 875 -50.39 -1.65 -10.56
C ALA D 875 -51.23 -0.62 -11.31
N LEU D 876 -50.69 0.61 -11.31
CA LEU D 876 -51.22 1.80 -11.98
C LEU D 876 -52.55 2.21 -11.36
N ALA D 877 -52.51 2.42 -10.05
CA ALA D 877 -53.54 3.09 -9.28
C ALA D 877 -53.51 4.64 -9.29
N PRO D 878 -52.38 5.34 -9.08
CA PRO D 878 -52.46 6.82 -8.91
C PRO D 878 -52.84 7.64 -10.15
N PRO D 879 -52.44 7.29 -11.46
CA PRO D 879 -52.82 8.22 -12.55
C PRO D 879 -54.32 8.33 -12.78
N PHE D 880 -54.99 7.19 -12.87
CA PHE D 880 -56.43 7.13 -12.85
C PHE D 880 -56.93 7.24 -11.42
N ILE D 881 -58.20 6.87 -11.25
CA ILE D 881 -58.71 6.63 -9.91
C ILE D 881 -57.93 5.48 -9.29
N VAL D 882 -57.82 5.50 -7.96
CA VAL D 882 -57.32 4.31 -7.30
C VAL D 882 -58.55 3.44 -7.09
N ILE D 883 -58.89 2.69 -8.14
CA ILE D 883 -59.96 1.70 -8.06
C ILE D 883 -59.50 0.54 -7.19
N SER D 884 -58.21 0.26 -7.20
CA SER D 884 -57.68 -0.89 -6.48
C SER D 884 -57.62 -0.66 -4.98
N HIS D 885 -57.87 0.57 -4.50
CA HIS D 885 -58.22 0.70 -3.10
C HIS D 885 -59.59 0.11 -2.81
N LEU D 886 -60.54 0.27 -3.73
CA LEU D 886 -61.84 -0.33 -3.56
C LEU D 886 -61.78 -1.83 -3.80
N ARG D 887 -60.93 -2.26 -4.74
CA ARG D 887 -60.72 -3.69 -4.98
C ARG D 887 -60.07 -4.36 -3.77
N LEU D 888 -59.01 -3.75 -3.24
CA LEU D 888 -58.35 -4.24 -2.04
C LEU D 888 -59.07 -3.84 -0.76
N LEU D 889 -60.25 -3.25 -0.87
CA LEU D 889 -61.18 -3.18 0.26
C LEU D 889 -62.26 -4.24 0.16
N LEU D 890 -62.71 -4.55 -1.08
CA LEU D 890 -63.62 -5.67 -1.31
C LEU D 890 -62.95 -7.01 -1.07
N ARG D 891 -61.61 -7.07 -1.08
CA ARG D 891 -60.94 -8.28 -0.61
C ARG D 891 -60.89 -8.37 0.92
N GLN D 892 -61.49 -7.41 1.63
CA GLN D 892 -61.60 -7.44 3.08
C GLN D 892 -63.05 -7.45 3.54
N LEU D 893 -63.94 -8.06 2.77
CA LEU D 893 -65.36 -8.14 3.14
C LEU D 893 -65.92 -9.52 2.81
N LYS D 916 -39.52 -30.98 -3.27
CA LYS D 916 -39.44 -31.70 -4.53
C LYS D 916 -38.11 -32.41 -4.68
N GLU D 917 -38.01 -33.23 -5.73
CA GLU D 917 -36.74 -33.88 -6.05
C GLU D 917 -35.73 -32.88 -6.59
N ALA D 918 -36.19 -31.90 -7.36
CA ALA D 918 -35.29 -30.88 -7.89
C ALA D 918 -34.75 -29.97 -6.79
N GLU D 919 -35.49 -29.83 -5.69
CA GLU D 919 -34.97 -29.08 -4.55
C GLU D 919 -33.81 -29.82 -3.91
N ARG D 920 -33.93 -31.14 -3.78
CA ARG D 920 -32.80 -31.93 -3.32
C ARG D 920 -31.65 -31.92 -4.32
N LYS D 921 -31.96 -31.75 -5.61
CA LYS D 921 -30.89 -31.58 -6.60
C LYS D 921 -30.16 -30.25 -6.39
N LEU D 922 -30.90 -29.19 -6.04
CA LEU D 922 -30.27 -27.92 -5.71
C LEU D 922 -29.42 -28.03 -4.45
N LEU D 923 -29.92 -28.74 -3.44
CA LEU D 923 -29.16 -28.83 -2.20
C LEU D 923 -27.89 -29.67 -2.37
N THR D 924 -27.95 -30.75 -3.16
CA THR D 924 -26.71 -31.50 -3.36
C THR D 924 -25.77 -30.76 -4.30
N TRP D 925 -26.29 -29.91 -5.19
CA TRP D 925 -25.43 -29.08 -6.01
C TRP D 925 -24.72 -28.03 -5.16
N GLU D 926 -25.47 -27.41 -4.25
CA GLU D 926 -24.91 -26.44 -3.33
C GLU D 926 -23.88 -27.07 -2.41
N SER D 927 -24.11 -28.31 -1.98
CA SER D 927 -23.12 -28.96 -1.14
C SER D 927 -21.88 -29.35 -1.93
N VAL D 928 -22.02 -29.62 -3.23
CA VAL D 928 -20.85 -29.90 -4.05
C VAL D 928 -19.98 -28.65 -4.20
N HIS D 929 -20.59 -27.51 -4.53
CA HIS D 929 -19.77 -26.30 -4.56
C HIS D 929 -19.33 -25.82 -3.19
N LYS D 930 -19.97 -26.28 -2.11
CA LYS D 930 -19.49 -25.94 -0.79
C LYS D 930 -18.25 -26.74 -0.43
N GLU D 931 -18.21 -28.03 -0.79
CA GLU D 931 -17.00 -28.82 -0.59
C GLU D 931 -15.86 -28.31 -1.46
N ASN D 932 -16.13 -28.05 -2.73
CA ASN D 932 -15.10 -27.53 -3.61
C ASN D 932 -14.76 -26.07 -3.32
N PHE D 933 -15.56 -25.38 -2.51
CA PHE D 933 -15.09 -24.12 -1.97
C PHE D 933 -14.18 -24.31 -0.76
N LEU D 934 -14.52 -25.26 0.11
CA LEU D 934 -13.71 -25.44 1.32
C LEU D 934 -12.35 -26.06 1.06
N LEU D 935 -12.17 -26.76 -0.07
CA LEU D 935 -10.81 -27.22 -0.37
C LEU D 935 -9.92 -26.07 -0.82
N ALA D 936 -10.44 -25.17 -1.66
CA ALA D 936 -9.70 -23.98 -2.02
C ALA D 936 -9.54 -23.03 -0.83
N ARG D 937 -10.44 -23.10 0.16
CA ARG D 937 -10.16 -22.54 1.46
C ARG D 937 -9.00 -23.26 2.12
N ALA D 938 -8.87 -24.56 1.87
CA ALA D 938 -7.74 -25.34 2.39
C ALA D 938 -6.60 -25.43 1.39
N ARG D 939 -6.43 -24.39 0.58
CA ARG D 939 -5.11 -24.01 0.09
C ARG D 939 -4.41 -23.07 1.06
N ASP D 940 -4.94 -22.94 2.28
CA ASP D 940 -4.19 -22.46 3.43
C ASP D 940 -3.05 -23.40 3.78
N LYS D 941 -3.18 -24.68 3.43
CA LYS D 941 -2.15 -25.66 3.70
C LYS D 941 -0.90 -25.41 2.85
N ARG D 942 -1.09 -24.88 1.64
CA ARG D 942 0.04 -24.54 0.79
C ARG D 942 0.44 -23.08 0.89
N GLU D 943 -0.10 -22.35 1.86
CA GLU D 943 0.29 -20.96 2.03
C GLU D 943 1.66 -20.88 2.68
N SER D 944 2.59 -20.21 2.02
CA SER D 944 3.95 -20.11 2.50
C SER D 944 4.14 -19.34 3.79
N ASP D 945 3.16 -18.52 4.15
CA ASP D 945 3.34 -17.64 5.30
C ASP D 945 3.57 -18.43 6.56
N SER D 946 2.59 -19.25 6.95
CA SER D 946 2.69 -19.94 8.22
C SER D 946 2.80 -21.44 8.05
N GLU D 947 1.87 -22.03 7.29
CA GLU D 947 1.66 -23.48 7.34
C GLU D 947 2.84 -24.24 6.75
N ARG D 948 3.40 -23.75 5.65
CA ARG D 948 4.53 -24.44 5.05
C ARG D 948 5.79 -24.26 5.89
N LEU D 949 5.98 -23.04 6.39
CA LEU D 949 7.13 -22.72 7.23
C LEU D 949 7.13 -23.46 8.56
N LYS D 950 5.99 -23.51 9.23
CA LYS D 950 5.92 -24.25 10.49
C LYS D 950 5.88 -25.75 10.27
N ARG D 951 5.43 -26.19 9.08
CA ARG D 951 5.61 -27.59 8.72
C ARG D 951 7.08 -27.94 8.59
N THR D 952 7.88 -27.05 7.99
CA THR D 952 9.32 -27.30 7.96
C THR D 952 9.93 -27.27 9.34
N SER D 953 9.42 -26.42 10.24
CA SER D 953 9.96 -26.39 11.59
C SER D 953 9.69 -27.69 12.32
N GLN D 954 8.47 -28.21 12.21
CA GLN D 954 8.12 -29.43 12.93
C GLN D 954 8.80 -30.65 12.34
N LYS D 955 9.01 -30.67 11.02
CA LYS D 955 9.71 -31.82 10.44
C LYS D 955 11.21 -31.75 10.74
N VAL D 956 11.74 -30.54 10.93
CA VAL D 956 13.10 -30.42 11.44
C VAL D 956 13.17 -30.88 12.89
N ASP D 957 12.10 -30.68 13.67
CA ASP D 957 12.06 -31.17 15.04
C ASP D 957 12.06 -32.70 15.09
N LEU D 958 11.33 -33.34 14.17
CA LEU D 958 11.41 -34.79 14.07
C LEU D 958 12.80 -35.23 13.62
N ALA D 959 13.47 -34.43 12.80
CA ALA D 959 14.84 -34.73 12.43
C ALA D 959 15.78 -34.64 13.63
N LEU D 960 15.52 -33.71 14.56
CA LEU D 960 16.37 -33.59 15.75
C LEU D 960 16.11 -34.72 16.74
N LYS D 961 14.84 -35.14 16.89
CA LYS D 961 14.54 -36.28 17.73
C LYS D 961 15.19 -37.55 17.18
N GLN D 962 15.07 -37.73 15.88
CA GLN D 962 15.63 -38.90 15.21
C GLN D 962 17.14 -38.89 15.37
N LEU D 963 17.74 -37.71 15.24
CA LEU D 963 19.18 -37.61 15.39
C LEU D 963 19.54 -38.01 16.81
N GLY D 964 18.73 -37.58 17.77
CA GLY D 964 19.01 -37.93 19.16
C GLY D 964 18.97 -39.42 19.40
N HIS D 965 18.02 -40.11 18.76
CA HIS D 965 17.97 -41.57 18.86
C HIS D 965 19.19 -42.23 18.23
N ILE D 966 19.61 -41.79 17.05
CA ILE D 966 20.75 -42.49 16.44
C ILE D 966 22.06 -42.05 17.08
N ARG D 967 22.09 -40.89 17.74
CA ARG D 967 23.30 -40.52 18.46
C ARG D 967 23.43 -41.32 19.75
N GLU D 968 22.31 -41.58 20.43
CA GLU D 968 22.33 -42.55 21.53
C GLU D 968 22.68 -43.95 21.04
N TYR D 969 22.28 -44.28 19.81
CA TYR D 969 22.65 -45.56 19.22
C TYR D 969 24.13 -45.59 18.86
N GLU D 970 24.81 -44.41 18.33
CA GLU D 970 26.27 -44.37 18.21
C GLU D 970 26.93 -44.49 19.58
N GLN D 971 26.24 -44.04 20.86
CA GLN D 971 26.76 -44.11 22.31
C GLN D 971 26.75 -45.55 22.81
N ARG D 972 25.67 -46.28 22.56
CA ARG D 972 25.56 -47.66 23.00
C ARG D 972 26.48 -48.61 22.26
N LEU D 973 26.88 -48.26 21.03
CA LEU D 973 27.70 -49.13 20.21
C LEU D 973 29.16 -48.68 20.14
N LYS D 974 29.71 -48.15 21.23
CA LYS D 974 31.13 -47.83 21.30
C LYS D 974 31.89 -49.04 21.83
N VAL D 975 31.93 -50.08 21.00
CA VAL D 975 32.50 -51.36 21.38
C VAL D 975 33.72 -51.68 20.54
NA NA E . -21.14 37.20 -10.23
NA NA F . -11.18 19.71 -5.40
NA NA G . -9.08 16.00 -4.38
CAA Y01 H . -33.28 24.56 -18.69
CBA Y01 H . -34.23 25.74 -18.77
CAB Y01 H . -35.40 25.51 -17.83
CAN Y01 H . -34.77 25.87 -20.21
CAJ Y01 H . -35.77 27.01 -20.25
CAO Y01 H . -36.21 27.23 -21.69
CBB Y01 H . -36.17 28.72 -22.00
CAC Y01 H . -35.28 28.96 -23.20
CBE Y01 H . -37.58 29.17 -22.33
CAP Y01 H . -38.36 29.32 -21.02
CAQ Y01 H . -39.18 30.60 -21.17
CBG Y01 H . -39.05 30.90 -22.65
CBI Y01 H . -37.61 30.57 -22.88
CAE Y01 H . -36.67 31.52 -22.14
CAU Y01 H . -37.36 30.65 -24.37
CAS Y01 H . -37.66 32.09 -24.84
CBF Y01 H . -39.09 32.46 -24.47
CBD Y01 H . -39.27 32.34 -22.97
CAK Y01 H . -40.71 32.70 -22.60
CAI Y01 H . -41.20 33.87 -23.19
CAZ Y01 H . -40.64 34.43 -24.35
CAV Y01 H . -41.20 35.59 -24.87
CBH Y01 H . -39.51 33.87 -25.00
CAD Y01 H . -38.35 34.85 -24.79
CAT Y01 H . -39.79 33.72 -26.50
CAR Y01 H . -40.41 34.97 -27.12
CBC Y01 H . -41.63 35.35 -26.31
OAW Y01 H . -42.25 36.52 -26.87
CAY Y01 H . -43.29 37.04 -26.16
OAG Y01 H . -43.71 36.58 -25.10
CAM Y01 H . -43.93 38.28 -26.77
CAL Y01 H . -42.87 39.37 -26.99
CAX Y01 H . -43.32 40.71 -26.42
OAH Y01 H . -44.33 40.72 -25.69
OAF Y01 H . -42.63 41.71 -26.71
CAA Y01 I . -46.64 30.94 11.90
CBA Y01 I . -48.00 30.28 11.97
CAB Y01 I . -47.84 28.83 12.45
CAN Y01 I . -48.65 30.28 10.59
CAJ Y01 I . -50.17 30.17 10.74
CAO Y01 I . -50.80 31.56 10.69
CBB Y01 I . -50.31 32.40 11.87
CAC Y01 I . -48.91 32.95 11.56
CBE Y01 I . -51.30 33.56 12.13
CAP Y01 I . -50.68 34.64 13.03
CAQ Y01 I . -51.35 35.95 12.57
CBG Y01 I . -52.40 35.44 11.59
CBI Y01 I . -51.66 34.34 10.89
CAE Y01 I . -50.45 34.86 10.10
CAU Y01 I . -52.61 33.64 9.95
CAS Y01 I . -53.04 34.65 8.89
CBF Y01 I . -53.71 35.86 9.54
CBD Y01 I . -52.80 36.49 10.58
CAK Y01 I . -53.58 37.64 11.27
CAI Y01 I . -54.23 38.52 10.38
CAZ Y01 I . -54.48 38.19 9.04
CAV Y01 I . -55.13 39.13 8.24
CBH Y01 I . -54.01 36.95 8.48
CAD Y01 I . -52.69 37.26 7.77
CAT Y01 I . -54.98 36.38 7.46
CAR Y01 I . -55.35 37.43 6.43
CBC Y01 I . -56.06 38.53 7.18
OAW Y01 I . -56.46 39.55 6.27
CAY Y01 I . -57.44 40.34 6.80
OAG Y01 I . -58.62 40.29 6.44
CAM Y01 I . -56.98 41.28 7.91
CAL Y01 I . -58.13 41.50 8.90
CAX Y01 I . -58.13 40.39 9.95
OAH Y01 I . -58.13 39.22 9.54
OAF Y01 I . -58.16 40.75 11.15
CAA Y01 J . -30.66 30.93 5.75
CBA Y01 J . -29.92 29.64 6.10
CAB Y01 J . -29.46 28.97 4.80
CAN Y01 J . -30.86 28.71 6.85
CAJ Y01 J . -32.00 28.31 5.92
CAO Y01 J . -32.92 27.33 6.64
CBB Y01 J . -33.39 26.25 5.67
CAC Y01 J . -34.32 26.87 4.62
CBE Y01 J . -32.17 25.62 4.99
CAP Y01 J . -31.15 25.16 6.04
CAQ Y01 J . -30.42 23.99 5.35
CBG Y01 J . -31.14 23.85 4.02
CBI Y01 J . -32.53 24.30 4.36
CAE Y01 J . -33.22 23.35 5.34
CAU Y01 J . -33.32 24.38 3.07
CAS Y01 J . -33.43 22.97 2.50
CBF Y01 J . -32.05 22.37 2.27
CBD Y01 J . -31.21 22.42 3.54
CAK Y01 J . -29.81 21.88 3.22
CAI Y01 J . -29.80 20.67 2.49
CAZ Y01 J . -30.93 20.19 1.82
CAV Y01 J . -30.82 18.98 1.14
CBH Y01 J . -32.17 20.88 1.90
CAD Y01 J . -32.96 20.21 3.02
CAT Y01 J . -32.98 20.78 0.61
CAR Y01 J . -33.09 19.34 0.17
CBC Y01 J . -31.68 18.94 -0.14
OAW Y01 J . -31.64 17.63 -0.72
CAY Y01 J . -32.11 16.64 0.11
OAG Y01 J . -31.65 16.42 1.22
CAM Y01 J . -33.25 15.81 -0.47
CAL Y01 J . -32.69 14.73 -1.39
CAX Y01 J . -31.96 13.67 -0.56
OAH Y01 J . -32.22 12.47 -0.82
OAF Y01 J . -31.17 14.08 0.30
CAA Y01 K . -3.31 33.87 -42.99
CBA Y01 K . -4.34 33.02 -42.24
CAB Y01 K . -4.78 33.77 -40.98
CAN Y01 K . -3.72 31.68 -41.85
CAJ Y01 K . -4.73 30.84 -41.08
CAO Y01 K . -3.97 29.97 -40.07
CBB Y01 K . -3.20 30.91 -39.16
CAC Y01 K . -4.17 31.59 -38.19
CBE Y01 K . -2.11 30.14 -38.39
CAP Y01 K . -1.54 31.00 -37.25
CAQ Y01 K . -1.16 29.98 -36.16
CBG Y01 K . -1.34 28.67 -36.90
CBI Y01 K . -2.60 28.90 -37.67
CAE Y01 K . -3.81 29.15 -36.76
CAU Y01 K . -2.88 27.71 -38.56
CAS Y01 K . -3.05 26.48 -37.65
CBF Y01 K . -1.79 26.28 -36.82
CBD Y01 K . -1.52 27.51 -35.97
CAK Y01 K . -0.22 27.30 -35.19
CAI Y01 K . -0.05 26.04 -34.61
CAZ Y01 K . -0.85 24.94 -34.97
CAV Y01 K . -0.58 23.74 -34.32
CBH Y01 K . -1.93 25.06 -35.88
CAD Y01 K . -3.19 25.28 -35.07
CAT Y01 K . -2.11 23.81 -36.73
CAR Y01 K . -2.10 22.56 -35.87
CBC Y01 K . -0.74 22.52 -35.21
OAW Y01 K . -0.62 21.36 -34.37
CAY Y01 K . -0.33 20.24 -35.09
OAG Y01 K . -0.91 19.92 -36.13
CAM Y01 K . 0.76 19.37 -34.50
CAL Y01 K . 0.14 18.27 -33.64
CAX Y01 K . 1.21 17.27 -33.23
OAH Y01 K . 1.97 17.59 -32.30
OAF Y01 K . 1.25 16.19 -33.87
CAA Y01 L . -27.91 23.53 -29.89
CBA Y01 L . -26.48 23.29 -30.36
CAB Y01 L . -26.45 22.06 -31.28
CAN Y01 L . -25.58 23.04 -29.16
CAJ Y01 L . -24.12 23.18 -29.59
CAO Y01 L . -23.40 21.84 -29.40
CBB Y01 L . -24.16 20.77 -30.17
CAC Y01 L . -23.50 20.55 -31.52
CBE Y01 L . -24.25 19.51 -29.30
CAP Y01 L . -25.68 18.96 -29.27
CAQ Y01 L . -25.47 17.51 -28.78
CBG Y01 L . -23.94 17.38 -28.72
CBI Y01 L . -23.48 18.28 -29.81
CAE Y01 L . -23.94 17.76 -31.17
CAU Y01 L . -21.97 18.38 -29.77
CAS Y01 L . -21.41 16.97 -30.03
CBF Y01 L . -21.96 15.99 -28.98
CBD Y01 L . -23.48 15.99 -28.98
CAK Y01 L . -23.97 15.06 -27.86
CAI Y01 L . -23.31 13.81 -27.77
CAZ Y01 L . -22.09 13.59 -28.41
CAV Y01 L . -21.53 12.32 -28.28
CBH Y01 L . -21.47 14.56 -29.26
CAD Y01 L . -21.88 14.22 -30.69
CAT Y01 L . -19.96 14.54 -29.15
CAR Y01 L . -19.41 13.14 -29.29
CBC Y01 L . -20.02 12.34 -28.16
OAW Y01 L . -19.58 10.97 -28.23
CAY Y01 L . -18.47 10.83 -27.46
OAG Y01 L . -17.51 11.58 -27.49
CAM Y01 L . -18.51 9.64 -26.51
CAL Y01 L . -17.60 8.53 -27.04
CAX Y01 L . -18.01 7.20 -26.39
OAH Y01 L . -19.24 7.05 -26.16
OAF Y01 L . -17.11 6.37 -26.16
CAA Y01 M . -31.87 21.61 -20.44
CBA Y01 M . -30.66 22.54 -20.34
CAB Y01 M . -30.67 23.53 -21.50
CAN Y01 M . -29.37 21.73 -20.37
CAJ Y01 M . -29.38 20.75 -21.55
CAO Y01 M . -29.16 21.52 -22.85
CBB Y01 M . -28.15 20.79 -23.74
CAC Y01 M . -27.78 21.69 -24.93
CBE Y01 M . -26.90 20.43 -22.91
CAP Y01 M . -27.14 19.10 -22.19
CAQ Y01 M . -25.78 18.38 -22.22
CBG Y01 M . -24.85 19.44 -22.75
CBI Y01 M . -25.71 20.10 -23.77
CAE Y01 M . -26.10 19.18 -24.93
CAU Y01 M . -24.97 21.31 -24.31
CAS Y01 M . -23.73 20.83 -25.03
CBF Y01 M . -22.86 19.94 -24.14
CBD Y01 M . -23.67 18.84 -23.48
CAK Y01 M . -22.73 18.09 -22.52
CAI Y01 M . -21.53 17.65 -23.12
CAZ Y01 M . -21.03 18.24 -24.29
CAV Y01 M . -19.84 17.73 -24.82
CBH Y01 M . -21.75 19.24 -24.98
CAD Y01 M . -22.45 18.53 -26.12
CAT Y01 M . -20.85 20.29 -25.54
CAR Y01 M . -19.84 19.65 -26.45
CBC Y01 M . -18.99 18.73 -25.61
OAW Y01 M . -18.14 18.01 -26.53
CAY Y01 M . -17.31 17.09 -25.98
OAG Y01 M . -17.69 16.15 -25.28
CAM Y01 M . -15.84 17.27 -26.31
CAL Y01 M . -15.47 16.45 -27.54
CAX Y01 M . -15.22 15.01 -27.12
OAH Y01 M . -14.33 14.37 -27.73
OAF Y01 M . -15.91 14.57 -26.18
C1 NAG N . -53.87 53.76 -3.52
C2 NAG N . -53.49 55.17 -3.06
C3 NAG N . -54.22 55.56 -1.78
C4 NAG N . -55.71 55.34 -1.96
C5 NAG N . -55.96 53.89 -2.36
C6 NAG N . -57.45 53.64 -2.54
C7 NAG N . -51.46 54.72 -1.80
C8 NAG N . -50.03 55.14 -1.57
N2 NAG N . -52.05 55.28 -2.84
O1 NAG N . -53.29 53.33 -4.63
O3 NAG N . -53.96 56.94 -1.49
O4 NAG N . -56.39 55.62 -0.73
O5 NAG N . -55.28 53.60 -3.59
O6 NAG N . -57.70 52.22 -2.61
O7 NAG N . -52.03 53.93 -1.08
NA NA O . -23.76 41.33 -11.18
NA NA P . 9.41 -16.52 4.53
CAA Y01 Q . -33.75 19.29 -25.77
CBA Y01 Q . -34.85 19.90 -26.65
CAB Y01 Q . -34.81 19.22 -28.03
CAN Y01 Q . -34.59 21.40 -26.82
CAJ Y01 Q . -34.73 22.09 -25.46
CAO Y01 Q . -36.19 22.35 -25.16
CBB Y01 Q . -36.65 23.64 -25.86
CAC Y01 Q . -36.44 23.51 -27.36
CBE Y01 Q . -38.13 23.86 -25.58
CAP Y01 Q . -38.37 23.89 -24.07
CAQ Y01 Q . -39.49 24.92 -23.86
CBG Y01 Q . -39.88 25.30 -25.29
CBI Y01 Q . -38.55 25.23 -25.99
CAE Y01 Q . -37.59 26.31 -25.48
CAU Y01 Q . -38.79 25.41 -27.47
CAS Y01 Q . -39.37 26.82 -27.68
CBF Y01 Q . -40.66 27.00 -26.87
CBD Y01 Q . -40.40 26.70 -25.39
CAK Y01 Q . -41.75 26.80 -24.64
CAI Y01 Q . -42.46 27.99 -24.91
CAZ Y01 Q . -42.24 28.75 -26.06
CAV Y01 Q . -43.00 29.92 -26.21
CBH Y01 Q . -41.26 28.43 -27.03
CAD Y01 Q . -40.14 29.45 -26.92
CAT Y01 Q . -41.85 28.52 -28.42
CAR Y01 Q . -42.45 29.90 -28.65
CBC Y01 Q . -43.53 30.11 -27.63
OAW Y01 Q . -44.02 31.46 -27.73
CAY Y01 Q . -44.85 31.61 -28.79
OAG Y01 Q . -44.52 31.41 -29.96
CAM Y01 Q . -46.28 32.05 -28.45
CAL Y01 Q . -46.97 32.56 -29.71
CAX Y01 Q . -47.86 33.77 -29.35
OAH Y01 Q . -48.30 33.82 -28.19
OAF Y01 Q . -48.07 34.60 -30.26
CAA Y01 R . -9.18 37.36 -27.98
CBA Y01 R . -10.05 37.50 -26.74
CAB Y01 R . -10.92 36.25 -26.58
CAN Y01 R . -10.95 38.71 -26.90
CAJ Y01 R . -10.12 39.98 -26.74
CAO Y01 R . -9.49 40.34 -28.07
CBB Y01 R . -10.52 41.13 -28.88
CAC Y01 R . -11.61 40.16 -29.33
CBE Y01 R . -11.19 42.26 -28.08
CAP Y01 R . -10.28 42.84 -26.99
CAQ Y01 R . -10.63 44.34 -26.90
CBG Y01 R . -11.75 44.51 -27.91
CBI Y01 R . -11.38 43.48 -28.93
CAE Y01 R . -10.06 43.84 -29.66
CAU Y01 R . -12.50 43.39 -29.93
CAS Y01 R . -12.59 44.75 -30.64
CBF Y01 R . -12.80 45.88 -29.64
CBD Y01 R . -11.74 45.86 -28.55
CAK Y01 R . -12.09 46.96 -27.54
CAI Y01 R . -12.39 48.22 -28.10
CAZ Y01 R . -12.74 48.37 -29.45
CAV Y01 R . -13.01 49.66 -29.92
CBH Y01 R . -12.76 47.26 -30.35
CAD Y01 R . -11.47 47.31 -31.17
CAT Y01 R . -13.96 47.32 -31.29
CAR Y01 R . -14.15 48.70 -31.90
CBC Y01 R . -14.30 49.66 -30.74
OAW Y01 R . -14.60 50.98 -31.25
CAY Y01 R . -13.60 51.58 -31.95
OAG Y01 R . -12.55 51.03 -32.29
CAM Y01 R . -13.87 53.05 -32.28
CAL Y01 R . -15.37 53.29 -32.42
CAX Y01 R . -15.84 54.39 -31.45
OAH Y01 R . -14.97 55.08 -30.88
OAF Y01 R . -17.08 54.51 -31.30
CAA Y01 S . -36.60 22.28 -37.06
CBA Y01 S . -37.96 21.58 -37.18
CAB Y01 S . -38.52 21.77 -38.59
CAN Y01 S . -38.94 22.15 -36.14
CAJ Y01 S . -38.92 23.69 -36.17
CAO Y01 S . -39.48 24.23 -37.50
CBB Y01 S . -40.73 23.46 -37.93
CAC Y01 S . -41.70 23.34 -36.76
CBE Y01 S . -41.39 24.18 -39.11
CAP Y01 S . -42.82 23.65 -39.35
CAQ Y01 S . -43.59 24.86 -39.92
CBG Y01 S . -42.47 25.88 -40.12
CBI Y01 S . -41.63 25.65 -38.90
CAE Y01 S . -42.39 25.98 -37.59
CAU Y01 S . -40.39 26.51 -38.99
CAS Y01 S . -40.82 27.98 -39.01
CBF Y01 S . -41.76 28.24 -40.19
CBD Y01 S . -42.97 27.31 -40.13
CAK Y01 S . -43.85 27.56 -41.37
CAI Y01 S . -44.11 28.92 -41.65
CAZ Y01 S . -43.33 29.95 -41.10
CAV Y01 S . -43.66 31.27 -41.45
CBH Y01 S . -42.30 29.70 -40.16
CAD Y01 S . -42.88 29.94 -38.77
CAT Y01 S . -41.10 30.62 -40.35
CAR Y01 S . -41.55 32.06 -40.39
CBC Y01 S . -42.46 32.20 -41.58
OAW Y01 S . -42.91 33.57 -41.66
CAY Y01 S . -43.67 33.80 -42.77
OAG Y01 S . -43.21 34.05 -43.89
CAM Y01 S . -45.18 33.73 -42.53
CAL Y01 S . -45.90 33.42 -43.86
CAX Y01 S . -46.27 31.95 -43.89
OAH Y01 S . -45.47 31.17 -44.46
OAF Y01 S . -47.35 31.63 -43.35
CAA Y01 T . 11.02 54.50 3.93
CBA Y01 T . 9.59 54.18 4.38
CAB Y01 T . 9.59 53.92 5.88
CAN Y01 T . 9.09 52.94 3.63
CAJ Y01 T . 10.06 51.78 3.89
CAO Y01 T . 9.88 50.72 2.81
CBB Y01 T . 8.47 50.15 2.89
CAC Y01 T . 8.00 49.77 1.48
CBE Y01 T . 8.46 48.96 3.89
CAP Y01 T . 7.13 48.85 4.65
CAQ Y01 T . 7.18 47.41 5.21
CBG Y01 T . 8.45 46.83 4.58
CBI Y01 T . 8.53 47.56 3.28
CAE Y01 T . 7.36 47.16 2.37
CAU Y01 T . 9.84 47.22 2.62
CAS Y01 T . 9.85 45.71 2.33
CBF Y01 T . 9.66 44.93 3.63
CBD Y01 T . 8.38 45.35 4.32
CAK Y01 T . 8.26 44.57 5.65
CAI Y01 T . 8.55 43.21 5.57
CAZ Y01 T . 9.24 42.64 4.48
CAV Y01 T . 9.48 41.28 4.52
CBH Y01 T . 9.57 43.42 3.33
CAD Y01 T . 8.46 43.22 2.32
CAT Y01 T . 10.89 42.98 2.71
CAR Y01 T . 10.91 41.48 2.49
CBC Y01 T . 10.79 40.86 3.86
OAW Y01 T . 10.76 39.45 3.73
CAY Y01 T . 11.99 38.89 3.63
OAG Y01 T . 12.97 39.44 3.13
CAM Y01 T . 12.09 37.48 4.19
CAL Y01 T . 13.51 36.96 4.07
CAX Y01 T . 13.48 35.42 4.15
OAH Y01 T . 14.44 34.86 4.70
OAF Y01 T . 12.50 34.86 3.65
CAA Y01 U . -0.33 42.48 -22.05
CBA Y01 U . 0.98 42.37 -21.27
CAB Y01 U . 2.09 41.92 -22.22
CAN Y01 U . 0.82 41.35 -20.15
CAJ Y01 U . 2.18 41.11 -19.48
CAO Y01 U . 2.19 39.68 -18.96
CBB Y01 U . 3.63 39.22 -18.76
CAC Y01 U . 4.05 39.49 -17.32
CBE Y01 U . 3.69 37.72 -19.04
CAP Y01 U . 3.51 37.44 -20.54
CAQ Y01 U . 4.33 36.15 -20.79
CBG Y01 U . 4.72 35.77 -19.37
CBI Y01 U . 5.03 37.12 -18.76
CAE Y01 U . 6.18 37.85 -19.47
CAU Y01 U . 5.36 36.96 -17.30
CAS Y01 U . 6.58 36.05 -17.18
CBF Y01 U . 6.27 34.70 -17.83
CBD Y01 U . 5.93 34.89 -19.30
CAK Y01 U . 5.59 33.52 -19.91
CAI Y01 U . 6.44 32.45 -19.55
CAZ Y01 U . 7.33 32.55 -18.47
CAV Y01 U . 8.13 31.43 -18.19
CBH Y01 U . 7.49 33.76 -17.74
CAD Y01 U . 8.67 34.49 -18.37
CAT Y01 U . 7.76 33.52 -16.26
CAR Y01 U . 8.84 32.48 -16.05
CBC Y01 U . 8.33 31.22 -16.68
OAW Y01 U . 9.29 30.16 -16.46
CAY Y01 U . 8.97 28.96 -17.04
OAG Y01 U . 7.87 28.68 -17.52
CAM Y01 U . 10.10 27.92 -17.04
CAL Y01 U . 10.27 27.36 -15.64
CAX Y01 U . 11.10 26.07 -15.70
OAH Y01 U . 10.70 25.18 -16.50
OAF Y01 U . 12.11 26.00 -14.97
CAA Y01 V . -6.46 36.95 -23.40
CBA Y01 V . -6.40 35.54 -24.00
CAB Y01 V . -6.42 34.51 -22.87
CAN Y01 V . -5.12 35.39 -24.83
CAJ Y01 V . -3.90 35.84 -24.02
CAO Y01 V . -3.58 34.80 -22.95
CBB Y01 V . -2.27 35.12 -22.26
CAC Y01 V . -2.22 36.59 -21.84
CBE Y01 V . -2.18 34.22 -21.03
CAP Y01 V . -1.78 32.80 -21.45
CAQ Y01 V . -0.93 32.27 -20.28
CBG Y01 V . -1.11 33.38 -19.25
CBI Y01 V . -1.08 34.62 -20.10
CAE Y01 V . 0.26 34.79 -20.83
CAU Y01 V . -1.35 35.82 -19.23
CAS Y01 V . -0.25 35.89 -18.16
CBF Y01 V . -0.27 34.60 -17.35
CBD Y01 V . 0.00 33.41 -18.25
CAK Y01 V . -0.03 32.10 -17.44
CAI Y01 V . 0.49 32.16 -16.14
CAZ Y01 V . 0.86 33.37 -15.54
CAV Y01 V . 1.31 33.28 -14.20
CBH Y01 V . 0.82 34.59 -16.28
CAD Y01 V . 2.16 34.77 -16.97
CAT Y01 V . 0.59 35.77 -15.34
CAR Y01 V . 1.64 35.78 -14.19
CBC Y01 V . 2.27 34.41 -13.85
OAW Y01 V . 3.45 34.20 -14.59
CAY Y01 V . 4.14 33.26 -13.90
OAG Y01 V . 4.07 32.05 -14.12
CAM Y01 V . 5.02 33.79 -12.77
CAL Y01 V . 5.14 32.75 -11.66
CAX Y01 V . 6.39 31.90 -11.88
OAH Y01 V . 6.56 31.46 -13.04
OAF Y01 V . 7.14 31.71 -10.90
C1 NAG W . -43.67 50.33 -36.72
C2 NAG W . -44.80 50.62 -35.73
C3 NAG W . -46.13 50.05 -36.20
C4 NAG W . -46.40 50.50 -37.63
C5 NAG W . -45.23 50.09 -38.51
C6 NAG W . -45.49 50.50 -39.96
C7 NAG W . -45.36 49.88 -33.46
C8 NAG W . -45.83 51.11 -32.74
N2 NAG W . -44.46 50.07 -34.41
O1 NAG W . -42.49 51.03 -36.33
O3 NAG W . -47.18 50.51 -35.35
O4 NAG W . -47.60 49.89 -38.10
O5 NAG W . -44.03 50.71 -38.04
O6 NAG W . -44.60 49.77 -40.82
O7 NAG W . -45.78 48.76 -33.18
CAA Y01 X . -6.12 39.53 -30.72
CBA Y01 X . -4.76 40.19 -30.47
CAB Y01 X . -3.94 39.31 -29.54
CAN Y01 X . -4.97 41.55 -29.82
CAJ Y01 X . -5.42 42.56 -30.87
CAO Y01 X . -6.83 42.24 -31.31
CBB Y01 X . -7.19 43.07 -32.53
CAC Y01 X . -8.36 42.43 -33.27
CBE Y01 X . -7.59 44.47 -32.08
CAP Y01 X . -6.38 45.18 -31.48
CAQ Y01 X . -6.48 46.64 -31.95
CBG Y01 X . -7.85 46.71 -32.61
CBI Y01 X . -7.93 45.35 -33.25
CAE Y01 X . -6.91 45.21 -34.38
CAU Y01 X . -9.33 45.18 -33.78
CAS Y01 X . -9.54 46.21 -34.88
CBF Y01 X . -9.29 47.64 -34.38
CBD Y01 X . -7.94 47.76 -33.68
CAK Y01 X . -7.84 49.18 -33.10
CAI Y01 X . -8.08 50.19 -34.05
CAZ Y01 X . -8.83 49.96 -35.22
CAV Y01 X . -9.01 51.03 -36.10
CBH Y01 X . -9.37 48.69 -35.54
CAD Y01 X . -8.62 48.16 -36.75
CAT Y01 X . -10.84 48.84 -35.92
CAR Y01 X . -10.99 49.80 -37.07
CBC Y01 X . -10.44 51.15 -36.64
OAW Y01 X . -10.45 52.04 -37.76
CAY Y01 X . -11.65 52.66 -37.87
OAG Y01 X . -12.68 52.10 -38.26
CAM Y01 X . -11.66 54.13 -37.46
CAL Y01 X . -10.31 54.75 -37.81
CAX Y01 X . -10.26 56.21 -37.33
OAH Y01 X . -9.13 56.70 -37.14
OAF Y01 X . -11.36 56.80 -37.19
CAA Y01 Y . -5.08 47.00 0.19
CBA Y01 Y . -6.42 46.40 -0.24
CAB Y01 Y . -6.38 46.13 -1.75
CAN Y01 Y . -7.55 47.38 0.07
CAJ Y01 Y . -7.23 48.75 -0.52
CAO Y01 Y . -7.45 49.80 0.55
CBB Y01 Y . -8.76 50.50 0.28
CAC Y01 Y . -9.67 50.35 1.47
CBE Y01 Y . -8.45 51.98 0.07
CAP Y01 Y . -7.88 52.16 -1.33
CAQ Y01 Y . -8.49 53.46 -1.87
CBG Y01 Y . -9.15 54.03 -0.63
CBI Y01 Y . -9.71 52.81 0.02
CAE Y01 Y . -10.81 52.16 -0.82
CAU Y01 Y . -10.26 53.19 1.37
CAS Y01 Y . -11.37 54.21 1.15
CBF Y01 Y . -10.83 55.42 0.38
CBD Y01 Y . -10.28 54.96 -0.95
CAK Y01 Y . -9.73 56.16 -1.71
CAI Y01 Y . -10.56 57.29 -1.73
CAZ Y01 Y . -11.58 57.49 -0.81
CAV Y01 Y . -12.36 58.64 -0.91
CBH Y01 Y . -11.90 56.55 0.20
CAD Y01 Y . -13.24 55.92 -0.16
CAT Y01 Y . -12.02 57.24 1.55
CAR Y01 Y . -12.93 58.45 1.50
CBC Y01 Y . -12.42 59.38 0.42
OAW Y01 Y . -13.30 60.49 0.30
CAY Y01 Y . -12.64 61.58 -0.12
OAG Y01 Y . -11.83 61.57 -1.05
CAM Y01 Y . -12.95 62.87 0.65
CAL Y01 Y . -14.46 63.07 0.69
CAX Y01 Y . -14.82 64.21 1.66
OAH Y01 Y . -14.67 63.98 2.88
OAF Y01 Y . -15.22 65.28 1.16
CAA Y01 Z . 4.86 46.08 -33.22
CBA Y01 Z . 3.94 47.05 -32.48
CAB Y01 Z . 2.56 47.02 -33.12
CAN Y01 Z . 4.53 48.45 -32.58
CAJ Y01 Z . 3.52 49.47 -32.01
CAO Y01 Z . 3.52 50.73 -32.90
CBB Y01 Z . 3.27 50.31 -34.35
CAC Y01 Z . 1.98 49.49 -34.41
CBE Y01 Z . 3.19 51.55 -35.25
CAP Y01 Z . 2.57 51.20 -36.62
CAQ Y01 Z . 1.81 52.47 -37.05
CBG Y01 Z . 2.27 53.47 -35.99
CBI Y01 Z . 2.25 52.63 -34.74
CAE Y01 Z . 0.86 52.12 -34.40
CAU Y01 Z . 2.81 53.46 -33.61
CAS Y01 Z . 1.88 54.67 -33.40
CBF Y01 Z . 1.75 55.49 -34.67
CBD Y01 Z . 1.30 54.61 -35.83
CAK Y01 Z . 1.28 55.46 -37.12
CAI Y01 Z . 0.64 56.71 -36.98
CAZ Y01 Z . 0.40 57.29 -35.73
CAV Y01 Z . -0.24 58.54 -35.72
CBH Y01 Z . 0.71 56.62 -34.51
CAD Y01 Z . -0.59 55.96 -34.01
CAT Y01 Z . 1.20 57.59 -33.44
CAR Y01 Z . 0.26 58.77 -33.29
CBC Y01 Z . 0.26 59.48 -34.62
OAW Y01 Z . -0.60 60.64 -34.59
CAY Y01 Z . 0.11 61.75 -34.24
OAG Y01 Z . 0.06 62.28 -33.14
CAM Y01 Z . 1.00 62.32 -35.36
CAL Y01 Z . 0.36 62.07 -36.72
CAX Y01 Z . 0.98 60.83 -37.37
OAH Y01 Z . 2.13 60.52 -37.01
OAF Y01 Z . 0.28 60.22 -38.21
CAA Y01 AA . -35.18 34.05 24.33
CBA Y01 AA . -33.75 34.21 23.81
CAB Y01 AA . -33.79 34.59 22.33
CAN Y01 AA . -33.00 32.90 23.98
CAJ Y01 AA . -31.55 33.07 23.49
CAO Y01 AA . -31.01 31.69 23.09
CBB Y01 AA . -31.92 31.13 22.01
CAC Y01 AA . -31.61 31.84 20.69
CBE Y01 AA . -31.74 29.61 21.89
CAP Y01 AA . -32.43 29.11 20.63
CAQ Y01 AA . -31.71 27.77 20.34
CBG Y01 AA . -30.63 27.74 21.42
CBI Y01 AA . -30.30 29.18 21.61
CAE Y01 AA . -29.68 29.77 20.34
CAU Y01 AA . -29.34 29.31 22.77
CAS Y01 AA . -28.07 28.55 22.41
CBF Y01 AA . -28.41 27.09 22.14
CBD Y01 AA . -29.41 26.99 21.00
CAK Y01 AA . -29.79 25.53 20.79
CAI Y01 AA . -28.73 24.61 20.83
CAZ Y01 AA . -27.47 24.94 21.33
CAV Y01 AA . -26.50 23.95 21.33
CBH Y01 AA . -27.16 26.28 21.75
CAD Y01 AA . -26.52 26.99 20.57
CAT Y01 AA . -26.19 26.30 22.93
CAR Y01 AA . -25.01 25.39 22.68
CBC Y01 AA . -25.58 24.01 22.53
OAW Y01 AA . -24.54 23.03 22.34
CAY Y01 AA . -23.72 22.92 23.41
OAG Y01 AA . -23.20 23.87 24.00
CAM Y01 AA . -23.45 21.49 23.87
CAL Y01 AA . -23.29 20.59 22.64
CAX Y01 AA . -22.32 19.45 22.97
OAH Y01 AA . -22.23 19.09 24.16
OAF Y01 AA . -21.69 18.96 22.01
CAA Y01 BA . -10.57 45.45 10.63
CBA Y01 BA . -10.99 44.12 11.22
CAB Y01 BA . -12.45 43.83 10.88
CAN Y01 BA . -10.84 44.18 12.74
CAJ Y01 BA . -9.54 43.46 13.15
CAO Y01 BA . -9.46 42.08 12.51
CBB Y01 BA . -10.76 41.33 12.77
CAC Y01 BA . -11.24 40.61 11.52
CBE Y01 BA . -10.60 40.37 13.97
CAP Y01 BA . -11.92 39.61 14.16
CAQ Y01 BA . -11.50 38.28 14.80
CBG Y01 BA . -10.01 38.49 15.05
CBI Y01 BA . -9.59 39.23 13.82
CAE Y01 BA . -9.77 38.39 12.54
CAU Y01 BA . -8.13 39.60 13.99
CAS Y01 BA . -7.31 38.29 14.04
CBF Y01 BA . -7.80 37.36 15.16
CBD Y01 BA . -9.31 37.18 15.08
CAK Y01 BA . -9.74 36.36 16.31
CAI Y01 BA . -9.05 35.15 16.45
CAZ Y01 BA . -7.79 34.93 15.86
CAV Y01 BA . -7.21 33.68 16.04
CBH Y01 BA . -7.19 35.91 15.02
CAD Y01 BA . -7.46 35.48 13.59
CAT Y01 BA . -5.69 35.96 15.22
CAR Y01 BA . -5.12 34.58 14.96
CBC Y01 BA . -5.70 33.64 16.01
OAW Y01 BA . -5.35 32.29 15.69
CAY Y01 BA . -4.27 31.85 16.38
OAG Y01 BA . -3.20 32.47 16.43
CAM Y01 BA . -4.46 30.52 17.08
CAL Y01 BA . -4.11 29.38 16.13
CAX Y01 BA . -2.59 29.25 16.02
OAH Y01 BA . -1.95 30.31 15.87
OAF Y01 BA . -2.11 28.10 16.08
C1 NAG CA . -15.78 68.17 -30.18
C2 NAG CA . -16.96 67.90 -31.12
C3 NAG CA . -16.55 68.06 -32.59
C4 NAG CA . -15.86 69.39 -32.79
C5 NAG CA . -14.67 69.51 -31.84
C6 NAG CA . -13.93 70.81 -32.05
C7 NAG CA . -18.28 65.94 -31.75
C8 NAG CA . -19.69 66.42 -31.81
N2 NAG CA . -17.49 66.57 -30.89
O1 NAG CA . -16.24 68.21 -28.82
O3 NAG CA . -17.71 68.00 -33.41
O4 NAG CA . -15.39 69.48 -34.14
O5 NAG CA . -15.14 69.41 -30.49
O6 NAG CA . -12.63 70.72 -31.44
O7 NAG CA . -17.87 65.03 -32.45
CAA Y01 DA . -4.02 49.19 5.69
CBA Y01 DA . -4.56 49.61 4.32
CAB Y01 DA . -3.56 50.53 3.64
CAN Y01 DA . -5.87 50.35 4.52
CAJ Y01 DA . -5.64 51.53 5.44
CAO Y01 DA . -5.12 52.71 4.63
CBB Y01 DA . -6.23 53.70 4.30
CAC Y01 DA . -7.08 53.99 5.55
CBE Y01 DA . -5.59 55.00 3.81
CAP Y01 DA . -5.13 54.85 2.35
CAQ Y01 DA . -5.44 56.18 1.67
CBG Y01 DA . -5.83 57.08 2.84
CBI Y01 DA . -6.59 56.11 3.70
CAE Y01 DA . -7.89 55.66 3.04
CAU Y01 DA . -6.90 56.80 5.02
CAS Y01 DA . -7.81 57.97 4.72
CBF Y01 DA . -7.11 58.93 3.75
CBD Y01 DA . -6.74 58.20 2.46
CAK Y01 DA . -6.00 59.18 1.54
CAI Y01 DA . -6.60 60.44 1.41
CAZ Y01 DA . -7.54 60.93 2.32
CAV Y01 DA . -8.09 62.20 2.09
CBH Y01 DA . -7.99 60.19 3.45
CAD Y01 DA . -9.43 59.75 3.17
CAT Y01 DA . -7.97 61.05 4.71
CAR Y01 DA . -8.63 62.41 4.51
CBC Y01 DA . -7.94 63.08 3.32
OAW Y01 DA . -8.56 64.38 3.08
CAY Y01 DA . -8.10 65.04 1.99
OAG Y01 DA . -7.12 64.70 1.32
CAM Y01 DA . -8.89 66.29 1.61
CAL Y01 DA . -10.31 66.20 2.15
CAX Y01 DA . -10.36 66.73 3.59
OAH Y01 DA . -11.36 67.41 3.93
OAF Y01 DA . -9.38 66.46 4.32
CAA Y01 EA . -30.88 34.49 8.65
CBA Y01 EA . -30.19 34.46 7.29
CAB Y01 EA . -28.71 34.83 7.46
CAN Y01 EA . -30.85 35.47 6.36
CAJ Y01 EA . -32.34 35.20 6.31
CAO Y01 EA . -33.07 36.31 7.04
CBB Y01 EA . -33.99 37.03 6.05
CAC Y01 EA . -34.95 36.01 5.46
CBE Y01 EA . -34.80 38.08 6.79
CAP Y01 EA . -33.83 39.03 7.49
CAQ Y01 EA . -34.40 40.43 7.27
CBG Y01 EA . -35.78 40.14 6.73
CBI Y01 EA . -35.52 38.99 5.83
CAE Y01 EA . -34.65 39.40 4.63
CAU Y01 EA . -36.84 38.48 5.33
CAS Y01 EA . -37.52 39.60 4.54
CBF Y01 EA . -37.69 40.83 5.45
CBD Y01 EA . -36.34 41.29 5.94
CAK Y01 EA . -36.52 42.48 6.88
CAI Y01 EA . -37.34 43.49 6.37
CAZ Y01 EA . -38.28 43.26 5.37
CAV Y01 EA . -39.07 44.33 4.94
CBH Y01 EA . -38.46 42.01 4.75
CAD Y01 EA . -38.00 42.13 3.31
CAT Y01 EA . -39.94 41.62 4.76
CAR Y01 EA . -40.84 42.74 4.25
CBC Y01 EA . -40.54 43.99 5.06
OAW Y01 EA . -41.34 45.06 4.55
CAY Y01 EA . -41.29 46.13 5.41
OAG Y01 EA . -40.25 46.58 5.89
CAM Y01 EA . -42.65 46.75 5.72
CAL Y01 EA . -43.65 46.44 4.62
CAX Y01 EA . -43.97 47.69 3.80
OAH Y01 EA . -45.16 48.03 3.71
OAF Y01 EA . -42.99 48.29 3.28
CAA Y01 FA . -36.34 31.57 9.98
CBA Y01 FA . -36.83 33.00 9.72
CAB Y01 FA . -36.15 33.95 10.71
CAN Y01 FA . -38.34 33.06 9.91
CAJ Y01 FA . -38.95 33.94 8.82
CAO Y01 FA . -39.34 35.31 9.38
CBB Y01 FA . -38.16 35.90 10.13
CAC Y01 FA . -37.03 36.18 9.14
CBE Y01 FA . -38.60 37.15 10.90
CAP Y01 FA . -37.38 38.04 11.27
CAQ Y01 FA . -37.85 39.48 11.04
CBG Y01 FA . -39.35 39.31 10.91
CBI Y01 FA . -39.46 38.07 10.07
CAE Y01 FA . -38.90 38.30 8.67
CAU Y01 FA . -40.90 37.67 9.98
CAS Y01 FA . -41.67 38.80 9.32
CBF Y01 FA . -41.48 40.11 10.11
CBD Y01 FA . -40.00 40.45 10.19
CAK Y01 FA . -39.81 41.73 11.01
CAI Y01 FA . -40.71 42.76 10.73
CAZ Y01 FA . -41.90 42.55 10.01
CAV Y01 FA . -42.72 43.66 9.79
CBH Y01 FA . -42.28 41.29 9.48
CAD Y01 FA . -42.02 41.31 7.98
CAT Y01 FA . -43.77 41.00 9.72
CAR Y01 FA . -44.66 42.20 9.43
CBC Y01 FA . -44.14 43.37 10.23
OAW Y01 FA . -44.95 44.53 10.02
CAY Y01 FA . -44.73 45.48 10.99
OAG Y01 FA . -44.52 45.23 12.17
CAM Y01 FA . -44.79 46.93 10.50
CAL Y01 FA . -45.73 47.05 9.29
CAX Y01 FA . -47.18 46.82 9.73
OAH Y01 FA . -47.36 46.11 10.75
OAF Y01 FA . -48.07 47.35 9.04
CAA Y01 GA . -3.76 54.49 15.98
CBA Y01 GA . -5.14 54.83 15.43
CAB Y01 GA . -5.00 55.48 14.05
CAN Y01 GA . -5.84 55.80 16.38
CAJ Y01 GA . -7.13 56.32 15.75
CAO Y01 GA . -7.30 57.81 16.06
CBB Y01 GA . -6.02 58.55 15.63
CAC Y01 GA . -5.74 58.23 14.16
CBE Y01 GA . -6.18 60.06 15.85
CAP Y01 GA . -5.10 60.85 15.08
CAQ Y01 GA . -5.78 62.17 14.68
CBG Y01 GA . -7.10 62.08 15.46
CBI Y01 GA . -7.46 60.64 15.30
CAE Y01 GA . -7.72 60.26 13.83
CAU Y01 GA . -8.70 60.35 16.13
CAS Y01 GA . -9.85 61.21 15.58
CBF Y01 GA . -9.48 62.70 15.60
CBD Y01 GA . -8.18 62.94 14.85
CAK Y01 GA . -7.81 64.43 14.99
CAI Y01 GA . -8.87 65.32 14.72
CAZ Y01 GA . -10.21 64.92 14.72
CAV Y01 GA . -11.18 65.89 14.44
CBH Y01 GA . -10.59 63.55 14.91
CAD Y01 GA . -10.82 62.94 13.53
CAT Y01 GA . -11.87 63.42 15.73
CAR Y01 GA . -12.96 64.30 15.14
CBC Y01 GA . -12.46 65.72 15.24
OAW Y01 GA . -13.44 66.62 14.70
CAY Y01 GA . -14.13 67.26 15.68
OAG Y01 GA . -14.74 66.68 16.58
CAM Y01 GA . -14.11 68.78 15.60
CAL Y01 GA . -13.08 69.35 16.58
CAX Y01 GA . -11.73 68.65 16.41
OAH Y01 GA . -11.00 69.04 15.47
OAF Y01 GA . -11.46 67.74 17.22
CAA Y01 HA . -47.23 14.28 -21.85
CBA Y01 HA . -46.01 13.81 -21.06
CAB Y01 HA . -45.90 12.29 -21.18
CAN Y01 HA . -46.17 14.19 -19.59
CAJ Y01 HA . -44.79 14.28 -18.91
CAO Y01 HA . -43.96 13.03 -19.22
CBB Y01 HA . -43.26 13.20 -20.57
CAC Y01 HA . -42.50 14.52 -20.60
CBE Y01 HA . -42.31 12.02 -20.81
CAP Y01 HA . -41.30 12.31 -21.95
CAQ Y01 HA . -40.02 11.57 -21.53
CBG Y01 HA . -40.51 10.75 -20.35
CBI Y01 HA . -41.39 11.73 -19.63
CAE Y01 HA . -40.63 12.96 -19.13
CAU Y01 HA . -42.07 11.03 -18.47
CAS Y01 HA . -40.98 10.51 -17.54
CBF Y01 HA . -40.10 9.55 -18.31
CBD Y01 HA . -39.41 10.29 -19.44
CAK Y01 HA . -38.51 9.33 -20.24
CAI Y01 HA . -37.83 8.35 -19.50
CAZ Y01 HA . -38.11 8.11 -18.14
CAV Y01 HA . -37.40 7.09 -17.52
CBH Y01 HA . -39.04 8.92 -17.41
CAD Y01 HA . -38.24 10.04 -16.76
CAT Y01 HA . -39.78 8.14 -16.34
CAR Y01 HA . -38.88 7.19 -15.57
CBC Y01 HA . -38.32 6.28 -16.63
OAW Y01 HA . -37.65 5.13 -16.07
CAY Y01 HA . -36.64 5.45 -15.24
OAG Y01 HA . -35.77 6.28 -15.51
CAM Y01 HA . -36.63 4.68 -13.92
CAL Y01 HA . -35.29 3.96 -13.76
CAX Y01 HA . -35.21 2.82 -14.75
OAH Y01 HA . -35.83 2.94 -15.82
OAF Y01 HA . -34.52 1.82 -14.41
CAA Y01 IA . -6.62 43.93 3.23
CBA Y01 IA . -6.13 42.67 2.50
CAB Y01 IA . -6.90 42.52 1.19
CAN Y01 IA . -6.40 41.46 3.39
CAJ Y01 IA . -5.70 41.67 4.73
CAO Y01 IA . -6.70 42.24 5.73
CBB Y01 IA . -6.77 41.33 6.96
CAC Y01 IA . -7.81 41.88 7.94
CBE Y01 IA . -7.14 39.91 6.53
CAP Y01 IA . -5.89 39.16 6.05
CAQ Y01 IA . -6.11 37.69 6.46
CBG Y01 IA . -7.54 37.72 6.98
CBI Y01 IA . -7.58 39.05 7.67
CAE Y01 IA . -6.61 39.15 8.85
CAU Y01 IA . -9.00 39.30 8.14
CAS Y01 IA . -9.34 38.24 9.18
CBF Y01 IA . -9.16 36.84 8.61
CBD Y01 IA . -7.76 36.67 8.02
CAK Y01 IA . -7.68 35.27 7.39
CAI Y01 IA . -8.16 34.22 8.19
CAZ Y01 IA . -8.99 34.46 9.30
CAV Y01 IA . -9.41 33.35 10.03
CBH Y01 IA . -9.29 35.78 9.73
CAD Y01 IA . -8.27 36.14 10.79
CAT Y01 IA . -10.69 35.90 10.33
CAR Y01 IA . -10.88 34.84 11.39
CBC Y01 IA . -10.81 33.54 10.64
OAW Y01 IA . -11.12 32.43 11.51
CAY Y01 IA . -10.26 32.26 12.54
OAG Y01 IA . -9.04 32.12 12.41
CAM Y01 IA . -10.91 32.23 13.92
CAL Y01 IA . -11.45 30.83 14.21
CAX Y01 IA . -10.30 29.85 14.40
OAH Y01 IA . -9.40 29.86 13.53
OAF Y01 IA . -10.33 29.11 15.42
CAA Y01 JA . -40.22 26.31 4.33
CBA Y01 JA . -39.39 27.49 3.83
CAB Y01 JA . -40.29 28.46 3.06
CAN Y01 JA . -38.26 27.01 2.92
CAJ Y01 JA . -38.85 26.43 1.64
CAO Y01 JA . -39.41 25.03 1.91
CBB Y01 JA . -38.30 24.13 2.47
CAC Y01 JA . -38.17 24.35 3.96
CBE Y01 JA . -38.68 22.69 2.21
CAP Y01 JA . -38.73 22.39 0.71
CAQ Y01 JA . -38.32 20.90 0.60
CBG Y01 JA . -38.21 20.50 2.07
CBI Y01 JA . -37.61 21.74 2.67
CAE Y01 JA . -36.22 22.10 2.09
CAU Y01 JA . -37.52 21.56 4.17
CAS Y01 JA . -36.58 20.39 4.46
CBF Y01 JA . -37.09 19.13 3.77
CBD Y01 JA . -37.27 19.36 2.29
CAK Y01 JA . -37.87 18.08 1.67
CAI Y01 JA . -37.23 16.88 2.06
CAZ Y01 JA . -36.40 16.81 3.18
CAV Y01 JA . -35.81 15.58 3.47
CBH Y01 JA . -36.08 17.97 3.94
CAD Y01 JA . -34.74 18.47 3.43
CAT Y01 JA . -35.94 17.65 5.43
CAR Y01 JA . -35.02 16.47 5.65
CBC Y01 JA . -35.70 15.32 4.97
OAW Y01 JA . -34.97 14.11 5.19
CAY Y01 JA . -33.70 14.10 4.70
OAG Y01 JA . -33.09 15.10 4.36
CAM Y01 JA . -33.06 12.72 4.62
CAL Y01 JA . -32.82 12.20 6.04
CAX Y01 JA . -31.75 11.11 6.02
OAH Y01 JA . -31.09 10.95 7.07
OAF Y01 JA . -31.62 10.45 4.97
C1 NAG KA . -25.15 71.99 3.27
C2 NAG KA . -24.57 72.64 2.02
C3 NAG KA . -23.49 73.67 2.37
C4 NAG KA . -24.03 74.64 3.41
C5 NAG KA . -24.53 73.88 4.62
C6 NAG KA . -25.04 74.82 5.69
C7 NAG KA . -23.15 71.89 0.17
C8 NAG KA . -23.74 72.52 -1.06
N2 NAG KA . -24.01 71.62 1.15
O1 NAG KA . -26.29 71.19 2.92
O3 NAG KA . -23.11 74.39 1.20
O4 NAG KA . -22.99 75.54 3.82
O5 NAG KA . -25.57 72.98 4.23
O6 NAG KA . -25.12 74.13 6.94
O7 NAG KA . -21.96 71.65 0.27
#